data_6D3Q
#
_entry.id   6D3Q
#
_cell.length_a   104.751
_cell.length_b   142.071
_cell.length_c   207.280
_cell.angle_alpha   90.000
_cell.angle_beta   90.000
_cell.angle_gamma   90.000
#
_symmetry.space_group_name_H-M   'P 21 21 21'
#
loop_
_entity.id
_entity.type
_entity.pdbx_description
1 polymer Enolase
2 non-polymer '[(3S,5S)-1,5-dihydroxy-2-oxopyrrolidin-3-yl]phosphonic acid'
3 non-polymer 'MAGNESIUM ION'
4 non-polymer GLYCEROL
5 non-polymer 'SULFATE ION'
6 water water
#
_entity_poly.entity_id   1
_entity_poly.type   'polypeptide(L)'
_entity_poly.pdbx_seq_one_letter_code
;QQMGRGSMSKIVKIIGREIIDSRGNPTVEAEVHLEGGFVGMAAAPSGASTGSREALELRDGDKSRFLGKGVTKAVAAVNG
PIAQALIGKDAKDQAGIDKIMIDLDGTENKSKFGANAILAVSLANAKAAAAAKGMPLYEHIAELNGTPGKYSMPVPMMNI
INGGEHADNNVDIQEFMIQPVGAKTVKEAIRMGSEVFHHLAKVLKAKGMNTAVGDEGGYAPNLGSNAEALAVIAEAVKAA
GYELGKDITLAMDCAASEFYKDGKYVLAGEGNKAFTSEEFTHFLEELTKQYPIVSIEDGLDESDWDGFAYQTKVLGDKIQ
LVGDDLFVTNTKILKEGIEKGIANSILIKFNQIGSLTETLAAIKMAKDAGYTAVISHRSGETEDATIADLAVGTAAGQIK
TGSMSRSDRVAKYNQLIRIEEALGEKAPYNGRKEIKGQA
;
_entity_poly.pdbx_strand_id   A,C,B,E,F,D
#
loop_
_chem_comp.id
_chem_comp.type
_chem_comp.name
_chem_comp.formula
4NG non-polymer '[(3S,5S)-1,5-dihydroxy-2-oxopyrrolidin-3-yl]phosphonic acid' 'C4 H8 N O6 P'
GOL non-polymer GLYCEROL 'C3 H8 O3'
MG non-polymer 'MAGNESIUM ION' 'Mg 2'
SO4 non-polymer 'SULFATE ION' 'O4 S -2'
#
# COMPACT_ATOMS: atom_id res chain seq x y z
N GLN A 1 2.89 -8.67 -12.41
CA GLN A 1 2.42 -9.66 -11.40
C GLN A 1 1.71 -8.95 -10.22
N GLN A 2 2.20 -7.82 -9.67
CA GLN A 2 1.30 -6.91 -8.83
C GLN A 2 0.79 -5.61 -9.53
N MET A 3 -0.52 -5.41 -9.48
CA MET A 3 -1.18 -4.18 -9.95
C MET A 3 -1.14 -3.06 -8.85
N GLY A 4 -0.60 -1.86 -9.15
CA GLY A 4 -0.73 -0.70 -8.23
C GLY A 4 -2.18 -0.24 -8.00
N ARG A 5 -2.41 0.50 -6.92
CA ARG A 5 -3.76 1.08 -6.70
C ARG A 5 -4.14 2.11 -7.75
N GLY A 6 -3.13 2.78 -8.31
CA GLY A 6 -3.27 3.73 -9.38
C GLY A 6 -4.00 3.17 -10.59
N SER A 7 -3.86 1.87 -10.85
CA SER A 7 -4.57 1.24 -11.94
C SER A 7 -6.03 0.98 -11.58
N MET A 8 -6.45 1.17 -10.31
CA MET A 8 -7.86 0.94 -9.94
C MET A 8 -8.62 2.26 -10.08
N SER A 9 -8.83 2.68 -11.30
CA SER A 9 -9.24 4.06 -11.57
C SER A 9 -10.71 4.17 -11.91
N LYS A 10 -11.43 3.07 -11.68
CA LYS A 10 -12.90 3.03 -11.81
C LYS A 10 -13.63 3.84 -10.75
N ILE A 11 -14.67 4.56 -11.16
CA ILE A 11 -15.47 5.35 -10.23
C ILE A 11 -16.35 4.44 -9.36
N VAL A 12 -16.34 4.67 -8.04
CA VAL A 12 -17.13 3.90 -7.09
C VAL A 12 -18.17 4.72 -6.39
N LYS A 13 -18.03 6.04 -6.37
CA LYS A 13 -19.06 6.90 -5.74
C LYS A 13 -18.90 8.31 -6.24
N ILE A 14 -20.00 9.00 -6.42
CA ILE A 14 -20.01 10.38 -6.68
C ILE A 14 -20.99 11.02 -5.68
N ILE A 15 -20.53 12.02 -4.94
CA ILE A 15 -21.34 12.76 -3.98
C ILE A 15 -21.48 14.17 -4.51
N GLY A 16 -22.68 14.73 -4.47
CA GLY A 16 -22.89 16.12 -4.78
C GLY A 16 -23.43 16.79 -3.54
N ARG A 17 -23.12 18.08 -3.37
CA ARG A 17 -23.64 18.84 -2.28
C ARG A 17 -23.76 20.28 -2.71
N GLU A 18 -24.55 21.01 -1.96
CA GLU A 18 -24.81 22.45 -2.11
C GLU A 18 -23.88 23.26 -1.15
N ILE A 19 -23.00 24.09 -1.72
CA ILE A 19 -22.10 24.92 -0.93
C ILE A 19 -22.37 26.33 -1.32
N ILE A 20 -21.59 27.25 -0.80
CA ILE A 20 -21.76 28.64 -1.02
C ILE A 20 -20.55 29.25 -1.80
N ASP A 21 -20.90 30.14 -2.72
CA ASP A 21 -19.96 30.84 -3.57
C ASP A 21 -19.60 32.20 -2.97
N SER A 22 -18.69 32.90 -3.64
CA SER A 22 -18.10 34.10 -3.09
C SER A 22 -19.08 35.31 -3.04
N ARG A 23 -20.24 35.17 -3.65
CA ARG A 23 -21.27 36.18 -3.54
C ARG A 23 -22.35 35.76 -2.52
N GLY A 24 -22.26 34.57 -1.92
CA GLY A 24 -23.27 34.10 -0.98
C GLY A 24 -24.39 33.29 -1.58
N ASN A 25 -24.26 32.95 -2.85
CA ASN A 25 -25.25 32.11 -3.49
C ASN A 25 -24.86 30.67 -3.61
N PRO A 26 -25.87 29.78 -3.65
CA PRO A 26 -25.52 28.40 -3.69
C PRO A 26 -24.80 27.98 -4.94
N THR A 27 -23.99 26.94 -4.82
CA THR A 27 -23.45 26.29 -5.99
C THR A 27 -23.20 24.85 -5.70
N VAL A 28 -22.94 24.10 -6.77
CA VAL A 28 -22.79 22.66 -6.72
C VAL A 28 -21.30 22.29 -6.55
N GLU A 29 -21.05 21.36 -5.63
CA GLU A 29 -19.77 20.73 -5.48
C GLU A 29 -19.97 19.23 -5.64
N ALA A 30 -19.01 18.57 -6.28
CA ALA A 30 -19.01 17.12 -6.47
C ALA A 30 -17.68 16.53 -5.99
N GLU A 31 -17.73 15.31 -5.43
CA GLU A 31 -16.60 14.45 -5.14
C GLU A 31 -16.72 13.20 -5.99
N VAL A 32 -15.71 12.88 -6.77
CA VAL A 32 -15.57 11.58 -7.43
C VAL A 32 -14.52 10.73 -6.71
N HIS A 33 -14.90 9.53 -6.25
CA HIS A 33 -14.07 8.55 -5.52
C HIS A 33 -13.92 7.37 -6.46
N LEU A 34 -12.69 6.87 -6.58
CA LEU A 34 -12.31 5.79 -7.41
C LEU A 34 -11.97 4.60 -6.50
N GLU A 35 -12.11 3.40 -7.07
CA GLU A 35 -11.79 2.16 -6.39
C GLU A 35 -10.48 2.16 -5.68
N GLY A 36 -9.40 2.64 -6.31
CA GLY A 36 -8.13 2.66 -5.58
C GLY A 36 -8.02 3.59 -4.37
N GLY A 37 -9.09 4.31 -4.00
CA GLY A 37 -9.08 5.29 -2.90
C GLY A 37 -8.81 6.74 -3.32
N PHE A 38 -8.70 7.02 -4.62
CA PHE A 38 -8.44 8.38 -5.09
C PHE A 38 -9.74 9.15 -5.07
N VAL A 39 -9.61 10.42 -4.74
CA VAL A 39 -10.72 11.35 -4.56
C VAL A 39 -10.40 12.66 -5.24
N GLY A 40 -11.34 13.18 -6.01
CA GLY A 40 -11.23 14.53 -6.53
C GLY A 40 -12.46 15.33 -6.14
N MET A 41 -12.29 16.64 -5.88
CA MET A 41 -13.40 17.54 -5.51
C MET A 41 -13.38 18.84 -6.31
N ALA A 42 -14.53 19.25 -6.83
CA ALA A 42 -14.59 20.53 -7.49
C ALA A 42 -16.00 21.14 -7.41
N ALA A 43 -16.05 22.44 -7.72
CA ALA A 43 -17.24 23.22 -7.66
C ALA A 43 -17.39 24.06 -8.92
N ALA A 44 -18.67 24.31 -9.27
CA ALA A 44 -19.00 25.12 -10.39
C ALA A 44 -19.01 26.60 -9.96
N PRO A 45 -18.40 27.46 -10.74
CA PRO A 45 -18.58 28.87 -10.60
C PRO A 45 -19.93 29.34 -11.18
N SER A 46 -20.21 30.64 -11.07
CA SER A 46 -21.45 31.16 -11.54
C SER A 46 -21.32 32.58 -12.06
N GLY A 47 -21.80 32.82 -13.27
CA GLY A 47 -21.71 34.18 -13.80
C GLY A 47 -22.74 35.17 -13.26
N ALA A 48 -22.41 36.47 -13.35
CA ALA A 48 -23.33 37.55 -12.96
C ALA A 48 -23.90 38.25 -14.20
N SER A 49 -23.09 38.41 -15.26
CA SER A 49 -23.57 38.94 -16.53
C SER A 49 -23.41 37.90 -17.62
N THR A 50 -24.27 36.89 -17.59
CA THR A 50 -24.16 35.72 -18.47
C THR A 50 -24.60 35.99 -19.91
N GLY A 51 -23.91 35.39 -20.88
CA GLY A 51 -24.40 35.37 -22.25
C GLY A 51 -25.72 34.64 -22.41
N SER A 52 -26.56 35.12 -23.34
CA SER A 52 -27.78 34.38 -23.76
C SER A 52 -27.55 32.92 -24.15
N ARG A 53 -26.42 32.61 -24.77
CA ARG A 53 -26.15 31.27 -25.31
C ARG A 53 -25.32 30.38 -24.37
N GLU A 54 -25.11 30.80 -23.12
CA GLU A 54 -24.36 29.96 -22.19
C GLU A 54 -25.20 28.71 -21.96
N ALA A 55 -24.54 27.57 -21.68
CA ALA A 55 -25.23 26.42 -21.12
C ALA A 55 -25.92 26.80 -19.85
N LEU A 56 -26.94 26.03 -19.52
CA LEU A 56 -27.83 26.43 -18.43
C LEU A 56 -27.32 26.04 -17.04
N GLU A 57 -27.20 27.04 -16.21
CA GLU A 57 -27.02 26.88 -14.78
C GLU A 57 -28.37 26.58 -14.14
N LEU A 58 -28.57 25.38 -13.62
CA LEU A 58 -29.89 24.98 -13.07
C LEU A 58 -29.99 25.43 -11.64
N ARG A 59 -30.94 26.35 -11.35
CA ARG A 59 -31.32 26.69 -9.98
C ARG A 59 -32.79 26.34 -9.70
N ASP A 60 -33.13 26.35 -8.41
CA ASP A 60 -34.41 25.78 -7.95
C ASP A 60 -35.65 26.63 -8.09
N GLY A 61 -35.53 27.93 -7.90
CA GLY A 61 -36.69 28.84 -7.89
C GLY A 61 -37.55 28.78 -6.65
N ASP A 62 -37.11 28.11 -5.59
CA ASP A 62 -37.87 28.12 -4.37
C ASP A 62 -37.50 29.36 -3.58
N LYS A 63 -38.43 30.31 -3.55
CA LYS A 63 -38.33 31.58 -2.79
C LYS A 63 -38.07 31.42 -1.29
N SER A 64 -38.48 30.30 -0.71
CA SER A 64 -38.20 30.04 0.69
C SER A 64 -36.70 29.66 0.96
N ARG A 65 -35.88 29.49 -0.10
CA ARG A 65 -34.47 29.12 0.08
C ARG A 65 -33.62 29.99 -0.80
N PHE A 66 -32.76 30.78 -0.16
CA PHE A 66 -31.75 31.58 -0.87
C PHE A 66 -32.33 32.46 -1.94
N LEU A 67 -33.53 33.01 -1.69
CA LEU A 67 -34.22 33.87 -2.64
C LEU A 67 -34.41 33.20 -4.02
N GLY A 68 -34.58 31.87 -4.02
CA GLY A 68 -34.81 31.16 -5.30
C GLY A 68 -33.59 30.60 -6.00
N LYS A 69 -32.40 30.65 -5.34
CA LYS A 69 -31.12 30.29 -5.98
C LYS A 69 -30.48 28.98 -5.48
N GLY A 70 -31.26 28.18 -4.75
CA GLY A 70 -30.86 26.82 -4.44
C GLY A 70 -30.47 26.05 -5.64
N VAL A 71 -29.55 25.11 -5.45
CA VAL A 71 -29.16 24.19 -6.48
C VAL A 71 -29.44 22.74 -6.11
N THR A 72 -30.43 22.49 -5.26
CA THR A 72 -30.75 21.11 -4.84
C THR A 72 -31.13 20.18 -6.01
N LYS A 73 -31.77 20.69 -7.05
CA LYS A 73 -32.05 19.88 -8.24
C LYS A 73 -30.79 19.44 -8.97
N ALA A 74 -29.86 20.36 -9.17
CA ALA A 74 -28.59 20.00 -9.82
C ALA A 74 -27.80 19.01 -8.97
N VAL A 75 -27.80 19.25 -7.67
CA VAL A 75 -27.23 18.30 -6.70
C VAL A 75 -27.86 16.93 -6.75
N ALA A 76 -29.19 16.88 -6.85
CA ALA A 76 -29.93 15.57 -6.96
C ALA A 76 -29.50 14.89 -8.27
N ALA A 77 -29.31 15.66 -9.33
CA ALA A 77 -28.78 15.10 -10.58
C ALA A 77 -27.41 14.43 -10.45
N VAL A 78 -26.52 15.05 -9.65
CA VAL A 78 -25.20 14.48 -9.38
C VAL A 78 -25.33 13.20 -8.65
N ASN A 79 -26.08 13.25 -7.55
CA ASN A 79 -26.22 12.10 -6.66
C ASN A 79 -27.00 10.91 -7.24
N GLY A 80 -27.97 11.14 -8.13
CA GLY A 80 -28.80 10.07 -8.71
C GLY A 80 -28.36 9.66 -10.11
N PRO A 81 -28.92 10.28 -11.16
CA PRO A 81 -28.67 9.78 -12.52
C PRO A 81 -27.21 9.85 -13.03
N ILE A 82 -26.49 10.92 -12.70
CA ILE A 82 -25.07 11.02 -13.09
C ILE A 82 -24.22 9.98 -12.34
N ALA A 83 -24.36 9.90 -11.03
CA ALA A 83 -23.62 8.88 -10.36
C ALA A 83 -23.92 7.46 -10.94
N GLN A 84 -25.20 7.17 -11.18
CA GLN A 84 -25.57 5.85 -11.65
C GLN A 84 -24.92 5.58 -13.03
N ALA A 85 -24.90 6.56 -13.93
CA ALA A 85 -24.28 6.36 -15.23
C ALA A 85 -22.77 6.30 -15.19
N LEU A 86 -22.11 6.80 -14.13
CA LEU A 86 -20.60 6.80 -14.12
C LEU A 86 -19.90 5.77 -13.26
N ILE A 87 -20.61 5.16 -12.32
CA ILE A 87 -20.05 4.14 -11.45
C ILE A 87 -19.58 2.98 -12.37
N GLY A 88 -18.39 2.49 -12.12
CA GLY A 88 -17.80 1.49 -12.97
C GLY A 88 -17.01 2.02 -14.14
N LYS A 89 -17.07 3.33 -14.46
CA LYS A 89 -16.30 3.85 -15.61
C LYS A 89 -14.91 4.32 -15.20
N ASP A 90 -13.99 4.35 -16.16
CA ASP A 90 -12.61 4.68 -15.90
C ASP A 90 -12.44 6.20 -15.90
N ALA A 91 -12.09 6.78 -14.77
CA ALA A 91 -11.94 8.23 -14.66
C ALA A 91 -10.83 8.80 -15.55
N LYS A 92 -9.83 7.99 -15.90
CA LYS A 92 -8.75 8.46 -16.77
C LYS A 92 -9.23 8.83 -18.18
N ASP A 93 -10.38 8.27 -18.59
CA ASP A 93 -10.94 8.52 -19.91
C ASP A 93 -11.85 9.76 -19.82
N GLN A 94 -11.22 10.95 -19.73
CA GLN A 94 -12.03 12.16 -19.49
C GLN A 94 -13.08 12.35 -20.59
N ALA A 95 -12.66 12.23 -21.86
CA ALA A 95 -13.60 12.40 -23.02
C ALA A 95 -14.78 11.46 -22.91
N GLY A 96 -14.52 10.23 -22.48
CA GLY A 96 -15.60 9.22 -22.34
C GLY A 96 -16.50 9.56 -21.15
N ILE A 97 -15.94 10.03 -20.02
CA ILE A 97 -16.76 10.45 -18.87
C ILE A 97 -17.70 11.58 -19.26
N ASP A 98 -17.16 12.56 -19.95
CA ASP A 98 -17.96 13.73 -20.29
C ASP A 98 -19.06 13.37 -21.30
N LYS A 99 -18.70 12.53 -22.27
CA LYS A 99 -19.65 12.10 -23.26
C LYS A 99 -20.90 11.43 -22.62
N ILE A 100 -20.67 10.57 -21.63
CA ILE A 100 -21.72 9.91 -20.92
C ILE A 100 -22.66 10.91 -20.32
N MET A 101 -22.12 11.91 -19.63
CA MET A 101 -23.02 12.91 -19.05
C MET A 101 -23.78 13.74 -20.09
N ILE A 102 -23.09 14.19 -21.12
CA ILE A 102 -23.70 14.96 -22.17
C ILE A 102 -24.86 14.21 -22.87
N ASP A 103 -24.59 12.95 -23.30
CA ASP A 103 -25.59 12.10 -23.94
C ASP A 103 -26.76 11.83 -22.97
N LEU A 104 -26.50 11.62 -21.67
CA LEU A 104 -27.56 11.39 -20.73
C LEU A 104 -28.37 12.65 -20.40
N ASP A 105 -27.75 13.80 -20.22
CA ASP A 105 -28.58 15.04 -20.19
C ASP A 105 -29.52 15.14 -21.46
N GLY A 106 -28.95 14.83 -22.63
CA GLY A 106 -29.69 14.76 -23.88
C GLY A 106 -30.07 16.11 -24.49
N THR A 107 -29.73 17.25 -23.89
CA THR A 107 -30.16 18.58 -24.40
C THR A 107 -28.97 19.43 -24.85
N GLU A 108 -29.22 20.41 -25.70
CA GLU A 108 -28.16 21.25 -26.26
C GLU A 108 -27.46 22.11 -25.17
N ASN A 109 -28.22 22.62 -24.22
CA ASN A 109 -27.72 23.56 -23.26
C ASN A 109 -27.63 22.95 -21.85
N LYS A 110 -27.61 21.63 -21.74
CA LYS A 110 -27.49 20.91 -20.47
C LYS A 110 -28.58 21.33 -19.49
N SER A 111 -29.76 21.60 -20.03
CA SER A 111 -30.91 22.12 -19.24
C SER A 111 -31.65 21.05 -18.45
N LYS A 112 -31.27 19.77 -18.55
CA LYS A 112 -31.93 18.76 -17.74
C LYS A 112 -31.26 18.63 -16.37
N PHE A 113 -29.95 18.38 -16.32
CA PHE A 113 -29.18 18.21 -15.03
C PHE A 113 -28.58 19.53 -14.57
N GLY A 114 -28.41 20.48 -15.49
CA GLY A 114 -27.67 21.74 -15.24
C GLY A 114 -26.21 21.58 -15.70
N ALA A 115 -25.70 22.58 -16.41
CA ALA A 115 -24.27 22.66 -16.66
C ALA A 115 -23.48 22.76 -15.36
N ASN A 116 -24.07 23.27 -14.28
CA ASN A 116 -23.42 23.31 -12.96
C ASN A 116 -23.23 21.92 -12.42
N ALA A 117 -24.20 21.01 -12.63
CA ALA A 117 -24.03 19.63 -12.15
C ALA A 117 -22.98 18.87 -12.92
N ILE A 118 -23.11 18.90 -14.23
CA ILE A 118 -22.20 18.20 -15.12
C ILE A 118 -20.73 18.67 -15.03
N LEU A 119 -20.54 19.98 -14.91
CA LEU A 119 -19.19 20.58 -14.78
C LEU A 119 -18.51 20.18 -13.50
N ALA A 120 -19.24 20.23 -12.40
CA ALA A 120 -18.64 19.89 -11.09
C ALA A 120 -18.04 18.46 -11.10
N VAL A 121 -18.79 17.56 -11.68
CA VAL A 121 -18.36 16.17 -11.85
C VAL A 121 -17.23 16.03 -12.87
N SER A 122 -17.35 16.67 -14.03
CA SER A 122 -16.28 16.67 -15.06
C SER A 122 -14.89 17.11 -14.44
N LEU A 123 -14.91 18.17 -13.62
CA LEU A 123 -13.64 18.68 -12.96
C LEU A 123 -13.18 17.75 -11.85
N ALA A 124 -14.15 17.30 -11.05
CA ALA A 124 -13.83 16.41 -9.97
C ALA A 124 -13.22 15.10 -10.47
N ASN A 125 -13.79 14.57 -11.56
CA ASN A 125 -13.31 13.39 -12.19
C ASN A 125 -11.86 13.59 -12.64
N ALA A 126 -11.57 14.71 -13.28
CA ALA A 126 -10.21 14.98 -13.76
C ALA A 126 -9.21 15.03 -12.61
N LYS A 127 -9.59 15.64 -11.48
CA LYS A 127 -8.72 15.65 -10.30
C LYS A 127 -8.49 14.27 -9.71
N ALA A 128 -9.56 13.47 -9.68
CA ALA A 128 -9.41 12.13 -9.15
C ALA A 128 -8.46 11.27 -10.00
N ALA A 129 -8.61 11.41 -11.32
CA ALA A 129 -7.77 10.73 -12.26
C ALA A 129 -6.33 11.20 -12.24
N ALA A 130 -6.08 12.50 -12.15
CA ALA A 130 -4.72 13.01 -11.86
C ALA A 130 -4.02 12.30 -10.68
N ALA A 131 -4.74 12.17 -9.57
CA ALA A 131 -4.23 11.49 -8.36
C ALA A 131 -3.96 9.97 -8.65
N ALA A 132 -4.91 9.35 -9.36
CA ALA A 132 -4.76 7.98 -9.74
C ALA A 132 -3.53 7.78 -10.64
N LYS A 133 -3.19 8.74 -11.51
CA LYS A 133 -1.97 8.67 -12.29
C LYS A 133 -0.71 9.18 -11.60
N GLY A 134 -0.85 9.61 -10.35
CA GLY A 134 0.31 10.06 -9.60
C GLY A 134 0.88 11.37 -10.05
N MET A 135 0.02 12.33 -10.38
CA MET A 135 0.52 13.57 -10.91
C MET A 135 -0.38 14.74 -10.50
N PRO A 136 0.20 15.94 -10.54
CA PRO A 136 -0.59 17.14 -10.36
C PRO A 136 -1.58 17.39 -11.52
N LEU A 137 -2.62 18.20 -11.21
CA LEU A 137 -3.68 18.43 -12.16
C LEU A 137 -3.17 19.02 -13.46
N TYR A 138 -2.26 19.99 -13.38
CA TYR A 138 -1.75 20.67 -14.59
C TYR A 138 -1.10 19.67 -15.55
N GLU A 139 -0.38 18.73 -14.98
CA GLU A 139 0.28 17.70 -15.77
C GLU A 139 -0.72 16.78 -16.46
N HIS A 140 -1.76 16.38 -15.72
CA HIS A 140 -2.83 15.54 -16.26
C HIS A 140 -3.55 16.32 -17.33
N ILE A 141 -3.80 17.61 -17.07
CA ILE A 141 -4.44 18.41 -18.06
C ILE A 141 -3.67 18.50 -19.35
N ALA A 142 -2.36 18.60 -19.27
CA ALA A 142 -1.55 18.70 -20.49
C ALA A 142 -1.62 17.41 -21.30
N GLU A 143 -1.69 16.28 -20.59
CA GLU A 143 -1.86 14.97 -21.22
C GLU A 143 -3.29 14.87 -21.80
N LEU A 144 -4.32 15.34 -21.10
CA LEU A 144 -5.66 15.35 -21.71
C LEU A 144 -5.80 16.21 -22.94
N ASN A 145 -5.03 17.29 -22.98
CA ASN A 145 -5.04 18.30 -24.02
C ASN A 145 -4.26 17.87 -25.26
N GLY A 146 -3.56 16.72 -25.22
CA GLY A 146 -2.70 16.35 -26.32
C GLY A 146 -1.39 17.10 -26.36
N THR A 147 -0.95 17.75 -25.28
CA THR A 147 0.31 18.52 -25.32
C THR A 147 1.18 18.18 -24.08
N PRO A 148 1.56 16.90 -23.95
CA PRO A 148 2.16 16.48 -22.69
C PRO A 148 3.49 17.21 -22.43
N GLY A 149 3.68 17.64 -21.18
CA GLY A 149 4.89 18.36 -20.78
C GLY A 149 5.10 19.74 -21.31
N LYS A 150 4.11 20.33 -21.97
CA LYS A 150 4.20 21.65 -22.50
C LYS A 150 3.41 22.57 -21.55
N TYR A 151 4.09 23.57 -20.97
CA TYR A 151 3.49 24.39 -19.95
C TYR A 151 3.88 25.83 -20.16
N SER A 152 3.06 26.77 -19.73
CA SER A 152 3.53 28.14 -19.59
C SER A 152 2.81 28.73 -18.41
N MET A 153 3.37 29.78 -17.83
CA MET A 153 2.69 30.54 -16.77
C MET A 153 1.95 31.68 -17.45
N PRO A 154 0.67 31.88 -17.11
CA PRO A 154 -0.12 32.89 -17.85
C PRO A 154 0.15 34.31 -17.39
N VAL A 155 0.06 35.24 -18.35
CA VAL A 155 0.11 36.66 -18.06
C VAL A 155 -1.26 37.03 -17.55
N PRO A 156 -1.36 37.55 -16.33
CA PRO A 156 -2.70 37.82 -15.85
C PRO A 156 -3.24 39.22 -16.22
N MET A 157 -4.52 39.33 -16.48
CA MET A 157 -5.21 40.58 -16.56
C MET A 157 -6.06 40.78 -15.31
N MET A 158 -5.75 41.82 -14.56
CA MET A 158 -6.24 41.98 -13.19
C MET A 158 -7.18 43.13 -13.06
N ASN A 159 -8.42 42.80 -12.69
CA ASN A 159 -9.55 43.76 -12.63
C ASN A 159 -9.60 44.70 -11.43
N ILE A 160 -8.92 45.85 -11.55
CA ILE A 160 -8.85 46.82 -10.46
C ILE A 160 -9.78 48.01 -10.38
N ILE A 161 -10.40 48.41 -11.47
CA ILE A 161 -11.52 49.37 -11.43
C ILE A 161 -12.73 48.82 -12.16
N ASN A 162 -13.90 49.01 -11.55
CA ASN A 162 -15.20 48.46 -12.01
C ASN A 162 -16.24 49.55 -12.36
N GLY A 163 -17.01 49.28 -13.40
CA GLY A 163 -18.27 49.98 -13.71
C GLY A 163 -19.28 48.96 -14.24
N GLY A 164 -20.18 49.38 -15.12
CA GLY A 164 -21.25 48.49 -15.62
C GLY A 164 -22.37 48.30 -14.63
N GLU A 165 -23.01 47.12 -14.66
CA GLU A 165 -24.24 46.79 -13.86
C GLU A 165 -24.10 46.71 -12.33
N HIS A 166 -23.10 45.94 -11.89
CA HIS A 166 -22.75 45.76 -10.47
C HIS A 166 -21.70 46.81 -9.98
N ALA A 167 -22.02 48.10 -10.14
CA ALA A 167 -21.09 49.19 -9.84
C ALA A 167 -21.85 50.49 -9.73
N ASP A 168 -21.63 51.21 -8.61
CA ASP A 168 -22.57 52.23 -8.13
C ASP A 168 -22.08 53.61 -8.60
N ASN A 169 -21.71 53.72 -9.89
CA ASN A 169 -21.00 54.92 -10.45
C ASN A 169 -21.46 55.26 -11.89
N ASN A 170 -21.00 56.34 -12.50
CA ASN A 170 -21.26 56.47 -13.97
C ASN A 170 -20.00 56.12 -14.86
N VAL A 171 -19.54 54.87 -14.70
CA VAL A 171 -18.53 54.25 -15.60
C VAL A 171 -19.28 53.11 -16.30
N ASP A 172 -19.28 53.09 -17.63
CA ASP A 172 -20.12 52.13 -18.39
C ASP A 172 -19.44 50.78 -18.63
N ILE A 173 -18.15 50.89 -18.97
CA ILE A 173 -17.22 49.77 -19.16
C ILE A 173 -17.20 48.94 -17.89
N GLN A 174 -17.39 47.64 -18.01
CA GLN A 174 -17.52 46.79 -16.81
C GLN A 174 -16.19 46.61 -16.06
N GLU A 175 -15.07 46.37 -16.77
CA GLU A 175 -13.81 46.06 -16.12
C GLU A 175 -12.63 46.79 -16.76
N PHE A 176 -11.84 47.43 -15.93
CA PHE A 176 -10.54 48.00 -16.29
C PHE A 176 -9.44 47.21 -15.61
N MET A 177 -8.46 46.72 -16.37
CA MET A 177 -7.51 45.75 -15.90
C MET A 177 -6.10 46.17 -16.26
N ILE A 178 -5.16 45.80 -15.40
CA ILE A 178 -3.75 45.87 -15.68
C ILE A 178 -3.20 44.50 -16.04
N GLN A 179 -2.22 44.45 -16.92
CA GLN A 179 -1.48 43.26 -17.24
C GLN A 179 0.02 43.49 -17.04
N PRO A 180 0.68 42.82 -16.08
CA PRO A 180 2.16 43.10 -15.82
C PRO A 180 3.09 42.34 -16.77
N VAL A 181 3.08 42.82 -18.01
CA VAL A 181 3.77 42.19 -19.07
C VAL A 181 5.30 42.25 -18.87
N GLY A 182 5.79 43.21 -18.10
CA GLY A 182 7.22 43.40 -17.92
C GLY A 182 7.83 42.44 -16.96
N ALA A 183 7.00 41.73 -16.19
CA ALA A 183 7.48 40.69 -15.25
C ALA A 183 8.21 39.55 -15.96
N LYS A 184 9.12 38.89 -15.22
CA LYS A 184 9.89 37.72 -15.72
C LYS A 184 9.31 36.39 -15.25
N THR A 185 8.52 36.42 -14.18
CA THR A 185 7.89 35.23 -13.59
C THR A 185 6.45 35.65 -13.20
N VAL A 186 5.62 34.69 -12.94
CA VAL A 186 4.26 35.02 -12.53
C VAL A 186 4.22 35.51 -11.09
N LYS A 187 5.18 35.06 -10.34
CA LYS A 187 5.31 35.45 -8.95
C LYS A 187 5.54 36.96 -8.92
N GLU A 188 6.40 37.43 -9.83
CA GLU A 188 6.67 38.84 -9.91
C GLU A 188 5.48 39.58 -10.46
N ALA A 189 4.88 39.04 -11.49
CA ALA A 189 3.61 39.61 -11.98
C ALA A 189 2.58 39.84 -10.86
N ILE A 190 2.44 38.84 -9.99
CA ILE A 190 1.51 38.91 -8.92
C ILE A 190 1.96 40.00 -7.92
N ARG A 191 3.25 40.08 -7.67
CA ARG A 191 3.73 41.13 -6.79
C ARG A 191 3.43 42.52 -7.35
N MET A 192 3.65 42.68 -8.65
CA MET A 192 3.36 43.97 -9.31
C MET A 192 1.89 44.34 -9.18
N GLY A 193 1.00 43.40 -9.47
CA GLY A 193 -0.46 43.61 -9.25
C GLY A 193 -0.83 44.08 -7.87
N SER A 194 -0.28 43.40 -6.87
CA SER A 194 -0.55 43.71 -5.48
C SER A 194 -0.11 45.14 -5.19
N GLU A 195 1.08 45.50 -5.63
CA GLU A 195 1.62 46.85 -5.37
C GLU A 195 0.77 47.94 -6.01
N VAL A 196 0.40 47.76 -7.27
CA VAL A 196 -0.41 48.72 -7.96
C VAL A 196 -1.82 48.84 -7.31
N PHE A 197 -2.38 47.72 -6.93
CA PHE A 197 -3.67 47.69 -6.22
C PHE A 197 -3.65 48.45 -4.91
N HIS A 198 -2.59 48.29 -4.14
CA HIS A 198 -2.43 49.09 -2.89
C HIS A 198 -2.21 50.55 -3.14
N HIS A 199 -1.42 50.89 -4.15
CA HIS A 199 -1.24 52.32 -4.53
C HIS A 199 -2.52 52.94 -5.07
N LEU A 200 -3.37 52.13 -5.71
CA LEU A 200 -4.65 52.63 -6.17
C LEU A 200 -5.50 53.02 -5.01
N ALA A 201 -5.47 52.22 -3.95
CA ALA A 201 -6.29 52.53 -2.76
C ALA A 201 -5.89 53.89 -2.19
N LYS A 202 -4.59 54.20 -2.18
CA LYS A 202 -4.10 55.51 -1.69
C LYS A 202 -4.50 56.65 -2.60
N VAL A 203 -4.34 56.45 -3.88
CA VAL A 203 -4.78 57.45 -4.84
C VAL A 203 -6.29 57.75 -4.61
N LEU A 204 -7.11 56.72 -4.50
CA LEU A 204 -8.56 56.89 -4.36
C LEU A 204 -8.94 57.56 -3.04
N LYS A 205 -8.24 57.22 -1.97
CA LYS A 205 -8.50 57.81 -0.67
C LYS A 205 -8.16 59.32 -0.69
N ALA A 206 -7.04 59.69 -1.34
CA ALA A 206 -6.59 61.09 -1.42
C ALA A 206 -7.59 61.90 -2.22
N LYS A 207 -8.34 61.28 -3.13
CA LYS A 207 -9.46 61.95 -3.77
C LYS A 207 -10.82 61.85 -3.01
N GLY A 208 -10.82 61.46 -1.73
CA GLY A 208 -12.05 61.08 -0.99
C GLY A 208 -13.06 60.06 -1.61
N MET A 209 -12.56 59.09 -2.37
CA MET A 209 -13.42 58.08 -3.03
C MET A 209 -13.37 56.79 -2.20
N ASN A 210 -14.40 55.97 -2.38
CA ASN A 210 -14.58 54.76 -1.60
C ASN A 210 -13.62 53.63 -2.03
N THR A 211 -13.03 52.95 -1.06
CA THR A 211 -12.09 51.88 -1.33
C THR A 211 -12.59 50.48 -0.96
N ALA A 212 -13.91 50.32 -0.77
CA ALA A 212 -14.48 48.96 -0.66
C ALA A 212 -14.47 48.27 -2.03
N VAL A 213 -14.69 46.97 -2.07
CA VAL A 213 -14.50 46.16 -3.28
C VAL A 213 -15.78 45.46 -3.76
N GLY A 214 -15.85 45.23 -5.07
CA GLY A 214 -16.93 44.47 -5.69
C GLY A 214 -16.53 42.97 -5.72
N ASP A 215 -17.31 42.22 -6.49
CA ASP A 215 -17.23 40.79 -6.63
C ASP A 215 -15.84 40.21 -6.94
N GLU A 216 -15.09 40.95 -7.74
CA GLU A 216 -13.81 40.49 -8.22
C GLU A 216 -12.60 41.11 -7.49
N GLY A 217 -12.86 41.83 -6.41
CA GLY A 217 -11.86 42.35 -5.45
C GLY A 217 -11.24 43.69 -5.85
N GLY A 218 -11.80 44.26 -6.90
CA GLY A 218 -11.40 45.57 -7.40
C GLY A 218 -12.30 46.65 -6.86
N TYR A 219 -11.93 47.90 -7.13
CA TYR A 219 -12.62 49.07 -6.61
C TYR A 219 -13.70 49.56 -7.57
N ALA A 220 -14.74 50.15 -7.00
CA ALA A 220 -15.85 50.71 -7.74
C ALA A 220 -16.15 52.12 -7.27
N PRO A 221 -15.18 53.06 -7.40
CA PRO A 221 -15.38 54.39 -6.89
C PRO A 221 -16.25 55.18 -7.83
N ASN A 222 -16.69 56.35 -7.40
CA ASN A 222 -17.64 57.16 -8.17
C ASN A 222 -16.87 58.09 -9.11
N LEU A 223 -16.63 57.63 -10.32
CA LEU A 223 -15.82 58.38 -11.24
C LEU A 223 -16.73 58.98 -12.27
N GLY A 224 -16.30 60.07 -12.89
CA GLY A 224 -17.13 60.85 -13.79
C GLY A 224 -17.19 60.34 -15.23
N SER A 225 -16.16 59.63 -15.68
CA SER A 225 -16.20 59.05 -17.03
C SER A 225 -15.38 57.79 -17.12
N ASN A 226 -15.56 57.10 -18.24
CA ASN A 226 -14.84 55.88 -18.50
C ASN A 226 -13.38 56.20 -18.53
N ALA A 227 -13.05 57.32 -19.18
CA ALA A 227 -11.67 57.77 -19.24
C ALA A 227 -11.07 58.06 -17.86
N GLU A 228 -11.86 58.47 -16.86
CA GLU A 228 -11.28 58.78 -15.56
C GLU A 228 -10.80 57.44 -14.86
N ALA A 229 -11.43 56.31 -15.19
CA ALA A 229 -11.00 55.02 -14.67
C ALA A 229 -9.59 54.72 -15.14
N LEU A 230 -9.30 55.03 -16.40
CA LEU A 230 -7.97 54.86 -16.95
C LEU A 230 -6.94 55.77 -16.30
N ALA A 231 -7.33 57.00 -16.04
CA ALA A 231 -6.43 57.98 -15.46
C ALA A 231 -6.07 57.66 -14.02
N VAL A 232 -7.00 57.22 -13.19
CA VAL A 232 -6.60 56.85 -11.81
C VAL A 232 -5.76 55.58 -11.75
N ILE A 233 -6.03 54.61 -12.64
CA ILE A 233 -5.09 53.47 -12.82
C ILE A 233 -3.68 53.95 -13.20
N ALA A 234 -3.55 54.89 -14.14
CA ALA A 234 -2.23 55.38 -14.52
C ALA A 234 -1.55 56.13 -13.34
N GLU A 235 -2.28 56.83 -12.49
CA GLU A 235 -1.68 57.42 -11.25
C GLU A 235 -1.14 56.37 -10.36
N ALA A 236 -1.94 55.31 -10.18
CA ALA A 236 -1.54 54.20 -9.32
C ALA A 236 -0.35 53.52 -9.89
N VAL A 237 -0.35 53.21 -11.19
CA VAL A 237 0.84 52.53 -11.79
C VAL A 237 2.17 53.36 -11.57
N LYS A 238 2.12 54.65 -11.84
CA LYS A 238 3.26 55.55 -11.65
C LYS A 238 3.64 55.63 -10.18
N ALA A 239 2.67 55.72 -9.25
CA ALA A 239 2.97 55.85 -7.84
C ALA A 239 3.59 54.60 -7.27
N ALA A 240 3.29 53.45 -7.92
CA ALA A 240 4.00 52.21 -7.56
C ALA A 240 5.38 52.14 -8.18
N GLY A 241 5.79 53.12 -8.99
CA GLY A 241 7.15 53.08 -9.56
C GLY A 241 7.25 52.23 -10.81
N TYR A 242 6.14 51.97 -11.51
CA TYR A 242 6.19 51.21 -12.78
C TYR A 242 5.87 52.17 -13.98
N GLU A 243 6.27 51.73 -15.15
CA GLU A 243 6.13 52.49 -16.36
C GLU A 243 5.01 51.94 -17.17
N LEU A 244 3.94 52.70 -17.22
CA LEU A 244 2.80 52.39 -18.06
C LEU A 244 3.23 52.20 -19.53
N GLY A 245 2.83 51.09 -20.14
CA GLY A 245 3.15 50.73 -21.49
C GLY A 245 4.32 49.79 -21.65
N LYS A 246 5.15 49.69 -20.64
CA LYS A 246 6.40 48.95 -20.72
C LYS A 246 6.40 47.82 -19.67
N ASP A 247 6.19 48.18 -18.41
CA ASP A 247 6.00 47.23 -17.32
C ASP A 247 4.56 46.72 -17.27
N ILE A 248 3.60 47.58 -17.61
CA ILE A 248 2.20 47.28 -17.41
C ILE A 248 1.37 47.77 -18.58
N THR A 249 0.58 46.91 -19.22
CA THR A 249 -0.41 47.37 -20.23
C THR A 249 -1.78 47.28 -19.62
N LEU A 250 -2.82 47.66 -20.34
CA LEU A 250 -4.16 47.77 -19.86
C LEU A 250 -5.08 46.91 -20.69
N ALA A 251 -6.15 46.42 -20.06
CA ALA A 251 -7.17 45.66 -20.76
C ALA A 251 -8.49 46.02 -20.20
N MET A 252 -9.51 45.80 -21.02
CA MET A 252 -10.87 46.12 -20.63
C MET A 252 -11.90 45.09 -21.06
N ASP A 253 -12.93 44.94 -20.22
CA ASP A 253 -14.18 44.18 -20.53
C ASP A 253 -15.29 45.20 -20.61
N CYS A 254 -15.84 45.39 -21.82
CA CYS A 254 -16.92 46.34 -21.99
C CYS A 254 -18.24 45.76 -21.52
N ALA A 255 -18.43 44.45 -21.67
CA ALA A 255 -19.71 43.78 -21.53
C ALA A 255 -20.75 44.63 -22.23
N ALA A 256 -20.50 44.97 -23.50
CA ALA A 256 -21.36 45.99 -24.15
C ALA A 256 -22.80 45.55 -24.37
N SER A 257 -23.08 44.25 -24.35
CA SER A 257 -24.42 43.72 -24.28
C SER A 257 -25.27 44.48 -23.25
N GLU A 258 -24.66 44.85 -22.13
CA GLU A 258 -25.40 45.41 -21.02
C GLU A 258 -25.91 46.80 -21.32
N PHE A 259 -25.33 47.50 -22.30
CA PHE A 259 -25.82 48.83 -22.62
C PHE A 259 -26.33 49.03 -24.06
N TYR A 260 -26.63 47.93 -24.72
CA TYR A 260 -27.20 47.94 -26.04
C TYR A 260 -28.70 47.87 -25.89
N LYS A 261 -29.40 48.89 -26.38
CA LYS A 261 -30.86 48.83 -26.55
C LYS A 261 -31.27 49.55 -27.84
N ASP A 262 -32.21 48.91 -28.55
CA ASP A 262 -32.76 49.42 -29.82
C ASP A 262 -31.65 49.74 -30.79
N GLY A 263 -30.66 48.85 -30.87
CA GLY A 263 -29.60 48.95 -31.87
C GLY A 263 -28.53 50.01 -31.67
N LYS A 264 -28.49 50.64 -30.49
CA LYS A 264 -27.49 51.66 -30.16
C LYS A 264 -26.79 51.35 -28.81
N TYR A 265 -25.57 51.83 -28.66
CA TYR A 265 -24.84 51.66 -27.42
C TYR A 265 -25.01 52.96 -26.63
N VAL A 266 -25.68 52.87 -25.50
CA VAL A 266 -26.00 54.03 -24.68
C VAL A 266 -25.05 54.08 -23.50
N LEU A 267 -24.26 55.12 -23.41
CA LEU A 267 -23.28 55.28 -22.34
C LEU A 267 -23.89 56.21 -21.33
N ALA A 268 -24.44 55.62 -20.27
CA ALA A 268 -25.06 56.39 -19.19
C ALA A 268 -24.10 57.37 -18.49
N GLY A 269 -22.79 57.19 -18.60
CA GLY A 269 -21.78 58.04 -17.99
C GLY A 269 -20.85 58.74 -18.98
N GLU A 270 -21.32 58.89 -20.22
CA GLU A 270 -20.97 60.03 -21.04
C GLU A 270 -22.34 60.71 -21.35
N GLY A 271 -23.12 60.96 -20.30
CA GLY A 271 -24.37 61.71 -20.35
C GLY A 271 -25.44 61.18 -21.30
N ASN A 272 -25.76 59.90 -21.15
CA ASN A 272 -26.68 59.17 -22.04
C ASN A 272 -26.49 59.30 -23.59
N LYS A 273 -25.33 59.71 -24.08
CA LYS A 273 -25.08 59.77 -25.55
C LYS A 273 -25.27 58.39 -26.22
N ALA A 274 -26.03 58.32 -27.31
CA ALA A 274 -26.25 57.07 -28.07
C ALA A 274 -25.22 56.92 -29.23
N PHE A 275 -24.70 55.71 -29.43
CA PHE A 275 -23.65 55.46 -30.41
C PHE A 275 -24.14 54.35 -31.30
N THR A 276 -23.94 54.50 -32.61
CA THR A 276 -24.05 53.36 -33.51
C THR A 276 -22.89 52.42 -33.11
N SER A 277 -23.08 51.18 -33.48
CA SER A 277 -22.03 50.19 -33.45
C SER A 277 -20.62 50.72 -33.97
N GLU A 278 -20.55 51.35 -35.13
CA GLU A 278 -19.28 51.88 -35.62
C GLU A 278 -18.73 53.08 -34.75
N GLU A 279 -19.61 53.98 -34.30
CA GLU A 279 -19.18 55.11 -33.47
C GLU A 279 -18.66 54.55 -32.13
N PHE A 280 -19.27 53.48 -31.63
CA PHE A 280 -18.76 52.92 -30.37
C PHE A 280 -17.34 52.38 -30.57
N THR A 281 -17.12 51.70 -31.69
CA THR A 281 -15.78 51.25 -32.06
C THR A 281 -14.80 52.42 -32.12
N HIS A 282 -15.23 53.57 -32.66
CA HIS A 282 -14.41 54.78 -32.70
C HIS A 282 -14.12 55.32 -31.31
N PHE A 283 -15.14 55.37 -30.45
CA PHE A 283 -14.97 55.64 -29.01
C PHE A 283 -13.87 54.77 -28.35
N LEU A 284 -13.94 53.46 -28.58
CA LEU A 284 -12.91 52.54 -28.06
C LEU A 284 -11.54 52.81 -28.62
N GLU A 285 -11.49 53.04 -29.92
CA GLU A 285 -10.25 53.34 -30.61
C GLU A 285 -9.56 54.56 -30.01
N GLU A 286 -10.34 55.62 -29.78
CA GLU A 286 -9.81 56.84 -29.16
C GLU A 286 -9.19 56.55 -27.74
N LEU A 287 -9.84 55.71 -26.94
CA LEU A 287 -9.20 55.30 -25.68
C LEU A 287 -7.90 54.58 -25.90
N THR A 288 -7.79 53.74 -26.95
CA THR A 288 -6.55 53.00 -27.16
C THR A 288 -5.39 53.94 -27.62
N LYS A 289 -5.69 55.14 -28.12
CA LYS A 289 -4.67 56.14 -28.51
C LYS A 289 -4.25 56.96 -27.31
N GLN A 290 -5.13 57.14 -26.34
CA GLN A 290 -4.76 57.84 -25.12
C GLN A 290 -4.06 56.95 -24.11
N TYR A 291 -4.42 55.68 -24.04
CA TYR A 291 -3.87 54.77 -23.02
C TYR A 291 -3.43 53.47 -23.70
N PRO A 292 -2.38 52.82 -23.18
CA PRO A 292 -1.85 51.63 -23.86
C PRO A 292 -2.74 50.41 -23.55
N ILE A 293 -3.98 50.51 -24.05
CA ILE A 293 -4.95 49.50 -23.90
C ILE A 293 -4.65 48.51 -24.99
N VAL A 294 -4.33 47.28 -24.64
CA VAL A 294 -4.00 46.27 -25.65
C VAL A 294 -5.01 45.17 -25.81
N SER A 295 -6.08 45.14 -25.02
CA SER A 295 -7.04 44.08 -25.11
C SER A 295 -8.39 44.62 -24.79
N ILE A 296 -9.40 44.25 -25.58
CA ILE A 296 -10.70 44.71 -25.39
C ILE A 296 -11.66 43.54 -25.56
N GLU A 297 -12.49 43.32 -24.54
CA GLU A 297 -13.37 42.15 -24.49
C GLU A 297 -14.80 42.58 -24.63
N ASP A 298 -15.60 41.80 -25.37
CA ASP A 298 -17.03 42.08 -25.55
C ASP A 298 -17.29 43.58 -25.82
N GLY A 299 -16.58 44.15 -26.78
CA GLY A 299 -16.71 45.57 -27.12
C GLY A 299 -17.98 45.96 -27.87
N LEU A 300 -18.74 44.96 -28.30
CA LEU A 300 -20.10 45.13 -28.82
C LEU A 300 -21.02 44.01 -28.25
N ASP A 301 -22.30 44.14 -28.54
CA ASP A 301 -23.33 43.21 -28.07
C ASP A 301 -23.10 41.84 -28.66
N GLU A 302 -23.39 40.80 -27.91
CA GLU A 302 -23.19 39.45 -28.40
C GLU A 302 -23.79 39.10 -29.76
N SER A 303 -24.88 39.78 -30.14
CA SER A 303 -25.53 39.50 -31.45
C SER A 303 -25.11 40.48 -32.57
N ASP A 304 -24.27 41.48 -32.28
CA ASP A 304 -23.87 42.49 -33.23
C ASP A 304 -22.60 41.98 -34.00
N TRP A 305 -22.87 41.00 -34.85
CA TRP A 305 -21.85 40.36 -35.62
C TRP A 305 -21.35 41.24 -36.71
N ASP A 306 -22.22 42.01 -37.36
CA ASP A 306 -21.70 42.97 -38.37
C ASP A 306 -20.81 44.00 -37.70
N GLY A 307 -21.20 44.43 -36.51
CA GLY A 307 -20.42 45.39 -35.69
C GLY A 307 -19.06 44.80 -35.38
N PHE A 308 -19.07 43.53 -34.91
CA PHE A 308 -17.83 42.84 -34.57
C PHE A 308 -16.92 42.73 -35.77
N ALA A 309 -17.46 42.41 -36.96
CA ALA A 309 -16.57 42.32 -38.15
C ALA A 309 -15.89 43.63 -38.40
N TYR A 310 -16.68 44.69 -38.30
CA TYR A 310 -16.19 46.03 -38.42
C TYR A 310 -15.10 46.30 -37.36
N GLN A 311 -15.41 46.00 -36.10
CA GLN A 311 -14.47 46.24 -35.00
C GLN A 311 -13.20 45.49 -35.23
N THR A 312 -13.28 44.31 -35.79
CA THR A 312 -12.11 43.51 -36.08
C THR A 312 -11.23 44.15 -37.17
N LYS A 313 -11.87 44.70 -38.19
CA LYS A 313 -11.17 45.49 -39.24
C LYS A 313 -10.41 46.72 -38.72
N VAL A 314 -11.09 47.48 -37.89
CA VAL A 314 -10.55 48.72 -37.34
C VAL A 314 -9.39 48.47 -36.36
N LEU A 315 -9.67 47.59 -35.39
CA LEU A 315 -8.83 47.38 -34.18
C LEU A 315 -7.93 46.13 -34.18
N GLY A 316 -8.28 45.11 -34.97
CA GLY A 316 -7.78 43.74 -34.75
C GLY A 316 -6.33 43.48 -35.07
N ASP A 317 -5.74 44.30 -35.92
CA ASP A 317 -4.30 44.21 -36.16
C ASP A 317 -3.39 44.64 -34.97
N LYS A 318 -3.85 45.62 -34.18
CA LYS A 318 -3.07 46.19 -33.07
C LYS A 318 -3.56 45.82 -31.66
N ILE A 319 -4.80 45.34 -31.55
CA ILE A 319 -5.49 45.15 -30.28
C ILE A 319 -6.08 43.73 -30.22
N GLN A 320 -5.95 43.07 -29.09
CA GLN A 320 -6.55 41.74 -28.87
C GLN A 320 -8.08 41.96 -28.64
N LEU A 321 -8.90 41.25 -29.39
CA LEU A 321 -10.35 41.46 -29.26
C LEU A 321 -10.90 40.17 -28.82
N VAL A 322 -11.37 40.14 -27.56
CA VAL A 322 -11.77 38.92 -26.88
C VAL A 322 -13.24 38.81 -26.87
N GLY A 323 -13.74 37.73 -27.45
CA GLY A 323 -15.11 37.29 -27.28
C GLY A 323 -15.33 36.49 -26.01
N ASP A 324 -16.23 36.95 -25.17
CA ASP A 324 -16.67 36.21 -23.96
C ASP A 324 -18.14 35.77 -24.18
N ASP A 325 -19.08 36.69 -23.99
CA ASP A 325 -20.48 36.46 -24.36
C ASP A 325 -20.63 36.17 -25.83
N LEU A 326 -19.73 36.71 -26.66
CA LEU A 326 -19.77 36.49 -28.10
C LEU A 326 -19.69 35.04 -28.46
N PHE A 327 -18.84 34.27 -27.75
CA PHE A 327 -18.49 32.88 -28.12
C PHE A 327 -18.93 31.81 -27.14
N VAL A 328 -19.21 32.20 -25.89
CA VAL A 328 -19.52 31.33 -24.77
C VAL A 328 -18.84 29.99 -24.70
N THR A 329 -17.52 30.02 -24.96
CA THR A 329 -16.64 28.87 -24.81
C THR A 329 -17.25 27.69 -25.60
N ASN A 330 -17.78 28.00 -26.78
CA ASN A 330 -18.60 27.05 -27.56
C ASN A 330 -18.06 26.99 -28.94
N THR A 331 -17.45 25.85 -29.29
CA THR A 331 -16.86 25.55 -30.62
C THR A 331 -17.77 25.78 -31.82
N LYS A 332 -19.06 25.42 -31.74
CA LYS A 332 -20.05 25.79 -32.80
C LYS A 332 -20.06 27.31 -33.10
N ILE A 333 -20.01 28.12 -32.06
CA ILE A 333 -20.08 29.56 -32.30
C ILE A 333 -18.71 30.11 -32.74
N LEU A 334 -17.66 29.62 -32.06
CA LEU A 334 -16.33 30.13 -32.28
C LEU A 334 -15.92 29.86 -33.74
N LYS A 335 -16.29 28.69 -34.25
CA LYS A 335 -15.98 28.30 -35.63
C LYS A 335 -16.56 29.29 -36.63
N GLU A 336 -17.79 29.66 -36.38
CA GLU A 336 -18.46 30.60 -37.25
C GLU A 336 -17.75 31.98 -37.15
N GLY A 337 -17.33 32.36 -35.95
CA GLY A 337 -16.60 33.58 -35.79
C GLY A 337 -15.28 33.57 -36.54
N ILE A 338 -14.56 32.44 -36.51
CA ILE A 338 -13.31 32.33 -37.17
C ILE A 338 -13.55 32.52 -38.67
N GLU A 339 -14.56 31.84 -39.18
CA GLU A 339 -14.92 31.94 -40.57
C GLU A 339 -15.28 33.37 -41.01
N LYS A 340 -15.93 34.14 -40.16
CA LYS A 340 -16.34 35.48 -40.56
C LYS A 340 -15.36 36.59 -40.24
N GLY A 341 -14.14 36.30 -39.80
CA GLY A 341 -13.19 37.38 -39.38
C GLY A 341 -13.65 38.14 -38.13
N ILE A 342 -14.30 37.46 -37.20
CA ILE A 342 -14.87 38.07 -35.95
C ILE A 342 -13.93 37.87 -34.75
N ALA A 343 -13.39 38.93 -34.20
CA ALA A 343 -12.53 38.89 -33.00
C ALA A 343 -11.24 38.17 -33.30
N ASN A 344 -10.35 38.14 -32.31
CA ASN A 344 -9.14 37.38 -32.50
C ASN A 344 -8.71 36.65 -31.24
N SER A 345 -9.65 36.44 -30.33
CA SER A 345 -9.34 35.93 -29.02
C SER A 345 -10.62 35.44 -28.37
N ILE A 346 -10.49 34.49 -27.46
CA ILE A 346 -11.65 33.93 -26.81
C ILE A 346 -11.43 33.77 -25.32
N LEU A 347 -12.44 34.16 -24.53
CA LEU A 347 -12.41 34.02 -23.08
C LEU A 347 -12.95 32.67 -22.73
N ILE A 348 -12.18 31.84 -22.00
CA ILE A 348 -12.50 30.44 -21.77
C ILE A 348 -13.01 30.27 -20.34
N LYS A 349 -14.31 29.96 -20.26
CA LYS A 349 -15.01 29.71 -19.04
C LYS A 349 -15.67 28.33 -19.14
N PHE A 350 -15.15 27.37 -18.40
CA PHE A 350 -15.69 26.06 -18.50
C PHE A 350 -17.19 25.90 -18.13
N ASN A 351 -17.77 26.78 -17.34
CA ASN A 351 -19.19 26.66 -17.04
C ASN A 351 -20.10 27.29 -18.11
N GLN A 352 -19.55 27.96 -19.12
CA GLN A 352 -20.35 28.44 -20.24
C GLN A 352 -20.73 27.30 -21.19
N ILE A 353 -19.94 26.23 -21.20
CA ILE A 353 -20.20 25.09 -22.03
C ILE A 353 -20.52 23.81 -21.18
N GLY A 354 -19.87 23.59 -20.05
CA GLY A 354 -20.30 22.56 -19.11
C GLY A 354 -19.43 21.35 -18.92
N SER A 355 -18.34 21.23 -19.65
CA SER A 355 -17.46 20.11 -19.44
C SER A 355 -16.02 20.49 -19.74
N LEU A 356 -15.10 19.78 -19.13
CA LEU A 356 -13.69 19.95 -19.39
C LEU A 356 -13.39 19.57 -20.83
N THR A 357 -13.94 18.46 -21.34
CA THR A 357 -13.59 18.03 -22.72
C THR A 357 -13.95 19.10 -23.77
N GLU A 358 -15.16 19.64 -23.67
CA GLU A 358 -15.58 20.69 -24.58
C GLU A 358 -14.76 22.01 -24.41
N THR A 359 -14.27 22.28 -23.19
CA THR A 359 -13.43 23.43 -22.90
C THR A 359 -12.12 23.28 -23.65
N LEU A 360 -11.55 22.10 -23.58
CA LEU A 360 -10.27 21.87 -24.25
C LEU A 360 -10.42 21.95 -25.76
N ALA A 361 -11.56 21.50 -26.29
CA ALA A 361 -11.86 21.65 -27.74
C ALA A 361 -11.98 23.12 -28.13
N ALA A 362 -12.52 23.97 -27.25
CA ALA A 362 -12.57 25.42 -27.54
C ALA A 362 -11.18 26.07 -27.56
N ILE A 363 -10.32 25.67 -26.63
CA ILE A 363 -8.97 26.19 -26.59
C ILE A 363 -8.23 25.77 -27.85
N LYS A 364 -8.37 24.52 -28.25
CA LYS A 364 -7.68 24.00 -29.41
C LYS A 364 -8.17 24.68 -30.69
N MET A 365 -9.46 24.81 -30.88
CA MET A 365 -9.96 25.52 -32.04
C MET A 365 -9.37 26.96 -32.12
N ALA A 366 -9.37 27.67 -31.01
CA ALA A 366 -8.82 29.02 -30.98
C ALA A 366 -7.37 29.01 -31.46
N LYS A 367 -6.54 28.19 -30.83
CA LYS A 367 -5.11 28.15 -31.15
C LYS A 367 -4.83 27.71 -32.59
N ASP A 368 -5.61 26.74 -33.11
CA ASP A 368 -5.49 26.28 -34.49
C ASP A 368 -5.73 27.47 -35.47
N ALA A 369 -6.65 28.38 -35.14
CA ALA A 369 -6.86 29.55 -35.98
C ALA A 369 -6.01 30.79 -35.64
N GLY A 370 -5.04 30.70 -34.75
CA GLY A 370 -4.22 31.87 -34.39
C GLY A 370 -4.90 32.79 -33.39
N TYR A 371 -6.07 32.41 -32.86
CA TYR A 371 -6.71 33.21 -31.81
C TYR A 371 -6.04 32.82 -30.52
N THR A 372 -5.88 33.79 -29.62
CA THR A 372 -5.46 33.50 -28.26
C THR A 372 -6.67 33.11 -27.36
N ALA A 373 -6.35 32.38 -26.30
CA ALA A 373 -7.25 31.89 -25.27
C ALA A 373 -6.84 32.47 -23.95
N VAL A 374 -7.81 33.07 -23.28
CA VAL A 374 -7.62 33.66 -21.94
C VAL A 374 -8.52 32.89 -21.00
N ILE A 375 -7.93 32.13 -20.11
CA ILE A 375 -8.72 31.35 -19.15
C ILE A 375 -9.24 32.29 -18.07
N SER A 376 -10.49 32.11 -17.70
CA SER A 376 -11.22 33.10 -16.93
C SER A 376 -12.01 32.58 -15.75
N HIS A 377 -12.08 33.41 -14.71
CA HIS A 377 -13.08 33.24 -13.66
C HIS A 377 -14.51 33.63 -14.04
N ARG A 378 -15.45 33.42 -13.14
CA ARG A 378 -16.74 34.12 -13.20
C ARG A 378 -16.85 35.00 -11.96
N SER A 379 -17.81 35.91 -11.94
CA SER A 379 -18.03 36.77 -10.76
C SER A 379 -18.27 35.94 -9.49
N GLY A 380 -19.03 34.85 -9.66
CA GLY A 380 -19.34 33.95 -8.55
C GLY A 380 -18.30 32.86 -8.58
N GLU A 381 -17.44 32.80 -7.58
CA GLU A 381 -16.36 31.80 -7.52
C GLU A 381 -16.36 31.10 -6.17
N THR A 382 -15.45 30.15 -6.08
CA THR A 382 -15.10 29.44 -4.86
C THR A 382 -13.61 29.46 -4.66
N GLU A 383 -13.23 28.77 -3.62
CA GLU A 383 -11.85 28.46 -3.23
C GLU A 383 -11.06 27.48 -4.20
N ASP A 384 -11.78 26.71 -5.00
CA ASP A 384 -11.28 25.99 -6.20
C ASP A 384 -10.26 26.86 -7.01
N ALA A 385 -9.18 26.26 -7.42
CA ALA A 385 -8.16 26.94 -8.17
C ALA A 385 -7.87 26.19 -9.47
N THR A 386 -8.84 25.40 -9.95
CA THR A 386 -8.70 24.63 -11.17
C THR A 386 -8.29 25.48 -12.38
N ILE A 387 -8.78 26.71 -12.52
CA ILE A 387 -8.40 27.48 -13.71
C ILE A 387 -6.89 27.81 -13.78
N ALA A 388 -6.23 27.87 -12.62
CA ALA A 388 -4.75 27.97 -12.63
C ALA A 388 -4.10 26.73 -13.27
N ASP A 389 -4.49 25.56 -12.84
CA ASP A 389 -3.96 24.34 -13.47
C ASP A 389 -4.34 24.27 -14.93
N LEU A 390 -5.54 24.71 -15.27
CA LEU A 390 -5.98 24.64 -16.68
C LEU A 390 -5.15 25.58 -17.56
N ALA A 391 -4.94 26.77 -17.08
CA ALA A 391 -4.11 27.77 -17.80
C ALA A 391 -2.70 27.28 -18.02
N VAL A 392 -2.11 26.65 -17.02
CA VAL A 392 -0.71 26.21 -17.16
C VAL A 392 -0.64 24.97 -18.09
N GLY A 393 -1.54 24.02 -17.85
CA GLY A 393 -1.58 22.77 -18.60
C GLY A 393 -1.98 22.82 -20.05
N THR A 394 -2.65 23.90 -20.48
CA THR A 394 -2.93 24.15 -21.89
C THR A 394 -1.98 25.15 -22.49
N ALA A 395 -1.08 25.66 -21.66
CA ALA A 395 -0.17 26.72 -22.08
C ALA A 395 -1.01 27.87 -22.73
N ALA A 396 -2.15 28.22 -22.15
CA ALA A 396 -3.07 29.21 -22.75
C ALA A 396 -2.35 30.52 -23.01
N GLY A 397 -1.52 30.91 -22.06
CA GLY A 397 -0.74 32.09 -22.14
C GLY A 397 -1.28 33.27 -21.34
N GLN A 398 -2.56 33.29 -21.04
CA GLN A 398 -3.25 34.39 -20.34
C GLN A 398 -4.31 33.86 -19.39
N ILE A 399 -4.60 34.62 -18.34
CA ILE A 399 -5.61 34.26 -17.36
C ILE A 399 -6.28 35.58 -16.93
N LYS A 400 -7.56 35.50 -16.60
CA LYS A 400 -8.30 36.59 -15.99
C LYS A 400 -8.96 36.03 -14.80
N THR A 401 -8.41 36.32 -13.62
CA THR A 401 -8.93 35.75 -12.40
C THR A 401 -9.08 36.76 -11.24
N GLY A 402 -9.16 38.05 -11.61
CA GLY A 402 -9.57 39.08 -10.67
C GLY A 402 -8.48 40.01 -10.17
N SER A 403 -8.89 40.91 -9.29
CA SER A 403 -8.02 41.78 -8.58
C SER A 403 -7.18 41.00 -7.57
N MET A 404 -6.28 41.68 -6.91
CA MET A 404 -5.44 41.08 -5.93
C MET A 404 -6.02 41.20 -4.54
N SER A 405 -7.34 41.01 -4.42
CA SER A 405 -8.00 40.84 -3.15
C SER A 405 -9.17 39.89 -3.29
N ARG A 406 -9.58 39.35 -2.16
CA ARG A 406 -10.55 38.25 -2.03
C ARG A 406 -9.90 36.89 -2.39
N SER A 407 -9.97 35.91 -1.50
CA SER A 407 -9.38 34.61 -1.76
C SER A 407 -10.12 33.85 -2.90
N ASP A 408 -11.35 34.25 -3.23
CA ASP A 408 -11.95 33.72 -4.48
C ASP A 408 -11.12 34.07 -5.69
N ARG A 409 -10.36 35.16 -5.62
CA ARG A 409 -9.41 35.47 -6.65
C ARG A 409 -8.02 34.97 -6.32
N VAL A 410 -7.56 35.26 -5.13
CA VAL A 410 -6.14 35.13 -4.74
C VAL A 410 -5.73 33.70 -4.66
N ALA A 411 -6.65 32.81 -4.28
CA ALA A 411 -6.42 31.36 -4.38
C ALA A 411 -5.89 30.93 -5.72
N LYS A 412 -6.39 31.54 -6.80
CA LYS A 412 -5.85 31.21 -8.12
C LYS A 412 -4.41 31.72 -8.29
N TYR A 413 -4.12 32.94 -7.84
CA TYR A 413 -2.72 33.43 -7.93
C TYR A 413 -1.81 32.58 -7.11
N ASN A 414 -2.28 32.15 -5.93
CA ASN A 414 -1.45 31.36 -5.06
C ASN A 414 -1.09 30.03 -5.66
N GLN A 415 -2.04 29.42 -6.34
CA GLN A 415 -1.81 28.20 -7.02
C GLN A 415 -0.85 28.44 -8.18
N LEU A 416 -0.94 29.53 -8.91
CA LEU A 416 0.03 29.83 -9.95
C LEU A 416 1.40 29.94 -9.31
N ILE A 417 1.50 30.51 -8.12
CA ILE A 417 2.79 30.58 -7.40
C ILE A 417 3.32 29.20 -7.07
N ARG A 418 2.46 28.27 -6.60
CA ARG A 418 2.92 26.90 -6.28
C ARG A 418 3.38 26.17 -7.54
N ILE A 419 2.66 26.33 -8.64
CA ILE A 419 3.00 25.64 -9.88
C ILE A 419 4.30 26.17 -10.42
N GLU A 420 4.49 27.48 -10.44
CA GLU A 420 5.77 28.04 -10.92
C GLU A 420 6.98 27.59 -10.07
N GLU A 421 6.77 27.51 -8.77
CA GLU A 421 7.79 26.95 -7.90
C GLU A 421 8.15 25.51 -8.31
N ALA A 422 7.19 24.67 -8.65
CA ALA A 422 7.52 23.31 -9.03
C ALA A 422 8.17 23.23 -10.41
N LEU A 423 7.70 24.01 -11.39
CA LEU A 423 8.14 23.91 -12.79
C LEU A 423 9.35 24.77 -13.21
N GLY A 424 9.54 25.93 -12.56
CA GLY A 424 10.55 26.89 -12.99
C GLY A 424 10.43 27.24 -14.47
N GLU A 425 11.56 27.18 -15.15
CA GLU A 425 11.62 27.51 -16.55
C GLU A 425 11.01 26.43 -17.46
N LYS A 426 10.61 25.24 -16.96
CA LYS A 426 9.70 24.38 -17.76
C LYS A 426 8.34 25.04 -18.04
N ALA A 427 8.04 26.12 -17.30
CA ALA A 427 6.83 26.90 -17.51
C ALA A 427 7.14 28.37 -17.64
N PRO A 428 7.67 28.80 -18.82
CA PRO A 428 8.08 30.18 -19.03
C PRO A 428 6.94 31.17 -18.87
N TYR A 429 7.26 32.36 -18.39
CA TYR A 429 6.35 33.47 -18.37
C TYR A 429 6.73 34.28 -19.61
N ASN A 430 5.84 34.32 -20.61
CA ASN A 430 6.24 34.93 -21.87
C ASN A 430 5.98 36.38 -21.99
N GLY A 431 5.18 36.97 -21.12
CA GLY A 431 4.97 38.41 -21.13
C GLY A 431 4.13 38.92 -22.32
N ARG A 432 4.47 40.10 -22.87
CA ARG A 432 3.61 40.74 -23.86
C ARG A 432 3.36 39.96 -25.10
N LYS A 433 4.31 39.13 -25.48
CA LYS A 433 4.19 38.40 -26.71
C LYS A 433 3.01 37.41 -26.74
N GLU A 434 2.42 37.08 -25.58
CA GLU A 434 1.21 36.25 -25.52
C GLU A 434 -0.02 36.96 -26.07
N ILE A 435 -0.02 38.28 -25.97
CA ILE A 435 -1.17 39.07 -26.27
C ILE A 435 -1.27 39.25 -27.79
N LYS A 436 -2.43 38.88 -28.35
CA LYS A 436 -2.78 39.04 -29.77
C LYS A 436 -2.65 40.50 -30.25
N GLY A 437 -1.86 40.71 -31.30
CA GLY A 437 -1.59 42.05 -31.84
C GLY A 437 -0.29 42.74 -31.44
N GLN A 438 0.60 42.09 -30.68
CA GLN A 438 1.87 42.70 -30.29
C GLN A 438 2.99 42.20 -31.23
N GLN B 1 -6.63 13.69 -1.96
CA GLN B 1 -6.60 13.02 -3.28
C GLN B 1 -6.38 11.48 -3.14
N GLN B 2 -5.40 10.95 -2.38
CA GLN B 2 -5.46 9.49 -1.91
C GLN B 2 -5.79 9.24 -0.38
N MET B 3 -6.80 8.42 -0.14
CA MET B 3 -7.23 7.98 1.19
C MET B 3 -6.37 6.77 1.61
N GLY B 4 -5.55 6.93 2.65
CA GLY B 4 -4.84 5.76 3.23
C GLY B 4 -5.77 4.68 3.80
N ARG B 5 -5.21 3.47 3.95
CA ARG B 5 -5.94 2.33 4.52
C ARG B 5 -6.30 2.62 5.97
N GLY B 6 -5.50 3.44 6.64
CA GLY B 6 -5.74 3.88 8.01
C GLY B 6 -7.09 4.53 8.21
N SER B 7 -7.58 5.18 7.16
CA SER B 7 -8.89 5.77 7.20
C SER B 7 -10.06 4.76 7.12
N MET B 8 -9.80 3.52 6.73
CA MET B 8 -10.89 2.53 6.57
C MET B 8 -11.04 1.77 7.87
N SER B 9 -11.65 2.41 8.87
CA SER B 9 -11.64 1.84 10.20
C SER B 9 -13.01 1.30 10.57
N LYS B 10 -13.91 1.11 9.59
CA LYS B 10 -15.20 0.41 9.85
C LYS B 10 -14.96 -1.04 10.17
N ILE B 11 -15.60 -1.51 11.23
CA ILE B 11 -15.59 -2.94 11.61
C ILE B 11 -16.24 -3.77 10.53
N VAL B 12 -15.48 -4.75 10.00
CA VAL B 12 -16.02 -5.74 9.07
C VAL B 12 -16.33 -7.13 9.64
N LYS B 13 -15.72 -7.53 10.73
CA LYS B 13 -16.00 -8.85 11.30
C LYS B 13 -15.59 -8.91 12.75
N ILE B 14 -16.37 -9.59 13.59
CA ILE B 14 -15.99 -9.86 14.96
C ILE B 14 -16.07 -11.37 15.25
N ILE B 15 -14.99 -11.92 15.77
CA ILE B 15 -14.89 -13.35 16.10
C ILE B 15 -14.72 -13.43 17.60
N GLY B 16 -15.52 -14.30 18.20
CA GLY B 16 -15.33 -14.70 19.59
C GLY B 16 -14.93 -16.17 19.67
N ARG B 17 -14.08 -16.49 20.65
CA ARG B 17 -13.73 -17.89 20.89
C ARG B 17 -13.43 -18.11 22.36
N GLU B 18 -13.55 -19.38 22.70
CA GLU B 18 -13.35 -19.89 24.03
C GLU B 18 -11.92 -20.36 24.09
N ILE B 19 -11.14 -19.75 24.97
CA ILE B 19 -9.73 -20.12 25.15
C ILE B 19 -9.55 -20.36 26.64
N ILE B 20 -8.34 -20.61 27.10
CA ILE B 20 -8.09 -21.03 28.45
C ILE B 20 -7.30 -19.94 29.16
N ASP B 21 -7.66 -19.69 30.41
CA ASP B 21 -6.95 -18.71 31.22
C ASP B 21 -5.80 -19.37 32.01
N SER B 22 -5.10 -18.60 32.84
CA SER B 22 -3.94 -19.07 33.55
C SER B 22 -4.23 -20.01 34.71
N ARG B 23 -5.51 -20.19 35.10
CA ARG B 23 -5.86 -21.15 36.14
C ARG B 23 -6.42 -22.43 35.50
N GLY B 24 -6.52 -22.44 34.19
CA GLY B 24 -7.09 -23.53 33.49
C GLY B 24 -8.57 -23.42 33.22
N ASN B 25 -9.22 -22.28 33.50
CA ASN B 25 -10.65 -22.15 33.18
C ASN B 25 -10.85 -21.44 31.88
N PRO B 26 -11.95 -21.72 31.17
CA PRO B 26 -12.33 -20.93 30.00
C PRO B 26 -12.49 -19.40 30.24
N THR B 27 -12.22 -18.64 29.15
CA THR B 27 -12.51 -17.23 29.05
C THR B 27 -12.78 -16.85 27.58
N VAL B 28 -13.20 -15.62 27.36
CA VAL B 28 -13.68 -15.17 26.07
C VAL B 28 -12.55 -14.39 25.47
N GLU B 29 -12.29 -14.65 24.20
CA GLU B 29 -11.30 -13.92 23.39
C GLU B 29 -12.06 -13.38 22.24
N ALA B 30 -11.80 -12.11 21.88
CA ALA B 30 -12.39 -11.58 20.65
C ALA B 30 -11.35 -11.04 19.68
N GLU B 31 -11.69 -11.10 18.40
CA GLU B 31 -10.95 -10.40 17.31
C GLU B 31 -11.88 -9.41 16.65
N VAL B 32 -11.39 -8.20 16.43
CA VAL B 32 -12.12 -7.19 15.68
C VAL B 32 -11.29 -6.91 14.43
N HIS B 33 -11.90 -7.08 13.26
CA HIS B 33 -11.26 -6.84 11.97
C HIS B 33 -11.90 -5.61 11.33
N LEU B 34 -11.06 -4.78 10.71
CA LEU B 34 -11.49 -3.54 10.11
C LEU B 34 -11.33 -3.57 8.62
N GLU B 35 -12.14 -2.77 7.93
CA GLU B 35 -12.09 -2.71 6.48
C GLU B 35 -10.69 -2.59 5.86
N GLY B 36 -9.82 -1.76 6.44
CA GLY B 36 -8.49 -1.56 5.92
C GLY B 36 -7.54 -2.70 6.26
N GLY B 37 -8.05 -3.79 6.87
CA GLY B 37 -7.16 -4.93 7.18
C GLY B 37 -6.45 -4.90 8.54
N PHE B 38 -6.94 -4.09 9.46
CA PHE B 38 -6.42 -4.07 10.83
C PHE B 38 -7.18 -5.03 11.74
N VAL B 39 -6.46 -5.64 12.66
CA VAL B 39 -7.03 -6.64 13.51
C VAL B 39 -6.54 -6.41 14.90
N GLY B 40 -7.44 -6.51 15.86
CA GLY B 40 -7.08 -6.42 17.29
C GLY B 40 -7.67 -7.63 17.99
N MET B 41 -6.96 -8.12 18.99
CA MET B 41 -7.33 -9.35 19.64
C MET B 41 -7.13 -9.21 21.11
N ALA B 42 -8.12 -9.64 21.89
CA ALA B 42 -7.99 -9.53 23.32
C ALA B 42 -8.86 -10.59 24.02
N ALA B 43 -8.48 -10.87 25.27
CA ALA B 43 -9.21 -11.77 26.14
C ALA B 43 -9.48 -11.19 27.54
N ALA B 44 -10.65 -11.57 28.04
CA ALA B 44 -11.12 -11.11 29.32
C ALA B 44 -10.42 -11.89 30.44
N PRO B 45 -9.83 -11.22 31.43
CA PRO B 45 -9.42 -11.94 32.64
C PRO B 45 -10.60 -12.34 33.55
N SER B 46 -10.30 -13.02 34.65
CA SER B 46 -11.35 -13.52 35.57
C SER B 46 -10.89 -13.54 37.03
N GLY B 47 -11.64 -12.87 37.91
CA GLY B 47 -11.36 -12.87 39.35
C GLY B 47 -11.71 -14.18 40.08
N ALA B 48 -10.95 -14.46 41.14
CA ALA B 48 -11.29 -15.57 42.09
C ALA B 48 -12.14 -15.07 43.29
N SER B 49 -11.60 -14.08 44.00
CA SER B 49 -12.37 -13.32 45.02
C SER B 49 -13.21 -12.08 44.46
N THR B 50 -14.25 -12.33 43.67
CA THR B 50 -15.01 -11.24 43.03
C THR B 50 -16.02 -10.45 43.95
N GLY B 51 -15.92 -9.11 43.95
CA GLY B 51 -16.84 -8.24 44.71
C GLY B 51 -18.30 -8.42 44.29
N SER B 52 -19.22 -8.21 45.21
CA SER B 52 -20.64 -8.53 44.93
C SER B 52 -21.28 -7.68 43.82
N ARG B 53 -20.77 -6.47 43.61
CA ARG B 53 -21.35 -5.55 42.62
C ARG B 53 -20.55 -5.43 41.27
N GLU B 54 -19.55 -6.32 41.09
CA GLU B 54 -18.87 -6.50 39.80
C GLU B 54 -19.87 -6.84 38.71
N ALA B 55 -19.64 -6.39 37.48
CA ALA B 55 -20.50 -6.79 36.39
C ALA B 55 -20.31 -8.32 36.19
N LEU B 56 -21.30 -8.92 35.55
CA LEU B 56 -21.48 -10.36 35.55
C LEU B 56 -20.55 -10.99 34.53
N GLU B 57 -19.63 -11.81 35.03
CA GLU B 57 -18.91 -12.80 34.25
C GLU B 57 -19.84 -13.98 33.93
N LEU B 58 -20.31 -14.05 32.69
CA LEU B 58 -21.25 -15.10 32.24
C LEU B 58 -20.58 -16.48 31.90
N ARG B 59 -20.85 -17.45 32.78
CA ARG B 59 -20.49 -18.87 32.57
C ARG B 59 -21.72 -19.76 32.29
N ASP B 60 -21.51 -20.81 31.51
CA ASP B 60 -22.60 -21.62 30.96
C ASP B 60 -23.44 -22.46 31.96
N GLY B 61 -22.83 -22.85 33.10
CA GLY B 61 -23.41 -23.80 34.07
C GLY B 61 -23.64 -25.24 33.58
N ASP B 62 -22.88 -25.68 32.57
CA ASP B 62 -23.02 -27.03 31.98
C ASP B 62 -21.96 -28.00 32.60
N LYS B 63 -22.42 -28.95 33.41
CA LYS B 63 -21.57 -29.77 34.33
C LYS B 63 -20.55 -30.62 33.54
N SER B 64 -20.99 -31.03 32.36
CA SER B 64 -20.23 -31.86 31.46
C SER B 64 -19.11 -31.14 30.64
N ARG B 65 -18.86 -29.84 30.87
CA ARG B 65 -17.76 -29.08 30.25
C ARG B 65 -17.11 -28.22 31.30
N PHE B 66 -15.85 -28.49 31.62
CA PHE B 66 -15.01 -27.59 32.38
C PHE B 66 -15.55 -27.36 33.80
N LEU B 67 -16.21 -28.37 34.33
CA LEU B 67 -16.86 -28.28 35.65
C LEU B 67 -17.93 -27.16 35.73
N GLY B 68 -18.71 -26.97 34.64
CA GLY B 68 -19.71 -25.88 34.52
C GLY B 68 -19.25 -24.47 34.14
N LYS B 69 -17.93 -24.31 33.89
CA LYS B 69 -17.26 -23.01 33.68
C LYS B 69 -16.98 -22.61 32.21
N GLY B 70 -17.67 -23.29 31.28
CA GLY B 70 -17.71 -22.91 29.87
C GLY B 70 -18.15 -21.46 29.64
N VAL B 71 -17.86 -20.93 28.46
CA VAL B 71 -18.31 -19.59 28.10
C VAL B 71 -18.86 -19.49 26.71
N THR B 72 -19.43 -20.61 26.20
CA THR B 72 -20.11 -20.60 24.87
C THR B 72 -21.24 -19.55 24.73
N LYS B 73 -21.97 -19.26 25.81
CA LYS B 73 -23.03 -18.21 25.75
C LYS B 73 -22.44 -16.78 25.60
N ALA B 74 -21.41 -16.47 26.38
CA ALA B 74 -20.68 -15.24 26.20
C ALA B 74 -20.07 -15.18 24.80
N VAL B 75 -19.52 -16.32 24.35
CA VAL B 75 -18.85 -16.42 23.04
C VAL B 75 -19.86 -16.27 21.92
N ALA B 76 -21.00 -16.93 22.03
CA ALA B 76 -22.04 -16.75 20.99
C ALA B 76 -22.68 -15.34 20.98
N ALA B 77 -22.77 -14.69 22.13
CA ALA B 77 -23.17 -13.27 22.11
C ALA B 77 -22.21 -12.39 21.27
N VAL B 78 -20.90 -12.66 21.35
CA VAL B 78 -19.90 -12.01 20.49
C VAL B 78 -20.14 -12.29 19.01
N ASN B 79 -20.37 -13.54 18.68
CA ASN B 79 -20.48 -13.92 17.24
C ASN B 79 -21.81 -13.51 16.60
N GLY B 80 -22.89 -13.40 17.39
CA GLY B 80 -24.22 -13.14 16.80
C GLY B 80 -24.59 -11.66 16.95
N PRO B 81 -25.14 -11.28 18.12
CA PRO B 81 -25.75 -9.95 18.29
C PRO B 81 -24.77 -8.77 18.56
N ILE B 82 -23.69 -8.98 19.31
CA ILE B 82 -22.62 -7.95 19.38
C ILE B 82 -22.03 -7.68 17.99
N ALA B 83 -21.57 -8.73 17.32
CA ALA B 83 -21.01 -8.56 15.98
C ALA B 83 -21.95 -7.83 15.04
N GLN B 84 -23.21 -8.28 14.99
CA GLN B 84 -24.21 -7.74 14.06
C GLN B 84 -24.50 -6.23 14.32
N ALA B 85 -24.53 -5.86 15.58
CA ALA B 85 -24.67 -4.48 16.00
C ALA B 85 -23.44 -3.55 15.67
N LEU B 86 -22.23 -4.10 15.61
CA LEU B 86 -21.04 -3.32 15.33
C LEU B 86 -20.55 -3.32 13.89
N ILE B 87 -21.03 -4.21 13.02
CA ILE B 87 -20.52 -4.21 11.66
C ILE B 87 -20.87 -2.83 11.07
N GLY B 88 -19.91 -2.23 10.36
CA GLY B 88 -20.12 -0.89 9.77
C GLY B 88 -19.84 0.31 10.68
N LYS B 89 -19.47 0.07 11.94
CA LYS B 89 -19.20 1.17 12.86
C LYS B 89 -17.72 1.43 12.96
N ASP B 90 -17.40 2.67 13.32
CA ASP B 90 -16.03 3.17 13.25
C ASP B 90 -15.31 2.74 14.51
N ALA B 91 -14.33 1.86 14.40
CA ALA B 91 -13.53 1.42 15.57
C ALA B 91 -12.85 2.55 16.33
N LYS B 92 -12.50 3.63 15.66
CA LYS B 92 -11.76 4.73 16.37
C LYS B 92 -12.58 5.43 17.42
N ASP B 93 -13.90 5.35 17.27
CA ASP B 93 -14.85 5.97 18.22
C ASP B 93 -15.16 4.97 19.40
N GLN B 94 -14.20 4.81 20.30
CA GLN B 94 -14.26 3.84 21.36
C GLN B 94 -15.55 3.99 22.19
N ALA B 95 -15.85 5.20 22.62
CA ALA B 95 -17.04 5.43 23.45
C ALA B 95 -18.33 5.13 22.68
N GLY B 96 -18.36 5.38 21.40
CA GLY B 96 -19.48 4.99 20.57
C GLY B 96 -19.67 3.48 20.47
N ILE B 97 -18.56 2.74 20.41
CA ILE B 97 -18.62 1.25 20.26
C ILE B 97 -19.08 0.67 21.60
N ASP B 98 -18.45 1.09 22.67
CA ASP B 98 -18.87 0.70 24.00
C ASP B 98 -20.34 1.02 24.32
N LYS B 99 -20.80 2.21 23.99
CA LYS B 99 -22.20 2.58 24.20
C LYS B 99 -23.18 1.65 23.47
N ILE B 100 -22.89 1.28 22.22
CA ILE B 100 -23.78 0.37 21.48
C ILE B 100 -23.90 -0.98 22.18
N MET B 101 -22.78 -1.45 22.76
CA MET B 101 -22.77 -2.75 23.43
C MET B 101 -23.57 -2.67 24.70
N ILE B 102 -23.33 -1.60 25.44
CA ILE B 102 -23.99 -1.39 26.71
C ILE B 102 -25.53 -1.24 26.55
N ASP B 103 -25.98 -0.46 25.58
CA ASP B 103 -27.43 -0.33 25.30
C ASP B 103 -28.07 -1.56 24.61
N LEU B 104 -27.31 -2.40 23.88
CA LEU B 104 -27.88 -3.64 23.30
C LEU B 104 -28.11 -4.68 24.39
N ASP B 105 -27.14 -4.80 25.28
CA ASP B 105 -27.32 -5.64 26.43
C ASP B 105 -28.57 -5.19 27.28
N GLY B 106 -28.56 -3.94 27.71
CA GLY B 106 -29.78 -3.30 28.20
C GLY B 106 -29.93 -3.41 29.70
N THR B 107 -28.99 -4.08 30.35
CA THR B 107 -29.04 -4.35 31.77
C THR B 107 -27.93 -3.57 32.44
N GLU B 108 -28.08 -3.44 33.74
CA GLU B 108 -27.17 -2.69 34.59
C GLU B 108 -25.79 -3.38 34.74
N ASN B 109 -25.79 -4.73 34.74
CA ASN B 109 -24.62 -5.54 35.11
C ASN B 109 -24.10 -6.37 33.93
N LYS B 110 -24.58 -6.07 32.73
CA LYS B 110 -24.15 -6.79 31.51
C LYS B 110 -24.45 -8.30 31.62
N SER B 111 -25.58 -8.61 32.29
CA SER B 111 -25.98 -9.95 32.62
C SER B 111 -26.63 -10.65 31.44
N LYS B 112 -26.89 -9.93 30.35
CA LYS B 112 -27.45 -10.52 29.15
C LYS B 112 -26.35 -11.14 28.22
N PHE B 113 -25.30 -10.37 27.94
CA PHE B 113 -24.21 -10.83 27.10
C PHE B 113 -23.03 -11.30 27.94
N GLY B 114 -22.91 -10.76 29.14
CA GLY B 114 -21.73 -11.01 29.94
C GLY B 114 -20.78 -9.85 29.71
N ALA B 115 -20.30 -9.31 30.80
CA ALA B 115 -19.12 -8.44 30.87
C ALA B 115 -17.88 -8.99 30.20
N ASN B 116 -17.75 -10.30 30.23
CA ASN B 116 -16.62 -10.99 29.64
C ASN B 116 -16.73 -10.90 28.09
N ALA B 117 -17.94 -10.99 27.54
CA ALA B 117 -18.15 -10.79 26.11
C ALA B 117 -17.90 -9.33 25.73
N ILE B 118 -18.58 -8.41 26.43
CA ILE B 118 -18.55 -6.99 26.11
C ILE B 118 -17.10 -6.50 26.26
N LEU B 119 -16.41 -6.82 27.33
CA LEU B 119 -15.04 -6.30 27.50
C LEU B 119 -14.04 -6.78 26.45
N ALA B 120 -14.09 -8.05 26.08
CA ALA B 120 -13.11 -8.61 25.14
C ALA B 120 -13.23 -7.89 23.83
N VAL B 121 -14.47 -7.63 23.42
CA VAL B 121 -14.70 -6.91 22.20
C VAL B 121 -14.23 -5.47 22.34
N SER B 122 -14.48 -4.88 23.52
CA SER B 122 -14.15 -3.49 23.81
C SER B 122 -12.62 -3.28 23.64
N LEU B 123 -11.87 -4.23 24.15
CA LEU B 123 -10.44 -4.14 24.12
C LEU B 123 -9.91 -4.55 22.74
N ALA B 124 -10.52 -5.53 22.07
CA ALA B 124 -10.05 -5.91 20.79
C ALA B 124 -10.27 -4.73 19.84
N ASN B 125 -11.44 -4.08 19.96
CA ASN B 125 -11.71 -2.87 19.19
C ASN B 125 -10.63 -1.79 19.34
N ALA B 126 -10.26 -1.48 20.58
CA ALA B 126 -9.23 -0.45 20.88
C ALA B 126 -7.91 -0.78 20.21
N LYS B 127 -7.56 -2.06 20.22
CA LYS B 127 -6.32 -2.54 19.59
C LYS B 127 -6.36 -2.36 18.11
N ALA B 128 -7.50 -2.71 17.50
CA ALA B 128 -7.66 -2.63 16.07
C ALA B 128 -7.58 -1.15 15.62
N ALA B 129 -8.27 -0.28 16.35
CA ALA B 129 -8.20 1.15 16.18
C ALA B 129 -6.79 1.75 16.31
N ALA B 130 -6.02 1.31 17.29
CA ALA B 130 -4.64 1.82 17.47
C ALA B 130 -3.88 1.52 16.20
N ALA B 131 -4.04 0.33 15.69
CA ALA B 131 -3.30 -0.07 14.51
C ALA B 131 -3.70 0.77 13.31
N ALA B 132 -4.98 1.00 13.20
CA ALA B 132 -5.47 1.81 12.11
C ALA B 132 -4.99 3.26 12.25
N LYS B 133 -4.80 3.75 13.48
CA LYS B 133 -4.25 5.09 13.73
C LYS B 133 -2.74 5.14 13.57
N GLY B 134 -2.13 4.01 13.35
CA GLY B 134 -0.72 3.91 13.08
C GLY B 134 0.14 4.09 14.33
N MET B 135 -0.37 3.65 15.47
CA MET B 135 0.31 3.87 16.76
C MET B 135 0.16 2.65 17.71
N PRO B 136 1.12 2.52 18.61
CA PRO B 136 1.04 1.52 19.71
C PRO B 136 -0.16 1.74 20.61
N LEU B 137 -0.52 0.72 21.36
CA LEU B 137 -1.73 0.79 22.12
C LEU B 137 -1.69 1.87 23.23
N TYR B 138 -0.53 2.11 23.86
CA TYR B 138 -0.48 3.10 24.97
C TYR B 138 -0.79 4.51 24.47
N GLU B 139 -0.32 4.78 23.25
CA GLU B 139 -0.52 6.03 22.59
C GLU B 139 -2.02 6.21 22.27
N HIS B 140 -2.69 5.16 21.81
CA HIS B 140 -4.11 5.28 21.52
C HIS B 140 -4.83 5.47 22.83
N ILE B 141 -4.38 4.77 23.88
CA ILE B 141 -5.04 4.88 25.17
C ILE B 141 -4.93 6.30 25.74
N ALA B 142 -3.74 6.91 25.74
CA ALA B 142 -3.68 8.29 26.19
C ALA B 142 -4.66 9.27 25.44
N GLU B 143 -4.85 9.09 24.15
CA GLU B 143 -5.76 9.90 23.41
C GLU B 143 -7.20 9.61 23.75
N LEU B 144 -7.53 8.33 23.95
CA LEU B 144 -8.88 7.96 24.44
C LEU B 144 -9.11 8.51 25.86
N ASN B 145 -8.03 8.60 26.64
CA ASN B 145 -8.06 9.03 28.03
C ASN B 145 -8.20 10.56 28.20
N GLY B 146 -7.97 11.30 27.11
CA GLY B 146 -8.06 12.77 27.16
C GLY B 146 -6.78 13.43 27.60
N THR B 147 -5.66 12.69 27.49
CA THR B 147 -4.31 13.10 27.98
C THR B 147 -3.28 12.71 26.95
N PRO B 148 -3.43 13.18 25.69
CA PRO B 148 -2.53 12.80 24.64
C PRO B 148 -1.06 13.12 24.96
N GLY B 149 -0.14 12.18 24.69
CA GLY B 149 1.31 12.38 24.88
C GLY B 149 1.83 12.28 26.32
N LYS B 150 0.93 12.05 27.28
CA LYS B 150 1.19 12.04 28.76
C LYS B 150 1.35 10.60 29.26
N TYR B 151 2.60 10.20 29.48
CA TYR B 151 2.86 8.83 29.91
C TYR B 151 3.72 8.81 31.22
N SER B 152 3.54 7.76 32.01
CA SER B 152 4.52 7.39 33.07
C SER B 152 4.68 5.86 33.06
N MET B 153 5.87 5.40 33.47
CA MET B 153 6.10 3.97 33.79
C MET B 153 5.57 3.75 35.20
N PRO B 154 4.64 2.78 35.40
CA PRO B 154 4.07 2.61 36.76
C PRO B 154 5.02 1.94 37.73
N VAL B 155 4.76 2.22 39.01
CA VAL B 155 5.49 1.65 40.14
C VAL B 155 4.79 0.36 40.52
N PRO B 156 5.47 -0.78 40.36
CA PRO B 156 4.80 -2.07 40.58
C PRO B 156 4.68 -2.46 42.05
N MET B 157 3.50 -2.93 42.45
CA MET B 157 3.34 -3.60 43.71
C MET B 157 3.23 -5.11 43.38
N MET B 158 4.24 -5.89 43.84
CA MET B 158 4.45 -7.32 43.49
C MET B 158 4.13 -8.31 44.59
N ASN B 159 3.24 -9.25 44.29
CA ASN B 159 2.68 -10.21 45.27
C ASN B 159 3.56 -11.46 45.56
N ILE B 160 4.53 -11.34 46.48
CA ILE B 160 5.45 -12.47 46.81
C ILE B 160 5.11 -13.44 47.96
N ILE B 161 4.17 -13.10 48.84
CA ILE B 161 3.72 -13.99 49.92
C ILE B 161 2.18 -13.92 50.03
N ASN B 162 1.55 -15.09 49.99
CA ASN B 162 0.08 -15.17 49.93
C ASN B 162 -0.53 -15.72 51.25
N GLY B 163 -1.70 -15.21 51.62
CA GLY B 163 -2.52 -15.76 52.68
C GLY B 163 -3.96 -15.91 52.24
N GLY B 164 -4.85 -15.97 53.23
CA GLY B 164 -6.30 -15.95 53.04
C GLY B 164 -6.85 -17.29 52.58
N GLU B 165 -7.85 -17.22 51.71
CA GLU B 165 -8.57 -18.39 51.17
C GLU B 165 -7.70 -19.37 50.34
N HIS B 166 -7.15 -18.84 49.22
CA HIS B 166 -6.39 -19.62 48.20
C HIS B 166 -4.91 -19.78 48.65
N ALA B 167 -4.71 -20.32 49.85
CA ALA B 167 -3.38 -20.41 50.47
C ALA B 167 -3.47 -21.31 51.69
N ASP B 168 -2.46 -22.19 51.84
CA ASP B 168 -2.49 -23.34 52.77
C ASP B 168 -1.72 -23.01 54.08
N ASN B 169 -2.17 -21.98 54.79
CA ASN B 169 -1.43 -21.45 55.97
C ASN B 169 -2.35 -20.77 57.02
N ASN B 170 -1.77 -20.14 58.02
CA ASN B 170 -2.54 -19.34 59.00
C ASN B 170 -2.75 -17.85 58.59
N VAL B 171 -2.07 -17.40 57.53
CA VAL B 171 -2.03 -15.97 57.15
C VAL B 171 -3.40 -15.58 56.58
N ASP B 172 -3.94 -14.44 57.01
CA ASP B 172 -5.31 -14.01 56.60
C ASP B 172 -5.34 -12.95 55.49
N ILE B 173 -4.40 -12.02 55.59
CA ILE B 173 -4.19 -10.97 54.59
C ILE B 173 -3.88 -11.73 53.30
N GLN B 174 -4.75 -11.56 52.28
CA GLN B 174 -4.64 -12.27 50.99
C GLN B 174 -3.28 -12.07 50.29
N GLU B 175 -2.64 -10.90 50.39
CA GLU B 175 -1.42 -10.65 49.58
C GLU B 175 -0.48 -9.71 50.29
N PHE B 176 0.81 -10.01 50.27
CA PHE B 176 1.82 -9.11 50.78
C PHE B 176 2.75 -8.79 49.65
N MET B 177 2.97 -7.50 49.34
CA MET B 177 3.66 -7.10 48.12
C MET B 177 4.84 -6.25 48.47
N ILE B 178 5.82 -6.23 47.59
CA ILE B 178 6.91 -5.28 47.64
C ILE B 178 6.68 -4.27 46.51
N GLN B 179 7.17 -3.04 46.72
CA GLN B 179 7.19 -1.93 45.76
C GLN B 179 8.60 -1.33 45.66
N PRO B 180 9.29 -1.45 44.49
CA PRO B 180 10.68 -0.97 44.33
C PRO B 180 10.81 0.51 44.00
N VAL B 181 10.42 1.31 44.98
CA VAL B 181 10.35 2.75 44.86
C VAL B 181 11.70 3.43 44.60
N GLY B 182 12.80 2.85 45.00
CA GLY B 182 14.09 3.51 44.77
C GLY B 182 14.74 3.25 43.45
N ALA B 183 14.07 2.45 42.61
CA ALA B 183 14.53 2.20 41.25
C ALA B 183 14.37 3.48 40.41
N LYS B 184 15.27 3.70 39.45
CA LYS B 184 15.22 4.82 38.49
C LYS B 184 14.32 4.56 37.25
N THR B 185 14.28 3.31 36.82
CA THR B 185 13.49 2.91 35.64
C THR B 185 12.62 1.75 36.07
N VAL B 186 11.61 1.42 35.28
CA VAL B 186 10.79 0.22 35.52
C VAL B 186 11.61 -1.04 35.28
N LYS B 187 12.60 -0.95 34.37
CA LYS B 187 13.50 -2.07 34.08
C LYS B 187 14.26 -2.49 35.35
N GLU B 188 14.74 -1.48 36.07
CA GLU B 188 15.43 -1.69 37.36
C GLU B 188 14.46 -2.18 38.47
N ALA B 189 13.27 -1.57 38.55
CA ALA B 189 12.20 -2.05 39.47
C ALA B 189 11.91 -3.53 39.30
N ILE B 190 11.86 -3.97 38.03
CA ILE B 190 11.61 -5.37 37.68
C ILE B 190 12.78 -6.29 38.06
N ARG B 191 14.00 -5.88 37.71
CA ARG B 191 15.17 -6.62 38.15
C ARG B 191 15.21 -6.81 39.72
N MET B 192 14.94 -5.73 40.45
CA MET B 192 14.91 -5.71 41.91
C MET B 192 13.85 -6.67 42.40
N GLY B 193 12.72 -6.69 41.73
CA GLY B 193 11.61 -7.57 42.08
C GLY B 193 12.00 -9.04 41.93
N SER B 194 12.65 -9.33 40.82
CA SER B 194 13.04 -10.69 40.50
C SER B 194 14.07 -11.14 41.55
N GLU B 195 15.08 -10.31 41.84
CA GLU B 195 16.15 -10.68 42.80
C GLU B 195 15.66 -10.96 44.23
N VAL B 196 14.71 -10.15 44.70
CA VAL B 196 14.07 -10.34 46.00
C VAL B 196 13.25 -11.63 45.99
N PHE B 197 12.40 -11.83 44.98
CA PHE B 197 11.69 -13.12 44.78
C PHE B 197 12.64 -14.32 44.83
N HIS B 198 13.84 -14.19 44.24
CA HIS B 198 14.82 -15.30 44.22
C HIS B 198 15.47 -15.52 45.61
N HIS B 199 15.77 -14.42 46.32
CA HIS B 199 16.29 -14.54 47.67
C HIS B 199 15.27 -15.12 48.65
N LEU B 200 13.99 -14.72 48.51
CA LEU B 200 12.88 -15.28 49.31
C LEU B 200 12.71 -16.79 49.09
N ALA B 201 12.98 -17.26 47.87
CA ALA B 201 13.07 -18.72 47.62
C ALA B 201 14.17 -19.40 48.52
N LYS B 202 15.39 -18.84 48.54
CA LYS B 202 16.48 -19.35 49.39
C LYS B 202 16.14 -19.26 50.91
N VAL B 203 15.51 -18.16 51.30
CA VAL B 203 15.02 -18.01 52.66
C VAL B 203 13.96 -19.05 53.06
N LEU B 204 12.89 -19.19 52.28
CA LEU B 204 11.86 -20.20 52.62
C LEU B 204 12.37 -21.67 52.70
N LYS B 205 13.36 -21.99 51.87
CA LYS B 205 14.00 -23.32 51.85
C LYS B 205 14.77 -23.59 53.14
N ALA B 206 15.60 -22.62 53.56
CA ALA B 206 16.33 -22.69 54.84
C ALA B 206 15.38 -22.89 56.06
N LYS B 207 14.16 -22.37 55.98
CA LYS B 207 13.09 -22.70 56.95
C LYS B 207 12.35 -24.04 56.71
N GLY B 208 12.83 -24.85 55.77
CA GLY B 208 12.09 -26.04 55.34
C GLY B 208 10.69 -25.83 54.79
N MET B 209 10.39 -24.63 54.26
CA MET B 209 9.04 -24.32 53.74
C MET B 209 8.96 -24.49 52.21
N ASN B 210 7.73 -24.73 51.74
CA ASN B 210 7.43 -24.96 50.32
C ASN B 210 7.56 -23.65 49.46
N THR B 211 8.28 -23.77 48.33
CA THR B 211 8.47 -22.72 47.36
C THR B 211 7.61 -22.87 46.08
N ALA B 212 6.68 -23.82 46.05
CA ALA B 212 5.70 -23.89 44.93
C ALA B 212 4.79 -22.64 44.94
N VAL B 213 4.07 -22.39 43.84
CA VAL B 213 3.66 -21.01 43.51
C VAL B 213 2.13 -20.97 43.41
N GLY B 214 1.53 -19.86 43.86
CA GLY B 214 0.09 -19.63 43.70
C GLY B 214 -0.28 -18.96 42.37
N ASP B 215 -1.56 -18.61 42.24
CA ASP B 215 -2.15 -18.09 40.98
C ASP B 215 -1.45 -16.82 40.43
N GLU B 216 -0.89 -16.03 41.34
CA GLU B 216 -0.20 -14.78 41.04
C GLU B 216 1.31 -14.92 41.06
N GLY B 217 1.80 -16.15 41.04
CA GLY B 217 3.24 -16.38 40.97
C GLY B 217 3.99 -16.20 42.27
N GLY B 218 3.23 -15.96 43.35
CA GLY B 218 3.78 -15.78 44.67
C GLY B 218 3.81 -17.07 45.48
N TYR B 219 4.55 -17.04 46.58
CA TYR B 219 4.71 -18.21 47.43
C TYR B 219 3.55 -18.24 48.42
N ALA B 220 3.20 -19.45 48.88
CA ALA B 220 2.20 -19.69 49.97
C ALA B 220 2.75 -20.67 51.03
N PRO B 221 3.87 -20.31 51.68
CA PRO B 221 4.46 -21.18 52.68
C PRO B 221 3.63 -21.19 53.96
N ASN B 222 3.69 -22.31 54.69
CA ASN B 222 2.98 -22.50 55.96
C ASN B 222 3.59 -21.62 57.07
N LEU B 223 3.02 -20.43 57.25
CA LEU B 223 3.48 -19.47 58.25
C LEU B 223 2.42 -19.34 59.36
N GLY B 224 2.90 -19.21 60.60
CA GLY B 224 2.05 -19.23 61.80
C GLY B 224 1.25 -17.96 62.01
N SER B 225 1.84 -16.80 61.67
CA SER B 225 1.17 -15.47 61.85
C SER B 225 1.36 -14.53 60.65
N ASN B 226 0.51 -13.50 60.58
CA ASN B 226 0.63 -12.45 59.58
C ASN B 226 1.96 -11.70 59.66
N ALA B 227 2.37 -11.26 60.85
CA ALA B 227 3.72 -10.64 61.02
C ALA B 227 4.92 -11.51 60.60
N GLU B 228 4.76 -12.83 60.60
CA GLU B 228 5.82 -13.73 60.12
C GLU B 228 6.11 -13.46 58.60
N ALA B 229 5.04 -13.17 57.86
CA ALA B 229 5.12 -12.84 56.42
C ALA B 229 6.08 -11.69 56.14
N LEU B 230 5.94 -10.62 56.92
CA LEU B 230 6.69 -9.39 56.70
C LEU B 230 8.16 -9.54 57.12
N ALA B 231 8.36 -10.26 58.22
CA ALA B 231 9.71 -10.62 58.66
C ALA B 231 10.46 -11.44 57.57
N VAL B 232 9.74 -12.39 56.95
CA VAL B 232 10.31 -13.25 55.90
C VAL B 232 10.68 -12.42 54.66
N ILE B 233 9.72 -11.62 54.19
CA ILE B 233 9.93 -10.61 53.11
C ILE B 233 11.13 -9.71 53.48
N ALA B 234 11.12 -9.16 54.70
CA ALA B 234 12.26 -8.35 55.18
C ALA B 234 13.60 -9.10 55.10
N GLU B 235 13.61 -10.36 55.50
CA GLU B 235 14.88 -11.10 55.48
C GLU B 235 15.25 -11.26 53.99
N ALA B 236 14.27 -11.64 53.18
CA ALA B 236 14.48 -11.73 51.73
C ALA B 236 15.03 -10.43 51.11
N VAL B 237 14.46 -9.27 51.49
CA VAL B 237 14.95 -7.94 50.98
C VAL B 237 16.40 -7.62 51.40
N LYS B 238 16.69 -7.91 52.67
CA LYS B 238 18.01 -7.72 53.23
C LYS B 238 19.00 -8.59 52.47
N ALA B 239 18.68 -9.88 52.33
CA ALA B 239 19.56 -10.80 51.59
C ALA B 239 19.90 -10.33 50.15
N ALA B 240 18.94 -9.64 49.53
CA ALA B 240 19.12 -9.10 48.17
C ALA B 240 20.02 -7.86 48.09
N GLY B 241 20.44 -7.31 49.25
CA GLY B 241 21.30 -6.11 49.28
C GLY B 241 20.51 -4.82 49.23
N TYR B 242 19.23 -4.87 49.60
CA TYR B 242 18.33 -3.69 49.51
C TYR B 242 17.90 -3.30 50.93
N GLU B 243 17.86 -2.00 51.23
CA GLU B 243 17.35 -1.53 52.54
C GLU B 243 15.86 -1.44 52.44
N LEU B 244 15.13 -2.12 53.32
CA LEU B 244 13.68 -1.83 53.46
C LEU B 244 13.44 -0.33 53.83
N GLY B 245 12.28 0.24 53.51
CA GLY B 245 12.01 1.67 53.71
C GLY B 245 12.58 2.62 52.66
N LYS B 246 13.90 2.59 52.41
CA LYS B 246 14.55 3.36 51.30
C LYS B 246 14.27 2.80 49.87
N ASP B 247 14.76 1.59 49.58
CA ASP B 247 14.68 0.93 48.25
C ASP B 247 13.36 0.18 48.01
N ILE B 248 12.75 -0.36 49.05
CA ILE B 248 11.50 -1.09 48.90
C ILE B 248 10.55 -0.76 50.02
N THR B 249 9.28 -0.56 49.69
CA THR B 249 8.24 -0.33 50.65
C THR B 249 7.37 -1.55 50.54
N LEU B 250 6.30 -1.64 51.30
CA LEU B 250 5.48 -2.82 51.30
C LEU B 250 4.04 -2.43 51.17
N ALA B 251 3.24 -3.36 50.69
CA ALA B 251 1.82 -3.13 50.51
C ALA B 251 1.09 -4.42 50.79
N MET B 252 -0.23 -4.33 50.95
CA MET B 252 -1.07 -5.47 51.30
C MET B 252 -2.40 -5.32 50.58
N ASP B 253 -2.97 -6.47 50.21
CA ASP B 253 -4.38 -6.63 49.85
C ASP B 253 -5.01 -7.52 50.93
N CYS B 254 -5.77 -6.90 51.81
CA CYS B 254 -6.38 -7.63 52.94
C CYS B 254 -7.49 -8.50 52.46
N ALA B 255 -8.16 -8.11 51.39
CA ALA B 255 -9.37 -8.83 50.88
C ALA B 255 -10.31 -9.20 52.03
N ALA B 256 -10.58 -8.22 52.88
CA ALA B 256 -11.22 -8.46 54.14
C ALA B 256 -12.68 -8.92 54.00
N SER B 257 -13.30 -8.76 52.83
CA SER B 257 -14.65 -9.30 52.64
C SER B 257 -14.73 -10.83 52.77
N GLU B 258 -13.62 -11.53 52.48
CA GLU B 258 -13.57 -13.00 52.54
C GLU B 258 -13.40 -13.57 53.97
N PHE B 259 -13.15 -12.70 54.98
CA PHE B 259 -13.18 -13.10 56.41
C PHE B 259 -14.10 -12.22 57.32
N TYR B 260 -15.33 -11.98 56.86
CA TYR B 260 -16.32 -11.15 57.55
C TYR B 260 -17.64 -11.93 57.60
N LYS B 261 -17.98 -12.45 58.80
CA LYS B 261 -19.29 -13.04 59.12
C LYS B 261 -19.90 -12.25 60.28
N ASP B 262 -21.23 -12.18 60.33
CA ASP B 262 -21.96 -11.68 61.51
C ASP B 262 -21.43 -10.34 62.07
N GLY B 263 -21.19 -9.36 61.20
CA GLY B 263 -20.73 -8.05 61.64
C GLY B 263 -19.30 -7.89 62.18
N LYS B 264 -18.42 -8.89 62.03
CA LYS B 264 -16.98 -8.71 62.41
C LYS B 264 -15.92 -9.60 61.68
N TYR B 265 -14.64 -9.22 61.86
CA TYR B 265 -13.48 -9.81 61.17
C TYR B 265 -12.85 -10.95 61.95
N VAL B 266 -13.08 -12.18 61.44
CA VAL B 266 -12.69 -13.44 62.12
C VAL B 266 -11.17 -13.60 62.38
N LEU B 267 -10.35 -13.58 61.33
CA LEU B 267 -8.88 -13.56 61.47
C LEU B 267 -8.27 -14.87 62.07
N ALA B 268 -8.56 -15.99 61.39
CA ALA B 268 -8.19 -17.37 61.82
C ALA B 268 -6.76 -17.65 62.41
N GLY B 269 -5.73 -16.91 61.98
CA GLY B 269 -4.32 -17.24 62.29
C GLY B 269 -3.41 -16.20 62.93
N GLU B 270 -4.00 -15.17 63.56
CA GLU B 270 -3.34 -14.45 64.66
C GLU B 270 -4.00 -15.01 65.92
N GLY B 271 -3.66 -16.27 66.21
CA GLY B 271 -4.28 -17.05 67.28
C GLY B 271 -5.78 -16.77 67.40
N ASN B 272 -6.55 -17.13 66.38
CA ASN B 272 -8.01 -17.07 66.47
C ASN B 272 -8.65 -17.90 65.34
N PHE B 275 -12.21 -9.64 65.51
CA PHE B 275 -12.03 -8.18 65.64
C PHE B 275 -13.27 -7.38 65.16
N THR B 276 -13.49 -6.22 65.80
CA THR B 276 -14.45 -5.20 65.32
C THR B 276 -13.73 -4.30 64.27
N SER B 277 -14.49 -3.60 63.42
CA SER B 277 -13.93 -2.66 62.39
C SER B 277 -12.82 -1.77 62.94
N GLU B 278 -13.17 -1.13 64.05
CA GLU B 278 -12.30 -0.23 64.77
C GLU B 278 -10.98 -0.90 65.19
N GLU B 279 -11.05 -2.15 65.65
CA GLU B 279 -9.87 -2.85 66.16
C GLU B 279 -9.03 -3.46 65.00
N PHE B 280 -9.72 -4.01 63.99
CA PHE B 280 -9.02 -4.40 62.74
C PHE B 280 -8.09 -3.26 62.21
N THR B 281 -8.69 -2.07 62.03
CA THR B 281 -7.98 -0.81 61.70
C THR B 281 -6.74 -0.53 62.55
N HIS B 282 -6.89 -0.65 63.87
CA HIS B 282 -5.79 -0.34 64.83
C HIS B 282 -4.73 -1.42 64.80
N PHE B 283 -5.15 -2.66 64.55
CA PHE B 283 -4.22 -3.75 64.16
C PHE B 283 -3.34 -3.37 62.94
N LEU B 284 -3.97 -2.88 61.87
CA LEU B 284 -3.19 -2.45 60.68
C LEU B 284 -2.28 -1.24 61.02
N GLU B 285 -2.79 -0.35 61.88
CA GLU B 285 -1.99 0.79 62.36
C GLU B 285 -0.64 0.36 62.98
N GLU B 286 -0.69 -0.59 63.93
CA GLU B 286 0.54 -1.10 64.60
C GLU B 286 1.53 -1.62 63.53
N LEU B 287 1.00 -2.44 62.62
CA LEU B 287 1.78 -2.97 61.48
C LEU B 287 2.51 -1.88 60.68
N THR B 288 1.81 -0.79 60.36
CA THR B 288 2.46 0.33 59.62
C THR B 288 3.52 1.09 60.45
N LYS B 289 3.45 0.97 61.80
CA LYS B 289 4.55 1.46 62.67
C LYS B 289 5.71 0.47 62.73
N GLN B 290 5.39 -0.82 62.76
CA GLN B 290 6.43 -1.84 62.71
C GLN B 290 7.22 -1.83 61.37
N TYR B 291 6.51 -2.03 60.27
CA TYR B 291 7.11 -2.22 58.94
C TYR B 291 6.68 -1.11 57.99
N PRO B 292 7.51 -0.75 56.98
CA PRO B 292 7.15 0.31 56.00
C PRO B 292 6.07 -0.10 55.00
N ILE B 293 4.93 -0.55 55.53
CA ILE B 293 3.69 -0.71 54.78
C ILE B 293 3.20 0.69 54.40
N VAL B 294 2.99 0.92 53.10
CA VAL B 294 2.55 2.21 52.59
C VAL B 294 1.17 2.12 51.91
N SER B 295 0.66 0.90 51.71
CA SER B 295 -0.58 0.73 50.95
C SER B 295 -1.32 -0.48 51.47
N ILE B 296 -2.62 -0.30 51.71
CA ILE B 296 -3.44 -1.35 52.22
C ILE B 296 -4.73 -1.35 51.45
N GLU B 297 -5.01 -2.46 50.77
CA GLU B 297 -6.22 -2.60 49.95
C GLU B 297 -7.31 -3.40 50.63
N ASP B 298 -8.56 -3.04 50.33
CA ASP B 298 -9.71 -3.74 50.84
C ASP B 298 -9.52 -4.12 52.35
N GLY B 299 -9.03 -3.17 53.17
CA GLY B 299 -8.86 -3.36 54.63
C GLY B 299 -10.14 -3.64 55.47
N LEU B 300 -11.31 -3.63 54.85
CA LEU B 300 -12.59 -3.92 55.51
C LEU B 300 -13.53 -4.49 54.45
N ASP B 301 -14.67 -5.03 54.91
CA ASP B 301 -15.69 -5.50 54.02
C ASP B 301 -16.11 -4.36 53.05
N GLU B 302 -16.42 -4.79 51.83
CA GLU B 302 -17.03 -3.95 50.81
C GLU B 302 -18.37 -3.32 51.25
N SER B 303 -18.98 -3.73 52.38
CA SER B 303 -20.25 -3.13 52.80
C SER B 303 -20.21 -2.22 54.02
N ASP B 304 -19.15 -2.21 54.84
CA ASP B 304 -19.13 -1.25 55.99
C ASP B 304 -18.32 0.01 55.64
N TRP B 305 -19.07 0.92 55.02
CA TRP B 305 -18.57 2.24 54.63
C TRP B 305 -18.20 3.09 55.86
N ASP B 306 -18.89 2.86 56.98
CA ASP B 306 -18.60 3.56 58.26
C ASP B 306 -17.23 3.15 58.75
N GLY B 307 -16.94 1.85 58.71
CA GLY B 307 -15.62 1.37 59.13
C GLY B 307 -14.55 1.98 58.24
N PHE B 308 -14.84 2.02 56.94
CA PHE B 308 -13.89 2.59 55.98
C PHE B 308 -13.72 4.09 56.24
N ALA B 309 -14.83 4.81 56.43
CA ALA B 309 -14.75 6.22 56.87
C ALA B 309 -13.80 6.31 58.05
N TYR B 310 -13.99 5.43 59.05
CA TYR B 310 -13.13 5.41 60.22
C TYR B 310 -11.66 5.15 59.84
N GLN B 311 -11.43 4.05 59.10
CA GLN B 311 -10.08 3.70 58.61
C GLN B 311 -9.42 4.85 57.86
N THR B 312 -10.21 5.51 57.01
CA THR B 312 -9.65 6.64 56.25
C THR B 312 -9.29 7.76 57.21
N LYS B 313 -10.16 8.03 58.18
CA LYS B 313 -9.85 9.03 59.27
C LYS B 313 -8.48 8.70 59.90
N VAL B 314 -8.33 7.48 60.37
CA VAL B 314 -7.13 7.08 61.11
C VAL B 314 -5.88 7.01 60.25
N LEU B 315 -6.00 6.29 59.13
CA LEU B 315 -4.85 5.89 58.30
C LEU B 315 -4.53 6.84 57.11
N GLY B 316 -5.59 7.41 56.54
CA GLY B 316 -5.56 8.46 55.49
C GLY B 316 -4.26 9.18 55.09
N ASP B 317 -3.61 9.86 56.02
CA ASP B 317 -2.53 10.82 55.68
C ASP B 317 -1.11 10.26 55.47
N LYS B 318 -0.84 9.08 56.01
CA LYS B 318 0.50 8.47 55.89
C LYS B 318 0.51 7.29 54.91
N ILE B 319 -0.65 6.67 54.65
CA ILE B 319 -0.71 5.48 53.81
C ILE B 319 -1.90 5.43 52.85
N GLN B 320 -1.65 4.86 51.68
CA GLN B 320 -2.64 4.67 50.66
C GLN B 320 -3.67 3.60 51.00
N LEU B 321 -4.92 3.92 50.80
CA LEU B 321 -6.01 3.03 51.14
C LEU B 321 -6.81 2.75 49.88
N VAL B 322 -6.73 1.50 49.41
CA VAL B 322 -7.18 1.14 48.06
C VAL B 322 -8.53 0.36 48.05
N GLY B 323 -9.56 0.89 47.41
CA GLY B 323 -10.84 0.15 47.30
C GLY B 323 -10.74 -0.75 46.05
N ASP B 324 -11.05 -2.03 46.18
CA ASP B 324 -11.06 -2.93 45.05
C ASP B 324 -12.48 -3.45 45.00
N ASP B 325 -12.83 -4.40 45.86
CA ASP B 325 -14.24 -4.87 45.98
C ASP B 325 -15.17 -3.71 46.39
N LEU B 326 -14.59 -2.77 47.17
CA LEU B 326 -15.26 -1.51 47.64
C LEU B 326 -15.94 -0.66 46.52
N PHE B 327 -15.14 -0.41 45.46
CA PHE B 327 -15.53 0.38 44.26
C PHE B 327 -15.83 -0.40 42.97
N VAL B 328 -15.33 -1.63 42.83
CA VAL B 328 -15.44 -2.46 41.58
C VAL B 328 -15.34 -1.62 40.24
N THR B 329 -14.31 -0.76 40.20
CA THR B 329 -14.06 0.15 39.05
C THR B 329 -15.38 0.73 38.49
N ASN B 330 -16.19 1.27 39.40
CA ASN B 330 -17.57 1.72 39.09
C ASN B 330 -17.72 3.16 39.54
N THR B 331 -17.80 4.07 38.57
CA THR B 331 -17.96 5.52 38.83
C THR B 331 -19.18 5.79 39.74
N LYS B 332 -20.29 5.10 39.49
CA LYS B 332 -21.50 5.16 40.33
C LYS B 332 -21.23 5.05 41.85
N ILE B 333 -20.29 4.17 42.16
CA ILE B 333 -19.93 3.77 43.51
C ILE B 333 -18.71 4.52 43.97
N LEU B 334 -17.73 4.69 43.11
CA LEU B 334 -16.58 5.55 43.51
C LEU B 334 -17.00 7.05 43.86
N LYS B 335 -18.08 7.53 43.24
CA LYS B 335 -18.57 8.91 43.40
C LYS B 335 -19.07 9.08 44.85
N GLU B 336 -19.94 8.16 45.29
CA GLU B 336 -20.39 8.12 46.70
C GLU B 336 -19.23 8.06 47.69
N GLY B 337 -18.20 7.31 47.37
CA GLY B 337 -17.07 7.15 48.25
C GLY B 337 -16.28 8.41 48.35
N ILE B 338 -16.18 9.14 47.24
CA ILE B 338 -15.51 10.47 47.26
C ILE B 338 -16.25 11.46 48.22
N GLU B 339 -17.57 11.55 48.05
CA GLU B 339 -18.46 12.43 48.83
C GLU B 339 -18.38 12.16 50.35
N LYS B 340 -18.12 10.88 50.74
CA LYS B 340 -18.03 10.47 52.15
C LYS B 340 -16.63 10.17 52.69
N GLY B 341 -15.56 10.79 52.15
CA GLY B 341 -14.19 10.52 52.64
C GLY B 341 -13.81 9.03 52.86
N ILE B 342 -14.36 8.09 52.06
CA ILE B 342 -14.03 6.63 52.01
C ILE B 342 -12.74 6.49 51.16
N ALA B 343 -11.65 6.03 51.73
CA ALA B 343 -10.47 5.64 50.96
C ALA B 343 -9.84 6.81 50.28
N ASN B 344 -8.70 6.54 49.66
CA ASN B 344 -8.04 7.55 48.86
C ASN B 344 -7.36 6.96 47.60
N SER B 345 -7.86 5.78 47.16
CA SER B 345 -7.27 5.05 46.03
C SER B 345 -8.30 4.04 45.53
N ILE B 346 -8.17 3.72 44.24
CA ILE B 346 -8.99 2.72 43.58
C ILE B 346 -8.06 1.78 42.77
N LEU B 347 -8.40 0.48 42.84
CA LEU B 347 -7.78 -0.54 42.04
C LEU B 347 -8.66 -0.66 40.80
N ILE B 348 -8.02 -0.51 39.64
CA ILE B 348 -8.69 -0.49 38.35
C ILE B 348 -8.57 -1.90 37.64
N LYS B 349 -9.73 -2.51 37.48
CA LYS B 349 -9.86 -3.74 36.82
C LYS B 349 -10.91 -3.57 35.77
N PHE B 350 -10.52 -3.57 34.48
CA PHE B 350 -11.55 -3.38 33.45
C PHE B 350 -12.70 -4.40 33.42
N ASN B 351 -12.44 -5.63 33.88
CA ASN B 351 -13.52 -6.65 33.77
C ASN B 351 -14.53 -6.52 34.94
N GLN B 352 -14.19 -5.74 35.98
CA GLN B 352 -15.18 -5.34 37.01
C GLN B 352 -16.36 -4.49 36.47
N ILE B 353 -16.12 -3.61 35.47
CA ILE B 353 -17.17 -2.77 34.86
C ILE B 353 -17.55 -3.23 33.45
N GLY B 354 -16.57 -3.70 32.69
CA GLY B 354 -16.82 -4.48 31.47
C GLY B 354 -16.67 -3.77 30.14
N SER B 355 -16.08 -2.56 30.19
CA SER B 355 -15.71 -1.79 29.01
C SER B 355 -14.53 -0.86 29.26
N LEU B 356 -13.83 -0.51 28.20
CA LEU B 356 -12.66 0.38 28.32
C LEU B 356 -13.11 1.84 28.61
N THR B 357 -14.21 2.25 28.01
CA THR B 357 -14.69 3.62 28.21
C THR B 357 -15.04 3.86 29.68
N GLU B 358 -15.75 2.92 30.30
CA GLU B 358 -16.10 3.05 31.76
C GLU B 358 -14.88 2.92 32.64
N THR B 359 -13.87 2.21 32.17
CA THR B 359 -12.64 2.09 32.93
C THR B 359 -11.89 3.41 32.93
N LEU B 360 -11.82 4.05 31.75
CA LEU B 360 -11.15 5.37 31.67
C LEU B 360 -11.95 6.37 32.54
N ALA B 361 -13.28 6.33 32.49
CA ALA B 361 -14.13 7.23 33.31
C ALA B 361 -13.85 6.97 34.80
N ALA B 362 -13.64 5.70 35.20
CA ALA B 362 -13.25 5.43 36.60
C ALA B 362 -11.91 6.11 36.98
N ILE B 363 -10.89 6.05 36.10
CA ILE B 363 -9.55 6.60 36.41
C ILE B 363 -9.60 8.12 36.47
N LYS B 364 -10.34 8.73 35.55
CA LYS B 364 -10.53 10.17 35.53
C LYS B 364 -11.20 10.63 36.84
N MET B 365 -12.30 9.99 37.25
CA MET B 365 -12.98 10.41 38.51
C MET B 365 -12.07 10.31 39.73
N ALA B 366 -11.26 9.26 39.79
CA ALA B 366 -10.23 9.19 40.82
C ALA B 366 -9.21 10.33 40.72
N LYS B 367 -8.58 10.55 39.58
CA LYS B 367 -7.48 11.56 39.54
C LYS B 367 -7.95 12.99 39.92
N ASP B 368 -9.18 13.32 39.47
CA ASP B 368 -9.91 14.58 39.71
C ASP B 368 -10.24 14.82 41.17
N ALA B 369 -10.53 13.77 41.92
CA ALA B 369 -10.64 13.88 43.38
C ALA B 369 -9.33 13.69 44.18
N GLY B 370 -8.14 13.65 43.55
CA GLY B 370 -6.84 13.40 44.26
C GLY B 370 -6.55 11.90 44.66
N TYR B 371 -7.50 10.99 44.41
CA TYR B 371 -7.27 9.54 44.61
C TYR B 371 -6.28 9.01 43.53
N THR B 372 -5.34 8.15 43.93
CA THR B 372 -4.47 7.42 43.01
C THR B 372 -5.20 6.24 42.35
N ALA B 373 -4.66 5.78 41.22
CA ALA B 373 -5.26 4.68 40.47
C ALA B 373 -4.22 3.61 40.33
N VAL B 374 -4.59 2.40 40.72
CA VAL B 374 -3.64 1.28 40.64
C VAL B 374 -4.25 0.33 39.61
N ILE B 375 -3.59 0.21 38.46
CA ILE B 375 -4.11 -0.65 37.36
C ILE B 375 -3.85 -2.12 37.77
N SER B 376 -4.87 -2.93 37.73
CA SER B 376 -4.74 -4.30 38.28
C SER B 376 -5.08 -5.48 37.36
N HIS B 377 -4.33 -6.54 37.61
CA HIS B 377 -4.68 -7.87 37.10
C HIS B 377 -5.87 -8.48 37.86
N ARG B 378 -6.34 -9.61 37.34
CA ARG B 378 -7.19 -10.55 38.07
C ARG B 378 -6.32 -11.78 38.39
N SER B 379 -6.89 -12.70 39.19
CA SER B 379 -6.27 -14.01 39.48
C SER B 379 -6.20 -14.87 38.24
N GLY B 380 -7.29 -14.89 37.49
CA GLY B 380 -7.33 -15.56 36.18
C GLY B 380 -6.91 -14.58 35.08
N GLU B 381 -5.70 -14.77 34.57
CA GLU B 381 -5.13 -13.94 33.52
C GLU B 381 -4.95 -14.76 32.24
N THR B 382 -4.49 -14.07 31.21
CA THR B 382 -4.01 -14.66 29.99
C THR B 382 -2.64 -14.08 29.67
N GLU B 383 -2.16 -14.38 28.48
CA GLU B 383 -0.86 -13.91 27.96
C GLU B 383 -0.91 -12.41 27.49
N ASP B 384 -2.13 -11.91 27.20
CA ASP B 384 -2.52 -10.48 27.01
C ASP B 384 -1.75 -9.57 27.98
N ALA B 385 -1.12 -8.52 27.49
CA ALA B 385 -0.43 -7.56 28.34
C ALA B 385 -1.08 -6.16 28.33
N THR B 386 -2.35 -6.09 27.98
CA THR B 386 -3.06 -4.86 27.83
C THR B 386 -2.95 -3.89 29.01
N ILE B 387 -2.92 -4.45 30.24
CA ILE B 387 -2.84 -3.63 31.44
C ILE B 387 -1.53 -2.86 31.52
N ALA B 388 -0.45 -3.39 30.93
CA ALA B 388 0.81 -2.63 30.89
C ALA B 388 0.60 -1.37 30.02
N ASP B 389 0.00 -1.54 28.84
CA ASP B 389 -0.27 -0.35 28.00
C ASP B 389 -1.27 0.65 28.67
N LEU B 390 -2.28 0.13 29.36
CA LEU B 390 -3.28 0.94 30.06
C LEU B 390 -2.68 1.78 31.17
N ALA B 391 -1.81 1.20 31.98
CA ALA B 391 -1.14 1.94 33.02
C ALA B 391 -0.22 3.04 32.47
N VAL B 392 0.46 2.75 31.35
CA VAL B 392 1.35 3.76 30.77
C VAL B 392 0.53 4.92 30.11
N GLY B 393 -0.48 4.56 29.36
CA GLY B 393 -1.25 5.51 28.60
C GLY B 393 -2.18 6.38 29.44
N THR B 394 -2.54 5.91 30.63
CA THR B 394 -3.28 6.75 31.56
C THR B 394 -2.36 7.44 32.59
N ALA B 395 -1.05 7.25 32.46
CA ALA B 395 -0.05 7.71 33.41
C ALA B 395 -0.56 7.44 34.86
N ALA B 396 -1.12 6.26 35.04
CA ALA B 396 -1.72 5.86 36.33
C ALA B 396 -0.70 6.02 37.49
N GLY B 397 0.52 5.57 37.28
CA GLY B 397 1.62 5.71 38.26
C GLY B 397 1.89 4.44 39.05
N GLN B 398 0.90 3.52 39.06
CA GLN B 398 1.00 2.24 39.75
C GLN B 398 0.27 1.08 39.05
N ILE B 399 0.88 -0.08 39.21
CA ILE B 399 0.36 -1.33 38.65
C ILE B 399 0.50 -2.50 39.63
N LYS B 400 -0.53 -3.35 39.66
CA LYS B 400 -0.55 -4.60 40.46
C LYS B 400 -0.77 -5.71 39.47
N THR B 401 0.32 -6.39 39.11
CA THR B 401 0.23 -7.42 38.07
C THR B 401 0.88 -8.77 38.42
N GLY B 402 1.09 -9.01 39.70
CA GLY B 402 1.57 -10.26 40.23
C GLY B 402 3.03 -10.25 40.65
N SER B 403 3.47 -11.44 41.06
CA SER B 403 4.88 -11.74 41.42
C SER B 403 5.75 -11.88 40.20
N MET B 404 7.07 -12.02 40.43
CA MET B 404 8.02 -12.25 39.31
C MET B 404 8.13 -13.72 38.80
N SER B 405 6.99 -14.38 38.64
CA SER B 405 6.96 -15.66 37.96
C SER B 405 5.57 -15.94 37.37
N ARG B 406 5.53 -16.89 36.44
CA ARG B 406 4.37 -17.09 35.55
C ARG B 406 4.30 -15.94 34.51
N SER B 407 4.25 -16.34 33.24
CA SER B 407 4.08 -15.41 32.15
C SER B 407 2.72 -14.70 32.12
N ASP B 408 1.69 -15.25 32.76
CA ASP B 408 0.45 -14.49 32.97
C ASP B 408 0.65 -13.18 33.82
N ARG B 409 1.76 -13.14 34.54
CA ARG B 409 2.24 -11.98 35.22
C ARG B 409 3.43 -11.40 34.45
N VAL B 410 4.43 -12.22 34.19
CA VAL B 410 5.69 -11.66 33.63
C VAL B 410 5.54 -11.04 32.21
N ALA B 411 4.52 -11.44 31.46
CA ALA B 411 4.24 -10.80 30.19
C ALA B 411 3.95 -9.29 30.36
N LYS B 412 3.30 -8.93 31.47
CA LYS B 412 3.02 -7.53 31.75
C LYS B 412 4.30 -6.84 32.06
N TYR B 413 5.18 -7.47 32.80
CA TYR B 413 6.49 -6.83 33.07
C TYR B 413 7.28 -6.64 31.81
N ASN B 414 7.15 -7.58 30.90
CA ASN B 414 7.97 -7.54 29.68
C ASN B 414 7.55 -6.40 28.79
N GLN B 415 6.24 -6.18 28.73
CA GLN B 415 5.65 -5.13 27.92
C GLN B 415 5.96 -3.76 28.52
N LEU B 416 6.01 -3.60 29.84
CA LEU B 416 6.60 -2.39 30.46
C LEU B 416 8.07 -2.17 30.06
N ILE B 417 8.87 -3.22 29.99
CA ILE B 417 10.28 -3.04 29.58
C ILE B 417 10.34 -2.53 28.12
N ARG B 418 9.54 -3.13 27.26
CA ARG B 418 9.55 -2.71 25.85
C ARG B 418 9.10 -1.28 25.69
N ILE B 419 8.01 -0.95 26.39
CA ILE B 419 7.39 0.36 26.30
C ILE B 419 8.40 1.40 26.79
N GLU B 420 9.07 1.13 27.91
CA GLU B 420 10.14 2.01 28.43
C GLU B 420 11.34 2.11 27.51
N GLU B 421 11.73 1.03 26.88
CA GLU B 421 12.84 1.13 25.91
C GLU B 421 12.53 2.12 24.79
N ALA B 422 11.27 2.17 24.36
CA ALA B 422 10.86 3.05 23.25
C ALA B 422 10.68 4.53 23.76
N LEU B 423 9.92 4.70 24.84
CA LEU B 423 9.61 5.98 25.39
C LEU B 423 10.80 6.64 26.13
N GLY B 424 11.57 5.87 26.89
CA GLY B 424 12.68 6.44 27.70
C GLY B 424 12.14 7.49 28.67
N GLU B 425 12.73 8.70 28.60
CA GLU B 425 12.33 9.78 29.53
C GLU B 425 11.00 10.45 29.18
N LYS B 426 10.40 10.17 28.00
CA LYS B 426 8.97 10.53 27.81
C LYS B 426 7.98 9.87 28.79
N ALA B 427 8.37 8.74 29.36
CA ALA B 427 7.59 8.08 30.39
C ALA B 427 8.44 7.92 31.66
N PRO B 428 8.50 8.97 32.51
CA PRO B 428 9.43 8.85 33.66
C PRO B 428 8.98 7.73 34.66
N TYR B 429 9.94 7.11 35.31
CA TYR B 429 9.59 6.30 36.51
C TYR B 429 9.63 7.27 37.68
N ASN B 430 8.50 7.55 38.30
CA ASN B 430 8.45 8.60 39.35
C ASN B 430 8.67 8.11 40.79
N GLY B 431 8.48 6.81 41.01
CA GLY B 431 8.86 6.19 42.25
C GLY B 431 7.88 6.49 43.36
N ARG B 432 8.44 6.64 44.57
CA ARG B 432 7.67 6.72 45.83
C ARG B 432 6.49 7.67 45.77
N LYS B 433 6.75 8.83 45.18
CA LYS B 433 5.79 9.92 45.10
C LYS B 433 4.48 9.57 44.44
N GLU B 434 4.44 8.48 43.65
CA GLU B 434 3.17 8.05 43.08
C GLU B 434 2.22 7.61 44.15
N ILE B 435 2.74 7.08 45.27
CA ILE B 435 1.83 6.45 46.26
C ILE B 435 1.18 7.52 47.16
N LYS B 436 -0.11 7.37 47.40
CA LYS B 436 -0.88 8.33 48.19
C LYS B 436 -0.27 8.38 49.62
N GLY B 437 0.08 9.59 50.01
CA GLY B 437 0.58 9.87 51.32
C GLY B 437 2.08 10.00 51.41
N GLN B 438 2.84 9.94 50.31
CA GLN B 438 4.31 9.80 50.46
C GLN B 438 5.27 11.04 50.56
N ALA B 439 5.91 11.49 49.47
CA ALA B 439 7.03 12.47 49.57
C ALA B 439 7.34 13.21 48.24
N GLN C 1 3.20 -7.63 13.08
CA GLN C 1 3.92 -8.41 12.01
C GLN C 1 4.13 -7.43 10.81
N GLN C 2 3.12 -6.78 10.26
CA GLN C 2 3.38 -5.66 9.28
C GLN C 2 3.13 -4.19 9.79
N MET C 3 4.16 -3.34 9.66
CA MET C 3 4.07 -1.92 10.04
C MET C 3 3.44 -1.14 8.86
N GLY C 4 2.24 -0.62 9.03
CA GLY C 4 1.59 0.25 8.05
C GLY C 4 2.25 1.62 7.87
N ARG C 5 1.86 2.31 6.78
CA ARG C 5 2.44 3.63 6.43
C ARG C 5 2.04 4.68 7.41
N GLY C 6 0.87 4.52 8.02
CA GLY C 6 0.38 5.45 9.00
C GLY C 6 1.29 5.57 10.19
N SER C 7 2.08 4.54 10.44
CA SER C 7 3.01 4.60 11.54
C SER C 7 4.29 5.35 11.16
N MET C 8 4.49 5.73 9.91
CA MET C 8 5.69 6.38 9.50
C MET C 8 5.37 7.91 9.50
N SER C 9 5.26 8.46 10.68
CA SER C 9 4.79 9.82 10.88
C SER C 9 5.91 10.79 11.26
N LYS C 10 7.16 10.38 11.03
CA LYS C 10 8.31 11.29 11.12
C LYS C 10 8.37 12.29 9.99
N ILE C 11 8.78 13.50 10.35
CA ILE C 11 8.88 14.55 9.42
C ILE C 11 10.12 14.31 8.54
N VAL C 12 9.94 14.34 7.21
CA VAL C 12 11.04 14.25 6.27
C VAL C 12 11.32 15.52 5.51
N LYS C 13 10.39 16.48 5.50
CA LYS C 13 10.56 17.73 4.74
C LYS C 13 9.56 18.79 5.18
N ILE C 14 10.03 20.00 5.28
CA ILE C 14 9.18 21.15 5.51
C ILE C 14 9.56 22.21 4.50
N ILE C 15 8.58 22.72 3.80
CA ILE C 15 8.77 23.78 2.81
C ILE C 15 7.93 24.98 3.27
N GLY C 16 8.50 26.18 3.20
CA GLY C 16 7.76 27.40 3.37
C GLY C 16 7.77 28.14 2.07
N ARG C 17 6.72 28.93 1.84
CA ARG C 17 6.63 29.85 0.72
C ARG C 17 5.81 31.06 1.03
N GLU C 18 6.07 32.10 0.25
CA GLU C 18 5.33 33.33 0.29
C GLU C 18 4.12 33.26 -0.68
N ILE C 19 2.93 33.41 -0.13
CA ILE C 19 1.69 33.50 -0.88
C ILE C 19 0.98 34.80 -0.50
N ILE C 20 -0.22 35.00 -1.02
CA ILE C 20 -0.92 36.24 -0.95
C ILE C 20 -2.18 35.99 -0.18
N ASP C 21 -2.49 36.91 0.75
CA ASP C 21 -3.72 36.80 1.55
C ASP C 21 -4.87 37.57 0.93
N SER C 22 -6.02 37.58 1.62
CA SER C 22 -7.24 38.07 1.06
C SER C 22 -7.29 39.59 0.89
N ARG C 23 -6.34 40.30 1.48
CA ARG C 23 -6.18 41.75 1.29
C ARG C 23 -5.09 42.11 0.30
N GLY C 24 -4.44 41.11 -0.31
CA GLY C 24 -3.34 41.40 -1.27
C GLY C 24 -1.96 41.48 -0.64
N ASN C 25 -1.86 41.19 0.67
CA ASN C 25 -0.58 41.20 1.36
C ASN C 25 -0.01 39.81 1.46
N PRO C 26 1.34 39.71 1.43
CA PRO C 26 1.96 38.38 1.55
C PRO C 26 1.72 37.69 2.86
N THR C 27 1.72 36.37 2.80
CA THR C 27 1.74 35.56 4.01
C THR C 27 2.54 34.32 3.80
N VAL C 28 2.74 33.60 4.89
CA VAL C 28 3.56 32.42 4.89
C VAL C 28 2.67 31.21 4.79
N GLU C 29 3.03 30.27 3.91
CA GLU C 29 2.41 28.96 3.85
C GLU C 29 3.50 27.95 4.12
N ALA C 30 3.20 26.89 4.85
CA ALA C 30 4.11 25.80 5.06
C ALA C 30 3.52 24.49 4.63
N GLU C 31 4.36 23.59 4.10
CA GLU C 31 4.04 22.18 3.92
C GLU C 31 4.89 21.34 4.82
N VAL C 32 4.27 20.39 5.53
CA VAL C 32 4.96 19.39 6.34
C VAL C 32 4.76 17.99 5.67
N HIS C 33 5.86 17.33 5.29
CA HIS C 33 5.84 16.00 4.63
C HIS C 33 6.35 14.94 5.61
N LEU C 34 5.65 13.83 5.71
CA LEU C 34 6.00 12.75 6.60
C LEU C 34 6.56 11.58 5.79
N GLU C 35 7.31 10.69 6.45
CA GLU C 35 8.00 9.57 5.80
C GLU C 35 7.03 8.62 5.04
N GLY C 36 5.84 8.41 5.60
CA GLY C 36 4.85 7.63 4.96
C GLY C 36 4.17 8.24 3.77
N GLY C 37 4.56 9.45 3.38
CA GLY C 37 3.93 10.16 2.28
C GLY C 37 2.77 11.10 2.61
N PHE C 38 2.45 11.31 3.84
CA PHE C 38 1.43 12.26 4.25
C PHE C 38 1.96 13.71 4.20
N VAL C 39 1.06 14.63 3.84
CA VAL C 39 1.39 16.04 3.67
C VAL C 39 0.28 16.84 4.27
N GLY C 40 0.60 17.89 5.00
CA GLY C 40 -0.36 18.90 5.39
C GLY C 40 0.14 20.27 4.95
N MET C 41 -0.78 21.15 4.64
CA MET C 41 -0.40 22.48 4.20
C MET C 41 -1.28 23.53 4.88
N ALA C 42 -0.71 24.65 5.26
CA ALA C 42 -1.47 25.67 6.01
C ALA C 42 -0.82 26.99 5.90
N ALA C 43 -1.60 28.04 6.10
CA ALA C 43 -1.09 29.39 6.02
C ALA C 43 -1.53 30.23 7.18
N ALA C 44 -0.69 31.23 7.47
CA ALA C 44 -0.98 32.09 8.60
C ALA C 44 -1.91 33.25 8.17
N PRO C 45 -2.94 33.57 8.98
CA PRO C 45 -3.71 34.77 8.78
C PRO C 45 -2.96 35.99 9.35
N SER C 46 -3.56 37.17 9.18
CA SER C 46 -2.97 38.41 9.61
C SER C 46 -4.01 39.43 9.99
N GLY C 47 -3.88 39.94 11.19
CA GLY C 47 -4.79 40.98 11.69
C GLY C 47 -4.64 42.35 11.14
N ALA C 48 -5.72 43.13 11.10
CA ALA C 48 -5.68 44.58 10.77
C ALA C 48 -5.78 45.49 12.00
N SER C 49 -6.46 45.06 13.06
CA SER C 49 -6.54 45.85 14.30
C SER C 49 -5.97 44.98 15.45
N THR C 50 -4.64 44.86 15.42
CA THR C 50 -3.93 43.96 16.32
C THR C 50 -3.80 44.47 17.76
N GLY C 51 -4.05 43.59 18.74
CA GLY C 51 -3.76 43.92 20.11
C GLY C 51 -2.26 44.14 20.32
N SER C 52 -1.91 45.05 21.24
CA SER C 52 -0.51 45.37 21.44
C SER C 52 0.25 44.18 22.05
N ARG C 53 -0.44 43.25 22.76
CA ARG C 53 0.19 42.07 23.35
C ARG C 53 0.18 40.81 22.50
N GLU C 54 -0.23 40.94 21.21
CA GLU C 54 -0.17 39.80 20.26
C GLU C 54 1.25 39.29 20.07
N ALA C 55 1.38 38.03 19.77
CA ALA C 55 2.64 37.57 19.24
C ALA C 55 2.96 38.25 17.89
N LEU C 56 4.25 38.41 17.61
CA LEU C 56 4.72 39.24 16.52
C LEU C 56 4.92 38.43 15.23
N GLU C 57 4.34 38.97 14.20
CA GLU C 57 4.60 38.58 12.81
C GLU C 57 5.98 39.04 12.42
N LEU C 58 6.68 38.28 11.57
CA LEU C 58 7.92 38.67 10.97
C LEU C 58 7.65 39.09 9.51
N ARG C 59 7.75 40.40 9.27
CA ARG C 59 7.78 40.99 7.93
C ARG C 59 9.16 41.52 7.56
N ASP C 60 9.38 41.78 6.27
CA ASP C 60 10.71 42.10 5.75
C ASP C 60 11.06 43.60 5.86
N GLY C 61 10.07 44.47 5.76
CA GLY C 61 10.24 45.89 5.84
C GLY C 61 11.02 46.48 4.68
N ASP C 62 11.12 45.73 3.59
CA ASP C 62 11.70 46.22 2.36
C ASP C 62 10.66 46.93 1.50
N LYS C 63 10.85 48.26 1.37
CA LYS C 63 9.87 49.11 0.71
C LYS C 63 9.74 48.87 -0.79
N SER C 64 10.72 48.21 -1.40
CA SER C 64 10.65 47.86 -2.80
C SER C 64 9.87 46.54 -3.08
N ARG C 65 9.40 45.81 -2.05
CA ARG C 65 8.57 44.60 -2.29
C ARG C 65 7.33 44.73 -1.45
N PHE C 66 6.15 44.76 -2.07
CA PHE C 66 4.89 44.67 -1.29
C PHE C 66 4.73 45.75 -0.21
N LEU C 67 5.26 46.94 -0.50
CA LEU C 67 5.22 48.09 0.45
C LEU C 67 5.72 47.70 1.85
N GLY C 68 6.79 46.92 1.87
CA GLY C 68 7.42 46.56 3.16
C GLY C 68 6.81 45.35 3.85
N LYS C 69 5.80 44.71 3.22
CA LYS C 69 5.06 43.61 3.86
C LYS C 69 5.50 42.19 3.39
N GLY C 70 6.59 42.07 2.66
CA GLY C 70 7.12 40.74 2.36
C GLY C 70 7.32 39.85 3.56
N VAL C 71 7.21 38.56 3.35
CA VAL C 71 7.54 37.59 4.40
C VAL C 71 8.65 36.65 4.03
N THR C 72 9.56 37.07 3.15
CA THR C 72 10.69 36.18 2.79
C THR C 72 11.62 35.73 3.96
N LYS C 73 11.73 36.53 4.99
CA LYS C 73 12.55 36.09 6.12
C LYS C 73 11.83 35.06 6.98
N ALA C 74 10.53 35.23 7.20
CA ALA C 74 9.73 34.17 7.85
C ALA C 74 9.78 32.85 7.04
N VAL C 75 9.67 32.95 5.73
CA VAL C 75 9.77 31.78 4.86
C VAL C 75 11.15 31.15 5.01
N ALA C 76 12.23 31.94 5.09
CA ALA C 76 13.58 31.34 5.29
C ALA C 76 13.68 30.74 6.67
N ALA C 77 13.03 31.28 7.69
CA ALA C 77 12.99 30.56 8.97
C ALA C 77 12.37 29.17 8.84
N VAL C 78 11.26 29.07 8.10
CA VAL C 78 10.60 27.81 7.89
C VAL C 78 11.53 26.83 7.19
N ASN C 79 12.10 27.25 6.06
CA ASN C 79 12.93 26.34 5.24
C ASN C 79 14.28 26.02 5.86
N GLY C 80 14.86 26.87 6.74
CA GLY C 80 16.25 26.61 7.29
C GLY C 80 16.14 26.07 8.71
N PRO C 81 16.09 26.96 9.71
CA PRO C 81 16.18 26.44 11.07
C PRO C 81 14.95 25.70 11.58
N ILE C 82 13.73 26.09 11.21
CA ILE C 82 12.57 25.31 11.69
C ILE C 82 12.62 23.88 11.11
N ALA C 83 12.80 23.80 9.82
CA ALA C 83 12.99 22.52 9.13
C ALA C 83 14.07 21.64 9.75
N GLN C 84 15.27 22.17 9.89
CA GLN C 84 16.35 21.47 10.60
C GLN C 84 16.01 20.87 11.97
N ALA C 85 15.30 21.64 12.76
CA ALA C 85 15.01 21.23 14.11
C ALA C 85 13.91 20.12 14.17
N LEU C 86 13.12 19.97 13.11
CA LEU C 86 11.93 19.11 13.18
C LEU C 86 12.07 17.87 12.33
N ILE C 87 13.03 17.81 11.40
CA ILE C 87 13.16 16.64 10.56
C ILE C 87 13.51 15.49 11.54
N GLY C 88 12.85 14.33 11.43
CA GLY C 88 13.14 13.19 12.34
C GLY C 88 12.10 13.06 13.44
N LYS C 89 11.33 14.10 13.71
CA LYS C 89 10.34 14.14 14.80
C LYS C 89 8.97 13.67 14.40
N ASP C 90 8.27 13.11 15.36
CA ASP C 90 6.93 12.53 15.16
C ASP C 90 5.84 13.62 15.11
N ALA C 91 5.32 13.89 13.91
CA ALA C 91 4.24 14.87 13.74
C ALA C 91 3.02 14.64 14.66
N LYS C 92 2.78 13.38 15.06
CA LYS C 92 1.65 13.04 15.92
C LYS C 92 1.80 13.67 17.29
N ASP C 93 3.03 13.99 17.69
CA ASP C 93 3.26 14.67 19.00
C ASP C 93 3.15 16.20 18.85
N GLN C 94 1.93 16.71 18.72
CA GLN C 94 1.77 18.11 18.40
C GLN C 94 2.49 19.00 19.41
N ALA C 95 2.32 18.71 20.71
CA ALA C 95 2.90 19.54 21.77
C ALA C 95 4.41 19.57 21.70
N GLY C 96 5.03 18.42 21.46
CA GLY C 96 6.49 18.32 21.29
C GLY C 96 6.97 19.13 20.09
N ILE C 97 6.19 19.09 19.01
CA ILE C 97 6.55 19.84 17.78
C ILE C 97 6.48 21.32 18.08
N ASP C 98 5.37 21.74 18.68
CA ASP C 98 5.25 23.14 19.02
C ASP C 98 6.36 23.59 20.03
N LYS C 99 6.60 22.81 21.08
CA LYS C 99 7.63 23.12 22.07
C LYS C 99 9.01 23.32 21.42
N ILE C 100 9.40 22.44 20.49
CA ILE C 100 10.63 22.62 19.74
C ILE C 100 10.75 23.98 19.02
N MET C 101 9.71 24.41 18.34
CA MET C 101 9.79 25.70 17.63
C MET C 101 9.85 26.87 18.64
N ILE C 102 9.11 26.76 19.71
CA ILE C 102 8.97 27.83 20.71
C ILE C 102 10.33 28.06 21.41
N ASP C 103 10.94 26.97 21.88
CA ASP C 103 12.26 26.98 22.53
C ASP C 103 13.35 27.40 21.57
N LEU C 104 13.27 27.02 20.32
CA LEU C 104 14.31 27.42 19.37
C LEU C 104 14.24 28.91 19.07
N ASP C 105 13.01 29.44 18.93
CA ASP C 105 12.84 30.85 18.63
C ASP C 105 13.40 31.60 19.85
N GLY C 106 12.99 31.17 21.04
CA GLY C 106 13.62 31.65 22.27
C GLY C 106 13.01 32.91 22.88
N THR C 107 12.12 33.61 22.19
CA THR C 107 11.59 34.88 22.62
C THR C 107 10.15 34.74 23.09
N GLU C 108 9.75 35.70 23.92
CA GLU C 108 8.45 35.75 24.50
C GLU C 108 7.33 35.80 23.41
N ASN C 109 7.55 36.62 22.37
CA ASN C 109 6.57 36.91 21.36
C ASN C 109 6.93 36.40 19.99
N LYS C 110 7.80 35.40 19.89
CA LYS C 110 8.16 34.75 18.62
C LYS C 110 8.69 35.77 17.64
N SER C 111 9.54 36.66 18.12
CA SER C 111 10.05 37.72 17.27
C SER C 111 11.28 37.29 16.53
N LYS C 112 11.81 36.10 16.76
CA LYS C 112 12.95 35.70 15.92
C LYS C 112 12.52 35.08 14.59
N PHE C 113 11.72 34.02 14.65
CA PHE C 113 11.17 33.42 13.42
C PHE C 113 9.85 34.04 12.93
N GLY C 114 9.14 34.75 13.78
CA GLY C 114 7.80 35.22 13.49
C GLY C 114 6.77 34.19 13.92
N ALA C 115 5.75 34.65 14.63
CA ALA C 115 4.58 33.85 14.88
C ALA C 115 3.88 33.34 13.60
N ASN C 116 3.97 34.11 12.51
CA ASN C 116 3.53 33.62 11.19
C ASN C 116 4.23 32.35 10.67
N ALA C 117 5.55 32.24 10.89
CA ALA C 117 6.32 31.08 10.45
C ALA C 117 5.99 29.89 11.31
N ILE C 118 5.99 30.14 12.60
CA ILE C 118 5.78 29.06 13.57
C ILE C 118 4.33 28.49 13.45
N LEU C 119 3.32 29.35 13.36
CA LEU C 119 1.93 28.93 13.29
C LEU C 119 1.76 28.11 12.00
N ALA C 120 2.26 28.58 10.88
CA ALA C 120 2.00 27.88 9.62
C ALA C 120 2.50 26.41 9.70
N VAL C 121 3.66 26.24 10.29
CA VAL C 121 4.25 24.92 10.49
C VAL C 121 3.45 24.12 11.53
N SER C 122 2.99 24.77 12.62
CA SER C 122 2.21 24.08 13.66
C SER C 122 0.89 23.48 13.08
N LEU C 123 0.22 24.27 12.25
CA LEU C 123 -1.02 23.84 11.61
C LEU C 123 -0.78 22.81 10.50
N ALA C 124 0.29 22.99 9.74
CA ALA C 124 0.55 22.07 8.68
C ALA C 124 0.93 20.71 9.24
N ASN C 125 1.66 20.73 10.34
CA ASN C 125 1.97 19.55 11.08
C ASN C 125 0.72 18.78 11.53
N ALA C 126 -0.21 19.46 12.18
CA ALA C 126 -1.42 18.84 12.68
C ALA C 126 -2.20 18.15 11.55
N LYS C 127 -2.23 18.79 10.36
CA LYS C 127 -2.87 18.24 9.20
C LYS C 127 -2.17 17.01 8.66
N ALA C 128 -0.86 17.02 8.65
CA ALA C 128 -0.07 15.87 8.22
C ALA C 128 -0.29 14.70 9.16
N ALA C 129 -0.30 14.99 10.47
CA ALA C 129 -0.50 13.98 11.50
C ALA C 129 -1.94 13.38 11.42
N ALA C 130 -2.96 14.20 11.24
CA ALA C 130 -4.34 13.72 10.94
C ALA C 130 -4.37 12.73 9.76
N ALA C 131 -3.72 13.11 8.66
CA ALA C 131 -3.62 12.20 7.49
C ALA C 131 -2.94 10.88 7.89
N ALA C 132 -1.85 10.95 8.65
CA ALA C 132 -1.16 9.75 9.06
C ALA C 132 -2.03 8.85 9.98
N LYS C 133 -2.88 9.47 10.79
CA LYS C 133 -3.81 8.74 11.68
C LYS C 133 -5.12 8.29 11.00
N GLY C 134 -5.30 8.65 9.73
CA GLY C 134 -6.45 8.24 8.97
C GLY C 134 -7.74 8.94 9.31
N MET C 135 -7.65 10.21 9.66
CA MET C 135 -8.81 10.91 10.12
C MET C 135 -8.86 12.36 9.67
N PRO C 136 -10.07 12.88 9.57
CA PRO C 136 -10.23 14.30 9.33
C PRO C 136 -9.61 15.11 10.47
N LEU C 137 -9.21 16.32 10.14
CA LEU C 137 -8.57 17.27 11.05
C LEU C 137 -9.38 17.49 12.34
N TYR C 138 -10.70 17.65 12.21
CA TYR C 138 -11.55 17.95 13.38
C TYR C 138 -11.44 16.83 14.38
N GLU C 139 -11.34 15.60 13.86
CA GLU C 139 -11.21 14.42 14.76
C GLU C 139 -9.85 14.37 15.44
N HIS C 140 -8.80 14.65 14.69
CA HIS C 140 -7.47 14.74 15.29
C HIS C 140 -7.42 15.85 16.31
N ILE C 141 -7.97 17.01 15.99
CA ILE C 141 -7.93 18.14 16.94
C ILE C 141 -8.62 17.79 18.24
N ALA C 142 -9.74 17.09 18.17
CA ALA C 142 -10.44 16.68 19.42
C ALA C 142 -9.60 15.80 20.27
N GLU C 143 -8.79 14.94 19.64
CA GLU C 143 -7.88 14.10 20.35
C GLU C 143 -6.72 14.89 20.93
N LEU C 144 -6.15 15.82 20.16
CA LEU C 144 -5.14 16.73 20.73
C LEU C 144 -5.73 17.61 21.79
N ASN C 145 -7.01 17.94 21.70
CA ASN C 145 -7.67 18.77 22.71
C ASN C 145 -7.95 18.09 24.05
N GLY C 146 -7.89 16.76 24.08
CA GLY C 146 -8.17 16.03 25.29
C GLY C 146 -9.64 15.69 25.39
N THR C 147 -10.36 15.82 24.27
CA THR C 147 -11.81 15.65 24.27
C THR C 147 -12.20 14.74 23.09
N PRO C 148 -11.65 13.50 23.06
CA PRO C 148 -11.82 12.60 21.90
C PRO C 148 -13.31 12.37 21.61
N GLY C 149 -13.73 12.43 20.35
CA GLY C 149 -15.12 12.14 19.98
C GLY C 149 -16.20 13.18 20.33
N LYS C 150 -15.82 14.34 20.88
CA LYS C 150 -16.79 15.35 21.34
C LYS C 150 -16.79 16.54 20.37
N TYR C 151 -17.92 16.70 19.68
CA TYR C 151 -18.05 17.68 18.63
C TYR C 151 -19.30 18.55 18.79
N SER C 152 -19.25 19.74 18.25
CA SER C 152 -20.47 20.51 18.03
C SER C 152 -20.26 21.37 16.80
N MET C 153 -21.37 21.76 16.17
CA MET C 153 -21.29 22.67 15.06
C MET C 153 -21.45 24.05 15.69
N PRO C 154 -20.58 25.01 15.31
CA PRO C 154 -20.70 26.29 16.07
C PRO C 154 -21.76 27.22 15.54
N VAL C 155 -22.27 28.05 16.45
CA VAL C 155 -23.18 29.11 16.11
C VAL C 155 -22.34 30.27 15.61
N PRO C 156 -22.52 30.68 14.34
CA PRO C 156 -21.68 31.72 13.81
C PRO C 156 -22.19 33.13 14.14
N MET C 157 -21.26 34.02 14.43
CA MET C 157 -21.56 35.44 14.49
C MET C 157 -20.99 36.02 13.21
N MET C 158 -21.91 36.47 12.36
CA MET C 158 -21.65 36.93 11.01
C MET C 158 -21.72 38.43 10.82
N ASN C 159 -20.59 38.97 10.43
CA ASN C 159 -20.44 40.38 10.26
C ASN C 159 -21.21 40.85 9.06
N ILE C 160 -22.03 41.88 9.19
CA ILE C 160 -22.68 42.45 7.98
C ILE C 160 -22.67 43.93 7.81
N ILE C 161 -22.43 44.69 8.85
CA ILE C 161 -22.28 46.11 8.73
C ILE C 161 -21.03 46.52 9.47
N ASN C 162 -20.20 47.33 8.84
CA ASN C 162 -18.89 47.71 9.40
C ASN C 162 -18.80 49.18 9.71
N GLY C 163 -18.04 49.48 10.75
CA GLY C 163 -17.72 50.84 11.14
C GLY C 163 -16.27 50.99 11.58
N GLY C 164 -16.03 52.08 12.32
CA GLY C 164 -14.75 52.36 12.95
C GLY C 164 -13.68 52.83 11.98
N GLU C 165 -12.45 52.34 12.21
CA GLU C 165 -11.26 52.67 11.44
C GLU C 165 -11.36 52.21 9.95
N HIS C 166 -11.06 53.13 9.03
CA HIS C 166 -11.16 52.92 7.54
C HIS C 166 -12.53 52.32 7.11
N ALA C 167 -13.60 53.05 7.47
CA ALA C 167 -14.96 52.82 6.98
C ALA C 167 -15.52 54.19 6.76
N ASP C 168 -15.88 54.50 5.52
CA ASP C 168 -16.34 55.87 5.19
C ASP C 168 -17.76 56.16 5.75
N ASN C 169 -17.86 56.22 7.08
CA ASN C 169 -19.11 56.55 7.76
C ASN C 169 -18.86 57.07 9.17
N ASN C 170 -19.94 57.49 9.82
CA ASN C 170 -19.88 57.92 11.23
C ASN C 170 -20.39 56.80 12.17
N VAL C 171 -19.78 55.61 11.99
CA VAL C 171 -20.09 54.42 12.79
C VAL C 171 -18.80 54.09 13.52
N ASP C 172 -18.85 54.06 14.85
CA ASP C 172 -17.62 53.91 15.67
C ASP C 172 -17.29 52.44 15.97
N ILE C 173 -18.35 51.71 16.30
CA ILE C 173 -18.33 50.28 16.51
C ILE C 173 -17.74 49.63 15.24
N GLN C 174 -16.66 48.87 15.37
CA GLN C 174 -16.06 48.21 14.21
C GLN C 174 -17.00 47.13 13.53
N GLU C 175 -17.69 46.25 14.25
CA GLU C 175 -18.52 45.21 13.63
C GLU C 175 -19.89 45.04 14.30
N PHE C 176 -20.90 44.93 13.46
CA PHE C 176 -22.23 44.45 13.81
C PHE C 176 -22.49 43.11 13.15
N MET C 177 -22.82 42.12 13.97
CA MET C 177 -22.98 40.79 13.53
C MET C 177 -24.42 40.25 13.82
N ILE C 178 -24.87 39.31 12.97
CA ILE C 178 -26.05 38.54 13.24
C ILE C 178 -25.64 37.13 13.58
N GLN C 179 -26.40 36.49 14.48
CA GLN C 179 -26.20 35.12 14.94
C GLN C 179 -27.48 34.35 14.77
N PRO C 180 -27.54 33.30 13.88
CA PRO C 180 -28.89 32.63 13.62
C PRO C 180 -29.17 31.53 14.60
N VAL C 181 -29.41 31.96 15.83
CA VAL C 181 -29.63 31.04 16.93
C VAL C 181 -30.90 30.15 16.78
N GLY C 182 -31.84 30.54 15.93
CA GLY C 182 -33.05 29.70 15.70
C GLY C 182 -32.93 28.55 14.71
N ALA C 183 -31.78 28.44 14.04
CA ALA C 183 -31.50 27.35 13.14
C ALA C 183 -31.33 26.02 13.88
N LYS C 184 -31.71 24.94 13.24
CA LYS C 184 -31.56 23.60 13.83
C LYS C 184 -30.22 22.98 13.49
N THR C 185 -29.58 23.39 12.37
CA THR C 185 -28.29 22.84 11.87
C THR C 185 -27.42 24.01 11.42
N VAL C 186 -26.10 23.81 11.29
CA VAL C 186 -25.25 24.91 10.82
C VAL C 186 -25.57 25.22 9.39
N LYS C 187 -25.93 24.21 8.61
CA LYS C 187 -26.33 24.44 7.23
C LYS C 187 -27.52 25.39 7.08
N GLU C 188 -28.51 25.27 7.96
CA GLU C 188 -29.66 26.18 7.95
C GLU C 188 -29.19 27.61 8.42
N ALA C 189 -28.35 27.65 9.44
CA ALA C 189 -27.78 28.94 9.95
C ALA C 189 -27.10 29.70 8.82
N ILE C 190 -26.38 28.96 8.00
CA ILE C 190 -25.68 29.58 6.87
C ILE C 190 -26.60 30.10 5.79
N ARG C 191 -27.60 29.30 5.45
CA ARG C 191 -28.68 29.78 4.57
C ARG C 191 -29.33 31.06 5.09
N MET C 192 -29.57 31.10 6.38
CA MET C 192 -30.25 32.22 6.99
C MET C 192 -29.38 33.46 6.89
N GLY C 193 -28.08 33.27 7.14
CA GLY C 193 -27.08 34.34 6.97
C GLY C 193 -27.05 34.92 5.58
N SER C 194 -27.07 34.02 4.60
CA SER C 194 -27.07 34.41 3.24
C SER C 194 -28.33 35.23 2.84
N GLU C 195 -29.48 34.77 3.30
CA GLU C 195 -30.74 35.44 2.99
C GLU C 195 -30.76 36.87 3.60
N VAL C 196 -30.34 36.97 4.82
CA VAL C 196 -30.33 38.29 5.45
C VAL C 196 -29.32 39.18 4.77
N PHE C 197 -28.17 38.61 4.45
CA PHE C 197 -27.15 39.40 3.81
C PHE C 197 -27.66 39.95 2.45
N HIS C 198 -28.33 39.13 1.64
CA HIS C 198 -28.86 39.61 0.36
C HIS C 198 -30.04 40.59 0.57
N HIS C 199 -30.84 40.43 1.61
CA HIS C 199 -31.94 41.38 1.84
C HIS C 199 -31.38 42.70 2.31
N LEU C 200 -30.31 42.68 3.10
CA LEU C 200 -29.63 43.89 3.49
C LEU C 200 -29.14 44.70 2.29
N ALA C 201 -28.52 44.05 1.30
CA ALA C 201 -28.16 44.73 0.07
C ALA C 201 -29.37 45.48 -0.53
N LYS C 202 -30.53 44.83 -0.58
CA LYS C 202 -31.73 45.49 -1.17
C LYS C 202 -32.15 46.72 -0.39
N VAL C 203 -32.16 46.59 0.93
CA VAL C 203 -32.42 47.68 1.84
C VAL C 203 -31.45 48.85 1.60
N LEU C 204 -30.14 48.58 1.58
CA LEU C 204 -29.15 49.64 1.40
C LEU C 204 -29.25 50.26 0.02
N LYS C 205 -29.58 49.47 -1.01
CA LYS C 205 -29.71 49.99 -2.39
C LYS C 205 -30.92 50.93 -2.48
N ALA C 206 -31.99 50.64 -1.74
CA ALA C 206 -33.20 51.49 -1.69
C ALA C 206 -32.96 52.81 -0.97
N LYS C 207 -32.04 52.81 0.00
CA LYS C 207 -31.62 54.06 0.64
C LYS C 207 -30.55 54.85 -0.16
N GLY C 208 -30.25 54.47 -1.40
CA GLY C 208 -29.08 55.01 -2.14
C GLY C 208 -27.65 54.64 -1.68
N MET C 209 -27.51 53.81 -0.63
CA MET C 209 -26.23 53.51 -0.01
C MET C 209 -25.42 52.45 -0.78
N ASN C 210 -24.13 52.48 -0.51
CA ASN C 210 -23.15 51.67 -1.22
C ASN C 210 -23.14 50.22 -0.71
N THR C 211 -23.12 49.27 -1.65
CA THR C 211 -23.10 47.83 -1.38
C THR C 211 -21.82 47.08 -1.71
N ALA C 212 -20.73 47.76 -2.02
CA ALA C 212 -19.38 47.18 -2.10
C ALA C 212 -19.00 46.61 -0.71
N VAL C 213 -17.98 45.74 -0.58
CA VAL C 213 -17.70 45.13 0.73
C VAL C 213 -16.29 45.43 1.20
N GLY C 214 -16.13 45.32 2.51
CA GLY C 214 -14.82 45.34 3.19
C GLY C 214 -14.13 43.97 3.23
N ASP C 215 -13.10 43.92 4.07
CA ASP C 215 -12.21 42.83 4.25
C ASP C 215 -12.93 41.56 4.67
N GLU C 216 -14.01 41.71 5.46
CA GLU C 216 -14.70 40.58 6.03
C GLU C 216 -15.99 40.24 5.27
N GLY C 217 -16.21 40.84 4.11
CA GLY C 217 -17.38 40.49 3.25
C GLY C 217 -18.73 41.18 3.58
N GLY C 218 -18.70 42.06 4.56
CA GLY C 218 -19.85 42.80 4.99
C GLY C 218 -19.82 44.21 4.42
N TYR C 219 -20.91 44.94 4.64
CA TYR C 219 -21.07 46.26 4.06
C TYR C 219 -20.56 47.35 5.01
N ALA C 220 -20.12 48.45 4.43
CA ALA C 220 -19.68 49.67 5.15
C ALA C 220 -20.35 50.90 4.52
N PRO C 221 -21.68 50.95 4.58
CA PRO C 221 -22.37 52.09 4.02
C PRO C 221 -22.23 53.36 4.89
N ASN C 222 -22.41 54.51 4.25
CA ASN C 222 -22.38 55.81 4.90
C ASN C 222 -23.57 56.06 5.87
N LEU C 223 -23.51 55.48 7.05
CA LEU C 223 -24.54 55.66 8.08
C LEU C 223 -24.23 56.81 9.04
N GLY C 224 -25.27 57.35 9.66
CA GLY C 224 -25.15 58.55 10.48
C GLY C 224 -24.98 58.27 11.95
N SER C 225 -25.22 57.04 12.38
CA SER C 225 -24.93 56.69 13.77
C SER C 225 -24.85 55.17 14.03
N ASN C 226 -24.24 54.84 15.17
CA ASN C 226 -24.14 53.49 15.68
C ASN C 226 -25.50 52.80 15.74
N ALA C 227 -26.55 53.58 15.97
CA ALA C 227 -27.93 53.09 16.01
C ALA C 227 -28.54 52.80 14.66
N GLU C 228 -28.25 53.62 13.64
CA GLU C 228 -28.74 53.37 12.28
C GLU C 228 -28.25 51.99 11.71
N ALA C 229 -27.10 51.53 12.19
CA ALA C 229 -26.55 50.23 11.82
C ALA C 229 -27.47 49.09 12.31
N LEU C 230 -27.86 49.16 13.57
CA LEU C 230 -28.76 48.21 14.18
C LEU C 230 -30.13 48.25 13.52
N ALA C 231 -30.57 49.42 13.03
CA ALA C 231 -31.88 49.52 12.38
C ALA C 231 -31.94 48.98 10.95
N VAL C 232 -30.91 49.22 10.13
CA VAL C 232 -30.88 48.62 8.76
C VAL C 232 -30.84 47.11 8.86
N ILE C 233 -30.13 46.61 9.88
CA ILE C 233 -30.01 45.18 10.10
C ILE C 233 -31.39 44.63 10.49
N ALA C 234 -32.04 45.28 11.49
CA ALA C 234 -33.42 44.94 11.85
C ALA C 234 -34.31 44.95 10.62
N GLU C 235 -34.16 45.93 9.74
CA GLU C 235 -35.01 46.00 8.54
C GLU C 235 -34.70 44.78 7.62
N ALA C 236 -33.43 44.42 7.47
CA ALA C 236 -33.03 43.31 6.58
C ALA C 236 -33.53 41.99 7.14
N VAL C 237 -33.39 41.80 8.46
CA VAL C 237 -33.88 40.55 9.11
C VAL C 237 -35.39 40.33 8.87
N LYS C 238 -36.18 41.40 9.06
CA LYS C 238 -37.62 41.35 8.82
C LYS C 238 -37.93 41.11 7.33
N ALA C 239 -37.27 41.78 6.41
CA ALA C 239 -37.53 41.49 4.98
C ALA C 239 -37.26 40.03 4.61
N ALA C 240 -36.29 39.42 5.28
CA ALA C 240 -35.95 38.00 5.04
C ALA C 240 -36.98 37.01 5.62
N GLY C 241 -37.94 37.51 6.41
CA GLY C 241 -39.00 36.69 6.99
C GLY C 241 -38.57 36.11 8.31
N TYR C 242 -37.53 36.66 8.95
CA TYR C 242 -37.12 36.19 10.26
C TYR C 242 -37.47 37.20 11.34
N GLU C 243 -37.51 36.75 12.58
CA GLU C 243 -37.90 37.53 13.73
C GLU C 243 -36.66 37.91 14.51
N LEU C 244 -36.41 39.19 14.65
CA LEU C 244 -35.27 39.65 15.45
C LEU C 244 -35.49 39.19 16.87
N GLY C 245 -34.42 38.67 17.46
CA GLY C 245 -34.44 38.27 18.83
C GLY C 245 -34.89 36.85 19.13
N LYS C 246 -35.49 36.13 18.17
CA LYS C 246 -35.79 34.71 18.43
C LYS C 246 -35.25 33.78 17.35
N ASP C 247 -35.31 34.20 16.10
CA ASP C 247 -34.55 33.57 15.05
C ASP C 247 -33.09 34.01 15.05
N ILE C 248 -32.86 35.32 15.25
CA ILE C 248 -31.54 35.94 15.02
C ILE C 248 -31.28 36.88 16.16
N THR C 249 -30.09 36.78 16.76
CA THR C 249 -29.65 37.78 17.72
C THR C 249 -28.53 38.60 17.14
N LEU C 250 -28.02 39.55 17.94
CA LEU C 250 -27.03 40.52 17.45
C LEU C 250 -25.79 40.48 18.34
N ALA C 251 -24.65 40.76 17.72
CA ALA C 251 -23.38 40.79 18.43
C ALA C 251 -22.59 41.93 17.85
N MET C 252 -21.72 42.47 18.69
CA MET C 252 -20.88 43.58 18.34
C MET C 252 -19.42 43.31 18.68
N ASP C 253 -18.52 43.83 17.82
CA ASP C 253 -17.07 44.09 18.15
C ASP C 253 -16.78 45.60 18.08
N CYS C 254 -16.67 46.22 19.25
CA CYS C 254 -16.42 47.66 19.34
C CYS C 254 -14.98 48.01 19.01
N ALA C 255 -14.05 47.08 19.21
CA ALA C 255 -12.60 47.36 19.02
C ALA C 255 -12.27 48.70 19.72
N ALA C 256 -12.69 48.81 20.97
CA ALA C 256 -12.75 50.09 21.64
C ALA C 256 -11.38 50.66 21.87
N SER C 257 -10.33 49.81 21.89
CA SER C 257 -8.96 50.31 21.91
C SER C 257 -8.69 51.32 20.77
N GLU C 258 -9.38 51.21 19.64
CA GLU C 258 -9.14 52.11 18.50
C GLU C 258 -9.62 53.56 18.74
N PHE C 259 -10.58 53.76 19.60
CA PHE C 259 -11.04 55.11 19.86
C PHE C 259 -10.83 55.54 21.32
N TYR C 260 -9.75 55.06 21.93
CA TYR C 260 -9.43 55.40 23.31
C TYR C 260 -8.18 56.30 23.38
N LYS C 261 -8.36 57.53 23.87
CA LYS C 261 -7.26 58.50 23.99
C LYS C 261 -7.40 59.32 25.26
N ASP C 262 -6.26 59.48 25.96
CA ASP C 262 -6.12 60.22 27.22
C ASP C 262 -7.20 59.82 28.23
N GLY C 263 -7.41 58.51 28.36
CA GLY C 263 -8.39 58.01 29.31
C GLY C 263 -9.86 58.13 28.96
N LYS C 264 -10.22 58.63 27.78
CA LYS C 264 -11.65 58.70 27.38
C LYS C 264 -11.91 57.96 26.05
N TYR C 265 -13.12 57.40 25.92
CA TYR C 265 -13.57 56.81 24.65
C TYR C 265 -14.26 57.89 23.81
N VAL C 266 -13.66 58.18 22.66
CA VAL C 266 -14.10 59.24 21.76
C VAL C 266 -14.88 58.61 20.62
N LEU C 267 -16.18 58.88 20.59
CA LEU C 267 -17.04 58.42 19.50
C LEU C 267 -17.04 59.44 18.35
N ALA C 268 -16.06 59.34 17.44
CA ALA C 268 -15.86 60.34 16.35
C ALA C 268 -17.15 60.70 15.55
N GLY C 269 -18.00 59.69 15.25
CA GLY C 269 -19.33 59.89 14.63
C GLY C 269 -20.53 59.71 15.56
N GLU C 270 -20.49 60.39 16.70
CA GLU C 270 -21.63 60.47 17.62
C GLU C 270 -21.53 61.84 18.28
N GLY C 271 -21.51 62.86 17.43
CA GLY C 271 -21.24 64.24 17.84
C GLY C 271 -19.84 64.47 18.38
N ASN C 272 -18.91 63.56 18.10
CA ASN C 272 -17.56 63.52 18.72
C ASN C 272 -17.49 63.52 20.29
N LYS C 273 -18.57 63.07 20.95
CA LYS C 273 -18.67 63.03 22.41
C LYS C 273 -17.53 62.16 23.01
N ALA C 274 -17.01 62.55 24.18
CA ALA C 274 -16.01 61.76 24.91
C ALA C 274 -16.66 61.10 26.15
N PHE C 275 -16.26 59.87 26.48
CA PHE C 275 -16.91 59.13 27.54
C PHE C 275 -15.89 58.55 28.47
N THR C 276 -16.19 58.46 29.77
CA THR C 276 -15.44 57.57 30.66
C THR C 276 -15.84 56.12 30.42
N SER C 277 -15.03 55.21 31.00
CA SER C 277 -15.29 53.76 31.00
C SER C 277 -16.71 53.45 31.42
N GLU C 278 -17.05 54.02 32.57
CA GLU C 278 -18.36 53.85 33.20
C GLU C 278 -19.45 54.36 32.25
N GLU C 279 -19.21 55.50 31.62
CA GLU C 279 -20.19 56.06 30.70
C GLU C 279 -20.28 55.28 29.40
N PHE C 280 -19.14 54.78 28.88
CA PHE C 280 -19.23 54.02 27.65
C PHE C 280 -19.96 52.69 27.92
N THR C 281 -19.71 52.09 29.07
CA THR C 281 -20.44 50.91 29.48
C THR C 281 -21.96 51.11 29.52
N HIS C 282 -22.38 52.30 29.98
CA HIS C 282 -23.81 52.62 30.05
C HIS C 282 -24.38 52.94 28.68
N PHE C 283 -23.56 53.56 27.83
CA PHE C 283 -23.92 53.69 26.45
C PHE C 283 -24.18 52.29 25.82
N LEU C 284 -23.32 51.31 26.11
CA LEU C 284 -23.53 49.92 25.59
C LEU C 284 -24.78 49.23 26.20
N GLU C 285 -24.95 49.39 27.52
CA GLU C 285 -26.10 48.82 28.23
C GLU C 285 -27.42 49.23 27.56
N GLU C 286 -27.54 50.54 27.27
CA GLU C 286 -28.73 51.07 26.65
C GLU C 286 -28.94 50.41 25.30
N LEU C 287 -27.89 50.30 24.49
CA LEU C 287 -28.04 49.58 23.21
C LEU C 287 -28.60 48.18 23.41
N THR C 288 -28.17 47.47 24.46
CA THR C 288 -28.68 46.10 24.67
C THR C 288 -30.13 46.04 25.12
N LYS C 289 -30.65 47.19 25.57
CA LYS C 289 -32.04 47.39 25.99
C LYS C 289 -32.95 47.67 24.78
N GLN C 290 -32.43 48.43 23.82
CA GLN C 290 -33.19 48.75 22.61
C GLN C 290 -33.17 47.61 21.59
N TYR C 291 -32.14 46.74 21.62
CA TYR C 291 -31.95 45.68 20.59
C TYR C 291 -31.44 44.39 21.22
N PRO C 292 -31.78 43.23 20.62
CA PRO C 292 -31.34 41.95 21.18
C PRO C 292 -29.83 41.64 20.87
N ILE C 293 -28.97 42.53 21.34
CA ILE C 293 -27.54 42.37 21.38
C ILE C 293 -27.21 41.48 22.53
N VAL C 294 -26.66 40.31 22.23
CA VAL C 294 -26.30 39.34 23.29
C VAL C 294 -24.80 39.14 23.54
N SER C 295 -24.00 39.85 22.77
CA SER C 295 -22.57 39.67 22.88
C SER C 295 -21.92 40.93 22.47
N ILE C 296 -20.96 41.32 23.26
CA ILE C 296 -20.18 42.53 22.99
C ILE C 296 -18.71 42.21 23.20
N GLU C 297 -17.89 42.53 22.20
CA GLU C 297 -16.48 42.18 22.17
C GLU C 297 -15.61 43.43 22.32
N ASP C 298 -14.58 43.36 23.15
CA ASP C 298 -13.66 44.50 23.33
C ASP C 298 -14.45 45.84 23.50
N GLY C 299 -15.47 45.80 24.36
CA GLY C 299 -16.21 47.02 24.72
C GLY C 299 -15.43 48.14 25.42
N LEU C 300 -14.23 47.86 25.89
CA LEU C 300 -13.31 48.87 26.41
C LEU C 300 -11.92 48.53 25.92
N ASP C 301 -10.99 49.45 26.18
CA ASP C 301 -9.61 49.32 25.79
C ASP C 301 -8.95 48.10 26.47
N GLU C 302 -8.07 47.45 25.73
CA GLU C 302 -7.33 46.32 26.22
C GLU C 302 -6.58 46.51 27.54
N SER C 303 -6.23 47.74 27.91
CA SER C 303 -5.58 48.02 29.19
C SER C 303 -6.52 48.48 30.33
N ASP C 304 -7.82 48.68 30.02
CA ASP C 304 -8.77 49.22 30.97
C ASP C 304 -9.46 48.15 31.82
N TRP C 305 -8.66 47.53 32.66
CA TRP C 305 -9.05 46.34 33.40
C TRP C 305 -10.02 46.77 34.50
N ASP C 306 -9.81 47.96 35.09
CA ASP C 306 -10.81 48.53 36.07
C ASP C 306 -12.17 48.70 35.40
N GLY C 307 -12.15 49.35 34.24
CA GLY C 307 -13.32 49.47 33.37
C GLY C 307 -13.95 48.11 33.00
N PHE C 308 -13.14 47.10 32.66
CA PHE C 308 -13.71 45.77 32.33
C PHE C 308 -14.37 45.12 33.56
N ALA C 309 -13.82 45.33 34.75
CA ALA C 309 -14.42 44.72 35.99
C ALA C 309 -15.82 45.28 36.18
N TYR C 310 -15.97 46.58 35.92
CA TYR C 310 -17.25 47.25 36.06
C TYR C 310 -18.24 46.86 34.95
N GLN C 311 -17.77 46.81 33.69
CA GLN C 311 -18.62 46.32 32.59
C GLN C 311 -19.10 44.91 32.86
N THR C 312 -18.24 44.04 33.40
CA THR C 312 -18.65 42.68 33.71
C THR C 312 -19.72 42.56 34.84
N LYS C 313 -19.57 43.44 35.83
CA LYS C 313 -20.54 43.60 36.91
C LYS C 313 -21.91 44.06 36.37
N VAL C 314 -21.93 45.04 35.49
CA VAL C 314 -23.16 45.58 34.95
C VAL C 314 -23.82 44.63 33.91
N LEU C 315 -23.06 44.16 32.94
CA LEU C 315 -23.62 43.48 31.78
C LEU C 315 -23.48 41.97 31.79
N GLY C 316 -22.63 41.42 32.64
CA GLY C 316 -22.09 40.07 32.48
C GLY C 316 -23.06 38.97 32.73
N ASP C 317 -23.96 39.15 33.70
CA ASP C 317 -25.04 38.16 33.92
C ASP C 317 -25.93 37.98 32.71
N LYS C 318 -26.16 39.05 31.95
CA LYS C 318 -27.06 39.04 30.78
C LYS C 318 -26.39 38.88 29.39
N ILE C 319 -25.17 39.37 29.23
CA ILE C 319 -24.53 39.64 27.95
C ILE C 319 -23.23 38.85 27.92
N GLN C 320 -22.90 38.28 26.77
CA GLN C 320 -21.60 37.69 26.56
C GLN C 320 -20.59 38.82 26.38
N LEU C 321 -19.50 38.79 27.13
CA LEU C 321 -18.46 39.86 27.05
C LEU C 321 -17.14 39.27 26.62
N VAL C 322 -16.79 39.49 25.35
CA VAL C 322 -15.76 38.74 24.69
C VAL C 322 -14.47 39.53 24.68
N GLY C 323 -13.44 39.02 25.32
CA GLY C 323 -12.12 39.60 25.16
C GLY C 323 -11.38 39.05 23.92
N ASP C 324 -10.97 39.98 23.04
CA ASP C 324 -10.14 39.75 21.84
C ASP C 324 -8.76 40.34 22.11
N ASP C 325 -8.57 41.62 21.86
CA ASP C 325 -7.29 42.30 22.19
C ASP C 325 -7.02 42.26 23.67
N LEU C 326 -8.08 42.11 24.48
CA LEU C 326 -7.98 41.96 25.93
C LEU C 326 -7.14 40.78 26.40
N PHE C 327 -7.38 39.60 25.81
CA PHE C 327 -6.63 38.38 26.17
C PHE C 327 -5.65 37.87 25.12
N VAL C 328 -5.70 38.35 23.87
CA VAL C 328 -4.86 37.85 22.72
C VAL C 328 -4.48 36.36 22.77
N THR C 329 -5.51 35.53 23.03
CA THR C 329 -5.43 34.08 22.97
C THR C 329 -4.27 33.55 23.77
N ASN C 330 -4.03 34.21 24.90
CA ASN C 330 -2.83 34.01 25.69
C ASN C 330 -3.23 33.58 27.12
N THR C 331 -2.88 32.36 27.47
CA THR C 331 -3.14 31.81 28.80
C THR C 331 -2.66 32.65 29.99
N LYS C 332 -1.49 33.26 29.90
CA LYS C 332 -0.98 34.09 30.99
C LYS C 332 -1.87 35.30 31.29
N ILE C 333 -2.49 35.86 30.27
CA ILE C 333 -3.32 37.02 30.42
C ILE C 333 -4.75 36.55 30.81
N LEU C 334 -5.23 35.48 30.16
CA LEU C 334 -6.60 34.99 30.43
C LEU C 334 -6.74 34.63 31.88
N LYS C 335 -5.72 33.97 32.41
CA LYS C 335 -5.65 33.52 33.80
C LYS C 335 -5.98 34.64 34.75
N GLU C 336 -5.31 35.75 34.53
CA GLU C 336 -5.45 36.91 35.36
C GLU C 336 -6.81 37.52 35.17
N GLY C 337 -7.31 37.52 33.93
CA GLY C 337 -8.65 38.04 33.64
C GLY C 337 -9.70 37.26 34.43
N ILE C 338 -9.55 35.96 34.45
CA ILE C 338 -10.47 35.08 35.19
C ILE C 338 -10.41 35.37 36.69
N GLU C 339 -9.20 35.44 37.25
CA GLU C 339 -8.98 35.75 38.67
C GLU C 339 -9.58 37.10 39.05
N LYS C 340 -9.66 38.05 38.11
CA LYS C 340 -10.19 39.40 38.41
C LYS C 340 -11.62 39.70 38.00
N GLY C 341 -12.40 38.67 37.68
CA GLY C 341 -13.80 38.88 37.19
C GLY C 341 -13.88 39.64 35.88
N ILE C 342 -12.92 39.43 34.97
CA ILE C 342 -12.80 40.24 33.70
C ILE C 342 -13.36 39.47 32.49
N ALA C 343 -14.49 39.95 31.98
CA ALA C 343 -15.16 39.39 30.79
C ALA C 343 -15.76 38.00 31.07
N ASN C 344 -16.41 37.39 30.08
CA ASN C 344 -16.88 36.03 30.32
C ASN C 344 -16.79 35.11 29.09
N SER C 345 -15.92 35.52 28.18
CA SER C 345 -15.73 34.90 26.88
C SER C 345 -14.39 35.39 26.25
N ILE C 346 -13.82 34.58 25.36
CA ILE C 346 -12.54 34.89 24.72
C ILE C 346 -12.61 34.58 23.24
N LEU C 347 -12.07 35.49 22.44
CA LEU C 347 -12.00 35.28 21.01
C LEU C 347 -10.65 34.59 20.71
N ILE C 348 -10.75 33.38 20.14
CA ILE C 348 -9.58 32.47 19.92
C ILE C 348 -9.02 32.63 18.50
N LYS C 349 -7.81 33.16 18.44
CA LYS C 349 -7.12 33.44 17.21
C LYS C 349 -5.77 32.81 17.40
N PHE C 350 -5.50 31.76 16.66
CA PHE C 350 -4.24 31.10 16.81
C PHE C 350 -3.00 31.93 16.47
N ASN C 351 -3.09 32.89 15.55
CA ASN C 351 -1.90 33.71 15.23
C ASN C 351 -1.65 34.84 16.27
N GLN C 352 -2.58 35.04 17.24
CA GLN C 352 -2.33 35.89 18.41
C GLN C 352 -1.30 35.33 19.37
N ILE C 353 -1.18 34.01 19.42
CA ILE C 353 -0.25 33.32 20.26
C ILE C 353 0.83 32.55 19.43
N GLY C 354 0.49 31.93 18.31
CA GLY C 354 1.51 31.44 17.38
C GLY C 354 1.64 29.95 17.24
N SER C 355 0.89 29.17 18.02
CA SER C 355 0.91 27.69 17.92
C SER C 355 -0.43 27.05 18.29
N LEU C 356 -0.62 25.85 17.75
CA LEU C 356 -1.87 25.15 17.98
C LEU C 356 -1.94 24.75 19.45
N THR C 357 -0.84 24.26 20.00
CA THR C 357 -0.81 23.79 21.39
C THR C 357 -1.20 24.86 22.36
N GLU C 358 -0.70 26.07 22.16
CA GLU C 358 -1.04 27.15 23.11
C GLU C 358 -2.45 27.66 22.89
N THR C 359 -2.94 27.56 21.65
CA THR C 359 -4.32 27.87 21.36
C THR C 359 -5.30 26.92 22.08
N LEU C 360 -5.03 25.62 22.05
CA LEU C 360 -5.84 24.62 22.76
C LEU C 360 -5.78 24.83 24.24
N ALA C 361 -4.60 25.25 24.76
CA ALA C 361 -4.50 25.62 26.18
C ALA C 361 -5.39 26.81 26.55
N ALA C 362 -5.49 27.81 25.67
CA ALA C 362 -6.40 28.93 25.96
C ALA C 362 -7.87 28.46 26.00
N ILE C 363 -8.23 27.60 25.06
CA ILE C 363 -9.63 27.11 25.00
C ILE C 363 -9.99 26.34 26.28
N LYS C 364 -9.01 25.60 26.75
CA LYS C 364 -9.16 24.75 27.93
C LYS C 364 -9.32 25.62 29.21
N MET C 365 -8.36 26.52 29.44
CA MET C 365 -8.47 27.52 30.49
C MET C 365 -9.86 28.18 30.47
N ALA C 366 -10.31 28.59 29.30
CA ALA C 366 -11.57 29.30 29.26
C ALA C 366 -12.73 28.42 29.70
N LYS C 367 -12.80 27.20 29.17
CA LYS C 367 -13.87 26.27 29.48
C LYS C 367 -13.86 25.86 30.95
N ASP C 368 -12.68 25.58 31.50
CA ASP C 368 -12.47 25.35 32.95
C ASP C 368 -13.04 26.46 33.85
N ALA C 369 -12.97 27.70 33.39
CA ALA C 369 -13.55 28.82 34.15
C ALA C 369 -15.05 29.11 33.85
N GLY C 370 -15.72 28.31 33.00
CA GLY C 370 -17.09 28.68 32.49
C GLY C 370 -17.12 29.84 31.49
N TYR C 371 -15.96 30.31 31.01
CA TYR C 371 -15.93 31.30 29.91
C TYR C 371 -16.29 30.59 28.60
N THR C 372 -16.97 31.26 27.68
CA THR C 372 -17.14 30.70 26.34
C THR C 372 -15.89 31.02 25.47
N ALA C 373 -15.69 30.21 24.42
CA ALA C 373 -14.61 30.35 23.49
C ALA C 373 -15.24 30.49 22.12
N VAL C 374 -14.90 31.56 21.43
CA VAL C 374 -15.43 31.83 20.06
C VAL C 374 -14.20 31.76 19.14
N ILE C 375 -14.16 30.79 18.23
CA ILE C 375 -13.06 30.62 17.33
C ILE C 375 -13.17 31.68 16.23
N SER C 376 -12.04 32.32 15.87
CA SER C 376 -12.10 33.46 15.00
C SER C 376 -11.11 33.57 13.84
N HIS C 377 -11.61 34.24 12.80
CA HIS C 377 -10.79 34.78 11.73
C HIS C 377 -10.00 36.03 12.09
N ARG C 378 -9.10 36.39 11.20
CA ARG C 378 -8.47 37.69 11.16
C ARG C 378 -8.94 38.44 9.88
N SER C 379 -8.72 39.76 9.81
CA SER C 379 -9.06 40.47 8.59
C SER C 379 -8.32 39.94 7.41
N GLY C 380 -7.04 39.63 7.55
CA GLY C 380 -6.31 38.96 6.46
C GLY C 380 -6.43 37.47 6.55
N GLU C 381 -7.09 36.84 5.59
CA GLU C 381 -7.28 35.41 5.63
C GLU C 381 -6.79 34.79 4.35
N THR C 382 -6.84 33.46 4.30
CA THR C 382 -6.62 32.73 3.06
C THR C 382 -7.79 31.76 2.81
N GLU C 383 -7.61 30.94 1.78
CA GLU C 383 -8.49 29.85 1.38
C GLU C 383 -8.52 28.68 2.41
N ASP C 384 -7.53 28.61 3.29
CA ASP C 384 -7.43 27.70 4.47
C ASP C 384 -8.74 27.78 5.35
N ALA C 385 -9.35 26.64 5.64
CA ALA C 385 -10.55 26.55 6.49
C ALA C 385 -10.28 25.91 7.85
N THR C 386 -9.03 25.88 8.27
CA THR C 386 -8.67 25.32 9.57
C THR C 386 -9.56 25.76 10.76
N ILE C 387 -9.92 27.04 10.86
CA ILE C 387 -10.70 27.43 12.04
C ILE C 387 -12.07 26.69 12.12
N ALA C 388 -12.62 26.26 10.98
CA ALA C 388 -13.81 25.40 10.98
C ALA C 388 -13.55 24.05 11.64
N ASP C 389 -12.49 23.36 11.26
CA ASP C 389 -12.15 22.09 11.97
C ASP C 389 -11.89 22.30 13.47
N LEU C 390 -11.23 23.40 13.78
CA LEU C 390 -10.90 23.75 15.14
C LEU C 390 -12.15 24.00 15.97
N ALA C 391 -13.05 24.81 15.45
CA ALA C 391 -14.32 25.05 16.14
C ALA C 391 -15.09 23.76 16.47
N VAL C 392 -15.14 22.85 15.52
CA VAL C 392 -15.87 21.61 15.67
C VAL C 392 -15.13 20.68 16.62
N GLY C 393 -13.81 20.66 16.51
CA GLY C 393 -13.06 19.67 17.26
C GLY C 393 -12.85 19.93 18.71
N THR C 394 -13.00 21.19 19.08
CA THR C 394 -12.96 21.65 20.48
C THR C 394 -14.34 21.88 21.03
N ALA C 395 -15.37 21.61 20.21
CA ALA C 395 -16.76 21.86 20.55
C ALA C 395 -16.89 23.31 21.13
N ALA C 396 -16.18 24.26 20.56
CA ALA C 396 -16.16 25.63 21.08
C ALA C 396 -17.57 26.18 21.21
N GLY C 397 -18.42 25.93 20.22
CA GLY C 397 -19.79 26.34 20.30
C GLY C 397 -20.16 27.55 19.50
N GLN C 398 -19.16 28.40 19.20
CA GLN C 398 -19.35 29.60 18.39
C GLN C 398 -18.13 29.86 17.51
N ILE C 399 -18.38 30.52 16.40
CA ILE C 399 -17.35 30.92 15.46
C ILE C 399 -17.70 32.33 14.93
N LYS C 400 -16.65 33.03 14.54
CA LYS C 400 -16.71 34.35 13.94
C LYS C 400 -15.80 34.32 12.71
N THR C 401 -16.40 34.13 11.53
CA THR C 401 -15.61 33.96 10.32
C THR C 401 -16.12 34.74 9.11
N GLY C 402 -16.87 35.82 9.36
CA GLY C 402 -17.14 36.83 8.39
C GLY C 402 -18.57 36.84 7.95
N SER C 403 -18.84 37.75 7.02
CA SER C 403 -20.10 37.86 6.34
C SER C 403 -20.25 36.71 5.40
N MET C 404 -21.39 36.65 4.72
CA MET C 404 -21.63 35.63 3.77
C MET C 404 -21.19 36.01 2.33
N SER C 405 -19.97 36.51 2.21
CA SER C 405 -19.38 36.82 0.93
C SER C 405 -17.87 36.81 1.06
N ARG C 406 -17.22 36.62 -0.07
CA ARG C 406 -15.75 36.40 -0.19
C ARG C 406 -15.39 34.96 0.26
N SER C 407 -14.66 34.22 -0.55
CA SER C 407 -14.34 32.82 -0.23
C SER C 407 -13.34 32.75 0.93
N ASP C 408 -12.63 33.83 1.20
CA ASP C 408 -11.83 33.89 2.47
C ASP C 408 -12.70 33.70 3.69
N ARG C 409 -13.99 34.04 3.61
CA ARG C 409 -14.92 33.77 4.70
C ARG C 409 -15.74 32.49 4.42
N VAL C 410 -16.30 32.45 3.22
CA VAL C 410 -17.24 31.43 2.83
C VAL C 410 -16.62 30.03 2.80
N ALA C 411 -15.31 29.93 2.57
CA ALA C 411 -14.65 28.61 2.62
C ALA C 411 -14.82 27.97 4.01
N LYS C 412 -14.80 28.77 5.07
CA LYS C 412 -15.02 28.25 6.38
C LYS C 412 -16.50 27.75 6.54
N TYR C 413 -17.46 28.47 6.02
CA TYR C 413 -18.85 28.02 6.11
C TYR C 413 -19.02 26.70 5.30
N ASN C 414 -18.40 26.62 4.12
CA ASN C 414 -18.42 25.43 3.29
C ASN C 414 -17.84 24.22 3.95
N GLN C 415 -16.75 24.41 4.66
CA GLN C 415 -16.18 23.35 5.42
C GLN C 415 -17.07 22.94 6.60
N LEU C 416 -17.72 23.90 7.24
CA LEU C 416 -18.71 23.59 8.29
C LEU C 416 -19.85 22.72 7.71
N ILE C 417 -20.31 23.04 6.49
CA ILE C 417 -21.33 22.22 5.80
C ILE C 417 -20.80 20.80 5.52
N ARG C 418 -19.54 20.63 5.10
CA ARG C 418 -18.98 19.25 4.85
C ARG C 418 -18.84 18.50 6.10
N ILE C 419 -18.32 19.14 7.14
CA ILE C 419 -18.21 18.45 8.40
C ILE C 419 -19.62 18.04 8.95
N GLU C 420 -20.58 18.94 9.01
CA GLU C 420 -21.89 18.55 9.52
C GLU C 420 -22.55 17.39 8.72
N GLU C 421 -22.40 17.43 7.39
CA GLU C 421 -22.89 16.40 6.51
C GLU C 421 -22.31 15.06 6.95
N ALA C 422 -21.04 15.04 7.36
CA ALA C 422 -20.43 13.81 7.81
C ALA C 422 -20.82 13.42 9.26
N LEU C 423 -20.88 14.36 10.19
CA LEU C 423 -21.14 14.00 11.57
C LEU C 423 -22.66 13.88 11.90
N GLY C 424 -23.53 14.59 11.21
CA GLY C 424 -24.94 14.71 11.61
C GLY C 424 -25.05 15.12 13.07
N GLU C 425 -25.90 14.40 13.80
CA GLU C 425 -26.19 14.77 15.17
C GLU C 425 -25.09 14.37 16.13
N LYS C 426 -24.05 13.66 15.70
CA LYS C 426 -22.82 13.62 16.54
C LYS C 426 -22.15 15.00 16.74
N ALA C 427 -22.53 15.98 15.93
CA ALA C 427 -22.09 17.35 16.08
C ALA C 427 -23.32 18.25 16.14
N PRO C 428 -23.99 18.27 17.30
CA PRO C 428 -25.22 19.10 17.46
C PRO C 428 -24.97 20.61 17.26
N TYR C 429 -25.93 21.30 16.67
CA TYR C 429 -25.99 22.76 16.60
C TYR C 429 -26.85 23.17 17.79
N ASN C 430 -26.23 23.73 18.81
CA ASN C 430 -26.94 24.00 20.06
C ASN C 430 -27.68 25.33 20.12
N GLY C 431 -27.49 26.22 19.18
CA GLY C 431 -28.21 27.51 19.17
C GLY C 431 -27.90 28.50 20.30
N ARG C 432 -28.95 29.21 20.73
CA ARG C 432 -28.84 30.27 21.75
C ARG C 432 -28.06 29.85 22.97
N LYS C 433 -28.16 28.58 23.35
CA LYS C 433 -27.58 28.05 24.60
C LYS C 433 -26.05 28.14 24.71
N GLU C 434 -25.38 28.19 23.55
CA GLU C 434 -23.92 28.36 23.49
C GLU C 434 -23.47 29.73 24.00
N ILE C 435 -24.36 30.72 24.00
CA ILE C 435 -23.95 32.07 24.25
C ILE C 435 -24.03 32.36 25.75
N LYS C 436 -22.88 32.79 26.32
CA LYS C 436 -22.79 33.18 27.71
C LYS C 436 -23.90 34.18 28.10
N GLY C 437 -24.73 33.85 29.10
CA GLY C 437 -25.89 34.68 29.49
C GLY C 437 -27.24 34.28 28.89
N GLN C 438 -27.29 33.18 28.13
CA GLN C 438 -28.55 32.51 27.70
C GLN C 438 -28.57 31.02 28.14
N GLN D 1 -1.39 -7.02 13.50
CA GLN D 1 -2.24 -5.83 13.72
C GLN D 1 -2.67 -5.37 12.30
N GLN D 2 -1.73 -5.07 11.43
CA GLN D 2 -2.04 -4.83 10.01
C GLN D 2 -1.71 -6.06 9.15
N MET D 3 -2.69 -6.48 8.34
CA MET D 3 -2.56 -7.57 7.34
C MET D 3 -2.15 -7.04 5.93
N GLY D 4 -0.92 -7.34 5.50
CA GLY D 4 -0.45 -7.03 4.14
C GLY D 4 -1.22 -7.60 2.94
N ARG D 5 -1.07 -6.95 1.78
CA ARG D 5 -1.80 -7.37 0.57
C ARG D 5 -1.42 -8.80 0.17
N GLY D 6 -0.19 -9.21 0.48
CA GLY D 6 0.30 -10.53 0.26
C GLY D 6 -0.51 -11.66 0.87
N SER D 7 -1.19 -11.38 1.99
CA SER D 7 -2.05 -12.40 2.55
C SER D 7 -3.40 -12.55 1.85
N MET D 8 -3.71 -11.66 0.92
CA MET D 8 -4.99 -11.70 0.21
C MET D 8 -4.79 -12.44 -1.14
N SER D 9 -4.63 -13.73 -1.01
CA SER D 9 -4.24 -14.60 -2.10
C SER D 9 -5.40 -15.44 -2.65
N LYS D 10 -6.63 -15.10 -2.27
CA LYS D 10 -7.78 -15.79 -2.79
C LYS D 10 -8.02 -15.33 -4.22
N ILE D 11 -8.44 -16.29 -5.04
CA ILE D 11 -8.70 -16.03 -6.44
C ILE D 11 -10.01 -15.25 -6.59
N VAL D 12 -9.98 -14.15 -7.34
CA VAL D 12 -11.19 -13.43 -7.64
C VAL D 12 -11.61 -13.48 -9.13
N LYS D 13 -10.74 -13.79 -10.08
CA LYS D 13 -11.10 -13.76 -11.49
C LYS D 13 -10.15 -14.66 -12.26
N ILE D 14 -10.68 -15.50 -13.14
CA ILE D 14 -9.86 -16.33 -14.06
C ILE D 14 -10.37 -16.09 -15.45
N ILE D 15 -9.48 -15.79 -16.38
CA ILE D 15 -9.85 -15.55 -17.75
C ILE D 15 -9.00 -16.45 -18.61
N GLY D 16 -9.61 -16.98 -19.67
CA GLY D 16 -8.94 -17.73 -20.68
C GLY D 16 -9.14 -17.05 -22.01
N ARG D 17 -8.16 -17.20 -22.87
CA ARG D 17 -8.28 -16.77 -24.24
C ARG D 17 -7.48 -17.68 -25.15
N GLU D 18 -7.81 -17.60 -26.43
CA GLU D 18 -7.13 -18.32 -27.49
C GLU D 18 -6.05 -17.38 -28.05
N ILE D 19 -4.80 -17.79 -27.90
CA ILE D 19 -3.67 -17.13 -28.55
C ILE D 19 -3.04 -18.10 -29.56
N ILE D 20 -1.93 -17.70 -30.18
CA ILE D 20 -1.25 -18.44 -31.23
C ILE D 20 0.10 -18.91 -30.74
N ASP D 21 0.42 -20.14 -31.02
CA ASP D 21 1.71 -20.70 -30.64
C ASP D 21 2.77 -20.45 -31.72
N SER D 22 3.96 -20.97 -31.49
CA SER D 22 5.08 -20.73 -32.39
C SER D 22 4.97 -21.40 -33.76
N ARG D 23 4.03 -22.33 -33.93
CA ARG D 23 3.85 -22.96 -35.26
C ARG D 23 2.64 -22.37 -35.95
N GLY D 24 2.01 -21.39 -35.30
CA GLY D 24 0.87 -20.72 -35.90
C GLY D 24 -0.46 -21.35 -35.50
N ASN D 25 -0.46 -22.24 -34.52
CA ASN D 25 -1.68 -22.91 -34.08
C ASN D 25 -2.20 -22.35 -32.79
N PRO D 26 -3.54 -22.39 -32.61
CA PRO D 26 -4.09 -21.81 -31.39
C PRO D 26 -3.66 -22.59 -30.20
N THR D 27 -3.55 -21.92 -29.05
CA THR D 27 -3.44 -22.59 -27.79
C THR D 27 -4.11 -21.70 -26.71
N VAL D 28 -4.15 -22.21 -25.51
CA VAL D 28 -4.90 -21.61 -24.44
C VAL D 28 -3.98 -20.79 -23.57
N GLU D 29 -4.39 -19.58 -23.28
CA GLU D 29 -3.75 -18.76 -22.25
C GLU D 29 -4.75 -18.49 -21.13
N ALA D 30 -4.28 -18.50 -19.90
CA ALA D 30 -5.07 -18.17 -18.77
C ALA D 30 -4.42 -17.08 -17.94
N GLU D 31 -5.24 -16.21 -17.35
CA GLU D 31 -4.85 -15.30 -16.27
C GLU D 31 -5.59 -15.66 -14.97
N VAL D 32 -4.85 -15.60 -13.84
CA VAL D 32 -5.38 -15.86 -12.50
C VAL D 32 -5.15 -14.60 -11.74
N HIS D 33 -6.25 -13.97 -11.22
CA HIS D 33 -6.19 -12.72 -10.46
C HIS D 33 -6.57 -12.99 -9.04
N LEU D 34 -5.80 -12.41 -8.10
CA LEU D 34 -6.05 -12.61 -6.66
C LEU D 34 -6.61 -11.33 -6.09
N GLU D 35 -7.24 -11.44 -4.97
CA GLU D 35 -7.83 -10.31 -4.26
C GLU D 35 -6.87 -9.13 -4.00
N GLY D 36 -5.64 -9.43 -3.57
CA GLY D 36 -4.68 -8.38 -3.25
C GLY D 36 -4.07 -7.73 -4.46
N GLY D 37 -4.50 -8.16 -5.63
CA GLY D 37 -4.05 -7.53 -6.88
C GLY D 37 -3.02 -8.31 -7.69
N PHE D 38 -2.68 -9.50 -7.29
CA PHE D 38 -1.59 -10.19 -7.96
C PHE D 38 -2.17 -10.92 -9.18
N VAL D 39 -1.43 -10.93 -10.26
CA VAL D 39 -1.80 -11.58 -11.47
C VAL D 39 -0.71 -12.51 -12.01
N GLY D 40 -1.15 -13.67 -12.48
CA GLY D 40 -0.30 -14.67 -13.15
C GLY D 40 -0.97 -15.02 -14.47
N MET D 41 -0.16 -15.20 -15.50
CA MET D 41 -0.58 -15.55 -16.85
C MET D 41 0.33 -16.62 -17.42
N ALA D 42 -0.26 -17.60 -18.08
CA ALA D 42 0.49 -18.70 -18.69
C ALA D 42 -0.31 -19.32 -19.83
N ALA D 43 0.40 -20.08 -20.66
CA ALA D 43 -0.15 -20.71 -21.87
C ALA D 43 0.36 -22.13 -21.96
N ALA D 44 -0.51 -22.99 -22.45
CA ALA D 44 -0.19 -24.36 -22.75
C ALA D 44 0.69 -24.44 -23.99
N PRO D 45 1.77 -25.18 -23.90
CA PRO D 45 2.47 -25.60 -25.10
C PRO D 45 1.69 -26.75 -25.78
N SER D 46 2.15 -27.19 -26.93
CA SER D 46 1.53 -28.25 -27.73
C SER D 46 2.59 -29.13 -28.50
N GLY D 47 2.48 -30.47 -28.41
CA GLY D 47 3.43 -31.39 -29.09
C GLY D 47 3.03 -31.65 -30.52
N ALA D 48 4.01 -31.96 -31.35
CA ALA D 48 3.81 -32.30 -32.76
C ALA D 48 3.82 -33.84 -32.96
N SER D 49 4.65 -34.55 -32.17
CA SER D 49 4.74 -36.04 -32.07
C SER D 49 4.30 -36.52 -30.63
N THR D 50 3.00 -36.44 -30.36
CA THR D 50 2.52 -36.70 -29.05
C THR D 50 2.50 -38.17 -28.73
N GLY D 51 2.84 -38.52 -27.50
CA GLY D 51 2.60 -39.90 -27.05
C GLY D 51 1.12 -40.30 -26.89
N SER D 52 0.81 -41.58 -27.13
CA SER D 52 -0.60 -42.02 -27.19
C SER D 52 -1.25 -41.98 -25.81
N ARG D 53 -0.44 -41.98 -24.74
CA ARG D 53 -0.97 -41.91 -23.33
C ARG D 53 -0.93 -40.45 -22.70
N GLU D 54 -0.66 -39.45 -23.52
CA GLU D 54 -0.71 -38.05 -23.07
C GLU D 54 -2.14 -37.65 -22.66
N ALA D 55 -2.26 -36.90 -21.58
CA ALA D 55 -3.50 -36.21 -21.33
C ALA D 55 -3.98 -35.45 -22.56
N LEU D 56 -5.29 -35.38 -22.68
CA LEU D 56 -5.91 -34.86 -23.89
C LEU D 56 -5.69 -33.36 -24.11
N GLU D 57 -5.06 -33.01 -25.23
CA GLU D 57 -5.16 -31.66 -25.77
C GLU D 57 -6.50 -31.45 -26.45
N LEU D 58 -7.38 -30.64 -25.88
CA LEU D 58 -8.74 -30.50 -26.43
C LEU D 58 -8.74 -29.44 -27.53
N ARG D 59 -9.08 -29.88 -28.74
CA ARG D 59 -9.24 -29.00 -29.90
C ARG D 59 -10.68 -29.05 -30.42
N ASP D 60 -11.03 -28.05 -31.21
CA ASP D 60 -12.43 -27.88 -31.58
C ASP D 60 -12.90 -28.77 -32.75
N GLY D 61 -12.02 -29.08 -33.70
CA GLY D 61 -12.37 -29.76 -34.93
C GLY D 61 -13.33 -29.02 -35.84
N ASP D 62 -13.38 -27.70 -35.79
CA ASP D 62 -14.22 -26.89 -36.64
C ASP D 62 -13.36 -26.49 -37.83
N LYS D 63 -13.63 -27.13 -38.96
CA LYS D 63 -12.83 -26.94 -40.16
C LYS D 63 -12.90 -25.52 -40.77
N SER D 64 -13.89 -24.72 -40.37
CA SER D 64 -13.94 -23.31 -40.78
C SER D 64 -12.99 -22.35 -39.95
N ARG D 65 -12.35 -22.85 -38.90
CA ARG D 65 -11.37 -22.05 -38.15
C ARG D 65 -10.11 -22.84 -37.91
N PHE D 66 -9.02 -22.28 -38.41
CA PHE D 66 -7.67 -22.74 -38.08
C PHE D 66 -7.49 -24.21 -38.48
N LEU D 67 -8.11 -24.62 -39.59
CA LEU D 67 -8.07 -26.03 -40.03
C LEU D 67 -8.49 -27.05 -38.95
N GLY D 68 -9.41 -26.69 -38.06
CA GLY D 68 -9.83 -27.60 -36.98
C GLY D 68 -9.05 -27.54 -35.65
N LYS D 69 -8.14 -26.61 -35.52
CA LYS D 69 -7.21 -26.60 -34.38
C LYS D 69 -7.54 -25.50 -33.35
N GLY D 70 -8.70 -24.85 -33.48
CA GLY D 70 -9.20 -23.89 -32.55
C GLY D 70 -9.24 -24.53 -31.17
N VAL D 71 -9.12 -23.72 -30.12
CA VAL D 71 -9.23 -24.22 -28.74
C VAL D 71 -10.28 -23.42 -28.01
N THR D 72 -11.34 -23.00 -28.73
CA THR D 72 -12.43 -22.27 -28.09
C THR D 72 -13.19 -23.04 -27.01
N LYS D 73 -13.21 -24.36 -27.11
CA LYS D 73 -13.84 -25.19 -26.07
C LYS D 73 -13.02 -25.24 -24.83
N ALA D 74 -11.72 -25.37 -24.98
CA ALA D 74 -10.86 -25.34 -23.82
C ALA D 74 -10.90 -23.94 -23.11
N VAL D 75 -11.03 -22.89 -23.90
CA VAL D 75 -11.09 -21.54 -23.40
C VAL D 75 -12.42 -21.34 -22.65
N ALA D 76 -13.54 -21.88 -23.18
CA ALA D 76 -14.81 -21.85 -22.46
C ALA D 76 -14.74 -22.59 -21.14
N ALA D 77 -14.05 -23.72 -21.11
CA ALA D 77 -13.86 -24.40 -19.83
C ALA D 77 -13.11 -23.55 -18.79
N VAL D 78 -12.08 -22.80 -19.22
CA VAL D 78 -11.38 -21.86 -18.31
C VAL D 78 -12.32 -20.75 -17.85
N ASN D 79 -12.97 -20.12 -18.79
CA ASN D 79 -13.86 -19.00 -18.50
C ASN D 79 -15.11 -19.33 -17.66
N GLY D 80 -15.55 -20.58 -17.71
CA GLY D 80 -16.77 -21.03 -17.08
C GLY D 80 -16.51 -21.94 -15.89
N PRO D 81 -16.65 -23.26 -16.06
CA PRO D 81 -16.61 -24.16 -14.90
C PRO D 81 -15.29 -24.08 -14.10
N ILE D 82 -14.14 -23.94 -14.74
CA ILE D 82 -12.85 -23.94 -14.01
C ILE D 82 -12.80 -22.67 -13.20
N ALA D 83 -13.06 -21.55 -13.83
CA ALA D 83 -13.00 -20.29 -13.09
C ALA D 83 -13.94 -20.35 -11.89
N GLN D 84 -15.14 -20.83 -12.13
CA GLN D 84 -16.19 -20.78 -11.13
C GLN D 84 -15.86 -21.67 -9.96
N ALA D 85 -15.17 -22.77 -10.21
CA ALA D 85 -14.77 -23.71 -9.17
C ALA D 85 -13.56 -23.21 -8.29
N LEU D 86 -12.81 -22.24 -8.78
CA LEU D 86 -11.64 -21.73 -8.05
C LEU D 86 -11.84 -20.35 -7.40
N ILE D 87 -12.82 -19.57 -7.84
CA ILE D 87 -13.05 -18.21 -7.23
C ILE D 87 -13.26 -18.44 -5.72
N GLY D 88 -12.57 -17.66 -4.90
CA GLY D 88 -12.61 -17.79 -3.47
C GLY D 88 -11.60 -18.75 -2.88
N LYS D 89 -10.85 -19.51 -3.70
CA LYS D 89 -9.80 -20.42 -3.14
C LYS D 89 -8.44 -19.72 -3.13
N ASP D 90 -7.56 -20.25 -2.30
CA ASP D 90 -6.26 -19.71 -1.97
C ASP D 90 -5.25 -20.21 -2.98
N ALA D 91 -4.81 -19.34 -3.87
CA ALA D 91 -3.78 -19.68 -4.88
C ALA D 91 -2.47 -20.31 -4.37
N LYS D 92 -2.13 -19.97 -3.11
CA LYS D 92 -0.93 -20.48 -2.44
C LYS D 92 -0.97 -21.95 -2.23
N ASP D 93 -2.16 -22.55 -2.22
CA ASP D 93 -2.20 -24.04 -2.02
C ASP D 93 -2.29 -24.75 -3.42
N GLN D 94 -1.14 -24.83 -4.09
CA GLN D 94 -1.09 -25.35 -5.48
C GLN D 94 -1.79 -26.72 -5.58
N ALA D 95 -1.41 -27.63 -4.71
CA ALA D 95 -1.98 -29.00 -4.66
C ALA D 95 -3.52 -29.04 -4.54
N GLY D 96 -4.06 -28.14 -3.70
CA GLY D 96 -5.50 -27.95 -3.51
C GLY D 96 -6.15 -27.39 -4.76
N ILE D 97 -5.50 -26.43 -5.38
CA ILE D 97 -6.02 -25.86 -6.63
C ILE D 97 -6.08 -26.93 -7.75
N ASP D 98 -4.98 -27.66 -7.93
CA ASP D 98 -4.92 -28.64 -9.00
C ASP D 98 -5.94 -29.79 -8.72
N LYS D 99 -6.12 -30.16 -7.48
CA LYS D 99 -7.05 -31.20 -7.08
C LYS D 99 -8.51 -30.83 -7.45
N ILE D 100 -8.90 -29.61 -7.17
CA ILE D 100 -10.23 -29.14 -7.52
C ILE D 100 -10.47 -29.27 -9.07
N MET D 101 -9.53 -28.81 -9.89
CA MET D 101 -9.63 -28.95 -11.35
C MET D 101 -9.66 -30.42 -11.80
N ILE D 102 -8.77 -31.23 -11.25
CA ILE D 102 -8.72 -32.65 -11.53
C ILE D 102 -10.08 -33.35 -11.20
N ASP D 103 -10.60 -33.11 -10.00
CA ASP D 103 -11.86 -33.70 -9.56
C ASP D 103 -13.07 -33.18 -10.38
N LEU D 104 -13.10 -31.91 -10.68
CA LEU D 104 -14.20 -31.38 -11.42
C LEU D 104 -14.24 -31.96 -12.81
N ASP D 105 -13.07 -32.13 -13.44
CA ASP D 105 -12.98 -32.67 -14.81
C ASP D 105 -13.47 -34.12 -14.77
N GLY D 106 -12.98 -34.85 -13.79
CA GLY D 106 -13.54 -36.11 -13.40
C GLY D 106 -12.98 -37.28 -14.18
N THR D 107 -12.21 -37.06 -15.26
CA THR D 107 -11.73 -38.16 -16.15
C THR D 107 -10.25 -38.40 -15.95
N GLU D 108 -9.80 -39.58 -16.37
CA GLU D 108 -8.40 -40.01 -16.22
C GLU D 108 -7.40 -39.13 -17.00
N ASN D 109 -7.79 -38.67 -18.19
CA ASN D 109 -6.91 -37.98 -19.08
C ASN D 109 -7.25 -36.51 -19.31
N LYS D 110 -8.06 -35.95 -18.41
CA LYS D 110 -8.53 -34.58 -18.50
C LYS D 110 -9.25 -34.25 -19.82
N SER D 111 -10.15 -35.15 -20.22
CA SER D 111 -10.82 -34.99 -21.50
C SER D 111 -12.11 -34.26 -21.43
N LYS D 112 -12.60 -33.84 -20.25
CA LYS D 112 -13.79 -32.97 -20.20
C LYS D 112 -13.40 -31.52 -20.53
N PHE D 113 -12.36 -31.03 -19.86
CA PHE D 113 -11.92 -29.66 -20.04
C PHE D 113 -10.77 -29.51 -21.00
N GLY D 114 -9.95 -30.54 -21.13
CA GLY D 114 -8.67 -30.43 -21.86
C GLY D 114 -7.56 -30.20 -20.85
N ALA D 115 -6.51 -31.01 -20.95
CA ALA D 115 -5.23 -30.75 -20.23
C ALA D 115 -4.66 -29.39 -20.53
N ASN D 116 -4.95 -28.91 -21.74
CA ASN D 116 -4.57 -27.56 -22.14
C ASN D 116 -5.28 -26.49 -21.28
N ALA D 117 -6.55 -26.62 -21.00
CA ALA D 117 -7.21 -25.66 -20.12
C ALA D 117 -6.69 -25.74 -18.75
N ILE D 118 -6.58 -26.95 -18.20
CA ILE D 118 -6.25 -27.10 -16.80
C ILE D 118 -4.81 -26.65 -16.55
N LEU D 119 -3.93 -26.99 -17.47
CA LEU D 119 -2.49 -26.68 -17.30
C LEU D 119 -2.27 -25.16 -17.33
N ALA D 120 -2.91 -24.45 -18.25
CA ALA D 120 -2.75 -23.01 -18.29
C ALA D 120 -3.19 -22.32 -16.97
N VAL D 121 -4.30 -22.75 -16.41
CA VAL D 121 -4.76 -22.22 -15.15
C VAL D 121 -3.80 -22.60 -14.02
N SER D 122 -3.40 -23.86 -13.99
CA SER D 122 -2.47 -24.34 -12.98
C SER D 122 -1.21 -23.49 -12.88
N LEU D 123 -0.58 -23.28 -14.02
CA LEU D 123 0.65 -22.50 -14.09
C LEU D 123 0.40 -21.03 -13.84
N ALA D 124 -0.64 -20.45 -14.40
CA ALA D 124 -0.99 -19.08 -14.02
C ALA D 124 -1.23 -18.91 -12.51
N ASN D 125 -1.89 -19.89 -11.92
CA ASN D 125 -2.10 -19.86 -10.49
C ASN D 125 -0.75 -19.78 -9.73
N ALA D 126 0.20 -20.62 -10.13
CA ALA D 126 1.52 -20.59 -9.48
C ALA D 126 2.16 -19.24 -9.58
N LYS D 127 2.01 -18.55 -10.72
CA LYS D 127 2.68 -17.29 -10.92
C LYS D 127 2.05 -16.23 -10.04
N ALA D 128 0.71 -16.28 -9.98
CA ALA D 128 -0.04 -15.38 -9.13
C ALA D 128 0.36 -15.60 -7.65
N ALA D 129 0.41 -16.86 -7.23
CA ALA D 129 0.82 -17.15 -5.87
C ALA D 129 2.33 -16.75 -5.54
N ALA D 130 3.25 -16.98 -6.46
CA ALA D 130 4.64 -16.47 -6.30
C ALA D 130 4.62 -14.94 -6.06
N ALA D 131 3.85 -14.24 -6.86
CA ALA D 131 3.75 -12.79 -6.69
C ALA D 131 3.15 -12.38 -5.31
N ALA D 132 2.17 -13.16 -4.85
CA ALA D 132 1.58 -12.90 -3.57
C ALA D 132 2.54 -13.17 -2.46
N LYS D 133 3.50 -14.10 -2.67
CA LYS D 133 4.48 -14.43 -1.69
C LYS D 133 5.72 -13.56 -1.75
N GLY D 134 5.75 -12.65 -2.70
CA GLY D 134 6.84 -11.74 -2.85
C GLY D 134 8.10 -12.44 -3.35
N MET D 135 7.97 -13.38 -4.25
CA MET D 135 9.13 -14.11 -4.75
C MET D 135 9.05 -14.46 -6.25
N PRO D 136 10.21 -14.67 -6.87
CA PRO D 136 10.27 -15.18 -8.23
C PRO D 136 9.70 -16.57 -8.29
N LEU D 137 9.31 -16.96 -9.49
CA LEU D 137 8.62 -18.21 -9.72
C LEU D 137 9.48 -19.37 -9.32
N TYR D 138 10.77 -19.37 -9.70
CA TYR D 138 11.70 -20.45 -9.32
C TYR D 138 11.73 -20.66 -7.81
N GLU D 139 11.72 -19.59 -7.04
CA GLU D 139 11.73 -19.75 -5.61
C GLU D 139 10.43 -20.36 -5.05
N HIS D 140 9.27 -19.93 -5.57
CA HIS D 140 7.99 -20.54 -5.15
C HIS D 140 7.93 -22.01 -5.61
N ILE D 141 8.38 -22.28 -6.83
CA ILE D 141 8.46 -23.65 -7.26
C ILE D 141 9.28 -24.52 -6.32
N ALA D 142 10.46 -24.07 -5.90
CA ALA D 142 11.26 -24.84 -4.98
C ALA D 142 10.54 -25.13 -3.65
N GLU D 143 9.83 -24.13 -3.15
CA GLU D 143 8.97 -24.35 -2.01
C GLU D 143 7.82 -25.32 -2.28
N LEU D 144 7.15 -25.21 -3.42
CA LEU D 144 6.11 -26.20 -3.78
C LEU D 144 6.66 -27.62 -3.91
N ASN D 145 7.91 -27.71 -4.35
CA ASN D 145 8.57 -28.97 -4.62
C ASN D 145 9.04 -29.72 -3.38
N GLY D 146 8.93 -29.10 -2.22
CA GLY D 146 9.49 -29.67 -1.00
C GLY D 146 10.99 -29.46 -0.79
N THR D 147 11.64 -28.56 -1.53
CA THR D 147 13.12 -28.44 -1.46
C THR D 147 13.48 -26.97 -1.38
N PRO D 148 13.06 -26.26 -0.32
CA PRO D 148 13.24 -24.79 -0.35
C PRO D 148 14.73 -24.37 -0.43
N GLY D 149 15.01 -23.32 -1.22
CA GLY D 149 16.36 -22.73 -1.38
C GLY D 149 17.36 -23.61 -2.10
N LYS D 150 16.90 -24.63 -2.82
CA LYS D 150 17.80 -25.55 -3.47
C LYS D 150 17.61 -25.40 -4.95
N TYR D 151 18.66 -24.93 -5.61
CA TYR D 151 18.63 -24.52 -6.99
C TYR D 151 19.81 -25.05 -7.74
N SER D 152 19.66 -25.21 -9.06
CA SER D 152 20.81 -25.34 -9.91
C SER D 152 20.45 -24.82 -11.27
N MET D 153 21.45 -24.49 -12.08
CA MET D 153 21.25 -24.05 -13.44
C MET D 153 21.36 -25.29 -14.34
N PRO D 154 20.40 -25.47 -15.24
CA PRO D 154 20.45 -26.76 -15.86
C PRO D 154 21.40 -26.82 -17.04
N VAL D 155 21.88 -28.02 -17.32
CA VAL D 155 22.67 -28.32 -18.51
C VAL D 155 21.76 -28.54 -19.73
N PRO D 156 21.94 -27.74 -20.76
CA PRO D 156 20.99 -27.77 -21.82
C PRO D 156 21.41 -28.68 -22.93
N MET D 157 20.43 -29.36 -23.51
CA MET D 157 20.64 -30.17 -24.69
C MET D 157 19.92 -29.41 -25.80
N MET D 158 20.73 -28.96 -26.78
CA MET D 158 20.28 -28.10 -27.88
C MET D 158 20.19 -28.75 -29.23
N ASN D 159 18.97 -28.74 -29.74
CA ASN D 159 18.61 -29.44 -30.96
C ASN D 159 18.98 -28.75 -32.28
N ILE D 160 20.16 -29.08 -32.82
CA ILE D 160 20.68 -28.37 -33.97
C ILE D 160 20.57 -29.04 -35.32
N ILE D 161 20.41 -30.36 -35.40
CA ILE D 161 20.04 -31.02 -36.64
C ILE D 161 18.82 -31.87 -36.40
N ASN D 162 17.89 -31.89 -37.35
CA ASN D 162 16.60 -32.59 -37.20
C ASN D 162 16.45 -33.63 -38.30
N GLY D 163 15.71 -34.70 -37.99
CA GLY D 163 15.19 -35.64 -39.01
C GLY D 163 13.80 -36.13 -38.68
N GLY D 164 13.47 -37.34 -39.15
CA GLY D 164 12.19 -37.98 -38.89
C GLY D 164 11.10 -37.46 -39.81
N GLU D 165 9.92 -37.22 -39.21
CA GLU D 165 8.63 -36.93 -39.92
C GLU D 165 8.52 -35.48 -40.40
N HIS D 166 8.58 -34.53 -39.45
CA HIS D 166 8.52 -33.07 -39.69
C HIS D 166 9.91 -32.51 -40.15
N ALA D 167 10.47 -33.06 -41.23
CA ALA D 167 11.82 -32.69 -41.72
C ALA D 167 12.08 -33.40 -43.02
N ASP D 168 12.75 -32.73 -43.95
CA ASP D 168 12.77 -33.10 -45.37
C ASP D 168 14.11 -33.78 -45.78
N ASN D 169 14.37 -34.98 -45.26
CA ASN D 169 15.66 -35.68 -45.54
C ASN D 169 15.58 -37.20 -45.30
N ASN D 170 16.72 -37.90 -45.49
CA ASN D 170 16.82 -39.32 -45.16
C ASN D 170 17.44 -39.53 -43.75
N VAL D 171 16.94 -38.76 -42.77
CA VAL D 171 17.40 -38.86 -41.39
C VAL D 171 16.16 -39.31 -40.58
N ASP D 172 16.24 -40.47 -39.93
CA ASP D 172 15.09 -41.03 -39.16
C ASP D 172 15.02 -40.53 -37.73
N ILE D 173 16.18 -40.39 -37.09
CA ILE D 173 16.30 -39.83 -35.75
C ILE D 173 15.75 -38.39 -35.80
N GLN D 174 14.84 -38.06 -34.87
CA GLN D 174 14.15 -36.81 -34.88
C GLN D 174 15.10 -35.67 -34.45
N GLU D 175 15.94 -35.85 -33.40
CA GLU D 175 16.75 -34.74 -32.88
C GLU D 175 18.20 -35.11 -32.62
N PHE D 176 19.15 -34.31 -33.11
CA PHE D 176 20.56 -34.38 -32.74
C PHE D 176 20.91 -33.16 -31.96
N MET D 177 21.49 -33.34 -30.78
CA MET D 177 21.65 -32.28 -29.84
C MET D 177 23.07 -32.17 -29.32
N ILE D 178 23.53 -30.95 -29.05
CA ILE D 178 24.78 -30.73 -28.30
C ILE D 178 24.45 -30.34 -26.88
N GLN D 179 25.26 -30.75 -25.92
CA GLN D 179 25.19 -30.31 -24.53
C GLN D 179 26.52 -29.70 -24.13
N PRO D 180 26.55 -28.40 -23.71
CA PRO D 180 27.85 -27.74 -23.39
C PRO D 180 28.25 -28.00 -21.95
N VAL D 181 28.62 -29.24 -21.77
CA VAL D 181 29.03 -29.72 -20.44
C VAL D 181 30.30 -29.06 -19.84
N GLY D 182 31.20 -28.55 -20.69
CA GLY D 182 32.43 -27.89 -20.24
C GLY D 182 32.26 -26.45 -19.77
N ALA D 183 31.11 -25.85 -20.03
CA ALA D 183 30.84 -24.52 -19.49
C ALA D 183 30.81 -24.50 -17.96
N LYS D 184 31.10 -23.33 -17.37
CA LYS D 184 31.05 -23.10 -15.91
C LYS D 184 29.77 -22.42 -15.39
N THR D 185 29.07 -21.70 -16.27
CA THR D 185 27.80 -21.01 -16.00
C THR D 185 26.87 -21.33 -17.15
N VAL D 186 25.57 -21.17 -16.95
CA VAL D 186 24.62 -21.40 -18.04
C VAL D 186 24.82 -20.32 -19.11
N LYS D 187 25.26 -19.14 -18.71
CA LYS D 187 25.52 -18.03 -19.63
C LYS D 187 26.57 -18.40 -20.68
N GLU D 188 27.67 -18.97 -20.20
CA GLU D 188 28.69 -19.49 -21.06
C GLU D 188 28.17 -20.67 -21.89
N ALA D 189 27.41 -21.56 -21.25
CA ALA D 189 26.81 -22.64 -22.05
C ALA D 189 25.99 -22.12 -23.22
N ILE D 190 25.27 -21.02 -23.01
CA ILE D 190 24.40 -20.42 -24.02
C ILE D 190 25.24 -19.78 -25.13
N ARG D 191 26.29 -19.07 -24.76
CA ARG D 191 27.25 -18.56 -25.75
C ARG D 191 27.87 -19.70 -26.60
N MET D 192 28.30 -20.76 -25.95
CA MET D 192 28.89 -21.90 -26.73
C MET D 192 27.90 -22.43 -27.78
N GLY D 193 26.66 -22.59 -27.32
CA GLY D 193 25.62 -23.09 -28.18
C GLY D 193 25.38 -22.19 -29.38
N SER D 194 25.35 -20.88 -29.11
CA SER D 194 25.20 -19.89 -30.15
C SER D 194 26.37 -20.02 -31.16
N GLU D 195 27.59 -20.13 -30.65
CA GLU D 195 28.74 -20.19 -31.54
C GLU D 195 28.70 -21.42 -32.43
N VAL D 196 28.37 -22.55 -31.84
CA VAL D 196 28.36 -23.75 -32.60
C VAL D 196 27.21 -23.68 -33.64
N PHE D 197 26.07 -23.13 -33.24
CA PHE D 197 24.93 -23.06 -34.16
C PHE D 197 25.26 -22.20 -35.37
N HIS D 198 25.97 -21.11 -35.16
CA HIS D 198 26.38 -20.26 -36.30
C HIS D 198 27.45 -20.90 -37.17
N HIS D 199 28.43 -21.57 -36.55
CA HIS D 199 29.39 -22.31 -37.32
C HIS D 199 28.75 -23.42 -38.11
N LEU D 200 27.68 -24.00 -37.63
CA LEU D 200 27.03 -25.06 -38.39
C LEU D 200 26.40 -24.52 -39.63
N ALA D 201 25.89 -23.28 -39.54
CA ALA D 201 25.33 -22.60 -40.71
C ALA D 201 26.39 -22.48 -41.81
N LYS D 202 27.63 -22.13 -41.44
CA LYS D 202 28.73 -21.96 -42.42
C LYS D 202 29.09 -23.28 -43.05
N VAL D 203 29.21 -24.28 -42.19
CA VAL D 203 29.54 -25.61 -42.65
C VAL D 203 28.46 -26.10 -43.61
N LEU D 204 27.17 -25.91 -43.28
CA LEU D 204 26.11 -26.35 -44.20
C LEU D 204 26.07 -25.55 -45.52
N LYS D 205 26.40 -24.25 -45.47
CA LYS D 205 26.46 -23.35 -46.65
C LYS D 205 27.56 -23.81 -47.58
N ALA D 206 28.76 -23.98 -47.04
CA ALA D 206 29.88 -24.55 -47.79
C ALA D 206 29.53 -25.85 -48.52
N LYS D 207 28.62 -26.67 -47.98
CA LYS D 207 28.17 -27.89 -48.68
C LYS D 207 26.98 -27.67 -49.66
N GLY D 208 26.60 -26.43 -49.91
CA GLY D 208 25.40 -26.16 -50.71
C GLY D 208 24.09 -26.57 -50.04
N MET D 209 24.07 -26.68 -48.70
CA MET D 209 22.86 -27.14 -47.96
C MET D 209 21.99 -26.01 -47.38
N ASN D 210 20.70 -26.31 -47.22
CA ASN D 210 19.72 -25.35 -46.74
C ASN D 210 19.86 -25.05 -45.25
N THR D 211 19.83 -23.78 -44.90
CA THR D 211 19.99 -23.33 -43.53
C THR D 211 18.76 -22.67 -42.94
N ALA D 212 17.60 -22.95 -43.53
CA ALA D 212 16.33 -22.48 -42.97
C ALA D 212 16.07 -23.38 -41.74
N VAL D 213 15.15 -23.03 -40.85
CA VAL D 213 15.03 -23.79 -39.61
C VAL D 213 13.67 -24.45 -39.43
N GLY D 214 13.63 -25.51 -38.65
CA GLY D 214 12.37 -26.16 -38.28
C GLY D 214 11.78 -25.58 -36.98
N ASP D 215 10.81 -26.31 -36.41
CA ASP D 215 9.96 -25.89 -35.29
C ASP D 215 10.77 -25.46 -34.05
N GLU D 216 11.92 -26.08 -33.85
CA GLU D 216 12.75 -25.85 -32.66
C GLU D 216 14.01 -25.04 -32.97
N GLY D 217 14.08 -24.47 -34.17
CA GLY D 217 15.13 -23.49 -34.50
C GLY D 217 16.45 -24.12 -34.97
N GLY D 218 16.44 -25.42 -35.21
CA GLY D 218 17.60 -26.12 -35.70
C GLY D 218 17.41 -26.36 -37.19
N TYR D 219 18.44 -26.90 -37.82
CA TYR D 219 18.48 -27.11 -39.27
C TYR D 219 17.99 -28.51 -39.68
N ALA D 220 17.45 -28.59 -40.89
CA ALA D 220 16.94 -29.81 -41.46
C ALA D 220 17.52 -30.01 -42.87
N PRO D 221 18.84 -30.01 -42.99
CA PRO D 221 19.42 -30.16 -44.31
C PRO D 221 19.17 -31.55 -44.88
N ASN D 222 19.27 -31.68 -46.21
CA ASN D 222 19.16 -32.99 -46.84
C ASN D 222 20.48 -33.78 -46.70
N LEU D 223 20.61 -34.53 -45.61
CA LEU D 223 21.72 -35.46 -45.39
C LEU D 223 21.32 -36.87 -45.78
N GLY D 224 22.36 -37.69 -46.01
CA GLY D 224 22.23 -39.04 -46.56
C GLY D 224 22.08 -40.19 -45.56
N SER D 225 22.48 -39.98 -44.30
CA SER D 225 22.25 -40.97 -43.27
C SER D 225 22.20 -40.38 -41.87
N ASN D 226 21.77 -41.20 -40.92
CA ASN D 226 21.66 -40.77 -39.52
C ASN D 226 23.05 -40.38 -39.03
N ALA D 227 24.05 -41.19 -39.35
CA ALA D 227 25.46 -40.92 -39.02
C ALA D 227 26.03 -39.57 -39.54
N GLU D 228 25.56 -39.14 -40.71
CA GLU D 228 26.07 -37.90 -41.33
C GLU D 228 25.63 -36.65 -40.52
N ALA D 229 24.51 -36.75 -39.82
CA ALA D 229 24.04 -35.68 -38.97
C ALA D 229 25.01 -35.48 -37.82
N LEU D 230 25.57 -36.58 -37.30
CA LEU D 230 26.58 -36.52 -36.26
C LEU D 230 27.87 -35.94 -36.79
N ALA D 231 28.20 -36.28 -38.02
CA ALA D 231 29.38 -35.75 -38.74
C ALA D 231 29.40 -34.22 -38.98
N VAL D 232 28.32 -33.65 -39.50
CA VAL D 232 28.30 -32.18 -39.65
C VAL D 232 28.35 -31.46 -38.28
N ILE D 233 27.73 -32.07 -37.27
CA ILE D 233 27.80 -31.48 -35.94
C ILE D 233 29.24 -31.46 -35.47
N ALA D 234 29.94 -32.55 -35.72
CA ALA D 234 31.34 -32.66 -35.31
C ALA D 234 32.19 -31.58 -35.97
N GLU D 235 32.01 -31.37 -37.28
CA GLU D 235 32.67 -30.26 -37.96
C GLU D 235 32.32 -28.89 -37.39
N ALA D 236 31.03 -28.59 -37.12
CA ALA D 236 30.72 -27.31 -36.53
C ALA D 236 31.38 -27.13 -35.19
N VAL D 237 31.41 -28.17 -34.35
CA VAL D 237 31.95 -28.05 -33.02
C VAL D 237 33.46 -27.72 -33.14
N LYS D 238 34.15 -28.41 -34.06
CA LYS D 238 35.56 -28.18 -34.32
C LYS D 238 35.76 -26.78 -34.86
N ALA D 239 35.01 -26.40 -35.89
CA ALA D 239 35.14 -25.06 -36.44
C ALA D 239 34.86 -23.96 -35.43
N ALA D 240 34.00 -24.22 -34.40
CA ALA D 240 33.79 -23.21 -33.31
C ALA D 240 34.93 -23.11 -32.33
N GLY D 241 35.93 -23.99 -32.39
CA GLY D 241 37.04 -23.99 -31.41
C GLY D 241 36.80 -24.84 -30.18
N TYR D 242 35.87 -25.80 -30.26
CA TYR D 242 35.50 -26.58 -29.10
C TYR D 242 35.83 -28.06 -29.36
N GLU D 243 36.08 -28.77 -28.28
CA GLU D 243 36.54 -30.15 -28.32
C GLU D 243 35.37 -31.08 -28.05
N LEU D 244 34.99 -31.84 -29.07
CA LEU D 244 33.99 -32.85 -28.95
C LEU D 244 34.42 -33.85 -27.90
N GLY D 245 33.54 -34.15 -26.96
CA GLY D 245 33.83 -35.10 -25.90
C GLY D 245 34.21 -34.46 -24.59
N LYS D 246 34.89 -33.32 -24.61
CA LYS D 246 35.33 -32.65 -23.38
C LYS D 246 34.55 -31.33 -23.18
N ASP D 247 34.44 -30.47 -24.19
CA ASP D 247 33.64 -29.25 -24.05
C ASP D 247 32.13 -29.50 -24.33
N ILE D 248 31.86 -30.45 -25.24
CA ILE D 248 30.54 -30.67 -25.77
C ILE D 248 30.31 -32.14 -25.97
N THR D 249 29.25 -32.64 -25.38
CA THR D 249 28.79 -34.01 -25.67
C THR D 249 27.54 -33.97 -26.52
N LEU D 250 27.04 -35.12 -26.91
CA LEU D 250 25.92 -35.22 -27.83
C LEU D 250 24.73 -35.94 -27.23
N ALA D 251 23.52 -35.63 -27.75
CA ALA D 251 22.32 -36.37 -27.34
C ALA D 251 21.39 -36.53 -28.49
N MET D 252 20.50 -37.52 -28.40
CA MET D 252 19.55 -37.81 -29.47
C MET D 252 18.14 -38.03 -28.92
N ASP D 253 17.13 -37.53 -29.65
CA ASP D 253 15.70 -37.99 -29.52
C ASP D 253 15.35 -38.81 -30.78
N CYS D 254 15.24 -40.14 -30.61
CA CYS D 254 14.86 -41.00 -31.74
C CYS D 254 13.42 -40.91 -32.08
N ALA D 255 12.58 -40.65 -31.09
CA ALA D 255 11.13 -40.66 -31.28
C ALA D 255 10.74 -41.90 -32.10
N ALA D 256 11.20 -43.05 -31.62
CA ALA D 256 11.15 -44.24 -32.39
C ALA D 256 9.69 -44.75 -32.64
N SER D 257 8.72 -44.33 -31.82
CA SER D 257 7.31 -44.66 -32.10
C SER D 257 6.94 -44.27 -33.52
N GLU D 258 7.53 -43.17 -34.01
CA GLU D 258 7.20 -42.64 -35.34
C GLU D 258 7.64 -43.50 -36.53
N PHE D 259 8.54 -44.44 -36.31
CA PHE D 259 8.94 -45.34 -37.38
C PHE D 259 8.79 -46.85 -36.99
N TYR D 260 7.96 -47.10 -35.99
CA TYR D 260 7.63 -48.44 -35.57
C TYR D 260 6.40 -48.86 -36.35
N LYS D 261 6.53 -49.85 -37.23
CA LYS D 261 5.42 -50.38 -38.06
C LYS D 261 5.44 -51.92 -38.09
N ASP D 262 4.34 -52.56 -37.68
CA ASP D 262 4.16 -54.04 -37.77
C ASP D 262 5.27 -54.80 -37.03
N GLY D 263 5.53 -54.38 -35.79
CA GLY D 263 6.53 -54.99 -34.90
C GLY D 263 8.00 -54.60 -35.09
N LYS D 264 8.29 -53.80 -36.10
CA LYS D 264 9.65 -53.51 -36.58
C LYS D 264 9.94 -52.01 -36.58
N TYR D 265 11.21 -51.64 -36.42
CA TYR D 265 11.72 -50.28 -36.64
C TYR D 265 12.24 -50.15 -38.07
N VAL D 266 11.63 -49.25 -38.86
CA VAL D 266 11.97 -49.08 -40.28
C VAL D 266 12.71 -47.77 -40.51
N LEU D 267 13.91 -47.85 -41.06
CA LEU D 267 14.72 -46.66 -41.30
C LEU D 267 14.86 -46.25 -42.77
N ALA D 268 14.16 -45.20 -43.20
CA ALA D 268 14.29 -44.64 -44.58
C ALA D 268 15.74 -44.33 -45.00
N GLY D 269 16.53 -43.81 -44.08
CA GLY D 269 17.93 -43.53 -44.35
C GLY D 269 18.97 -44.60 -44.09
N GLU D 270 18.61 -45.88 -44.15
CA GLU D 270 19.58 -46.98 -44.26
C GLU D 270 18.97 -48.01 -45.22
N GLY D 271 18.49 -47.50 -46.36
CA GLY D 271 17.94 -48.33 -47.42
C GLY D 271 16.58 -48.92 -47.11
N ASN D 272 15.75 -48.20 -46.37
CA ASN D 272 14.42 -48.69 -45.92
C ASN D 272 14.42 -50.00 -45.08
N LYS D 273 15.58 -50.34 -44.47
CA LYS D 273 15.76 -51.60 -43.73
C LYS D 273 14.92 -51.65 -42.43
N ALA D 274 14.27 -52.80 -42.21
CA ALA D 274 13.54 -53.10 -40.99
C ALA D 274 14.45 -53.70 -39.91
N PHE D 275 14.25 -53.28 -38.65
CA PHE D 275 15.08 -53.75 -37.53
C PHE D 275 14.15 -54.22 -36.43
N THR D 276 14.51 -55.32 -35.76
CA THR D 276 13.87 -55.67 -34.47
C THR D 276 14.37 -54.66 -33.43
N SER D 277 13.73 -54.65 -32.27
CA SER D 277 14.19 -53.80 -31.16
C SER D 277 15.59 -54.05 -30.73
N GLU D 278 15.97 -55.32 -30.75
CA GLU D 278 17.33 -55.68 -30.43
C GLU D 278 18.29 -55.14 -31.50
N GLU D 279 17.95 -55.33 -32.76
CA GLU D 279 18.85 -54.90 -33.83
C GLU D 279 18.92 -53.37 -33.81
N PHE D 280 17.76 -52.72 -33.61
CA PHE D 280 17.75 -51.27 -33.55
C PHE D 280 18.58 -50.76 -32.38
N THR D 281 18.54 -51.46 -31.25
CA THR D 281 19.35 -51.10 -30.12
C THR D 281 20.82 -51.18 -30.46
N HIS D 282 21.19 -52.19 -31.26
CA HIS D 282 22.62 -52.32 -31.65
C HIS D 282 23.06 -51.26 -32.63
N PHE D 283 22.16 -50.88 -33.53
CA PHE D 283 22.43 -49.75 -34.40
C PHE D 283 22.79 -48.51 -33.57
N LEU D 284 21.99 -48.23 -32.53
CA LEU D 284 22.25 -47.07 -31.63
C LEU D 284 23.55 -47.21 -30.94
N GLU D 285 23.89 -48.45 -30.55
CA GLU D 285 25.15 -48.66 -29.82
C GLU D 285 26.36 -48.26 -30.66
N GLU D 286 26.35 -48.74 -31.89
CA GLU D 286 27.40 -48.42 -32.85
C GLU D 286 27.58 -46.91 -32.99
N LEU D 287 26.48 -46.14 -33.11
CA LEU D 287 26.56 -44.70 -33.11
C LEU D 287 27.29 -44.20 -31.91
N THR D 288 26.97 -44.74 -30.73
CA THR D 288 27.68 -44.36 -29.48
C THR D 288 29.15 -44.79 -29.37
N LYS D 289 29.62 -45.74 -30.18
CA LYS D 289 31.09 -46.03 -30.19
C LYS D 289 31.87 -44.95 -30.96
N GLN D 290 31.28 -44.54 -32.07
CA GLN D 290 31.85 -43.50 -32.96
C GLN D 290 31.75 -42.06 -32.47
N TYR D 291 30.79 -41.74 -31.58
CA TYR D 291 30.53 -40.32 -31.18
C TYR D 291 30.21 -40.32 -29.74
N PRO D 292 30.58 -39.25 -29.01
CA PRO D 292 30.29 -39.18 -27.57
C PRO D 292 28.78 -38.84 -27.27
N ILE D 293 27.90 -39.76 -27.66
CA ILE D 293 26.49 -39.69 -27.42
C ILE D 293 26.30 -40.18 -26.01
N VAL D 294 25.90 -39.30 -25.09
CA VAL D 294 25.71 -39.66 -23.71
C VAL D 294 24.26 -39.78 -23.29
N SER D 295 23.31 -39.58 -24.20
CA SER D 295 21.90 -39.61 -23.85
C SER D 295 21.10 -39.93 -25.10
N ILE D 296 20.22 -40.92 -24.99
CA ILE D 296 19.30 -41.29 -26.03
C ILE D 296 17.86 -41.35 -25.47
N GLU D 297 16.95 -40.69 -26.18
CA GLU D 297 15.58 -40.52 -25.75
C GLU D 297 14.69 -41.28 -26.70
N ASP D 298 13.72 -41.97 -26.12
CA ASP D 298 12.74 -42.69 -26.89
C ASP D 298 13.41 -43.55 -28.02
N GLY D 299 14.43 -44.31 -27.63
CA GLY D 299 15.12 -45.26 -28.51
C GLY D 299 14.29 -46.38 -29.07
N LEU D 300 13.10 -46.64 -28.48
CA LEU D 300 12.15 -47.62 -28.93
C LEU D 300 10.70 -47.10 -28.79
N ASP D 301 9.74 -47.83 -29.36
CA ASP D 301 8.35 -47.43 -29.39
C ASP D 301 7.86 -47.40 -27.97
N GLU D 302 6.91 -46.50 -27.71
CA GLU D 302 6.29 -46.33 -26.39
C GLU D 302 5.60 -47.57 -25.83
N SER D 303 5.13 -48.47 -26.70
CA SER D 303 4.56 -49.76 -26.30
C SER D 303 5.61 -50.88 -26.05
N ASP D 304 6.84 -50.67 -26.50
CA ASP D 304 7.83 -51.72 -26.53
C ASP D 304 8.59 -51.78 -25.25
N TRP D 305 7.89 -52.23 -24.23
CA TRP D 305 8.45 -52.30 -22.86
C TRP D 305 9.48 -53.40 -22.65
N ASP D 306 9.33 -54.53 -23.34
CA ASP D 306 10.40 -55.56 -23.37
C ASP D 306 11.63 -55.05 -24.06
N GLY D 307 11.49 -54.45 -25.25
CA GLY D 307 12.61 -53.78 -25.91
C GLY D 307 13.32 -52.80 -25.01
N PHE D 308 12.55 -51.90 -24.35
CA PHE D 308 13.16 -50.94 -23.40
C PHE D 308 13.91 -51.62 -22.25
N ALA D 309 13.37 -52.71 -21.68
CA ALA D 309 14.11 -53.39 -20.55
C ALA D 309 15.43 -53.94 -21.04
N TYR D 310 15.37 -54.49 -22.27
CA TYR D 310 16.56 -54.94 -22.95
C TYR D 310 17.55 -53.81 -23.15
N GLN D 311 17.09 -52.73 -23.80
CA GLN D 311 17.97 -51.58 -24.06
C GLN D 311 18.57 -51.06 -22.82
N THR D 312 17.79 -51.01 -21.75
CA THR D 312 18.30 -50.48 -20.47
C THR D 312 19.34 -51.36 -19.80
N LYS D 313 19.06 -52.67 -19.79
CA LYS D 313 20.01 -53.67 -19.30
C LYS D 313 21.35 -53.57 -20.06
N VAL D 314 21.29 -53.36 -21.37
CA VAL D 314 22.48 -53.38 -22.23
C VAL D 314 23.25 -52.06 -22.20
N LEU D 315 22.52 -50.97 -22.25
CA LEU D 315 23.11 -49.66 -22.44
C LEU D 315 23.08 -48.72 -21.21
N GLY D 316 22.21 -49.01 -20.27
CA GLY D 316 21.86 -48.08 -19.22
C GLY D 316 22.88 -47.81 -18.15
N ASP D 317 23.97 -48.58 -18.12
CA ASP D 317 25.06 -48.33 -17.18
C ASP D 317 25.89 -47.22 -17.70
N LYS D 318 25.97 -47.11 -19.03
CA LYS D 318 26.88 -46.12 -19.66
C LYS D 318 26.16 -44.84 -20.17
N ILE D 319 24.87 -44.92 -20.48
CA ILE D 319 24.15 -43.96 -21.32
C ILE D 319 22.90 -43.50 -20.56
N GLN D 320 22.54 -42.22 -20.72
CA GLN D 320 21.33 -41.75 -20.15
C GLN D 320 20.23 -42.23 -21.11
N LEU D 321 19.20 -42.93 -20.60
CA LEU D 321 18.11 -43.41 -21.44
C LEU D 321 16.79 -42.73 -21.04
N VAL D 322 16.33 -41.79 -21.87
CA VAL D 322 15.27 -40.85 -21.51
C VAL D 322 13.92 -41.30 -22.06
N GLY D 323 12.99 -41.59 -21.18
CA GLY D 323 11.57 -41.86 -21.56
C GLY D 323 10.83 -40.52 -21.70
N ASP D 324 10.22 -40.31 -22.88
CA ASP D 324 9.40 -39.16 -23.19
C ASP D 324 7.97 -39.69 -23.42
N ASP D 325 7.68 -40.11 -24.63
CA ASP D 325 6.43 -40.83 -24.93
C ASP D 325 6.23 -42.10 -24.07
N LEU D 326 7.34 -42.66 -23.62
CA LEU D 326 7.32 -43.85 -22.76
C LEU D 326 6.60 -43.59 -21.45
N PHE D 327 6.89 -42.45 -20.82
CA PHE D 327 6.37 -42.11 -19.49
C PHE D 327 5.31 -41.03 -19.47
N VAL D 328 5.25 -40.22 -20.54
CA VAL D 328 4.36 -39.07 -20.59
C VAL D 328 4.17 -38.34 -19.27
N THR D 329 5.27 -38.10 -18.56
CA THR D 329 5.28 -37.32 -17.33
C THR D 329 4.17 -37.76 -16.35
N ASN D 330 3.97 -39.09 -16.27
CA ASN D 330 2.86 -39.70 -15.59
C ASN D 330 3.38 -40.70 -14.56
N THR D 331 3.27 -40.34 -13.26
CA THR D 331 3.76 -41.17 -12.13
C THR D 331 3.29 -42.64 -12.16
N LYS D 332 2.07 -42.89 -12.62
CA LYS D 332 1.55 -44.23 -12.65
C LYS D 332 2.30 -45.10 -13.67
N ILE D 333 2.65 -44.51 -14.81
CA ILE D 333 3.40 -45.19 -15.87
C ILE D 333 4.89 -45.26 -15.44
N LEU D 334 5.46 -44.17 -14.93
CA LEU D 334 6.89 -44.22 -14.47
C LEU D 334 7.14 -45.18 -13.33
N LYS D 335 6.18 -45.31 -12.44
CA LYS D 335 6.30 -46.29 -11.33
C LYS D 335 6.41 -47.73 -11.87
N GLU D 336 5.52 -48.10 -12.78
CA GLU D 336 5.64 -49.38 -13.44
C GLU D 336 7.03 -49.47 -14.14
N GLY D 337 7.49 -48.43 -14.82
CA GLY D 337 8.83 -48.49 -15.48
C GLY D 337 9.97 -48.67 -14.52
N ILE D 338 9.93 -47.94 -13.40
CA ILE D 338 10.98 -48.09 -12.40
C ILE D 338 11.03 -49.53 -11.86
N GLU D 339 9.87 -50.08 -11.53
CA GLU D 339 9.77 -51.48 -11.04
C GLU D 339 10.31 -52.53 -12.06
N LYS D 340 10.25 -52.25 -13.34
CA LYS D 340 10.76 -53.18 -14.34
C LYS D 340 12.13 -52.85 -14.97
N GLY D 341 12.99 -52.10 -14.29
CA GLY D 341 14.31 -51.70 -14.86
C GLY D 341 14.22 -51.01 -16.24
N ILE D 342 13.20 -50.16 -16.45
CA ILE D 342 12.94 -49.50 -17.72
C ILE D 342 13.39 -48.01 -17.69
N ALA D 343 14.34 -47.71 -18.57
CA ALA D 343 15.01 -46.40 -18.77
C ALA D 343 15.67 -45.93 -17.48
N ASN D 344 16.36 -44.80 -17.51
CA ASN D 344 16.96 -44.32 -16.29
C ASN D 344 16.78 -42.81 -16.18
N SER D 345 15.85 -42.29 -16.99
CA SER D 345 15.63 -40.86 -17.09
C SER D 345 14.29 -40.55 -17.69
N ILE D 346 13.75 -39.36 -17.35
CA ILE D 346 12.41 -39.00 -17.83
C ILE D 346 12.42 -37.57 -18.34
N LEU D 347 11.73 -37.36 -19.44
CA LEU D 347 11.55 -36.05 -20.01
C LEU D 347 10.28 -35.46 -19.42
N ILE D 348 10.39 -34.29 -18.81
CA ILE D 348 9.32 -33.74 -18.00
C ILE D 348 8.68 -32.64 -18.81
N LYS D 349 7.45 -32.94 -19.26
CA LYS D 349 6.61 -32.06 -19.99
C LYS D 349 5.28 -31.90 -19.27
N PHE D 350 5.06 -30.74 -18.66
CA PHE D 350 3.86 -30.55 -17.88
C PHE D 350 2.55 -30.72 -18.66
N ASN D 351 2.53 -30.46 -19.98
CA ASN D 351 1.28 -30.66 -20.68
C ASN D 351 0.98 -32.11 -21.05
N GLN D 352 1.89 -33.04 -20.77
CA GLN D 352 1.63 -34.45 -20.95
C GLN D 352 0.70 -34.98 -19.89
N ILE D 353 0.73 -34.32 -18.73
CA ILE D 353 -0.06 -34.72 -17.58
C ILE D 353 -1.10 -33.66 -17.19
N GLY D 354 -0.78 -32.39 -17.39
CA GLY D 354 -1.74 -31.33 -17.30
C GLY D 354 -1.87 -30.56 -15.99
N SER D 355 -1.00 -30.78 -15.03
CA SER D 355 -0.96 -29.87 -13.86
C SER D 355 0.42 -29.69 -13.34
N LEU D 356 0.66 -28.59 -12.61
CA LEU D 356 1.97 -28.39 -11.93
C LEU D 356 2.19 -29.40 -10.85
N THR D 357 1.16 -29.71 -10.05
CA THR D 357 1.37 -30.59 -8.90
C THR D 357 1.85 -32.00 -9.33
N GLU D 358 1.21 -32.52 -10.35
CA GLU D 358 1.49 -33.88 -10.87
C GLU D 358 2.85 -33.89 -11.60
N THR D 359 3.22 -32.78 -12.17
CA THR D 359 4.58 -32.61 -12.74
C THR D 359 5.64 -32.75 -11.68
N LEU D 360 5.50 -32.02 -10.57
CA LEU D 360 6.50 -32.13 -9.51
C LEU D 360 6.52 -33.56 -8.87
N ALA D 361 5.36 -34.24 -8.80
CA ALA D 361 5.31 -35.59 -8.25
C ALA D 361 6.18 -36.48 -9.12
N ALA D 362 6.17 -36.23 -10.42
CA ALA D 362 6.95 -37.04 -11.37
C ALA D 362 8.44 -36.86 -11.25
N ILE D 363 8.85 -35.62 -11.11
CA ILE D 363 10.24 -35.26 -10.90
C ILE D 363 10.69 -35.93 -9.63
N LYS D 364 9.86 -35.86 -8.60
CA LYS D 364 10.19 -36.47 -7.31
C LYS D 364 10.31 -38.01 -7.39
N MET D 365 9.33 -38.68 -8.04
CA MET D 365 9.40 -40.14 -8.20
C MET D 365 10.66 -40.49 -8.97
N ALA D 366 11.01 -39.70 -9.97
CA ALA D 366 12.24 -39.93 -10.74
C ALA D 366 13.50 -39.80 -9.88
N LYS D 367 13.68 -38.68 -9.19
CA LYS D 367 14.86 -38.47 -8.31
C LYS D 367 14.99 -39.48 -7.16
N ASP D 368 13.89 -39.90 -6.53
CA ASP D 368 13.92 -40.93 -5.47
C ASP D 368 14.39 -42.29 -6.01
N ALA D 369 14.12 -42.60 -7.28
CA ALA D 369 14.62 -43.82 -7.87
C ALA D 369 16.01 -43.63 -8.51
N GLY D 370 16.66 -42.48 -8.32
CA GLY D 370 17.95 -42.23 -9.01
C GLY D 370 17.86 -41.91 -10.53
N TYR D 371 16.66 -41.78 -11.06
CA TYR D 371 16.49 -41.40 -12.44
C TYR D 371 16.74 -39.90 -12.52
N THR D 372 17.21 -39.41 -13.69
CA THR D 372 17.37 -37.96 -13.91
C THR D 372 16.09 -37.46 -14.53
N ALA D 373 15.84 -36.16 -14.34
CA ALA D 373 14.76 -35.40 -14.94
C ALA D 373 15.27 -34.26 -15.85
N VAL D 374 14.80 -34.28 -17.09
CA VAL D 374 15.15 -33.32 -18.08
C VAL D 374 13.87 -32.53 -18.37
N ILE D 375 13.88 -31.25 -18.01
CA ILE D 375 12.72 -30.43 -18.22
C ILE D 375 12.69 -30.04 -19.72
N SER D 376 11.50 -30.10 -20.34
CA SER D 376 11.40 -30.06 -21.73
C SER D 376 10.32 -29.12 -22.28
N HIS D 377 10.65 -28.53 -23.43
CA HIS D 377 9.70 -27.83 -24.30
C HIS D 377 8.81 -28.83 -25.09
N ARG D 378 7.82 -28.32 -25.80
CA ARG D 378 7.17 -29.01 -26.90
C ARG D 378 7.55 -28.39 -28.24
N SER D 379 7.16 -29.03 -29.35
CA SER D 379 7.35 -28.37 -30.66
C SER D 379 6.63 -27.03 -30.73
N GLY D 380 5.38 -27.03 -30.31
CA GLY D 380 4.54 -25.84 -30.29
C GLY D 380 4.74 -25.11 -28.98
N GLU D 381 5.45 -23.97 -29.00
CA GLU D 381 5.72 -23.18 -27.80
C GLU D 381 5.14 -21.77 -27.90
N THR D 382 5.25 -21.03 -26.82
CA THR D 382 4.98 -19.62 -26.79
C THR D 382 6.16 -18.91 -26.17
N GLU D 383 6.02 -17.59 -26.16
CA GLU D 383 6.88 -16.63 -25.46
C GLU D 383 7.07 -16.91 -23.94
N ASP D 384 6.14 -17.67 -23.33
CA ASP D 384 6.25 -18.22 -21.93
C ASP D 384 7.62 -18.94 -21.67
N ALA D 385 8.22 -18.66 -20.53
CA ALA D 385 9.53 -19.20 -20.14
C ALA D 385 9.47 -19.99 -18.81
N THR D 386 8.27 -20.48 -18.48
CA THR D 386 8.04 -21.21 -17.23
C THR D 386 9.00 -22.40 -17.05
N ILE D 387 9.36 -23.11 -18.14
CA ILE D 387 10.24 -24.24 -17.95
C ILE D 387 11.63 -23.87 -17.43
N ALA D 388 12.07 -22.64 -17.65
CA ALA D 388 13.36 -22.18 -17.08
C ALA D 388 13.28 -22.11 -15.56
N ASP D 389 12.25 -21.45 -15.04
CA ASP D 389 12.00 -21.42 -13.57
C ASP D 389 11.73 -22.78 -13.01
N LEU D 390 11.01 -23.62 -13.77
CA LEU D 390 10.80 -24.99 -13.34
C LEU D 390 12.14 -25.78 -13.22
N ALA D 391 12.97 -25.77 -14.24
CA ALA D 391 14.29 -26.48 -14.15
C ALA D 391 15.14 -25.98 -12.97
N VAL D 392 15.14 -24.70 -12.73
CA VAL D 392 15.94 -24.18 -11.60
C VAL D 392 15.38 -24.49 -10.22
N GLY D 393 14.08 -24.24 -10.04
CA GLY D 393 13.41 -24.49 -8.78
C GLY D 393 13.25 -25.92 -8.38
N THR D 394 13.38 -26.87 -9.31
CA THR D 394 13.43 -28.29 -8.95
C THR D 394 14.88 -28.86 -8.99
N ALA D 395 15.88 -28.00 -9.19
CA ALA D 395 17.28 -28.42 -9.44
C ALA D 395 17.36 -29.70 -10.30
N ALA D 396 16.59 -29.69 -11.36
CA ALA D 396 16.46 -30.85 -12.21
C ALA D 396 17.77 -31.28 -12.83
N GLY D 397 18.54 -30.32 -13.27
CA GLY D 397 19.89 -30.53 -13.76
C GLY D 397 20.02 -30.43 -15.25
N GLN D 398 18.92 -30.64 -15.98
CA GLN D 398 18.95 -30.67 -17.44
C GLN D 398 17.70 -30.00 -18.00
N ILE D 399 17.84 -29.43 -19.19
CA ILE D 399 16.75 -28.83 -19.83
C ILE D 399 16.89 -29.11 -21.30
N LYS D 400 15.75 -29.25 -21.98
CA LYS D 400 15.72 -29.35 -23.41
C LYS D 400 14.75 -28.33 -23.95
N THR D 401 15.28 -27.21 -24.48
CA THR D 401 14.46 -26.10 -24.85
C THR D 401 14.79 -25.47 -26.19
N GLY D 402 15.46 -26.23 -27.05
CA GLY D 402 15.61 -25.88 -28.44
C GLY D 402 17.00 -25.50 -28.87
N SER D 403 17.13 -25.34 -30.19
CA SER D 403 18.28 -24.67 -30.75
C SER D 403 18.44 -23.23 -30.24
N MET D 404 19.49 -22.57 -30.68
CA MET D 404 19.73 -21.15 -30.30
C MET D 404 19.14 -20.18 -31.33
N SER D 405 17.91 -20.42 -31.76
CA SER D 405 17.19 -19.50 -32.62
C SER D 405 15.71 -19.67 -32.37
N ARG D 406 14.92 -18.68 -32.74
CA ARG D 406 13.50 -18.58 -32.45
C ARG D 406 13.29 -18.24 -30.99
N SER D 407 12.60 -17.13 -30.72
CA SER D 407 12.40 -16.67 -29.34
C SER D 407 11.53 -17.63 -28.57
N ASP D 408 10.76 -18.46 -29.27
CA ASP D 408 10.05 -19.58 -28.58
C ASP D 408 10.98 -20.52 -27.83
N ARG D 409 12.25 -20.53 -28.25
CA ARG D 409 13.28 -21.28 -27.62
C ARG D 409 14.18 -20.33 -26.79
N VAL D 410 14.66 -19.29 -27.45
CA VAL D 410 15.58 -18.37 -26.85
C VAL D 410 15.01 -17.63 -25.63
N ALA D 411 13.70 -17.41 -25.54
CA ALA D 411 13.18 -16.79 -24.34
C ALA D 411 13.53 -17.59 -23.06
N LYS D 412 13.58 -18.92 -23.17
CA LYS D 412 13.92 -19.78 -22.07
C LYS D 412 15.39 -19.63 -21.71
N TYR D 413 16.27 -19.60 -22.71
CA TYR D 413 17.68 -19.29 -22.45
C TYR D 413 17.80 -17.94 -21.82
N ASN D 414 17.08 -16.92 -22.30
CA ASN D 414 17.18 -15.60 -21.69
C ASN D 414 16.76 -15.57 -20.23
N GLN D 415 15.71 -16.29 -19.90
CA GLN D 415 15.30 -16.38 -18.52
C GLN D 415 16.36 -17.09 -17.66
N LEU D 416 17.03 -18.11 -18.20
CA LEU D 416 18.10 -18.78 -17.49
C LEU D 416 19.23 -17.82 -17.15
N ILE D 417 19.62 -16.97 -18.11
CA ILE D 417 20.61 -15.90 -17.91
C ILE D 417 20.15 -14.95 -16.80
N ARG D 418 18.88 -14.48 -16.84
CA ARG D 418 18.37 -13.57 -15.78
C ARG D 418 18.36 -14.24 -14.41
N ILE D 419 17.92 -15.50 -14.34
CA ILE D 419 17.93 -16.26 -13.09
C ILE D 419 19.38 -16.46 -12.57
N GLU D 420 20.30 -16.86 -13.42
CA GLU D 420 21.69 -17.03 -12.95
C GLU D 420 22.29 -15.70 -12.52
N GLU D 421 21.89 -14.59 -13.14
CA GLU D 421 22.38 -13.29 -12.75
C GLU D 421 22.03 -13.02 -11.30
N ALA D 422 20.78 -13.27 -10.93
CA ALA D 422 20.30 -13.09 -9.55
C ALA D 422 20.89 -14.07 -8.56
N LEU D 423 21.00 -15.34 -8.94
CA LEU D 423 21.38 -16.38 -7.96
C LEU D 423 22.91 -16.60 -7.86
N GLY D 424 23.67 -16.36 -8.91
CA GLY D 424 25.11 -16.64 -8.94
C GLY D 424 25.40 -18.08 -8.50
N GLU D 425 26.29 -18.26 -7.52
CA GLU D 425 26.66 -19.63 -7.06
C GLU D 425 25.64 -20.33 -6.14
N LYS D 426 24.55 -19.67 -5.77
CA LYS D 426 23.43 -20.35 -5.14
C LYS D 426 22.70 -21.22 -6.19
N ALA D 427 23.00 -21.05 -7.49
CA ALA D 427 22.54 -22.01 -8.49
C ALA D 427 23.69 -22.53 -9.31
N PRO D 428 24.42 -23.55 -8.80
CA PRO D 428 25.59 -24.01 -9.57
C PRO D 428 25.22 -24.64 -10.92
N TYR D 429 26.13 -24.52 -11.88
CA TYR D 429 26.02 -25.22 -13.14
C TYR D 429 26.95 -26.41 -13.01
N ASN D 430 26.38 -27.59 -12.83
CA ASN D 430 27.16 -28.79 -12.48
C ASN D 430 27.76 -29.58 -13.65
N GLY D 431 27.34 -29.33 -14.88
CA GLY D 431 28.09 -29.83 -16.02
C GLY D 431 27.76 -31.28 -16.23
N ARG D 432 28.71 -32.07 -16.71
CA ARG D 432 28.39 -33.46 -17.12
C ARG D 432 27.92 -34.43 -16.05
N LYS D 433 28.24 -34.16 -14.80
CA LYS D 433 27.74 -34.99 -13.71
C LYS D 433 26.21 -34.98 -13.56
N GLU D 434 25.50 -34.07 -14.19
CA GLU D 434 24.05 -34.11 -14.12
C GLU D 434 23.56 -35.31 -14.91
N ILE D 435 24.38 -35.77 -15.86
CA ILE D 435 23.90 -36.76 -16.82
C ILE D 435 24.07 -38.18 -16.28
N LYS D 436 22.97 -38.95 -16.32
CA LYS D 436 22.93 -40.36 -15.87
C LYS D 436 23.93 -41.17 -16.67
N GLY D 437 24.94 -41.69 -15.97
CA GLY D 437 26.13 -42.35 -16.57
C GLY D 437 27.49 -41.69 -16.35
N GLN D 438 27.58 -40.47 -15.80
CA GLN D 438 28.84 -39.67 -15.81
C GLN D 438 29.49 -39.20 -14.47
N ALA D 439 28.75 -39.12 -13.35
CA ALA D 439 29.24 -38.54 -12.04
C ALA D 439 30.53 -39.18 -11.51
N GLN E 1 -3.22 15.10 0.78
CA GLN E 1 -2.97 14.60 2.20
C GLN E 1 -2.11 13.31 2.18
N GLN E 2 -2.53 12.20 1.58
CA GLN E 2 -1.57 11.07 1.32
C GLN E 2 -1.02 11.01 -0.13
N MET E 3 0.29 11.00 -0.29
CA MET E 3 0.90 10.82 -1.65
C MET E 3 0.83 9.32 -2.09
N GLY E 4 0.19 9.02 -3.21
CA GLY E 4 0.35 7.66 -3.79
C GLY E 4 1.79 7.23 -4.14
N ARG E 5 2.01 5.91 -4.23
CA ARG E 5 3.29 5.38 -4.76
C ARG E 5 3.53 5.76 -6.23
N GLY E 6 2.43 5.89 -6.99
CA GLY E 6 2.45 6.28 -8.37
C GLY E 6 3.10 7.60 -8.60
N SER E 7 3.07 8.47 -7.60
CA SER E 7 3.77 9.76 -7.72
C SER E 7 5.30 9.65 -7.56
N MET E 8 5.82 8.51 -7.15
CA MET E 8 7.25 8.36 -6.92
C MET E 8 7.87 7.70 -8.15
N SER E 9 7.97 8.48 -9.19
CA SER E 9 8.41 7.99 -10.50
C SER E 9 9.82 8.42 -10.85
N LYS E 10 10.61 8.86 -9.87
CA LYS E 10 12.06 9.01 -10.09
C LYS E 10 12.75 7.68 -10.29
N ILE E 11 13.74 7.70 -11.17
CA ILE E 11 14.51 6.54 -11.48
C ILE E 11 15.53 6.38 -10.34
N VAL E 12 15.53 5.20 -9.71
CA VAL E 12 16.53 4.85 -8.71
C VAL E 12 17.57 3.84 -9.20
N LYS E 13 17.30 3.07 -10.24
CA LYS E 13 18.26 2.07 -10.67
C LYS E 13 18.03 1.71 -12.11
N ILE E 14 19.12 1.52 -12.88
CA ILE E 14 19.04 1.02 -14.24
C ILE E 14 20.10 -0.06 -14.37
N ILE E 15 19.72 -1.16 -14.98
CA ILE E 15 20.57 -2.35 -15.14
C ILE E 15 20.52 -2.74 -16.60
N GLY E 16 21.66 -3.02 -17.20
CA GLY E 16 21.72 -3.50 -18.59
C GLY E 16 22.21 -4.92 -18.55
N ARG E 17 21.85 -5.72 -19.54
CA ARG E 17 22.39 -7.07 -19.65
C ARG E 17 22.36 -7.58 -21.09
N GLU E 18 23.21 -8.54 -21.35
CA GLU E 18 23.36 -9.13 -22.65
C GLU E 18 22.48 -10.35 -22.69
N ILE E 19 21.49 -10.36 -23.61
CA ILE E 19 20.58 -11.48 -23.80
C ILE E 19 20.71 -11.90 -25.24
N ILE E 20 19.91 -12.85 -25.69
CA ILE E 20 20.03 -13.43 -27.03
C ILE E 20 18.78 -13.12 -27.81
N ASP E 21 18.97 -12.69 -29.07
CA ASP E 21 17.91 -12.45 -29.99
C ASP E 21 17.48 -13.71 -30.73
N SER E 22 16.54 -13.56 -31.62
CA SER E 22 15.86 -14.64 -32.25
C SER E 22 16.71 -15.30 -33.34
N ARG E 23 17.87 -14.76 -33.69
CA ARG E 23 18.78 -15.44 -34.65
C ARG E 23 20.00 -15.93 -33.89
N GLY E 24 19.94 -15.89 -32.57
CA GLY E 24 21.09 -16.32 -31.76
C GLY E 24 22.19 -15.30 -31.50
N ASN E 25 22.01 -14.06 -31.90
CA ASN E 25 23.01 -13.01 -31.63
C ASN E 25 22.71 -12.21 -30.40
N PRO E 26 23.75 -11.75 -29.71
CA PRO E 26 23.52 -10.93 -28.54
C PRO E 26 22.71 -9.68 -28.79
N THR E 27 21.93 -9.25 -27.80
CA THR E 27 21.38 -7.89 -27.85
C THR E 27 21.28 -7.30 -26.44
N VAL E 28 20.92 -6.03 -26.36
CA VAL E 28 20.80 -5.32 -25.11
C VAL E 28 19.39 -5.40 -24.54
N GLU E 29 19.33 -5.71 -23.25
CA GLU E 29 18.10 -5.56 -22.43
C GLU E 29 18.36 -4.61 -21.27
N ALA E 30 17.40 -3.73 -20.98
CA ALA E 30 17.50 -2.79 -19.86
C ALA E 30 16.29 -2.92 -18.96
N GLU E 31 16.50 -2.66 -17.67
CA GLU E 31 15.45 -2.55 -16.64
C GLU E 31 15.58 -1.16 -16.06
N VAL E 32 14.46 -0.46 -15.90
CA VAL E 32 14.44 0.85 -15.26
C VAL E 32 13.53 0.65 -14.06
N HIS E 33 14.08 0.88 -12.89
CA HIS E 33 13.41 0.85 -11.58
C HIS E 33 13.13 2.23 -11.02
N LEU E 34 11.92 2.44 -10.54
CA LEU E 34 11.47 3.73 -10.00
C LEU E 34 11.36 3.67 -8.50
N GLU E 35 11.41 4.79 -7.85
CA GLU E 35 11.37 4.82 -6.38
C GLU E 35 10.14 4.15 -5.82
N GLY E 36 8.97 4.37 -6.44
CA GLY E 36 7.72 3.74 -5.95
C GLY E 36 7.61 2.24 -6.11
N GLY E 37 8.62 1.61 -6.72
CA GLY E 37 8.70 0.17 -6.89
C GLY E 37 8.42 -0.29 -8.33
N PHE E 38 8.23 0.60 -9.26
CA PHE E 38 7.79 0.20 -10.62
C PHE E 38 8.97 -0.20 -11.42
N VAL E 39 8.79 -1.22 -12.23
CA VAL E 39 9.86 -1.67 -13.10
C VAL E 39 9.39 -1.83 -14.52
N GLY E 40 10.23 -1.40 -15.46
CA GLY E 40 10.04 -1.75 -16.85
C GLY E 40 11.30 -2.38 -17.41
N MET E 41 11.10 -3.24 -18.40
CA MET E 41 12.17 -3.98 -18.99
C MET E 41 11.95 -4.05 -20.49
N ALA E 42 13.01 -3.81 -21.29
CA ALA E 42 12.88 -3.95 -22.74
C ALA E 42 14.16 -4.32 -23.36
N ALA E 43 14.10 -4.70 -24.63
CA ALA E 43 15.29 -5.08 -25.35
C ALA E 43 15.31 -4.47 -26.74
N ALA E 44 16.51 -4.28 -27.28
CA ALA E 44 16.68 -3.77 -28.62
C ALA E 44 16.61 -4.88 -29.69
N PRO E 45 15.83 -4.70 -30.75
CA PRO E 45 15.98 -5.58 -31.87
C PRO E 45 17.19 -5.23 -32.72
N SER E 46 17.37 -5.99 -33.78
CA SER E 46 18.58 -5.87 -34.56
C SER E 46 18.27 -6.19 -36.00
N GLY E 47 18.63 -5.29 -36.91
CA GLY E 47 18.42 -5.54 -38.32
C GLY E 47 19.43 -6.43 -39.02
N ALA E 48 18.98 -7.09 -40.10
CA ALA E 48 19.80 -7.92 -40.96
C ALA E 48 20.25 -7.17 -42.25
N SER E 49 19.33 -6.43 -42.90
CA SER E 49 19.60 -5.55 -44.07
C SER E 49 19.46 -4.06 -43.65
N THR E 50 20.44 -3.56 -42.90
CA THR E 50 20.32 -2.22 -42.30
C THR E 50 20.57 -1.08 -43.29
N GLY E 51 19.81 0.01 -43.23
CA GLY E 51 20.17 1.22 -43.99
C GLY E 51 21.51 1.82 -43.55
N SER E 52 22.22 2.43 -44.50
CA SER E 52 23.56 3.00 -44.20
C SER E 52 23.46 4.21 -43.27
N ARG E 53 22.28 4.83 -43.14
CA ARG E 53 22.10 5.99 -42.22
C ARG E 53 21.35 5.67 -40.93
N GLU E 54 21.27 4.40 -40.55
CA GLU E 54 20.70 3.99 -39.27
C GLU E 54 21.64 4.40 -38.16
N ALA E 55 21.05 4.76 -37.03
CA ALA E 55 21.83 5.04 -35.87
C ALA E 55 22.64 3.77 -35.63
N LEU E 56 23.76 3.92 -34.97
CA LEU E 56 24.70 2.83 -34.88
C LEU E 56 24.30 1.79 -33.80
N GLU E 57 24.28 0.54 -34.22
CA GLU E 57 24.21 -0.60 -33.31
C GLU E 57 25.64 -0.91 -32.89
N LEU E 58 25.96 -0.71 -31.62
CA LEU E 58 27.27 -0.95 -31.12
C LEU E 58 27.48 -2.43 -30.75
N ARG E 59 28.43 -3.06 -31.44
CA ARG E 59 28.84 -4.43 -31.20
C ARG E 59 30.31 -4.42 -30.78
N ASP E 60 30.79 -5.46 -30.09
CA ASP E 60 32.12 -5.42 -29.45
C ASP E 60 33.31 -5.63 -30.44
N GLY E 61 33.08 -6.40 -31.49
CA GLY E 61 34.16 -6.86 -32.37
C GLY E 61 35.12 -7.90 -31.79
N ASP E 62 34.87 -8.44 -30.59
CA ASP E 62 35.69 -9.48 -30.01
C ASP E 62 35.37 -10.88 -30.61
N LYS E 63 36.29 -11.34 -31.48
CA LYS E 63 36.15 -12.61 -32.25
C LYS E 63 36.05 -13.88 -31.37
N SER E 64 36.51 -13.81 -30.13
CA SER E 64 36.37 -14.96 -29.21
C SER E 64 34.97 -15.07 -28.49
N ARG E 65 34.06 -14.13 -28.72
CA ARG E 65 32.70 -14.24 -28.20
C ARG E 65 31.69 -13.96 -29.27
N PHE E 66 30.82 -14.94 -29.51
CA PHE E 66 29.70 -14.75 -30.41
C PHE E 66 30.15 -14.28 -31.77
N LEU E 67 31.29 -14.77 -32.26
CA LEU E 67 31.83 -14.38 -33.57
C LEU E 67 31.88 -12.86 -33.79
N GLY E 68 32.20 -12.09 -32.75
CA GLY E 68 32.30 -10.64 -32.85
C GLY E 68 31.05 -9.85 -32.52
N LYS E 69 29.93 -10.50 -32.21
CA LYS E 69 28.63 -9.83 -32.06
C LYS E 69 28.20 -9.56 -30.63
N GLY E 70 29.11 -9.77 -29.66
CA GLY E 70 28.86 -9.33 -28.28
C GLY E 70 28.40 -7.89 -28.19
N VAL E 71 27.71 -7.55 -27.08
CA VAL E 71 27.28 -6.18 -26.81
C VAL E 71 27.59 -5.79 -25.38
N THR E 72 28.72 -6.27 -24.85
CA THR E 72 29.19 -5.85 -23.55
C THR E 72 29.41 -4.31 -23.44
N LYS E 73 29.87 -3.69 -24.50
CA LYS E 73 30.14 -2.25 -24.44
C LYS E 73 28.86 -1.46 -24.37
N ALA E 74 27.84 -1.85 -25.16
CA ALA E 74 26.54 -1.16 -25.04
C ALA E 74 25.94 -1.40 -23.67
N VAL E 75 26.04 -2.66 -23.20
CA VAL E 75 25.56 -3.00 -21.84
C VAL E 75 26.29 -2.20 -20.74
N ALA E 76 27.60 -1.96 -20.93
CA ALA E 76 28.36 -1.13 -19.98
C ALA E 76 27.94 0.36 -20.01
N ALA E 77 27.55 0.87 -21.19
CA ALA E 77 27.01 2.22 -21.29
C ALA E 77 25.70 2.35 -20.48
N VAL E 78 24.79 1.40 -20.65
CA VAL E 78 23.61 1.34 -19.83
C VAL E 78 23.91 1.30 -18.33
N ASN E 79 24.83 0.41 -17.94
CA ASN E 79 25.08 0.20 -16.53
C ASN E 79 25.84 1.34 -15.91
N GLY E 80 26.69 2.06 -16.65
CA GLY E 80 27.50 3.14 -16.04
C GLY E 80 26.96 4.56 -16.26
N PRO E 81 27.37 5.22 -17.37
CA PRO E 81 27.04 6.61 -17.64
C PRO E 81 25.57 6.90 -17.87
N ILE E 82 24.88 6.06 -18.64
CA ILE E 82 23.42 6.26 -18.82
C ILE E 82 22.69 6.18 -17.49
N ALA E 83 22.95 5.14 -16.74
CA ALA E 83 22.36 4.97 -15.41
C ALA E 83 22.60 6.19 -14.50
N GLN E 84 23.84 6.67 -14.54
CA GLN E 84 24.28 7.73 -13.64
C GLN E 84 23.61 9.04 -14.02
N ALA E 85 23.48 9.30 -15.31
CA ALA E 85 22.77 10.53 -15.75
C ALA E 85 21.25 10.52 -15.46
N LEU E 86 20.66 9.36 -15.31
CA LEU E 86 19.18 9.26 -15.20
C LEU E 86 18.69 9.08 -13.79
N ILE E 87 19.56 8.73 -12.83
CA ILE E 87 19.11 8.50 -11.47
C ILE E 87 18.55 9.83 -10.99
N GLY E 88 17.40 9.80 -10.31
CA GLY E 88 16.75 11.07 -9.85
C GLY E 88 15.80 11.78 -10.83
N LYS E 89 15.74 11.32 -12.07
CA LYS E 89 14.85 11.94 -13.07
C LYS E 89 13.52 11.20 -13.16
N ASP E 90 12.49 11.95 -13.53
CA ASP E 90 11.14 11.50 -13.55
C ASP E 90 10.86 10.67 -14.82
N ALA E 91 10.60 9.38 -14.67
CA ALA E 91 10.31 8.51 -15.82
C ALA E 91 9.14 8.95 -16.65
N LYS E 92 8.18 9.63 -16.06
CA LYS E 92 7.01 10.10 -16.82
C LYS E 92 7.33 11.10 -17.87
N ASP E 93 8.47 11.78 -17.75
CA ASP E 93 8.85 12.81 -18.71
C ASP E 93 9.70 12.15 -19.77
N GLN E 94 9.03 11.41 -20.67
CA GLN E 94 9.77 10.59 -21.70
C GLN E 94 10.72 11.39 -22.57
N ALA E 95 10.22 12.50 -23.15
CA ALA E 95 11.05 13.41 -23.90
C ALA E 95 12.27 13.92 -23.13
N GLY E 96 12.11 14.17 -21.82
CA GLY E 96 13.22 14.64 -20.96
C GLY E 96 14.23 13.51 -20.80
N ILE E 97 13.75 12.31 -20.50
CA ILE E 97 14.67 11.17 -20.34
C ILE E 97 15.51 10.96 -21.61
N ASP E 98 14.81 10.85 -22.73
CA ASP E 98 15.46 10.64 -24.02
C ASP E 98 16.47 11.77 -24.35
N LYS E 99 16.13 13.01 -23.99
CA LYS E 99 17.01 14.13 -24.23
C LYS E 99 18.32 13.99 -23.47
N ILE E 100 18.22 13.58 -22.23
CA ILE E 100 19.40 13.46 -21.41
C ILE E 100 20.34 12.50 -22.08
N MET E 101 19.83 11.36 -22.54
CA MET E 101 20.69 10.32 -23.15
C MET E 101 21.33 10.73 -24.49
N ILE E 102 20.54 11.38 -25.30
CA ILE E 102 20.93 11.92 -26.57
C ILE E 102 22.07 12.98 -26.46
N ASP E 103 21.96 13.88 -25.46
CA ASP E 103 22.99 14.92 -25.19
C ASP E 103 24.25 14.27 -24.60
N LEU E 104 24.08 13.35 -23.65
CA LEU E 104 25.23 12.74 -23.04
C LEU E 104 26.04 11.98 -24.10
N ASP E 105 25.36 11.17 -24.92
CA ASP E 105 26.05 10.45 -26.00
C ASP E 105 26.78 11.47 -26.93
N GLY E 106 26.04 12.48 -27.32
CA GLY E 106 26.58 13.66 -27.91
C GLY E 106 26.95 13.57 -29.38
N THR E 107 26.61 12.48 -30.07
CA THR E 107 26.87 12.32 -31.50
C THR E 107 25.59 12.20 -32.34
N GLU E 108 25.75 12.30 -33.66
CA GLU E 108 24.60 12.32 -34.57
C GLU E 108 23.89 10.95 -34.57
N ASN E 109 24.67 9.88 -34.57
CA ASN E 109 24.20 8.52 -34.80
C ASN E 109 24.29 7.60 -33.56
N LYS E 110 24.45 8.17 -32.38
CA LYS E 110 24.42 7.41 -31.14
C LYS E 110 25.57 6.41 -31.17
N SER E 111 26.68 6.84 -31.75
CA SER E 111 27.86 5.99 -31.86
C SER E 111 28.75 5.93 -30.64
N LYS E 112 28.48 6.65 -29.56
CA LYS E 112 29.31 6.48 -28.36
C LYS E 112 28.74 5.37 -27.45
N PHE E 113 27.48 5.49 -27.08
CA PHE E 113 26.79 4.46 -26.29
C PHE E 113 26.18 3.33 -27.12
N GLY E 114 25.89 3.59 -28.40
CA GLY E 114 25.09 2.67 -29.23
C GLY E 114 23.64 3.07 -29.17
N ALA E 115 22.95 3.01 -30.30
CA ALA E 115 21.51 3.13 -30.34
C ALA E 115 20.80 1.97 -29.61
N ASN E 116 21.49 0.83 -29.53
CA ASN E 116 20.95 -0.35 -28.83
C ASN E 116 20.91 -0.13 -27.31
N ALA E 117 21.92 0.52 -26.75
CA ALA E 117 21.86 0.91 -25.34
C ALA E 117 20.81 1.95 -25.08
N ILE E 118 20.78 2.97 -25.92
CA ILE E 118 19.87 4.04 -25.63
C ILE E 118 18.40 3.61 -25.77
N LEU E 119 18.06 2.92 -26.84
CA LEU E 119 16.69 2.49 -27.10
C LEU E 119 16.15 1.62 -26.00
N ALA E 120 17.00 0.71 -25.52
CA ALA E 120 16.57 -0.30 -24.54
C ALA E 120 16.18 0.42 -23.32
N VAL E 121 16.99 1.39 -22.93
CA VAL E 121 16.63 2.24 -21.78
C VAL E 121 15.40 3.08 -22.03
N SER E 122 15.33 3.69 -23.24
CA SER E 122 14.19 4.53 -23.61
C SER E 122 12.84 3.75 -23.49
N LEU E 123 12.80 2.52 -23.99
CA LEU E 123 11.58 1.71 -23.93
C LEU E 123 11.32 1.15 -22.53
N ALA E 124 12.38 0.74 -21.85
CA ALA E 124 12.21 0.35 -20.44
C ALA E 124 11.66 1.48 -19.63
N ASN E 125 12.18 2.68 -19.85
CA ASN E 125 11.67 3.82 -19.12
C ASN E 125 10.15 4.02 -19.36
N ALA E 126 9.71 3.93 -20.62
CA ALA E 126 8.29 4.15 -20.93
C ALA E 126 7.41 3.16 -20.25
N LYS E 127 7.87 1.92 -20.18
CA LYS E 127 7.09 0.92 -19.48
C LYS E 127 7.04 1.09 -17.98
N ALA E 128 8.14 1.49 -17.36
CA ALA E 128 8.10 1.78 -15.93
C ALA E 128 7.12 2.90 -15.62
N ALA E 129 7.15 3.91 -16.47
CA ALA E 129 6.29 5.08 -16.33
C ALA E 129 4.81 4.74 -16.52
N ALA E 130 4.52 3.86 -17.50
CA ALA E 130 3.15 3.37 -17.67
C ALA E 130 2.66 2.71 -16.38
N ALA E 131 3.51 1.86 -15.83
CA ALA E 131 3.12 1.21 -14.59
C ALA E 131 2.95 2.22 -13.47
N ALA E 132 3.85 3.20 -13.39
CA ALA E 132 3.72 4.26 -12.38
C ALA E 132 2.40 5.04 -12.52
N LYS E 133 1.96 5.24 -13.76
CA LYS E 133 0.71 5.97 -14.02
C LYS E 133 -0.52 5.02 -13.89
N GLY E 134 -0.28 3.75 -13.63
CA GLY E 134 -1.36 2.78 -13.47
C GLY E 134 -2.10 2.42 -14.78
N MET E 135 -1.38 2.35 -15.89
CA MET E 135 -1.99 2.08 -17.18
C MET E 135 -1.14 1.16 -18.07
N PRO E 136 -1.79 0.47 -19.02
CA PRO E 136 -1.07 -0.33 -19.99
C PRO E 136 -0.24 0.56 -20.89
N LEU E 137 0.78 -0.04 -21.50
CA LEU E 137 1.73 0.72 -22.32
C LEU E 137 1.04 1.47 -23.44
N TYR E 138 0.04 0.89 -24.13
CA TYR E 138 -0.57 1.55 -25.29
C TYR E 138 -1.26 2.89 -24.84
N GLU E 139 -1.87 2.88 -23.67
CA GLU E 139 -2.51 4.09 -23.14
C GLU E 139 -1.46 5.16 -22.80
N HIS E 140 -0.34 4.78 -22.18
CA HIS E 140 0.74 5.69 -21.88
C HIS E 140 1.33 6.24 -23.18
N ILE E 141 1.49 5.37 -24.20
CA ILE E 141 1.98 5.83 -25.47
C ILE E 141 1.06 6.85 -26.15
N ALA E 142 -0.26 6.62 -26.15
CA ALA E 142 -1.20 7.57 -26.71
C ALA E 142 -1.07 8.96 -26.02
N GLU E 143 -0.81 8.94 -24.72
CA GLU E 143 -0.59 10.18 -24.00
C GLU E 143 0.70 10.86 -24.35
N LEU E 144 1.77 10.10 -24.47
CA LEU E 144 3.06 10.62 -24.92
C LEU E 144 2.96 11.14 -26.35
N ASN E 145 2.14 10.52 -27.18
CA ASN E 145 2.05 10.84 -28.58
C ASN E 145 1.16 12.10 -28.77
N GLY E 146 0.55 12.61 -27.70
CA GLY E 146 -0.36 13.75 -27.84
C GLY E 146 -1.70 13.39 -28.45
N THR E 147 -2.14 12.14 -28.28
CA THR E 147 -3.38 11.66 -28.91
C THR E 147 -4.14 10.76 -27.91
N PRO E 148 -4.50 11.31 -26.73
CA PRO E 148 -5.02 10.50 -25.63
C PRO E 148 -6.37 9.84 -25.96
N GLY E 149 -6.49 8.57 -25.54
CA GLY E 149 -7.57 7.67 -25.87
C GLY E 149 -7.89 7.39 -27.33
N LYS E 150 -7.02 7.75 -28.28
CA LYS E 150 -7.22 7.45 -29.70
C LYS E 150 -6.37 6.22 -30.12
N TYR E 151 -7.07 5.14 -30.41
CA TYR E 151 -6.48 3.86 -30.68
C TYR E 151 -7.05 3.27 -31.99
N SER E 152 -6.25 2.38 -32.58
CA SER E 152 -6.74 1.48 -33.62
C SER E 152 -5.96 0.19 -33.56
N MET E 153 -6.59 -0.89 -34.01
CA MET E 153 -5.87 -2.14 -34.28
C MET E 153 -5.27 -2.06 -35.66
N PRO E 154 -3.96 -2.30 -35.78
CA PRO E 154 -3.36 -2.18 -37.11
C PRO E 154 -3.63 -3.30 -38.06
N VAL E 155 -3.63 -2.99 -39.36
CA VAL E 155 -3.70 -4.00 -40.41
C VAL E 155 -2.32 -4.60 -40.62
N PRO E 156 -2.17 -5.89 -40.38
CA PRO E 156 -0.81 -6.46 -40.57
C PRO E 156 -0.45 -6.85 -42.00
N MET E 157 0.81 -6.66 -42.34
CA MET E 157 1.32 -7.20 -43.55
C MET E 157 2.28 -8.31 -43.15
N MET E 158 1.99 -9.52 -43.63
CA MET E 158 2.64 -10.74 -43.09
C MET E 158 3.51 -11.43 -44.10
N ASN E 159 4.78 -11.55 -43.77
CA ASN E 159 5.83 -12.01 -44.69
C ASN E 159 5.95 -13.52 -44.88
N ILE E 160 5.16 -14.05 -45.81
CA ILE E 160 5.11 -15.45 -46.03
C ILE E 160 5.96 -16.08 -47.13
N ILE E 161 6.46 -15.34 -48.12
CA ILE E 161 7.50 -15.89 -48.99
C ILE E 161 8.69 -14.97 -49.03
N ASN E 162 9.90 -15.54 -49.01
CA ASN E 162 11.14 -14.74 -48.97
C ASN E 162 12.08 -14.94 -50.16
N GLY E 163 12.70 -13.83 -50.61
CA GLY E 163 13.86 -13.81 -51.54
C GLY E 163 15.02 -13.00 -50.99
N GLY E 164 15.87 -12.45 -51.87
CA GLY E 164 17.16 -11.85 -51.44
C GLY E 164 18.28 -12.86 -51.60
N GLU E 165 19.55 -12.41 -51.47
CA GLU E 165 20.71 -13.34 -51.43
C GLU E 165 20.82 -13.96 -50.02
N HIS E 166 20.14 -13.35 -49.04
CA HIS E 166 19.75 -14.01 -47.77
C HIS E 166 19.06 -15.38 -48.01
N ALA E 167 17.97 -15.37 -48.78
CA ALA E 167 17.02 -16.49 -48.87
C ALA E 167 17.17 -17.48 -50.03
N ASP E 168 18.36 -17.63 -50.60
CA ASP E 168 18.74 -18.94 -51.18
C ASP E 168 17.81 -19.54 -52.28
N ASN E 169 17.32 -18.70 -53.20
CA ASN E 169 16.54 -19.14 -54.39
C ASN E 169 16.90 -18.11 -55.49
N ASN E 170 16.15 -18.02 -56.59
CA ASN E 170 16.31 -16.81 -57.47
C ASN E 170 15.03 -15.94 -57.48
N VAL E 171 14.67 -15.52 -56.26
CA VAL E 171 13.63 -14.54 -56.01
C VAL E 171 14.39 -13.34 -55.50
N ASP E 172 14.27 -12.21 -56.21
CA ASP E 172 15.07 -11.01 -55.87
C ASP E 172 14.42 -10.18 -54.78
N ILE E 173 13.09 -10.14 -54.76
CA ILE E 173 12.31 -9.38 -53.79
C ILE E 173 12.53 -10.04 -52.41
N GLN E 174 12.84 -9.26 -51.39
CA GLN E 174 13.11 -9.81 -50.07
C GLN E 174 11.84 -10.40 -49.44
N GLU E 175 10.69 -9.73 -49.59
CA GLU E 175 9.50 -10.14 -48.85
C GLU E 175 8.24 -10.01 -49.69
N PHE E 176 7.39 -11.04 -49.68
CA PHE E 176 6.09 -10.97 -50.22
C PHE E 176 5.16 -11.21 -49.08
N MET E 177 4.16 -10.38 -48.94
CA MET E 177 3.34 -10.34 -47.78
C MET E 177 1.91 -10.33 -48.20
N ILE E 178 1.09 -10.88 -47.33
CA ILE E 178 -0.36 -10.80 -47.44
C ILE E 178 -0.85 -9.82 -46.37
N GLN E 179 -2.00 -9.19 -46.66
CA GLN E 179 -2.71 -8.25 -45.78
C GLN E 179 -4.17 -8.59 -45.75
N PRO E 180 -4.70 -9.08 -44.61
CA PRO E 180 -6.10 -9.52 -44.48
C PRO E 180 -7.07 -8.33 -44.26
N VAL E 181 -7.17 -7.54 -45.33
CA VAL E 181 -7.96 -6.32 -45.32
C VAL E 181 -9.46 -6.55 -45.14
N GLY E 182 -9.94 -7.73 -45.47
CA GLY E 182 -11.37 -7.99 -45.30
C GLY E 182 -11.76 -8.41 -43.90
N ALA E 183 -10.80 -8.63 -43.03
CA ALA E 183 -11.15 -8.93 -41.62
C ALA E 183 -11.88 -7.76 -40.95
N LYS E 184 -12.66 -8.09 -39.94
CA LYS E 184 -13.41 -7.10 -39.18
C LYS E 184 -12.74 -6.77 -37.85
N THR E 185 -11.87 -7.64 -37.38
CA THR E 185 -11.08 -7.44 -36.17
C THR E 185 -9.66 -7.98 -36.41
N VAL E 186 -8.76 -7.62 -35.51
CA VAL E 186 -7.37 -8.04 -35.60
C VAL E 186 -7.25 -9.52 -35.33
N LYS E 187 -8.08 -9.99 -34.40
CA LYS E 187 -8.19 -11.41 -34.03
C LYS E 187 -8.44 -12.27 -35.32
N GLU E 188 -9.40 -11.81 -36.12
CA GLU E 188 -9.78 -12.45 -37.36
C GLU E 188 -8.71 -12.32 -38.44
N ALA E 189 -8.12 -11.16 -38.56
CA ALA E 189 -6.98 -11.01 -39.46
C ALA E 189 -5.87 -12.06 -39.19
N ILE E 190 -5.63 -12.31 -37.92
CA ILE E 190 -4.53 -13.13 -37.46
C ILE E 190 -4.90 -14.58 -37.79
N ARG E 191 -6.15 -14.96 -37.48
CA ARG E 191 -6.62 -16.27 -37.91
C ARG E 191 -6.51 -16.43 -39.46
N MET E 192 -6.87 -15.42 -40.24
CA MET E 192 -6.81 -15.53 -41.67
C MET E 192 -5.39 -15.77 -42.11
N GLY E 193 -4.43 -15.10 -41.45
CA GLY E 193 -3.01 -15.23 -41.79
C GLY E 193 -2.48 -16.60 -41.49
N SER E 194 -2.89 -17.16 -40.35
CA SER E 194 -2.51 -18.53 -39.96
C SER E 194 -3.02 -19.56 -40.99
N GLU E 195 -4.30 -19.47 -41.32
CA GLU E 195 -4.94 -20.36 -42.30
C GLU E 195 -4.23 -20.35 -43.65
N VAL E 196 -3.93 -19.15 -44.14
CA VAL E 196 -3.21 -19.00 -45.37
C VAL E 196 -1.80 -19.59 -45.27
N PHE E 197 -1.14 -19.32 -44.15
CA PHE E 197 0.25 -19.76 -43.96
C PHE E 197 0.30 -21.27 -43.91
N HIS E 198 -0.69 -21.90 -43.29
CA HIS E 198 -0.79 -23.35 -43.29
C HIS E 198 -1.12 -23.91 -44.67
N HIS E 199 -2.13 -23.36 -45.35
CA HIS E 199 -2.37 -23.83 -46.73
C HIS E 199 -1.17 -23.60 -47.65
N LEU E 200 -0.34 -22.60 -47.38
CA LEU E 200 0.85 -22.40 -48.22
C LEU E 200 1.81 -23.55 -48.03
N ALA E 201 1.93 -24.08 -46.81
CA ALA E 201 2.79 -25.24 -46.57
C ALA E 201 2.35 -26.44 -47.41
N LYS E 202 1.04 -26.70 -47.46
CA LYS E 202 0.50 -27.82 -48.22
C LYS E 202 0.72 -27.58 -49.71
N VAL E 203 0.51 -26.37 -50.18
CA VAL E 203 0.86 -26.03 -51.56
C VAL E 203 2.34 -26.29 -51.89
N LEU E 204 3.26 -25.88 -51.01
CA LEU E 204 4.69 -26.03 -51.31
C LEU E 204 5.09 -27.50 -51.19
N LYS E 205 4.50 -28.21 -50.21
CA LYS E 205 4.70 -29.68 -50.06
C LYS E 205 4.37 -30.39 -51.36
N ALA E 206 3.18 -30.14 -51.86
CA ALA E 206 2.69 -30.76 -53.08
C ALA E 206 3.58 -30.53 -54.31
N LYS E 207 4.36 -29.46 -54.34
CA LYS E 207 5.35 -29.26 -55.41
C LYS E 207 6.71 -29.77 -54.99
N GLY E 208 6.79 -30.53 -53.91
CA GLY E 208 8.06 -30.94 -53.34
C GLY E 208 9.00 -29.79 -53.04
N MET E 209 8.49 -28.70 -52.48
CA MET E 209 9.33 -27.59 -52.04
C MET E 209 9.57 -27.61 -50.52
N ASN E 210 10.63 -26.97 -50.09
CA ASN E 210 11.01 -26.94 -48.69
C ASN E 210 10.07 -26.02 -47.89
N THR E 211 9.62 -26.49 -46.72
CA THR E 211 8.71 -25.76 -45.88
C THR E 211 9.32 -25.38 -44.52
N ALA E 212 10.64 -25.41 -44.41
CA ALA E 212 11.32 -24.78 -43.29
C ALA E 212 11.31 -23.24 -43.42
N VAL E 213 11.62 -22.53 -42.32
CA VAL E 213 11.40 -21.09 -42.27
C VAL E 213 12.69 -20.28 -42.05
N GLY E 214 12.63 -19.04 -42.49
CA GLY E 214 13.65 -18.03 -42.24
C GLY E 214 13.33 -17.21 -40.98
N ASP E 215 14.04 -16.11 -40.87
CA ASP E 215 14.09 -15.28 -39.72
C ASP E 215 12.76 -14.69 -39.35
N GLU E 216 11.92 -14.44 -40.35
CA GLU E 216 10.65 -13.84 -40.09
C GLU E 216 9.48 -14.81 -40.08
N GLY E 217 9.79 -16.12 -40.08
CA GLY E 217 8.78 -17.16 -39.97
C GLY E 217 8.14 -17.59 -41.28
N GLY E 218 8.59 -17.02 -42.37
CA GLY E 218 8.01 -17.34 -43.64
C GLY E 218 8.89 -18.33 -44.31
N TYR E 219 8.45 -18.78 -45.46
CA TYR E 219 9.12 -19.79 -46.25
C TYR E 219 9.99 -19.22 -47.31
N ALA E 220 11.04 -19.96 -47.67
CA ALA E 220 11.97 -19.56 -48.73
C ALA E 220 12.17 -20.72 -49.70
N PRO E 221 11.09 -21.17 -50.33
CA PRO E 221 11.26 -22.31 -51.26
C PRO E 221 12.07 -21.90 -52.51
N ASN E 222 12.53 -22.88 -53.26
CA ASN E 222 13.31 -22.66 -54.47
C ASN E 222 12.38 -22.35 -55.66
N LEU E 223 12.03 -21.07 -55.82
CA LEU E 223 11.17 -20.63 -56.95
C LEU E 223 11.97 -20.03 -58.10
N GLY E 224 11.36 -20.11 -59.28
CA GLY E 224 11.98 -19.74 -60.57
C GLY E 224 11.94 -18.27 -60.99
N SER E 225 11.01 -17.50 -60.43
CA SER E 225 10.92 -16.05 -60.65
C SER E 225 10.24 -15.27 -59.49
N ASN E 226 10.35 -13.93 -59.55
CA ASN E 226 9.63 -13.04 -58.64
C ASN E 226 8.11 -13.31 -58.76
N ALA E 227 7.64 -13.41 -59.99
CA ALA E 227 6.24 -13.61 -60.25
C ALA E 227 5.73 -14.95 -59.70
N GLU E 228 6.57 -15.96 -59.70
CA GLU E 228 6.16 -17.25 -59.21
C GLU E 228 5.92 -17.25 -57.66
N ALA E 229 6.58 -16.35 -56.91
CA ALA E 229 6.25 -16.16 -55.49
C ALA E 229 4.82 -15.74 -55.28
N LEU E 230 4.37 -14.80 -56.09
CA LEU E 230 2.99 -14.28 -56.00
C LEU E 230 1.98 -15.32 -56.42
N ALA E 231 2.41 -16.20 -57.30
CA ALA E 231 1.51 -17.22 -57.83
C ALA E 231 1.20 -18.24 -56.77
N VAL E 232 2.24 -18.66 -56.00
CA VAL E 232 1.97 -19.64 -54.89
C VAL E 232 1.13 -19.02 -53.79
N ILE E 233 1.45 -17.77 -53.45
CA ILE E 233 0.62 -17.05 -52.47
C ILE E 233 -0.84 -17.06 -52.90
N ALA E 234 -1.05 -16.78 -54.17
CA ALA E 234 -2.40 -16.82 -54.73
C ALA E 234 -3.07 -18.18 -54.62
N GLU E 235 -2.35 -19.26 -54.90
CA GLU E 235 -2.92 -20.60 -54.71
C GLU E 235 -3.28 -20.87 -53.24
N ALA E 236 -2.38 -20.50 -52.34
CA ALA E 236 -2.65 -20.67 -50.88
C ALA E 236 -3.89 -19.93 -50.42
N VAL E 237 -3.99 -18.68 -50.82
CA VAL E 237 -5.12 -17.84 -50.43
C VAL E 237 -6.41 -18.49 -50.93
N LYS E 238 -6.40 -18.90 -52.20
CA LYS E 238 -7.53 -19.64 -52.83
C LYS E 238 -7.87 -20.92 -52.06
N ALA E 239 -6.89 -21.77 -51.84
CA ALA E 239 -7.07 -22.99 -51.05
C ALA E 239 -7.62 -22.72 -49.67
N ALA E 240 -7.25 -21.60 -49.04
CA ALA E 240 -7.81 -21.23 -47.74
C ALA E 240 -9.28 -20.81 -47.74
N GLY E 241 -9.89 -20.64 -48.92
CA GLY E 241 -11.28 -20.20 -49.06
C GLY E 241 -11.44 -18.68 -49.08
N TYR E 242 -10.38 -17.93 -49.37
CA TYR E 242 -10.41 -16.47 -49.40
C TYR E 242 -10.23 -15.89 -50.81
N GLU E 243 -10.59 -14.61 -50.97
CA GLU E 243 -10.65 -13.98 -52.27
C GLU E 243 -9.57 -12.94 -52.40
N LEU E 244 -8.55 -13.29 -53.18
CA LEU E 244 -7.47 -12.37 -53.48
C LEU E 244 -8.05 -11.07 -54.08
N GLY E 245 -7.56 -9.93 -53.61
CA GLY E 245 -8.06 -8.63 -54.02
C GLY E 245 -9.18 -8.04 -53.18
N LYS E 246 -9.96 -8.88 -52.48
CA LYS E 246 -11.08 -8.40 -51.65
C LYS E 246 -10.92 -8.72 -50.16
N ASP E 247 -10.70 -10.00 -49.83
CA ASP E 247 -10.42 -10.40 -48.44
C ASP E 247 -8.95 -10.18 -48.14
N ILE E 248 -8.06 -10.38 -49.12
CA ILE E 248 -6.60 -10.33 -48.89
C ILE E 248 -5.89 -9.60 -50.04
N THR E 249 -5.01 -8.67 -49.69
CA THR E 249 -4.19 -7.90 -50.66
C THR E 249 -2.77 -8.21 -50.40
N LEU E 250 -1.87 -7.72 -51.25
CA LEU E 250 -0.48 -8.14 -51.20
C LEU E 250 0.45 -6.95 -51.05
N ALA E 251 1.62 -7.17 -50.46
CA ALA E 251 2.59 -6.13 -50.22
C ALA E 251 3.96 -6.72 -50.42
N MET E 252 4.91 -5.91 -50.84
CA MET E 252 6.30 -6.33 -51.06
C MET E 252 7.28 -5.40 -50.33
N ASP E 253 8.44 -5.99 -49.96
CA ASP E 253 9.65 -5.23 -49.55
C ASP E 253 10.76 -5.71 -50.48
N CYS E 254 11.12 -4.84 -51.43
CA CYS E 254 12.08 -5.15 -52.44
C CYS E 254 13.45 -5.10 -51.89
N ALA E 255 13.68 -4.28 -50.85
CA ALA E 255 15.02 -4.04 -50.32
C ALA E 255 15.95 -3.80 -51.51
N ALA E 256 15.51 -2.90 -52.40
CA ALA E 256 16.18 -2.74 -53.68
C ALA E 256 17.59 -2.29 -53.53
N SER E 257 18.00 -1.67 -52.40
CA SER E 257 19.43 -1.38 -52.17
C SER E 257 20.31 -2.59 -52.35
N GLU E 258 19.87 -3.78 -51.95
CA GLU E 258 20.79 -4.93 -51.88
C GLU E 258 21.15 -5.47 -53.28
N PHE E 259 20.40 -5.10 -54.33
CA PHE E 259 20.75 -5.49 -55.72
C PHE E 259 21.03 -4.31 -56.68
N TYR E 260 21.39 -3.18 -56.11
CA TYR E 260 21.81 -2.05 -56.86
C TYR E 260 23.33 -2.13 -56.94
N LYS E 261 23.90 -2.25 -58.16
CA LYS E 261 25.34 -1.92 -58.35
C LYS E 261 25.70 -1.32 -59.71
N ASP E 262 26.60 -0.33 -59.67
CA ASP E 262 27.04 0.46 -60.83
C ASP E 262 25.80 1.08 -61.46
N GLY E 263 25.03 1.78 -60.62
CA GLY E 263 23.81 2.49 -61.04
C GLY E 263 22.66 1.69 -61.64
N LYS E 264 22.75 0.36 -61.63
CA LYS E 264 21.73 -0.48 -62.23
C LYS E 264 21.09 -1.38 -61.13
N TYR E 265 19.83 -1.76 -61.31
CA TYR E 265 19.22 -2.82 -60.53
C TYR E 265 19.25 -4.17 -61.25
N VAL E 266 20.04 -5.10 -60.69
CA VAL E 266 20.40 -6.38 -61.29
C VAL E 266 19.53 -7.51 -60.68
N LEU E 267 18.75 -8.17 -61.51
CA LEU E 267 17.83 -9.19 -61.05
C LEU E 267 18.20 -10.67 -61.41
N ALA E 268 19.03 -11.33 -60.58
CA ALA E 268 19.21 -12.82 -60.59
C ALA E 268 17.99 -13.68 -61.07
N GLY E 269 16.79 -13.38 -60.58
CA GLY E 269 15.56 -14.12 -60.93
C GLY E 269 14.95 -14.03 -62.33
N GLU E 270 15.30 -12.98 -63.09
CA GLU E 270 14.87 -12.82 -64.48
C GLU E 270 16.11 -12.86 -65.39
N GLY E 271 16.96 -13.86 -65.17
CA GLY E 271 18.18 -14.11 -65.97
C GLY E 271 19.32 -13.11 -65.82
N ASN E 272 19.42 -12.47 -64.67
CA ASN E 272 20.47 -11.45 -64.41
C ASN E 272 20.34 -10.11 -65.19
N LYS E 273 19.13 -9.81 -65.67
CA LYS E 273 18.84 -8.59 -66.42
C LYS E 273 19.06 -7.36 -65.52
N ALA E 274 19.81 -6.38 -66.03
CA ALA E 274 20.01 -5.09 -65.37
C ALA E 274 18.95 -4.06 -65.82
N PHE E 275 18.57 -3.17 -64.89
CA PHE E 275 17.48 -2.20 -65.07
C PHE E 275 17.93 -0.82 -64.54
N THR E 276 17.56 0.23 -65.26
CA THR E 276 17.59 1.57 -64.68
C THR E 276 16.43 1.64 -63.68
N SER E 277 16.45 2.67 -62.86
CA SER E 277 15.34 2.90 -61.93
C SER E 277 13.99 2.93 -62.64
N GLU E 278 13.98 3.60 -63.78
CA GLU E 278 12.80 3.71 -64.60
C GLU E 278 12.32 2.31 -65.04
N GLU E 279 13.24 1.49 -65.56
CA GLU E 279 12.88 0.16 -66.06
C GLU E 279 12.43 -0.69 -64.86
N PHE E 280 13.13 -0.60 -63.73
CA PHE E 280 12.70 -1.38 -62.54
C PHE E 280 11.33 -0.97 -62.05
N THR E 281 11.06 0.36 -62.03
CA THR E 281 9.76 0.86 -61.69
C THR E 281 8.67 0.27 -62.58
N HIS E 282 8.93 0.18 -63.89
CA HIS E 282 7.93 -0.41 -64.81
C HIS E 282 7.82 -1.89 -64.57
N PHE E 283 8.95 -2.54 -64.30
CA PHE E 283 8.90 -3.98 -63.88
C PHE E 283 7.92 -4.15 -62.68
N LEU E 284 8.08 -3.32 -61.63
CA LEU E 284 7.16 -3.39 -60.47
C LEU E 284 5.72 -3.12 -60.86
N GLU E 285 5.58 -2.14 -61.74
CA GLU E 285 4.30 -1.73 -62.26
C GLU E 285 3.54 -2.90 -62.85
N GLU E 286 4.19 -3.65 -63.73
CA GLU E 286 3.56 -4.82 -64.40
C GLU E 286 3.08 -5.85 -63.37
N LEU E 287 3.91 -6.11 -62.36
CA LEU E 287 3.49 -6.98 -61.26
C LEU E 287 2.20 -6.50 -60.57
N THR E 288 2.00 -5.16 -60.40
CA THR E 288 0.73 -4.66 -59.84
C THR E 288 -0.44 -4.76 -60.81
N LYS E 289 -0.20 -4.89 -62.11
CA LYS E 289 -1.33 -5.19 -63.04
C LYS E 289 -1.78 -6.66 -62.93
N GLN E 290 -0.81 -7.56 -62.74
CA GLN E 290 -1.14 -8.99 -62.63
C GLN E 290 -1.73 -9.41 -61.26
N TYR E 291 -1.35 -8.74 -60.16
CA TYR E 291 -1.79 -9.12 -58.79
C TYR E 291 -2.19 -7.90 -57.97
N PRO E 292 -3.06 -8.07 -56.98
CA PRO E 292 -3.45 -6.83 -56.25
C PRO E 292 -2.41 -6.41 -55.18
N ILE E 293 -1.26 -5.98 -55.64
CA ILE E 293 -0.22 -5.53 -54.78
C ILE E 293 -0.56 -4.07 -54.45
N VAL E 294 -0.82 -3.76 -53.19
CA VAL E 294 -1.14 -2.40 -52.83
C VAL E 294 -0.05 -1.63 -52.09
N SER E 295 1.12 -2.23 -51.89
CA SER E 295 2.19 -1.58 -51.16
C SER E 295 3.50 -2.10 -51.61
N ILE E 296 4.47 -1.20 -51.77
CA ILE E 296 5.81 -1.58 -52.18
C ILE E 296 6.81 -0.79 -51.40
N GLU E 297 7.73 -1.49 -50.75
CA GLU E 297 8.64 -0.92 -49.80
C GLU E 297 10.02 -0.97 -50.43
N ASP E 298 10.78 0.14 -50.29
CA ASP E 298 12.16 0.23 -50.74
C ASP E 298 12.34 -0.30 -52.20
N GLY E 299 11.47 0.18 -53.08
CA GLY E 299 11.48 -0.15 -54.47
C GLY E 299 12.73 0.25 -55.21
N LEU E 300 13.56 1.11 -54.62
CA LEU E 300 14.81 1.54 -55.24
C LEU E 300 15.84 1.68 -54.11
N ASP E 301 17.09 1.93 -54.47
CA ASP E 301 18.17 2.12 -53.53
C ASP E 301 17.91 3.32 -52.63
N GLU E 302 18.38 3.22 -51.40
CA GLU E 302 18.28 4.32 -50.45
C GLU E 302 18.86 5.68 -50.92
N SER E 303 19.90 5.64 -51.78
CA SER E 303 20.55 6.84 -52.33
C SER E 303 19.91 7.35 -53.65
N ASP E 304 18.98 6.62 -54.22
CA ASP E 304 18.38 6.93 -55.53
C ASP E 304 17.12 7.80 -55.37
N TRP E 305 17.36 9.03 -54.90
CA TRP E 305 16.26 9.98 -54.70
C TRP E 305 15.56 10.37 -56.00
N ASP E 306 16.33 10.57 -57.07
CA ASP E 306 15.75 10.91 -58.39
C ASP E 306 14.86 9.79 -58.88
N GLY E 307 15.33 8.55 -58.68
CA GLY E 307 14.51 7.34 -58.96
C GLY E 307 13.21 7.31 -58.15
N PHE E 308 13.29 7.64 -56.86
CA PHE E 308 12.09 7.61 -55.99
C PHE E 308 11.08 8.69 -56.31
N ALA E 309 11.58 9.90 -56.63
CA ALA E 309 10.72 11.02 -57.10
C ALA E 309 9.87 10.56 -58.26
N TYR E 310 10.56 9.93 -59.21
CA TYR E 310 9.92 9.33 -60.39
C TYR E 310 8.92 8.25 -60.02
N GLN E 311 9.37 7.27 -59.22
CA GLN E 311 8.51 6.15 -58.81
C GLN E 311 7.23 6.68 -58.17
N THR E 312 7.38 7.70 -57.35
CA THR E 312 6.21 8.28 -56.65
C THR E 312 5.18 9.02 -57.56
N LYS E 313 5.71 9.88 -58.44
CA LYS E 313 4.95 10.49 -59.58
C LYS E 313 4.17 9.41 -60.39
N VAL E 314 4.85 8.37 -60.80
CA VAL E 314 4.22 7.34 -61.63
C VAL E 314 3.20 6.44 -60.88
N LEU E 315 3.62 5.91 -59.72
CA LEU E 315 2.81 4.96 -58.95
C LEU E 315 2.06 5.50 -57.73
N GLY E 316 2.45 6.67 -57.22
CA GLY E 316 2.07 7.10 -55.86
C GLY E 316 0.61 7.33 -55.60
N ASP E 317 -0.14 7.67 -56.64
CA ASP E 317 -1.60 7.89 -56.54
C ASP E 317 -2.37 6.61 -56.23
N LYS E 318 -1.84 5.47 -56.67
CA LYS E 318 -2.58 4.20 -56.55
C LYS E 318 -2.01 3.16 -55.56
N ILE E 319 -0.76 3.32 -55.17
CA ILE E 319 0.01 2.29 -54.49
C ILE E 319 0.69 3.00 -53.29
N GLN E 320 0.72 2.31 -52.14
CA GLN E 320 1.49 2.77 -51.01
C GLN E 320 2.99 2.55 -51.31
N LEU E 321 3.80 3.58 -51.16
CA LEU E 321 5.22 3.49 -51.43
C LEU E 321 5.98 3.74 -50.16
N VAL E 322 6.55 2.67 -49.59
CA VAL E 322 7.02 2.66 -48.22
C VAL E 322 8.55 2.82 -48.15
N GLY E 323 9.01 3.90 -47.56
CA GLY E 323 10.43 4.09 -47.31
C GLY E 323 10.80 3.44 -45.99
N ASP E 324 11.85 2.60 -46.04
CA ASP E 324 12.46 1.92 -44.90
C ASP E 324 13.90 2.41 -44.73
N ASP E 325 14.85 1.81 -45.44
CA ASP E 325 16.23 2.33 -45.51
C ASP E 325 16.30 3.75 -46.14
N LEU E 326 15.30 4.09 -46.96
CA LEU E 326 15.15 5.45 -47.50
C LEU E 326 15.11 6.54 -46.42
N PHE E 327 14.26 6.33 -45.41
CA PHE E 327 14.09 7.21 -44.28
C PHE E 327 14.77 6.89 -42.93
N VAL E 328 15.05 5.60 -42.68
CA VAL E 328 15.57 5.14 -41.38
C VAL E 328 14.92 5.87 -40.19
N THR E 329 13.61 5.95 -40.20
CA THR E 329 12.82 6.50 -39.06
C THR E 329 13.44 7.80 -38.49
N ASN E 330 13.97 8.63 -39.40
CA ASN E 330 14.75 9.84 -39.08
C ASN E 330 13.99 11.04 -39.65
N THR E 331 13.42 11.88 -38.79
CA THR E 331 12.74 13.11 -39.23
C THR E 331 13.58 14.08 -40.11
N LYS E 332 14.89 14.16 -39.97
CA LYS E 332 15.64 15.09 -40.83
C LYS E 332 15.68 14.58 -42.28
N ILE E 333 15.55 13.26 -42.44
CA ILE E 333 15.57 12.64 -43.74
C ILE E 333 14.17 12.58 -44.26
N LEU E 334 13.24 12.24 -43.40
CA LEU E 334 11.85 12.20 -43.88
C LEU E 334 11.36 13.60 -44.35
N LYS E 335 11.76 14.66 -43.66
CA LYS E 335 11.29 16.03 -44.00
C LYS E 335 11.69 16.39 -45.44
N GLU E 336 12.98 16.20 -45.74
CA GLU E 336 13.57 16.39 -47.05
C GLU E 336 12.85 15.56 -48.08
N GLY E 337 12.49 14.33 -47.72
CA GLY E 337 11.69 13.49 -48.58
C GLY E 337 10.31 14.03 -48.84
N ILE E 338 9.63 14.48 -47.78
CA ILE E 338 8.27 15.03 -47.95
C ILE E 338 8.31 16.26 -48.90
N GLU E 339 9.38 17.04 -48.77
CA GLU E 339 9.59 18.26 -49.53
C GLU E 339 9.70 17.98 -51.02
N LYS E 340 10.35 16.87 -51.37
CA LYS E 340 10.68 16.52 -52.74
C LYS E 340 9.77 15.51 -53.43
N GLY E 341 8.60 15.28 -52.86
CA GLY E 341 7.63 14.33 -53.39
C GLY E 341 8.10 12.87 -53.34
N ILE E 342 8.88 12.48 -52.31
CA ILE E 342 9.55 11.14 -52.25
C ILE E 342 8.74 10.20 -51.35
N ALA E 343 8.14 9.19 -51.95
CA ALA E 343 7.38 8.12 -51.26
C ALA E 343 6.08 8.71 -50.72
N ASN E 344 5.26 7.87 -50.11
CA ASN E 344 4.07 8.33 -49.41
C ASN E 344 3.75 7.57 -48.13
N SER E 345 4.80 6.88 -47.62
CA SER E 345 4.69 6.05 -46.44
C SER E 345 6.06 5.84 -45.84
N ILE E 346 6.07 5.58 -44.54
CA ILE E 346 7.32 5.34 -43.81
C ILE E 346 7.18 4.10 -42.91
N LEU E 347 8.21 3.25 -42.89
CA LEU E 347 8.29 2.09 -42.06
C LEU E 347 9.02 2.51 -40.78
N ILE E 348 8.36 2.32 -39.66
CA ILE E 348 8.81 2.87 -38.37
C ILE E 348 9.48 1.78 -37.54
N LYS E 349 10.76 1.98 -37.30
CA LYS E 349 11.57 1.05 -36.59
C LYS E 349 12.30 1.86 -35.56
N PHE E 350 11.92 1.69 -34.29
CA PHE E 350 12.53 2.53 -33.28
C PHE E 350 14.05 2.35 -33.16
N ASN E 351 14.63 1.20 -33.53
CA ASN E 351 16.10 1.05 -33.45
C ASN E 351 16.88 1.71 -34.58
N GLN E 352 16.19 2.16 -35.63
CA GLN E 352 16.83 2.88 -36.74
C GLN E 352 17.27 4.27 -36.31
N ILE E 353 16.60 4.81 -35.27
CA ILE E 353 16.86 6.13 -34.72
C ILE E 353 17.29 6.11 -33.26
N GLY E 354 16.68 5.26 -32.43
CA GLY E 354 17.23 4.91 -31.11
C GLY E 354 16.57 5.49 -29.90
N SER E 355 15.40 6.09 -30.05
CA SER E 355 14.65 6.45 -28.92
C SER E 355 13.19 6.46 -29.23
N LEU E 356 12.42 6.37 -28.16
CA LEU E 356 10.96 6.43 -28.30
C LEU E 356 10.48 7.86 -28.74
N THR E 357 11.03 8.90 -28.10
CA THR E 357 10.60 10.27 -28.39
C THR E 357 10.78 10.61 -29.86
N GLU E 358 11.96 10.32 -30.41
CA GLU E 358 12.23 10.54 -31.84
C GLU E 358 11.41 9.66 -32.80
N THR E 359 11.04 8.47 -32.34
CA THR E 359 10.15 7.58 -33.08
C THR E 359 8.76 8.23 -33.22
N LEU E 360 8.25 8.77 -32.11
CA LEU E 360 7.00 9.46 -32.11
C LEU E 360 7.03 10.70 -33.02
N ALA E 361 8.15 11.40 -33.07
CA ALA E 361 8.24 12.61 -33.94
C ALA E 361 8.18 12.19 -35.43
N ALA E 362 8.73 11.03 -35.78
CA ALA E 362 8.67 10.55 -37.17
C ALA E 362 7.26 10.15 -37.63
N ILE E 363 6.48 9.54 -36.74
CA ILE E 363 5.12 9.10 -37.04
C ILE E 363 4.26 10.36 -37.21
N LYS E 364 4.52 11.37 -36.40
CA LYS E 364 3.73 12.61 -36.44
C LYS E 364 4.06 13.42 -37.70
N MET E 365 5.35 13.58 -38.01
CA MET E 365 5.72 14.19 -39.27
C MET E 365 5.04 13.42 -40.44
N ALA E 366 5.10 12.08 -40.48
CA ALA E 366 4.42 11.39 -41.56
C ALA E 366 2.91 11.69 -41.62
N LYS E 367 2.20 11.58 -40.49
CA LYS E 367 0.75 11.80 -40.48
C LYS E 367 0.33 13.24 -40.89
N ASP E 368 1.06 14.25 -40.41
CA ASP E 368 0.87 15.67 -40.76
C ASP E 368 1.03 15.95 -42.27
N ALA E 369 1.94 15.25 -42.94
CA ALA E 369 2.05 15.28 -44.40
C ALA E 369 1.14 14.31 -45.20
N GLY E 370 0.14 13.65 -44.59
CA GLY E 370 -0.67 12.63 -45.30
C GLY E 370 0.02 11.28 -45.62
N TYR E 371 1.29 11.10 -45.21
CA TYR E 371 1.98 9.83 -45.28
C TYR E 371 1.40 8.82 -44.28
N THR E 372 1.43 7.52 -44.60
CA THR E 372 1.08 6.49 -43.61
C THR E 372 2.33 6.07 -42.87
N ALA E 373 2.14 5.59 -41.65
CA ALA E 373 3.20 5.00 -40.90
C ALA E 373 2.93 3.49 -40.67
N VAL E 374 3.92 2.66 -40.97
CA VAL E 374 3.82 1.20 -40.75
C VAL E 374 4.81 0.81 -39.65
N ILE E 375 4.29 0.35 -38.51
CA ILE E 375 5.20 -0.02 -37.41
C ILE E 375 5.83 -1.37 -37.70
N SER E 376 7.15 -1.51 -37.50
CA SER E 376 7.90 -2.68 -37.96
C SER E 376 8.83 -3.35 -36.95
N HIS E 377 8.88 -4.69 -37.10
CA HIS E 377 9.92 -5.51 -36.53
C HIS E 377 11.28 -5.32 -37.23
N ARG E 378 12.32 -5.93 -36.67
CA ARG E 378 13.57 -6.20 -37.41
C ARG E 378 13.69 -7.70 -37.60
N SER E 379 14.69 -8.12 -38.38
CA SER E 379 14.96 -9.57 -38.56
C SER E 379 15.32 -10.20 -37.25
N GLY E 380 16.12 -9.51 -36.44
CA GLY E 380 16.54 -9.99 -35.14
C GLY E 380 15.58 -9.45 -34.08
N GLU E 381 14.69 -10.31 -33.57
CA GLU E 381 13.69 -9.87 -32.58
C GLU E 381 13.93 -10.58 -31.26
N THR E 382 13.14 -10.20 -30.26
CA THR E 382 13.01 -10.88 -29.03
C THR E 382 11.51 -11.13 -28.73
N GLU E 383 11.30 -11.81 -27.62
CA GLU E 383 10.01 -12.00 -26.93
C GLU E 383 9.24 -10.65 -26.63
N ASP E 384 9.94 -9.52 -26.60
CA ASP E 384 9.35 -8.18 -26.51
C ASP E 384 8.20 -7.96 -27.53
N ALA E 385 7.09 -7.38 -27.09
CA ALA E 385 5.92 -7.10 -27.93
C ALA E 385 5.58 -5.62 -27.96
N THR E 386 6.56 -4.76 -27.66
CA THR E 386 6.41 -3.33 -27.63
C THR E 386 5.81 -2.71 -28.88
N ILE E 387 6.28 -3.12 -30.06
CA ILE E 387 5.71 -2.63 -31.29
C ILE E 387 4.18 -2.83 -31.40
N ALA E 388 3.62 -3.84 -30.75
CA ALA E 388 2.17 -3.98 -30.74
C ALA E 388 1.55 -2.81 -30.00
N ASP E 389 2.06 -2.53 -28.80
CA ASP E 389 1.58 -1.37 -28.04
C ASP E 389 1.79 -0.06 -28.77
N LEU E 390 2.93 0.08 -29.44
CA LEU E 390 3.20 1.30 -30.14
C LEU E 390 2.18 1.53 -31.29
N ALA E 391 1.92 0.50 -32.10
CA ALA E 391 1.00 0.63 -33.25
C ALA E 391 -0.39 0.99 -32.76
N VAL E 392 -0.80 0.46 -31.63
CA VAL E 392 -2.17 0.71 -31.14
C VAL E 392 -2.24 2.13 -30.58
N GLY E 393 -1.22 2.49 -29.79
CA GLY E 393 -1.22 3.75 -29.11
C GLY E 393 -1.01 4.98 -29.97
N THR E 394 -0.40 4.81 -31.15
CA THR E 394 -0.24 5.88 -32.11
C THR E 394 -1.32 5.81 -33.19
N ALA E 395 -2.27 4.87 -33.06
CA ALA E 395 -3.21 4.55 -34.13
C ALA E 395 -2.55 4.55 -35.52
N ALA E 396 -1.40 3.92 -35.64
CA ALA E 396 -0.63 3.99 -36.86
C ALA E 396 -1.46 3.44 -38.04
N GLY E 397 -2.15 2.34 -37.85
CA GLY E 397 -3.05 1.83 -38.85
C GLY E 397 -2.49 0.58 -39.52
N GLN E 398 -1.16 0.41 -39.50
CA GLN E 398 -0.49 -0.78 -40.10
C GLN E 398 0.67 -1.27 -39.21
N ILE E 399 0.96 -2.57 -39.30
CA ILE E 399 2.10 -3.19 -38.69
C ILE E 399 2.73 -4.25 -39.59
N LYS E 400 4.05 -4.41 -39.49
CA LYS E 400 4.78 -5.43 -40.15
C LYS E 400 5.60 -6.16 -39.10
N THR E 401 5.11 -7.31 -38.64
CA THR E 401 5.78 -8.07 -37.58
C THR E 401 5.89 -9.55 -37.86
N GLY E 402 5.85 -9.93 -39.13
CA GLY E 402 6.29 -11.24 -39.58
C GLY E 402 5.22 -12.16 -40.05
N SER E 403 5.63 -13.37 -40.39
CA SER E 403 4.75 -14.46 -40.73
C SER E 403 4.09 -14.96 -39.47
N MET E 404 3.17 -15.88 -39.63
CA MET E 404 2.44 -16.47 -38.51
C MET E 404 3.15 -17.69 -37.92
N SER E 405 4.49 -17.65 -37.80
CA SER E 405 5.23 -18.62 -37.01
C SER E 405 6.44 -17.93 -36.36
N ARG E 406 7.02 -18.63 -35.37
CA ARG E 406 8.07 -18.16 -34.46
C ARG E 406 7.51 -17.20 -33.46
N SER E 407 7.79 -17.36 -32.17
CA SER E 407 7.17 -16.47 -31.14
C SER E 407 7.81 -15.07 -31.16
N ASP E 408 8.98 -14.95 -31.80
CA ASP E 408 9.55 -13.60 -32.09
C ASP E 408 8.66 -12.68 -32.97
N ARG E 409 7.83 -13.31 -33.80
CA ARG E 409 6.76 -12.70 -34.56
C ARG E 409 5.43 -12.84 -33.81
N VAL E 410 5.07 -14.07 -33.45
CA VAL E 410 3.74 -14.35 -32.94
C VAL E 410 3.43 -13.69 -31.58
N ALA E 411 4.45 -13.42 -30.77
CA ALA E 411 4.23 -12.68 -29.54
C ALA E 411 3.58 -11.33 -29.81
N LYS E 412 3.89 -10.70 -30.96
CA LYS E 412 3.31 -9.42 -31.24
C LYS E 412 1.83 -9.61 -31.63
N TYR E 413 1.51 -10.61 -32.46
CA TYR E 413 0.11 -10.92 -32.76
C TYR E 413 -0.70 -11.23 -31.53
N ASN E 414 -0.06 -11.89 -30.56
CA ASN E 414 -0.71 -12.24 -29.31
C ASN E 414 -0.98 -11.01 -28.44
N GLN E 415 -0.05 -10.06 -28.41
CA GLN E 415 -0.27 -8.89 -27.67
C GLN E 415 -1.42 -8.08 -28.30
N LEU E 416 -1.48 -8.03 -29.63
CA LEU E 416 -2.57 -7.41 -30.36
C LEU E 416 -3.90 -8.04 -30.04
N ILE E 417 -3.91 -9.36 -29.83
CA ILE E 417 -5.16 -10.01 -29.44
C ILE E 417 -5.60 -9.57 -28.09
N ARG E 418 -4.65 -9.52 -27.13
CA ARG E 418 -4.97 -9.11 -25.77
C ARG E 418 -5.46 -7.68 -25.71
N ILE E 419 -4.83 -6.79 -26.47
CA ILE E 419 -5.20 -5.38 -26.48
C ILE E 419 -6.58 -5.22 -27.13
N GLU E 420 -6.85 -5.91 -28.23
CA GLU E 420 -8.21 -5.90 -28.79
C GLU E 420 -9.32 -6.39 -27.85
N GLU E 421 -9.04 -7.42 -27.12
CA GLU E 421 -9.98 -7.97 -26.20
C GLU E 421 -10.38 -6.91 -25.14
N ALA E 422 -9.40 -6.14 -24.67
CA ALA E 422 -9.63 -5.11 -23.65
C ALA E 422 -10.30 -3.87 -24.29
N LEU E 423 -9.84 -3.44 -25.47
CA LEU E 423 -10.38 -2.25 -26.03
C LEU E 423 -11.70 -2.37 -26.84
N GLY E 424 -11.95 -3.52 -27.46
CA GLY E 424 -13.06 -3.68 -28.39
C GLY E 424 -13.11 -2.58 -29.42
N GLU E 425 -14.30 -1.96 -29.55
CA GLU E 425 -14.51 -0.98 -30.60
C GLU E 425 -13.87 0.38 -30.31
N LYS E 426 -13.25 0.54 -29.14
CA LYS E 426 -12.41 1.67 -28.93
C LYS E 426 -11.14 1.59 -29.79
N ALA E 427 -10.79 0.43 -30.32
CA ALA E 427 -9.65 0.39 -31.24
C ALA E 427 -10.13 -0.29 -32.47
N PRO E 428 -10.78 0.49 -33.36
CA PRO E 428 -11.34 -0.20 -34.51
C PRO E 428 -10.24 -0.78 -35.43
N TYR E 429 -10.64 -1.81 -36.15
CA TYR E 429 -9.87 -2.35 -37.25
C TYR E 429 -10.48 -1.81 -38.55
N ASN E 430 -9.75 -0.94 -39.22
CA ASN E 430 -10.26 -0.16 -40.36
C ASN E 430 -9.98 -0.76 -41.75
N GLY E 431 -9.19 -1.79 -41.82
CA GLY E 431 -9.09 -2.50 -43.06
C GLY E 431 -8.36 -1.74 -44.11
N ARG E 432 -8.81 -1.92 -45.35
CA ARG E 432 -7.99 -1.47 -46.46
C ARG E 432 -7.89 0.03 -46.50
N LYS E 433 -8.81 0.74 -45.85
CA LYS E 433 -8.69 2.19 -45.78
C LYS E 433 -7.45 2.72 -45.07
N GLU E 434 -6.66 1.89 -44.41
CA GLU E 434 -5.47 2.40 -43.76
C GLU E 434 -4.41 2.57 -44.81
N ILE E 435 -4.57 1.89 -45.94
CA ILE E 435 -3.48 1.81 -46.90
C ILE E 435 -3.55 3.01 -47.86
N LYS E 436 -2.38 3.67 -47.93
CA LYS E 436 -2.17 4.81 -48.78
C LYS E 436 -2.45 4.46 -50.25
N GLY E 437 -3.41 5.16 -50.83
CA GLY E 437 -3.83 4.91 -52.19
C GLY E 437 -5.13 4.13 -52.30
N GLN E 438 -5.74 3.68 -51.19
CA GLN E 438 -7.01 2.91 -51.24
C GLN E 438 -8.27 3.75 -50.87
N ALA E 439 -8.50 3.94 -49.55
CA ALA E 439 -9.63 4.68 -48.86
C ALA E 439 -11.07 4.42 -49.35
N GLN F 1 5.82 -5.54 -13.04
CA GLN F 1 5.56 -4.09 -13.34
C GLN F 1 5.64 -3.34 -11.99
N GLN F 2 4.76 -3.60 -11.03
CA GLN F 2 5.02 -3.13 -9.62
C GLN F 2 5.60 -4.16 -8.59
N MET F 3 6.74 -3.87 -7.96
CA MET F 3 7.29 -4.70 -6.81
C MET F 3 6.49 -4.49 -5.49
N GLY F 4 5.78 -5.52 -4.99
CA GLY F 4 5.07 -5.44 -3.69
C GLY F 4 6.00 -5.34 -2.49
N ARG F 5 5.47 -4.96 -1.32
CA ARG F 5 6.30 -4.83 -0.11
C ARG F 5 6.78 -6.19 0.36
N GLY F 6 5.99 -7.23 0.07
CA GLY F 6 6.35 -8.58 0.42
C GLY F 6 7.61 -9.03 -0.28
N SER F 7 7.91 -8.47 -1.46
CA SER F 7 9.21 -8.83 -2.10
C SER F 7 10.43 -8.17 -1.37
N MET F 8 10.18 -7.23 -0.47
CA MET F 8 11.25 -6.50 0.17
C MET F 8 11.57 -7.14 1.52
N SER F 9 12.18 -8.31 1.44
CA SER F 9 12.37 -9.18 2.61
C SER F 9 13.80 -9.14 3.12
N LYS F 10 14.61 -8.19 2.66
CA LYS F 10 15.94 -8.02 3.25
C LYS F 10 15.85 -7.46 4.68
N ILE F 11 16.72 -7.96 5.52
CA ILE F 11 16.81 -7.47 6.87
C ILE F 11 17.45 -6.05 6.84
N VAL F 12 16.79 -5.09 7.49
CA VAL F 12 17.36 -3.76 7.69
C VAL F 12 17.80 -3.45 9.15
N LYS F 13 17.34 -4.23 10.14
CA LYS F 13 17.60 -3.93 11.56
C LYS F 13 17.30 -5.20 12.39
N ILE F 14 18.21 -5.50 13.32
CA ILE F 14 18.00 -6.49 14.38
C ILE F 14 18.29 -5.89 15.72
N ILE F 15 17.31 -5.99 16.61
CA ILE F 15 17.38 -5.49 18.00
C ILE F 15 17.29 -6.71 18.95
N GLY F 16 18.23 -6.78 19.90
CA GLY F 16 18.12 -7.65 21.07
C GLY F 16 17.75 -6.90 22.35
N ARG F 17 16.98 -7.54 23.21
CA ARG F 17 16.82 -7.01 24.53
C ARG F 17 16.74 -8.15 25.55
N GLU F 18 16.87 -7.77 26.80
CA GLU F 18 16.72 -8.64 27.95
C GLU F 18 15.30 -8.50 28.51
N ILE F 19 14.53 -9.58 28.48
CA ILE F 19 13.22 -9.69 29.13
C ILE F 19 13.31 -10.78 30.22
N ILE F 20 12.20 -11.04 30.90
CA ILE F 20 12.13 -12.06 31.96
C ILE F 20 11.36 -13.36 31.54
N ASP F 21 11.85 -14.54 31.92
CA ASP F 21 11.14 -15.80 31.64
C ASP F 21 10.10 -16.12 32.72
N SER F 22 9.41 -17.26 32.61
CA SER F 22 8.33 -17.58 33.54
C SER F 22 8.86 -18.00 34.91
N ARG F 23 10.18 -18.08 35.08
CA ARG F 23 10.72 -18.37 36.39
C ARG F 23 11.33 -17.14 36.99
N GLY F 24 11.22 -16.00 36.30
CA GLY F 24 11.80 -14.77 36.80
C GLY F 24 13.27 -14.60 36.44
N ASN F 25 13.82 -15.42 35.56
CA ASN F 25 15.21 -15.19 35.07
C ASN F 25 15.27 -14.44 33.72
N PRO F 26 16.36 -13.69 33.48
CA PRO F 26 16.50 -13.03 32.20
C PRO F 26 16.54 -14.03 31.10
N THR F 27 16.05 -13.62 29.91
CA THR F 27 16.32 -14.29 28.64
C THR F 27 16.38 -13.25 27.49
N VAL F 28 16.84 -13.72 26.33
CA VAL F 28 17.02 -12.87 25.15
C VAL F 28 15.75 -12.82 24.30
N GLU F 29 15.36 -11.62 23.92
CA GLU F 29 14.31 -11.41 22.91
C GLU F 29 14.96 -10.67 21.81
N ALA F 30 14.55 -11.00 20.59
CA ALA F 30 15.05 -10.40 19.35
C ALA F 30 13.91 -9.97 18.47
N GLU F 31 14.10 -8.85 17.79
CA GLU F 31 13.22 -8.39 16.75
C GLU F 31 14.03 -8.37 15.48
N VAL F 32 13.49 -8.95 14.40
CA VAL F 32 14.06 -8.85 13.04
C VAL F 32 13.14 -7.99 12.19
N HIS F 33 13.67 -6.90 11.62
CA HIS F 33 12.93 -5.93 10.83
C HIS F 33 13.41 -6.04 9.39
N LEU F 34 12.44 -6.02 8.47
CA LEU F 34 12.70 -6.12 7.06
C LEU F 34 12.36 -4.83 6.33
N GLU F 35 12.95 -4.68 5.15
CA GLU F 35 12.73 -3.46 4.35
C GLU F 35 11.26 -3.15 4.16
N GLY F 36 10.44 -4.16 3.81
CA GLY F 36 9.01 -3.91 3.56
C GLY F 36 8.17 -3.56 4.76
N GLY F 37 8.77 -3.51 5.97
CA GLY F 37 8.05 -3.14 7.21
C GLY F 37 7.55 -4.34 8.02
N PHE F 38 8.01 -5.53 7.70
CA PHE F 38 7.71 -6.74 8.45
C PHE F 38 8.70 -6.90 9.62
N VAL F 39 8.16 -7.21 10.78
CA VAL F 39 8.88 -7.48 12.00
C VAL F 39 8.46 -8.87 12.54
N GLY F 40 9.43 -9.66 12.95
CA GLY F 40 9.13 -10.82 13.76
C GLY F 40 9.87 -10.62 15.06
N MET F 41 9.32 -11.19 16.12
CA MET F 41 9.86 -11.03 17.45
C MET F 41 9.74 -12.40 18.19
N ALA F 42 10.83 -12.88 18.79
CA ALA F 42 10.85 -14.15 19.50
C ALA F 42 11.81 -14.07 20.68
N ALA F 43 11.60 -14.95 21.65
CA ALA F 43 12.48 -15.09 22.81
C ALA F 43 12.97 -16.56 23.02
N ALA F 44 14.23 -16.72 23.46
CA ALA F 44 14.76 -18.03 23.85
C ALA F 44 14.12 -18.54 25.17
N PRO F 45 13.74 -19.79 25.19
CA PRO F 45 13.34 -20.36 26.46
C PRO F 45 14.60 -20.91 27.16
N SER F 46 14.44 -21.43 28.39
CA SER F 46 15.58 -21.86 29.21
C SER F 46 15.28 -23.10 30.10
N GLY F 47 16.18 -24.10 30.00
CA GLY F 47 16.04 -25.33 30.76
C GLY F 47 16.44 -25.24 32.24
N ALA F 48 15.78 -26.04 33.09
CA ALA F 48 16.18 -26.24 34.51
C ALA F 48 17.02 -27.52 34.73
N SER F 49 16.73 -28.61 33.98
CA SER F 49 17.53 -29.87 33.97
C SER F 49 18.20 -30.12 32.60
N THR F 50 19.23 -29.30 32.30
CA THR F 50 19.86 -29.32 30.97
C THR F 50 20.82 -30.50 30.73
N GLY F 51 20.73 -31.11 29.54
CA GLY F 51 21.64 -32.16 29.09
C GLY F 51 23.03 -31.55 29.03
N SER F 52 24.06 -32.37 29.14
CA SER F 52 25.45 -31.87 29.16
C SER F 52 25.91 -31.45 27.78
N ARG F 53 25.37 -32.03 26.71
CA ARG F 53 25.81 -31.65 25.33
C ARG F 53 24.83 -30.61 24.64
N GLU F 54 23.99 -29.92 25.41
CA GLU F 54 23.18 -28.81 24.91
C GLU F 54 24.11 -27.70 24.43
N ALA F 55 23.64 -26.99 23.42
CA ALA F 55 24.34 -25.76 23.02
C ALA F 55 24.33 -24.77 24.18
N LEU F 56 25.37 -23.95 24.24
CA LEU F 56 25.61 -23.08 25.40
C LEU F 56 24.58 -21.95 25.54
N GLU F 57 23.87 -21.95 26.66
CA GLU F 57 23.06 -20.84 27.11
C GLU F 57 24.05 -19.85 27.73
N LEU F 58 24.31 -18.72 27.10
CA LEU F 58 25.29 -17.72 27.59
C LEU F 58 24.67 -16.77 28.61
N ARG F 59 25.18 -16.86 29.82
CA ARG F 59 24.82 -15.98 30.92
C ARG F 59 26.02 -15.07 31.25
N ASP F 60 25.75 -13.90 31.85
CA ASP F 60 26.80 -12.90 32.18
C ASP F 60 27.74 -13.35 33.29
N GLY F 61 27.16 -13.93 34.36
CA GLY F 61 27.87 -14.21 35.62
C GLY F 61 28.15 -12.96 36.48
N ASP F 62 27.36 -11.90 36.32
CA ASP F 62 27.47 -10.72 37.16
C ASP F 62 26.53 -10.84 38.39
N LYS F 63 27.16 -11.18 39.52
CA LYS F 63 26.46 -11.36 40.81
C LYS F 63 25.64 -10.11 41.25
N SER F 64 26.04 -8.90 40.81
CA SER F 64 25.27 -7.71 41.10
C SER F 64 23.90 -7.60 40.32
N ARG F 65 23.67 -8.42 39.29
CA ARG F 65 22.34 -8.41 38.62
C ARG F 65 21.78 -9.84 38.36
N PHE F 66 20.56 -10.10 38.90
CA PHE F 66 19.78 -11.32 38.66
C PHE F 66 20.46 -12.59 39.20
N LEU F 67 21.34 -12.42 40.20
CA LEU F 67 22.11 -13.55 40.79
C LEU F 67 23.07 -14.17 39.77
N GLY F 68 23.69 -13.33 38.95
CA GLY F 68 24.55 -13.76 37.84
C GLY F 68 23.90 -14.29 36.56
N LYS F 69 22.57 -14.20 36.46
CA LYS F 69 21.75 -14.82 35.39
C LYS F 69 21.37 -13.81 34.26
N GLY F 70 22.00 -12.65 34.22
CA GLY F 70 21.74 -11.68 33.17
C GLY F 70 22.20 -12.21 31.82
N VAL F 71 21.57 -11.71 30.77
CA VAL F 71 21.98 -12.11 29.41
C VAL F 71 22.47 -10.98 28.56
N THR F 72 23.10 -9.97 29.18
CA THR F 72 23.64 -8.79 28.46
C THR F 72 24.73 -9.10 27.40
N LYS F 73 25.65 -10.05 27.63
CA LYS F 73 26.58 -10.40 26.57
C LYS F 73 25.85 -10.98 25.32
N ALA F 74 24.85 -11.84 25.54
CA ALA F 74 24.06 -12.39 24.41
C ALA F 74 23.25 -11.31 23.67
N VAL F 75 22.61 -10.41 24.43
CA VAL F 75 21.90 -9.26 23.95
C VAL F 75 22.83 -8.33 23.14
N ALA F 76 24.06 -8.15 23.62
CA ALA F 76 25.06 -7.44 22.84
C ALA F 76 25.45 -8.18 21.57
N ALA F 77 25.52 -9.50 21.60
CA ALA F 77 25.84 -10.23 20.37
C ALA F 77 24.72 -10.03 19.27
N VAL F 78 23.44 -10.01 19.69
CA VAL F 78 22.31 -9.74 18.77
C VAL F 78 22.46 -8.36 18.18
N ASN F 79 22.69 -7.35 19.03
CA ASN F 79 22.82 -5.94 18.63
C ASN F 79 24.07 -5.53 17.81
N GLY F 80 25.12 -6.31 17.90
CA GLY F 80 26.37 -6.00 17.26
C GLY F 80 26.68 -6.92 16.11
N PRO F 81 27.54 -7.93 16.34
CA PRO F 81 28.06 -8.77 15.22
C PRO F 81 26.99 -9.63 14.44
N ILE F 82 25.90 -10.02 15.09
CA ILE F 82 24.85 -10.79 14.36
C ILE F 82 24.04 -9.88 13.43
N ALA F 83 23.63 -8.75 13.97
CA ALA F 83 23.03 -7.70 13.21
C ALA F 83 23.92 -7.27 12.04
N GLN F 84 25.22 -7.16 12.26
CA GLN F 84 26.15 -6.76 11.23
C GLN F 84 26.20 -7.78 10.12
N ALA F 85 26.26 -9.04 10.47
CA ALA F 85 26.35 -10.09 9.43
C ALA F 85 25.05 -10.32 8.60
N LEU F 86 23.90 -9.96 9.17
CA LEU F 86 22.56 -10.29 8.62
C LEU F 86 21.82 -9.14 7.89
N ILE F 87 22.17 -7.87 8.15
CA ILE F 87 21.61 -6.75 7.42
C ILE F 87 21.90 -6.93 5.94
N GLY F 88 20.87 -6.74 5.14
CA GLY F 88 20.98 -6.96 3.68
C GLY F 88 20.75 -8.39 3.20
N LYS F 89 20.55 -9.32 4.12
CA LYS F 89 20.25 -10.70 3.74
C LYS F 89 18.79 -10.95 3.68
N ASP F 90 18.43 -11.92 2.84
CA ASP F 90 17.02 -12.28 2.61
C ASP F 90 16.45 -13.17 3.74
N ALA F 91 15.54 -12.64 4.52
CA ALA F 91 14.93 -13.38 5.60
C ALA F 91 14.16 -14.66 5.16
N LYS F 92 13.75 -14.73 3.90
CA LYS F 92 13.04 -15.89 3.41
C LYS F 92 13.93 -17.10 3.28
N ASP F 93 15.25 -16.89 3.18
CA ASP F 93 16.21 -18.01 3.07
C ASP F 93 16.65 -18.44 4.48
N GLN F 94 15.78 -19.17 5.18
CA GLN F 94 16.02 -19.47 6.64
C GLN F 94 17.36 -20.20 6.85
N ALA F 95 17.64 -21.19 6.03
CA ALA F 95 18.83 -21.98 6.12
C ALA F 95 20.09 -21.12 5.88
N GLY F 96 20.03 -20.13 4.96
CA GLY F 96 21.16 -19.20 4.74
C GLY F 96 21.42 -18.26 5.92
N ILE F 97 20.33 -17.71 6.50
CA ILE F 97 20.38 -16.86 7.71
C ILE F 97 20.97 -17.66 8.87
N ASP F 98 20.43 -18.86 9.14
CA ASP F 98 20.95 -19.67 10.19
C ASP F 98 22.45 -20.02 9.94
N LYS F 99 22.81 -20.41 8.73
CA LYS F 99 24.19 -20.78 8.45
C LYS F 99 25.19 -19.61 8.70
N ILE F 100 24.82 -18.39 8.33
CA ILE F 100 25.60 -17.21 8.64
C ILE F 100 25.89 -17.07 10.11
N MET F 101 24.84 -17.18 10.93
CA MET F 101 25.02 -17.09 12.36
C MET F 101 25.91 -18.19 12.87
N ILE F 102 25.76 -19.42 12.38
CA ILE F 102 26.55 -20.58 12.84
C ILE F 102 28.06 -20.48 12.46
N ASP F 103 28.35 -20.05 11.25
CA ASP F 103 29.75 -19.90 10.76
C ASP F 103 30.46 -18.73 11.44
N LEU F 104 29.75 -17.64 11.68
CA LEU F 104 30.33 -16.49 12.35
C LEU F 104 30.66 -16.81 13.80
N ASP F 105 29.68 -17.29 14.56
CA ASP F 105 29.95 -17.81 15.91
C ASP F 105 31.22 -18.71 15.89
N GLY F 106 31.25 -19.67 14.99
CA GLY F 106 32.43 -20.49 14.75
C GLY F 106 32.65 -21.74 15.60
N THR F 107 31.87 -21.91 16.69
CA THR F 107 32.07 -22.99 17.68
C THR F 107 31.07 -24.12 17.48
N GLU F 108 31.40 -25.28 18.00
CA GLU F 108 30.52 -26.44 17.93
C GLU F 108 29.24 -26.21 18.74
N ASN F 109 29.36 -25.55 19.89
CA ASN F 109 28.20 -25.38 20.78
C ASN F 109 27.68 -23.95 20.92
N LYS F 110 27.94 -23.11 19.93
CA LYS F 110 27.46 -21.71 19.91
C LYS F 110 27.86 -20.90 21.16
N SER F 111 29.11 -21.09 21.56
CA SER F 111 29.63 -20.54 22.83
C SER F 111 30.11 -19.08 22.74
N LYS F 112 30.49 -18.60 21.55
CA LYS F 112 30.81 -17.16 21.37
C LYS F 112 29.56 -16.29 21.61
N PHE F 113 28.49 -16.49 20.84
CA PHE F 113 27.30 -15.66 20.99
C PHE F 113 26.27 -16.20 21.97
N GLY F 114 26.26 -17.52 22.19
CA GLY F 114 25.16 -18.13 22.98
C GLY F 114 24.07 -18.63 22.01
N ALA F 115 23.69 -19.89 22.15
CA ALA F 115 22.51 -20.41 21.52
C ALA F 115 21.31 -19.52 21.75
N ASN F 116 21.23 -18.90 22.92
CA ASN F 116 20.08 -18.07 23.27
C ASN F 116 20.01 -16.82 22.34
N ALA F 117 21.17 -16.29 21.94
CA ALA F 117 21.21 -15.17 20.96
C ALA F 117 20.83 -15.63 19.58
N ILE F 118 21.56 -16.61 19.09
CA ILE F 118 21.32 -17.15 17.75
C ILE F 118 19.85 -17.64 17.57
N LEU F 119 19.31 -18.34 18.56
CA LEU F 119 17.98 -18.93 18.43
C LEU F 119 16.92 -17.83 18.40
N ALA F 120 17.08 -16.79 19.22
CA ALA F 120 16.09 -15.73 19.28
C ALA F 120 16.04 -15.02 17.90
N VAL F 121 17.19 -14.83 17.29
CA VAL F 121 17.24 -14.23 15.97
C VAL F 121 16.65 -15.21 14.92
N SER F 122 16.97 -16.51 15.02
CA SER F 122 16.52 -17.49 14.05
C SER F 122 15.02 -17.54 13.91
N LEU F 123 14.36 -17.50 15.08
CA LEU F 123 12.90 -17.59 15.18
C LEU F 123 12.22 -16.30 14.82
N ALA F 124 12.78 -15.20 15.29
CA ALA F 124 12.32 -13.86 14.89
C ALA F 124 12.46 -13.64 13.40
N ASN F 125 13.54 -14.11 12.79
CA ASN F 125 13.71 -14.06 11.34
C ASN F 125 12.55 -14.84 10.64
N ALA F 126 12.25 -16.05 11.10
CA ALA F 126 11.21 -16.89 10.52
C ALA F 126 9.84 -16.27 10.59
N LYS F 127 9.51 -15.67 11.72
CA LYS F 127 8.26 -14.98 11.83
C LYS F 127 8.24 -13.74 10.93
N ALA F 128 9.33 -12.98 10.80
CA ALA F 128 9.30 -11.82 9.86
C ALA F 128 9.09 -12.31 8.41
N ALA F 129 9.73 -13.40 8.07
CA ALA F 129 9.66 -13.92 6.73
C ALA F 129 8.24 -14.48 6.48
N ALA F 130 7.62 -15.14 7.44
CA ALA F 130 6.19 -15.49 7.37
C ALA F 130 5.32 -14.30 7.00
N ALA F 131 5.53 -13.22 7.72
CA ALA F 131 4.68 -12.05 7.48
C ALA F 131 4.94 -11.50 6.05
N ALA F 132 6.21 -11.47 5.61
CA ALA F 132 6.53 -11.02 4.28
C ALA F 132 5.96 -11.96 3.18
N LYS F 133 5.79 -13.23 3.48
CA LYS F 133 5.18 -14.15 2.53
C LYS F 133 3.69 -14.13 2.59
N GLY F 134 3.15 -13.34 3.51
CA GLY F 134 1.72 -13.23 3.66
C GLY F 134 1.02 -14.49 4.20
N MET F 135 1.61 -15.14 5.21
CA MET F 135 1.13 -16.40 5.71
C MET F 135 1.41 -16.53 7.18
N PRO F 136 0.54 -17.27 7.89
CA PRO F 136 0.81 -17.58 9.26
C PRO F 136 2.05 -18.43 9.37
N LEU F 137 2.58 -18.49 10.58
CA LEU F 137 3.87 -19.09 10.84
C LEU F 137 3.86 -20.59 10.56
N TYR F 138 2.81 -21.30 11.00
CA TYR F 138 2.70 -22.73 10.76
C TYR F 138 2.83 -23.01 9.28
N GLU F 139 2.24 -22.16 8.44
CA GLU F 139 2.30 -22.40 7.01
C GLU F 139 3.73 -22.18 6.44
N HIS F 140 4.41 -21.15 6.94
CA HIS F 140 5.76 -20.91 6.57
C HIS F 140 6.63 -22.04 7.02
N ILE F 141 6.46 -22.50 8.27
CA ILE F 141 7.31 -23.59 8.75
C ILE F 141 7.16 -24.85 7.87
N ALA F 142 5.94 -25.19 7.46
CA ALA F 142 5.75 -26.35 6.60
C ALA F 142 6.52 -26.19 5.29
N GLU F 143 6.61 -24.98 4.78
CA GLU F 143 7.38 -24.71 3.56
C GLU F 143 8.87 -24.85 3.80
N LEU F 144 9.35 -24.34 4.93
CA LEU F 144 10.77 -24.51 5.31
C LEU F 144 11.10 -25.95 5.53
N ASN F 145 10.13 -26.66 6.09
CA ASN F 145 10.27 -28.09 6.40
C ASN F 145 10.31 -29.02 5.18
N GLY F 146 10.01 -28.53 3.98
CA GLY F 146 9.97 -29.41 2.86
C GLY F 146 8.64 -30.13 2.74
N THR F 147 7.60 -29.70 3.42
CA THR F 147 6.31 -30.42 3.45
C THR F 147 5.12 -29.44 3.37
N PRO F 148 5.02 -28.70 2.25
CA PRO F 148 4.04 -27.60 2.09
C PRO F 148 2.60 -28.11 2.22
N GLY F 149 1.79 -27.38 2.98
CA GLY F 149 0.42 -27.81 3.21
C GLY F 149 0.20 -29.08 4.04
N LYS F 150 1.23 -29.61 4.73
CA LYS F 150 1.08 -30.83 5.49
C LYS F 150 1.00 -30.47 6.94
N TYR F 151 -0.16 -30.68 7.56
CA TYR F 151 -0.35 -30.29 8.93
C TYR F 151 -1.05 -31.35 9.80
N SER F 152 -0.81 -31.27 11.10
CA SER F 152 -1.62 -32.01 12.06
C SER F 152 -1.61 -31.30 13.40
N MET F 153 -2.65 -31.55 14.19
CA MET F 153 -2.67 -31.03 15.55
C MET F 153 -2.01 -32.09 16.43
N PRO F 154 -1.03 -31.69 17.23
CA PRO F 154 -0.35 -32.66 18.05
C PRO F 154 -1.16 -33.15 19.30
N VAL F 155 -0.89 -34.41 19.67
CA VAL F 155 -1.45 -35.05 20.85
C VAL F 155 -0.58 -34.57 22.01
N PRO F 156 -1.19 -33.84 22.97
CA PRO F 156 -0.41 -33.28 24.06
C PRO F 156 -0.17 -34.25 25.20
N MET F 157 1.01 -34.18 25.80
CA MET F 157 1.29 -34.92 26.98
C MET F 157 1.46 -33.86 28.07
N MET F 158 0.57 -33.86 29.07
CA MET F 158 0.47 -32.75 30.02
C MET F 158 0.93 -33.12 31.43
N ASN F 159 1.86 -32.35 31.96
CA ASN F 159 2.59 -32.65 33.17
C ASN F 159 1.89 -32.19 34.44
N ILE F 160 1.02 -33.07 34.96
CA ILE F 160 0.17 -32.76 36.14
C ILE F 160 0.68 -33.18 37.54
N ILE F 161 1.66 -34.07 37.61
CA ILE F 161 2.34 -34.36 38.86
C ILE F 161 3.85 -34.36 38.69
N ASN F 162 4.55 -33.76 39.62
CA ASN F 162 6.01 -33.60 39.54
C ASN F 162 6.77 -34.27 40.65
N GLY F 163 8.00 -34.63 40.33
CA GLY F 163 8.98 -35.13 41.27
C GLY F 163 10.29 -34.50 40.93
N GLY F 164 11.39 -35.21 41.17
CA GLY F 164 12.71 -34.67 40.93
C GLY F 164 13.38 -34.18 42.20
N GLU F 165 14.63 -33.79 42.03
CA GLU F 165 15.48 -33.21 43.07
C GLU F 165 14.88 -31.92 43.67
N HIS F 166 14.28 -31.08 42.80
CA HIS F 166 13.78 -29.75 43.14
C HIS F 166 12.32 -29.73 43.67
N ALA F 167 11.77 -30.89 44.02
CA ALA F 167 10.44 -30.99 44.65
C ALA F 167 10.57 -31.40 46.10
N ASP F 168 9.74 -30.81 46.96
CA ASP F 168 9.65 -31.25 48.35
C ASP F 168 8.78 -32.51 48.37
N ASN F 169 9.30 -33.60 47.81
CA ASN F 169 8.72 -34.95 47.99
C ASN F 169 9.75 -36.05 47.69
N ASN F 170 9.37 -37.29 47.94
CA ASN F 170 10.19 -38.43 47.47
C ASN F 170 9.48 -39.17 46.31
N VAL F 171 9.31 -38.41 45.23
CA VAL F 171 9.01 -38.93 43.92
C VAL F 171 10.29 -38.65 43.14
N ASP F 172 10.87 -39.66 42.49
CA ASP F 172 12.17 -39.53 41.75
C ASP F 172 11.99 -39.17 40.23
N ILE F 173 10.96 -39.78 39.65
CA ILE F 173 10.44 -39.43 38.31
C ILE F 173 10.05 -37.92 38.31
N GLN F 174 10.84 -37.10 37.61
CA GLN F 174 10.55 -35.67 37.34
C GLN F 174 9.09 -35.38 36.94
N GLU F 175 8.47 -36.13 36.02
CA GLU F 175 7.18 -35.72 35.48
C GLU F 175 6.31 -36.91 35.18
N PHE F 176 5.04 -36.79 35.51
CA PHE F 176 4.01 -37.73 35.15
C PHE F 176 2.98 -36.95 34.37
N MET F 177 2.52 -37.52 33.27
CA MET F 177 1.76 -36.77 32.31
C MET F 177 0.55 -37.54 31.90
N ILE F 178 -0.48 -36.85 31.47
CA ILE F 178 -1.60 -37.48 30.80
C ILE F 178 -1.57 -37.12 29.31
N GLN F 179 -2.08 -38.01 28.45
CA GLN F 179 -2.30 -37.76 27.01
C GLN F 179 -3.74 -38.03 26.56
N PRO F 180 -4.49 -37.00 26.10
CA PRO F 180 -5.93 -37.24 25.75
C PRO F 180 -6.14 -37.84 24.38
N VAL F 181 -5.64 -39.05 24.24
CA VAL F 181 -5.66 -39.81 22.99
C VAL F 181 -7.05 -40.06 22.42
N GLY F 182 -8.07 -40.04 23.27
CA GLY F 182 -9.44 -40.30 22.80
C GLY F 182 -10.22 -39.12 22.26
N ALA F 183 -9.67 -37.92 22.38
CA ALA F 183 -10.29 -36.72 21.79
C ALA F 183 -10.29 -36.80 20.31
N LYS F 184 -11.29 -36.19 19.67
CA LYS F 184 -11.39 -36.06 18.24
C LYS F 184 -10.73 -34.76 17.71
N THR F 185 -10.46 -33.78 18.59
CA THR F 185 -9.85 -32.50 18.19
C THR F 185 -8.95 -32.10 19.29
N VAL F 186 -7.97 -31.27 18.99
CA VAL F 186 -7.06 -30.74 20.05
C VAL F 186 -7.81 -29.83 21.04
N LYS F 187 -8.86 -29.19 20.56
CA LYS F 187 -9.71 -28.36 21.43
C LYS F 187 -10.42 -29.27 22.47
N GLU F 188 -10.99 -30.37 22.01
CA GLU F 188 -11.55 -31.39 22.93
C GLU F 188 -10.45 -31.93 23.87
N ALA F 189 -9.24 -32.17 23.34
CA ALA F 189 -8.14 -32.67 24.20
C ALA F 189 -7.78 -31.76 25.31
N ILE F 190 -7.84 -30.46 25.03
CA ILE F 190 -7.45 -29.43 26.01
C ILE F 190 -8.50 -29.34 27.15
N ARG F 191 -9.77 -29.36 26.78
CA ARG F 191 -10.82 -29.42 27.77
C ARG F 191 -10.66 -30.66 28.67
N MET F 192 -10.30 -31.81 28.08
CA MET F 192 -10.11 -33.06 28.85
C MET F 192 -9.03 -32.91 29.87
N GLY F 193 -7.89 -32.31 29.48
CA GLY F 193 -6.80 -32.06 30.42
C GLY F 193 -7.09 -31.03 31.51
N SER F 194 -7.92 -30.03 31.17
CA SER F 194 -8.36 -29.00 32.12
C SER F 194 -9.21 -29.68 33.17
N GLU F 195 -10.25 -30.37 32.70
CA GLU F 195 -11.19 -31.09 33.60
C GLU F 195 -10.44 -32.06 34.55
N VAL F 196 -9.50 -32.84 34.01
CA VAL F 196 -8.63 -33.74 34.85
C VAL F 196 -7.75 -33.00 35.84
N PHE F 197 -7.17 -31.88 35.41
CA PHE F 197 -6.31 -31.08 36.29
C PHE F 197 -7.10 -30.49 37.50
N HIS F 198 -8.38 -30.22 37.31
CA HIS F 198 -9.19 -29.58 38.35
C HIS F 198 -9.73 -30.62 39.31
N HIS F 199 -10.20 -31.75 38.77
CA HIS F 199 -10.58 -32.90 39.61
C HIS F 199 -9.38 -33.37 40.47
N LEU F 200 -8.16 -33.38 39.93
CA LEU F 200 -6.94 -33.68 40.71
C LEU F 200 -6.67 -32.71 41.84
N ALA F 201 -6.86 -31.39 41.60
CA ALA F 201 -6.76 -30.42 42.71
C ALA F 201 -7.57 -30.87 43.94
N LYS F 202 -8.83 -31.23 43.68
CA LYS F 202 -9.79 -31.66 44.70
C LYS F 202 -9.35 -32.95 45.37
N VAL F 203 -8.96 -33.94 44.57
CA VAL F 203 -8.36 -35.18 45.11
C VAL F 203 -7.21 -34.89 46.07
N LEU F 204 -6.25 -34.07 45.68
CA LEU F 204 -5.15 -33.74 46.60
C LEU F 204 -5.62 -32.98 47.83
N LYS F 205 -6.68 -32.17 47.68
CA LYS F 205 -7.26 -31.43 48.84
C LYS F 205 -8.02 -32.38 49.80
N ALA F 206 -8.83 -33.30 49.27
CA ALA F 206 -9.42 -34.41 50.07
C ALA F 206 -8.39 -35.26 50.87
N LYS F 207 -7.15 -35.35 50.38
CA LYS F 207 -6.00 -35.96 51.09
C LYS F 207 -5.16 -34.95 51.90
N GLY F 208 -5.68 -33.72 52.05
CA GLY F 208 -4.95 -32.64 52.72
C GLY F 208 -3.61 -32.23 52.13
N MET F 209 -3.42 -32.44 50.83
CA MET F 209 -2.12 -32.22 50.20
C MET F 209 -2.04 -30.83 49.55
N ASN F 210 -0.84 -30.28 49.49
CA ASN F 210 -0.58 -28.96 48.90
C ASN F 210 -0.87 -28.91 47.35
N THR F 211 -1.80 -28.04 46.93
CA THR F 211 -2.17 -27.83 45.51
C THR F 211 -1.51 -26.58 44.84
N ALA F 212 -0.44 -26.06 45.42
CA ALA F 212 0.44 -25.11 44.72
C ALA F 212 1.13 -25.77 43.48
N VAL F 213 1.53 -24.96 42.49
CA VAL F 213 2.08 -25.47 41.21
C VAL F 213 3.60 -25.24 41.08
N GLY F 214 4.31 -26.12 40.39
CA GLY F 214 5.75 -25.87 40.06
C GLY F 214 5.87 -25.15 38.69
N ASP F 215 7.08 -25.09 38.16
CA ASP F 215 7.40 -24.45 36.88
C ASP F 215 6.44 -24.78 35.70
N GLU F 216 5.87 -25.99 35.67
CA GLU F 216 5.14 -26.46 34.51
C GLU F 216 3.67 -26.32 34.74
N GLY F 217 3.32 -25.76 35.89
CA GLY F 217 1.92 -25.59 36.25
C GLY F 217 1.19 -26.86 36.72
N GLY F 218 1.96 -27.91 37.00
CA GLY F 218 1.43 -29.13 37.60
C GLY F 218 1.70 -29.09 39.09
N TYR F 219 1.18 -30.08 39.79
CA TYR F 219 1.28 -30.11 41.24
C TYR F 219 2.48 -30.91 41.66
N ALA F 220 3.05 -30.52 42.80
CA ALA F 220 4.14 -31.29 43.41
C ALA F 220 3.82 -31.71 44.87
N PRO F 221 2.74 -32.48 45.08
CA PRO F 221 2.37 -32.82 46.44
C PRO F 221 3.33 -33.81 47.13
N ASN F 222 3.31 -33.88 48.47
CA ASN F 222 4.18 -34.81 49.20
C ASN F 222 3.61 -36.23 49.22
N LEU F 223 4.06 -37.01 48.24
CA LEU F 223 3.64 -38.39 48.04
C LEU F 223 4.76 -39.32 48.46
N GLY F 224 4.35 -40.56 48.79
CA GLY F 224 5.22 -41.58 49.37
C GLY F 224 6.03 -42.38 48.37
N SER F 225 5.40 -42.72 47.24
CA SER F 225 6.09 -43.49 46.23
C SER F 225 5.88 -42.92 44.83
N ASN F 226 6.90 -43.13 43.99
CA ASN F 226 6.78 -42.96 42.53
C ASN F 226 5.42 -43.49 42.01
N ALA F 227 5.05 -44.72 42.40
CA ALA F 227 3.76 -45.32 42.02
C ALA F 227 2.52 -44.58 42.49
N GLU F 228 2.57 -43.89 43.64
CA GLU F 228 1.38 -43.14 44.17
C GLU F 228 0.98 -41.89 43.30
N ALA F 229 2.01 -41.31 42.67
CA ALA F 229 1.83 -40.34 41.57
C ALA F 229 0.86 -40.88 40.54
N LEU F 230 1.06 -42.14 40.15
CA LEU F 230 0.18 -42.77 39.17
C LEU F 230 -1.21 -43.00 39.77
N ALA F 231 -1.27 -43.35 41.06
CA ALA F 231 -2.57 -43.69 41.68
C ALA F 231 -3.48 -42.48 41.76
N VAL F 232 -2.93 -41.36 42.25
CA VAL F 232 -3.68 -40.05 42.33
C VAL F 232 -4.15 -39.55 40.98
N ILE F 233 -3.29 -39.72 39.95
CA ILE F 233 -3.69 -39.38 38.59
C ILE F 233 -4.85 -40.25 38.11
N ALA F 234 -4.82 -41.58 38.43
CA ALA F 234 -5.94 -42.47 38.02
C ALA F 234 -7.27 -42.11 38.69
N GLU F 235 -7.19 -41.60 39.92
CA GLU F 235 -8.40 -41.19 40.67
C GLU F 235 -8.99 -39.91 40.01
N ALA F 236 -8.11 -38.93 39.78
CA ALA F 236 -8.46 -37.68 39.05
C ALA F 236 -9.16 -38.00 37.73
N VAL F 237 -8.55 -38.89 36.95
CA VAL F 237 -9.11 -39.24 35.64
C VAL F 237 -10.52 -39.85 35.71
N LYS F 238 -10.73 -40.74 36.70
CA LYS F 238 -12.06 -41.35 36.83
C LYS F 238 -13.07 -40.39 37.45
N ALA F 239 -12.68 -39.59 38.46
CA ALA F 239 -13.55 -38.46 38.95
C ALA F 239 -14.02 -37.49 37.83
N ALA F 240 -13.14 -37.23 36.84
CA ALA F 240 -13.50 -36.47 35.63
C ALA F 240 -14.43 -37.20 34.65
N GLY F 241 -14.78 -38.46 34.94
CA GLY F 241 -15.66 -39.23 34.06
C GLY F 241 -14.99 -39.84 32.85
N TYR F 242 -13.66 -39.91 32.86
CA TYR F 242 -12.91 -40.48 31.74
C TYR F 242 -12.35 -41.85 32.14
N GLU F 243 -12.26 -42.74 31.16
CA GLU F 243 -11.74 -44.11 31.32
C GLU F 243 -10.19 -44.12 31.05
N LEU F 244 -9.38 -44.30 32.08
CA LEU F 244 -7.95 -44.50 31.91
C LEU F 244 -7.64 -45.65 30.94
N GLY F 245 -6.59 -45.53 30.14
CA GLY F 245 -6.30 -46.48 29.08
C GLY F 245 -7.07 -46.40 27.77
N LYS F 246 -8.27 -45.85 27.73
CA LYS F 246 -9.05 -45.66 26.48
C LYS F 246 -9.14 -44.17 26.07
N ASP F 247 -9.51 -43.34 27.05
CA ASP F 247 -9.68 -41.91 26.85
C ASP F 247 -8.36 -41.20 27.07
N ILE F 248 -7.61 -41.61 28.09
CA ILE F 248 -6.38 -41.02 28.51
C ILE F 248 -5.35 -42.14 28.71
N THR F 249 -4.11 -41.88 28.32
CA THR F 249 -2.95 -42.74 28.54
C THR F 249 -1.98 -41.89 29.31
N LEU F 250 -0.84 -42.45 29.70
CA LEU F 250 0.10 -41.76 30.59
C LEU F 250 1.48 -41.82 30.00
N ALA F 251 2.30 -40.87 30.43
CA ALA F 251 3.69 -40.72 30.01
C ALA F 251 4.50 -40.19 31.17
N MET F 252 5.80 -40.41 31.11
CA MET F 252 6.71 -40.02 32.15
C MET F 252 8.01 -39.48 31.57
N ASP F 253 8.64 -38.53 32.28
CA ASP F 253 10.03 -38.06 32.05
C ASP F 253 10.71 -38.39 33.34
N CYS F 254 11.58 -39.40 33.31
CA CYS F 254 12.30 -39.81 34.49
C CYS F 254 13.37 -38.80 34.82
N ALA F 255 13.94 -38.19 33.78
CA ALA F 255 15.18 -37.39 33.89
C ALA F 255 16.22 -38.16 34.71
N ALA F 256 16.45 -39.41 34.33
CA ALA F 256 17.28 -40.32 35.16
C ALA F 256 18.73 -39.88 35.35
N SER F 257 19.24 -38.97 34.52
CA SER F 257 20.55 -38.40 34.78
C SER F 257 20.63 -37.72 36.17
N GLU F 258 19.49 -37.24 36.65
CA GLU F 258 19.44 -36.53 37.94
C GLU F 258 19.58 -37.42 39.18
N PHE F 259 19.38 -38.75 39.07
CA PHE F 259 19.56 -39.66 40.22
C PHE F 259 20.55 -40.79 39.96
N TYR F 260 21.55 -40.50 39.15
CA TYR F 260 22.54 -41.45 38.71
C TYR F 260 23.86 -41.10 39.36
N LYS F 261 24.38 -41.99 40.23
CA LYS F 261 25.64 -41.78 40.99
C LYS F 261 26.50 -43.06 40.93
N ASP F 262 27.75 -42.94 40.46
CA ASP F 262 28.75 -44.03 40.50
C ASP F 262 28.47 -45.30 39.68
N GLY F 263 27.52 -45.24 38.76
CA GLY F 263 27.06 -46.42 38.01
C GLY F 263 25.67 -46.88 38.42
N LYS F 264 25.10 -46.32 39.49
CA LYS F 264 23.81 -46.79 40.01
C LYS F 264 22.68 -45.71 39.94
N TYR F 265 21.43 -46.18 39.78
CA TYR F 265 20.24 -45.37 39.90
C TYR F 265 19.69 -45.50 41.35
N VAL F 266 19.64 -44.35 42.05
CA VAL F 266 19.37 -44.25 43.47
C VAL F 266 18.01 -43.63 43.64
N LEU F 267 17.03 -44.41 44.07
CA LEU F 267 15.68 -43.90 44.26
C LEU F 267 15.41 -43.48 45.72
N ALA F 268 15.67 -42.20 46.02
CA ALA F 268 15.25 -41.58 47.30
C ALA F 268 13.88 -42.04 47.87
N GLY F 269 12.87 -42.22 47.02
CA GLY F 269 11.49 -42.59 47.42
C GLY F 269 11.04 -44.03 47.24
N GLU F 270 12.01 -44.94 47.17
CA GLU F 270 11.81 -46.39 47.30
C GLU F 270 12.90 -46.90 48.26
N GLY F 271 12.94 -46.25 49.43
CA GLY F 271 13.88 -46.53 50.52
C GLY F 271 15.36 -46.37 50.23
N ASN F 272 15.73 -45.36 49.43
CA ASN F 272 17.11 -45.19 48.92
C ASN F 272 17.79 -46.41 48.19
N LYS F 273 17.00 -47.36 47.70
CA LYS F 273 17.54 -48.60 47.09
C LYS F 273 18.31 -48.24 45.82
N ALA F 274 19.51 -48.79 45.68
CA ALA F 274 20.27 -48.69 44.44
C ALA F 274 19.80 -49.77 43.41
N PHE F 275 19.74 -49.37 42.14
CA PHE F 275 19.41 -50.24 41.02
C PHE F 275 20.53 -50.16 39.97
N THR F 276 20.83 -51.26 39.27
CA THR F 276 21.60 -51.21 38.02
C THR F 276 20.65 -50.66 36.95
N SER F 277 21.19 -50.35 35.76
CA SER F 277 20.37 -49.97 34.56
C SER F 277 19.29 -50.97 34.27
N GLU F 278 19.72 -52.23 34.28
CA GLU F 278 18.85 -53.34 33.99
C GLU F 278 17.72 -53.36 34.99
N GLU F 279 18.06 -53.35 36.27
CA GLU F 279 17.05 -53.35 37.32
C GLU F 279 16.14 -52.10 37.25
N PHE F 280 16.72 -50.94 36.99
CA PHE F 280 15.87 -49.75 36.80
C PHE F 280 14.90 -49.90 35.64
N THR F 281 15.39 -50.49 34.55
CA THR F 281 14.49 -50.81 33.44
C THR F 281 13.34 -51.69 33.86
N HIS F 282 13.68 -52.73 34.63
CA HIS F 282 12.65 -53.67 35.16
C HIS F 282 11.68 -52.90 36.09
N PHE F 283 12.23 -51.97 36.90
CA PHE F 283 11.35 -51.08 37.71
C PHE F 283 10.29 -50.34 36.87
N LEU F 284 10.81 -49.60 35.86
CA LEU F 284 9.95 -48.91 34.87
C LEU F 284 8.98 -49.85 34.20
N GLU F 285 9.48 -51.01 33.81
CA GLU F 285 8.63 -52.02 33.24
C GLU F 285 7.46 -52.41 34.16
N GLU F 286 7.74 -52.65 35.44
CA GLU F 286 6.61 -53.04 36.37
C GLU F 286 5.48 -51.98 36.37
N LEU F 287 5.86 -50.70 36.49
CA LEU F 287 4.92 -49.57 36.36
C LEU F 287 4.12 -49.64 35.09
N THR F 288 4.73 -50.08 33.97
CA THR F 288 3.92 -50.17 32.72
C THR F 288 2.86 -51.26 32.73
N LYS F 289 2.98 -52.25 33.64
CA LYS F 289 2.00 -53.35 33.76
C LYS F 289 0.86 -52.90 34.67
N GLN F 290 1.18 -52.06 35.65
CA GLN F 290 0.17 -51.54 36.61
C GLN F 290 -0.66 -50.38 36.02
N TYR F 291 -0.02 -49.53 35.21
CA TYR F 291 -0.67 -48.36 34.59
C TYR F 291 -0.40 -48.26 33.07
N PRO F 292 -1.36 -47.76 32.30
CA PRO F 292 -1.11 -47.68 30.83
C PRO F 292 -0.18 -46.52 30.46
N ILE F 293 1.07 -46.63 30.91
CA ILE F 293 2.15 -45.77 30.53
C ILE F 293 2.68 -46.19 29.15
N VAL F 294 2.38 -45.38 28.14
CA VAL F 294 2.71 -45.69 26.73
C VAL F 294 3.95 -44.96 26.26
N SER F 295 4.59 -44.18 27.14
CA SER F 295 5.74 -43.39 26.76
C SER F 295 6.66 -43.05 27.93
N ILE F 296 7.96 -43.25 27.77
CA ILE F 296 8.88 -42.98 28.85
C ILE F 296 10.08 -42.21 28.28
N GLU F 297 10.41 -41.10 28.93
CA GLU F 297 11.42 -40.19 28.46
C GLU F 297 12.63 -40.27 29.37
N ASP F 298 13.82 -40.20 28.78
CA ASP F 298 15.08 -40.13 29.52
C ASP F 298 15.05 -41.11 30.70
N GLY F 299 14.62 -42.33 30.43
CA GLY F 299 14.57 -43.37 31.43
C GLY F 299 15.91 -43.92 31.95
N LEU F 300 17.04 -43.36 31.49
CA LEU F 300 18.37 -43.72 32.02
C LEU F 300 19.26 -42.54 31.81
N ASP F 301 20.43 -42.54 32.44
CA ASP F 301 21.38 -41.46 32.28
C ASP F 301 21.71 -41.24 30.80
N GLU F 302 21.90 -39.98 30.44
CA GLU F 302 22.32 -39.56 29.11
C GLU F 302 23.62 -40.17 28.54
N SER F 303 24.53 -40.70 29.37
CA SER F 303 25.76 -41.39 28.90
C SER F 303 25.66 -42.93 28.95
N ASP F 304 24.60 -43.46 29.54
CA ASP F 304 24.41 -44.90 29.68
C ASP F 304 23.88 -45.54 28.37
N TRP F 305 24.72 -45.57 27.37
CA TRP F 305 24.26 -45.95 26.04
C TRP F 305 23.93 -47.46 26.03
N ASP F 306 24.79 -48.26 26.67
CA ASP F 306 24.54 -49.71 26.81
C ASP F 306 23.20 -49.97 27.48
N GLY F 307 22.90 -49.19 28.50
CA GLY F 307 21.64 -49.31 29.23
C GLY F 307 20.45 -48.95 28.39
N PHE F 308 20.56 -47.89 27.56
CA PHE F 308 19.50 -47.55 26.58
C PHE F 308 19.31 -48.64 25.50
N ALA F 309 20.41 -49.24 25.03
CA ALA F 309 20.27 -50.44 24.13
C ALA F 309 19.39 -51.53 24.77
N TYR F 310 19.72 -51.83 26.03
CA TYR F 310 19.00 -52.82 26.83
C TYR F 310 17.56 -52.38 27.05
N GLN F 311 17.40 -51.12 27.49
CA GLN F 311 16.05 -50.58 27.74
C GLN F 311 15.20 -50.67 26.49
N THR F 312 15.81 -50.40 25.32
CA THR F 312 15.10 -50.42 24.03
C THR F 312 14.67 -51.80 23.55
N LYS F 313 15.44 -52.81 23.97
CA LYS F 313 15.05 -54.23 23.74
C LYS F 313 13.89 -54.68 24.63
N VAL F 314 13.99 -54.43 25.92
CA VAL F 314 12.94 -54.77 26.87
C VAL F 314 11.62 -54.04 26.54
N LEU F 315 11.69 -52.72 26.31
CA LEU F 315 10.52 -51.87 26.25
C LEU F 315 10.10 -51.35 24.83
N GLY F 316 11.05 -51.27 23.88
CA GLY F 316 10.87 -50.54 22.64
C GLY F 316 9.68 -50.89 21.76
N ASP F 317 9.28 -52.15 21.76
CA ASP F 317 8.21 -52.56 20.85
C ASP F 317 6.84 -52.03 21.30
N LYS F 318 6.65 -51.87 22.61
CA LYS F 318 5.34 -51.55 23.26
C LYS F 318 5.22 -50.10 23.77
N ILE F 319 6.37 -49.44 23.91
CA ILE F 319 6.52 -48.23 24.65
C ILE F 319 7.36 -47.26 23.78
N GLN F 320 6.91 -46.01 23.73
CA GLN F 320 7.67 -44.91 23.18
C GLN F 320 8.77 -44.56 24.19
N LEU F 321 10.01 -44.59 23.74
CA LEU F 321 11.14 -44.31 24.57
C LEU F 321 11.75 -43.06 24.00
N VAL F 322 11.62 -41.96 24.74
CA VAL F 322 11.93 -40.62 24.25
C VAL F 322 13.28 -40.15 24.75
N GLY F 323 14.27 -39.95 23.89
CA GLY F 323 15.49 -39.26 24.34
C GLY F 323 15.34 -37.72 24.32
N ASP F 324 15.81 -37.07 25.37
CA ASP F 324 15.74 -35.62 25.59
C ASP F 324 17.18 -35.23 25.80
N ASP F 325 17.69 -35.37 27.02
CA ASP F 325 19.15 -35.19 27.26
C ASP F 325 20.04 -36.17 26.51
N LEU F 326 19.50 -37.33 26.18
CA LEU F 326 20.20 -38.31 25.35
C LEU F 326 20.59 -37.78 23.95
N PHE F 327 19.66 -37.09 23.27
CA PHE F 327 19.89 -36.56 21.89
C PHE F 327 20.12 -35.05 21.75
N VAL F 328 19.69 -34.26 22.75
CA VAL F 328 19.74 -32.79 22.72
C VAL F 328 19.44 -32.22 21.31
N THR F 329 18.37 -32.71 20.71
CA THR F 329 17.87 -32.14 19.47
C THR F 329 19.03 -31.90 18.48
N ASN F 330 20.00 -32.85 18.44
CA ASN F 330 21.25 -32.70 17.78
C ASN F 330 21.40 -33.88 16.83
N THR F 331 21.34 -33.62 15.53
CA THR F 331 21.43 -34.65 14.50
C THR F 331 22.70 -35.52 14.57
N LYS F 332 23.83 -34.98 15.02
CA LYS F 332 25.07 -35.77 15.13
C LYS F 332 24.95 -36.85 16.22
N ILE F 333 24.23 -36.57 17.28
CA ILE F 333 23.95 -37.55 18.33
C ILE F 333 22.78 -38.47 17.96
N LEU F 334 21.68 -37.92 17.43
CA LEU F 334 20.55 -38.78 17.06
C LEU F 334 20.96 -39.85 16.07
N LYS F 335 21.85 -39.49 15.14
CA LYS F 335 22.32 -40.40 14.11
C LYS F 335 22.99 -41.64 14.71
N GLU F 336 23.96 -41.44 15.62
CA GLU F 336 24.65 -42.54 16.33
C GLU F 336 23.59 -43.34 17.10
N GLY F 337 22.66 -42.65 17.77
CA GLY F 337 21.53 -43.30 18.39
C GLY F 337 20.71 -44.23 17.50
N ILE F 338 20.36 -43.76 16.28
CA ILE F 338 19.57 -44.58 15.35
C ILE F 338 20.41 -45.79 14.91
N GLU F 339 21.69 -45.58 14.57
CA GLU F 339 22.65 -46.68 14.25
C GLU F 339 22.78 -47.77 15.31
N LYS F 340 22.80 -47.41 16.59
CA LYS F 340 22.89 -48.43 17.67
C LYS F 340 21.58 -48.88 18.28
N GLY F 341 20.45 -48.68 17.61
CA GLY F 341 19.12 -49.09 18.20
C GLY F 341 18.79 -48.50 19.59
N ILE F 342 19.08 -47.22 19.76
CA ILE F 342 18.90 -46.49 21.05
C ILE F 342 17.62 -45.65 20.93
N ALA F 343 16.61 -45.97 21.70
CA ALA F 343 15.38 -45.21 21.74
C ALA F 343 14.58 -45.38 20.46
N ASN F 344 13.36 -44.84 20.49
CA ASN F 344 12.57 -44.79 19.33
C ASN F 344 11.82 -43.42 19.15
N SER F 345 12.25 -42.39 19.89
CA SER F 345 11.57 -41.11 19.90
C SER F 345 12.52 -40.06 20.40
N ILE F 346 12.32 -38.79 19.98
CA ILE F 346 13.18 -37.68 20.37
C ILE F 346 12.31 -36.48 20.78
N LEU F 347 12.77 -35.79 21.81
CA LEU F 347 12.09 -34.65 22.33
C LEU F 347 12.77 -33.47 21.66
N ILE F 348 11.99 -32.56 21.08
CA ILE F 348 12.56 -31.54 20.13
C ILE F 348 12.51 -30.18 20.80
N LYS F 349 13.68 -29.65 21.12
CA LYS F 349 13.82 -28.41 21.84
C LYS F 349 14.76 -27.55 21.02
N PHE F 350 14.18 -26.55 20.36
CA PHE F 350 15.03 -25.71 19.50
C PHE F 350 16.22 -25.07 20.21
N ASN F 351 16.12 -24.81 21.51
CA ASN F 351 17.22 -24.17 22.21
C ASN F 351 18.31 -25.12 22.67
N GLN F 352 18.13 -26.45 22.59
CA GLN F 352 19.25 -27.42 22.73
C GLN F 352 20.28 -27.42 21.61
N ILE F 353 19.87 -26.95 20.43
CA ILE F 353 20.76 -26.91 19.28
C ILE F 353 20.98 -25.45 18.84
N GLY F 354 19.92 -24.64 18.92
CA GLY F 354 20.02 -23.19 18.78
C GLY F 354 19.69 -22.50 17.45
N SER F 355 19.14 -23.26 16.49
CA SER F 355 18.63 -22.68 15.25
C SER F 355 17.44 -23.46 14.70
N LEU F 356 16.54 -22.74 14.05
CA LEU F 356 15.35 -23.38 13.48
C LEU F 356 15.77 -24.43 12.44
N THR F 357 16.78 -24.11 11.63
CA THR F 357 17.21 -25.00 10.56
C THR F 357 17.70 -26.35 11.05
N GLU F 358 18.49 -26.37 12.12
CA GLU F 358 18.95 -27.64 12.70
C GLU F 358 17.87 -28.37 13.47
N THR F 359 16.86 -27.67 13.96
CA THR F 359 15.76 -28.28 14.68
C THR F 359 14.89 -29.05 13.64
N LEU F 360 14.63 -28.44 12.49
CA LEU F 360 13.95 -29.13 11.39
C LEU F 360 14.74 -30.33 10.89
N ALA F 361 16.07 -30.26 10.93
CA ALA F 361 16.92 -31.35 10.46
C ALA F 361 16.81 -32.51 11.44
N ALA F 362 16.76 -32.23 12.74
CA ALA F 362 16.57 -33.26 13.74
C ALA F 362 15.20 -33.98 13.58
N ILE F 363 14.14 -33.22 13.31
CA ILE F 363 12.80 -33.77 13.14
C ILE F 363 12.75 -34.64 11.90
N LYS F 364 13.44 -34.22 10.85
CA LYS F 364 13.52 -35.01 9.64
C LYS F 364 14.37 -36.30 9.83
N MET F 365 15.51 -36.20 10.49
CA MET F 365 16.23 -37.41 10.77
C MET F 365 15.35 -38.45 11.56
N ALA F 366 14.61 -37.98 12.54
CA ALA F 366 13.80 -38.84 13.32
C ALA F 366 12.72 -39.52 12.48
N LYS F 367 11.97 -38.75 11.73
CA LYS F 367 10.89 -39.34 10.93
C LYS F 367 11.36 -40.33 9.87
N ASP F 368 12.55 -40.10 9.29
CA ASP F 368 13.14 -40.98 8.24
C ASP F 368 13.49 -42.34 8.80
N ALA F 369 14.06 -42.35 10.00
CA ALA F 369 14.34 -43.55 10.74
C ALA F 369 13.12 -44.16 11.46
N GLY F 370 11.92 -43.62 11.27
CA GLY F 370 10.74 -44.18 11.91
C GLY F 370 10.52 -43.81 13.37
N TYR F 371 11.41 -43.00 13.96
CA TYR F 371 11.20 -42.41 15.28
C TYR F 371 10.12 -41.34 15.26
N THR F 372 9.59 -41.04 16.44
CA THR F 372 8.60 -39.96 16.55
C THR F 372 9.35 -38.78 17.16
N ALA F 373 8.75 -37.61 16.92
CA ALA F 373 9.34 -36.32 17.32
C ALA F 373 8.27 -35.64 18.14
N VAL F 374 8.64 -35.26 19.35
CA VAL F 374 7.73 -34.63 20.30
C VAL F 374 8.25 -33.21 20.53
N ILE F 375 7.47 -32.22 20.12
CA ILE F 375 7.92 -30.83 20.24
C ILE F 375 7.71 -30.44 21.71
N SER F 376 8.72 -29.83 22.32
CA SER F 376 8.70 -29.55 23.72
C SER F 376 9.05 -28.12 24.11
N HIS F 377 8.42 -27.72 25.22
CA HIS F 377 8.87 -26.60 26.04
C HIS F 377 10.17 -26.82 26.82
N ARG F 378 10.62 -25.77 27.50
CA ARG F 378 11.56 -25.85 28.60
C ARG F 378 10.85 -25.42 29.89
N SER F 379 11.54 -25.53 31.03
CA SER F 379 10.93 -25.15 32.32
C SER F 379 10.72 -23.65 32.37
N GLY F 380 11.74 -22.91 31.90
CA GLY F 380 11.70 -21.42 31.71
C GLY F 380 11.18 -21.03 30.32
N GLU F 381 9.94 -20.60 30.29
CA GLU F 381 9.23 -20.26 29.07
C GLU F 381 8.93 -18.75 29.10
N THR F 382 8.32 -18.29 28.01
CA THR F 382 7.75 -16.94 27.93
C THR F 382 6.34 -17.13 27.36
N GLU F 383 5.71 -16.00 27.09
CA GLU F 383 4.40 -15.87 26.39
C GLU F 383 4.41 -16.27 24.87
N ASP F 384 5.60 -16.39 24.27
CA ASP F 384 5.90 -17.03 22.98
C ASP F 384 5.24 -18.43 22.84
N ALA F 385 4.44 -18.61 21.81
CA ALA F 385 3.78 -19.86 21.51
C ALA F 385 4.32 -20.51 20.23
N THR F 386 5.55 -20.21 19.85
CA THR F 386 6.13 -20.74 18.63
C THR F 386 6.05 -22.28 18.51
N ILE F 387 6.31 -22.98 19.62
CA ILE F 387 6.29 -24.45 19.56
C ILE F 387 4.93 -25.00 19.05
N ALA F 388 3.83 -24.28 19.24
CA ALA F 388 2.55 -24.67 18.68
C ALA F 388 2.51 -24.69 17.14
N ASP F 389 2.92 -23.57 16.56
CA ASP F 389 3.10 -23.46 15.11
C ASP F 389 4.13 -24.46 14.58
N LEU F 390 5.18 -24.69 15.35
CA LEU F 390 6.21 -25.64 14.93
C LEU F 390 5.66 -27.08 14.88
N ALA F 391 4.92 -27.46 15.91
CA ALA F 391 4.32 -28.77 16.00
C ALA F 391 3.40 -28.99 14.86
N VAL F 392 2.64 -27.96 14.53
CA VAL F 392 1.61 -28.06 13.49
C VAL F 392 2.24 -28.04 12.11
N GLY F 393 3.10 -27.08 11.89
CA GLY F 393 3.71 -26.95 10.59
C GLY F 393 4.71 -28.03 10.25
N THR F 394 5.16 -28.84 11.21
CA THR F 394 6.00 -30.00 10.89
C THR F 394 5.24 -31.33 11.00
N ALA F 395 3.92 -31.28 11.24
CA ALA F 395 3.12 -32.47 11.46
C ALA F 395 3.79 -33.51 12.41
N ALA F 396 4.36 -33.02 13.49
CA ALA F 396 5.16 -33.82 14.38
C ALA F 396 4.33 -34.86 15.07
N GLY F 397 3.16 -34.46 15.53
CA GLY F 397 2.15 -35.39 15.97
C GLY F 397 1.93 -35.42 17.44
N GLN F 398 2.94 -34.93 18.18
CA GLN F 398 2.88 -34.81 19.60
C GLN F 398 3.54 -33.51 20.07
N ILE F 399 3.11 -33.04 21.25
CA ILE F 399 3.66 -31.87 21.92
C ILE F 399 3.73 -32.12 23.42
N LYS F 400 4.76 -31.53 24.01
CA LYS F 400 4.96 -31.50 25.45
C LYS F 400 5.14 -30.06 25.88
N THR F 401 4.06 -29.46 26.38
CA THR F 401 4.10 -28.00 26.72
C THR F 401 3.41 -27.61 28.04
N GLY F 402 3.27 -28.58 28.95
CA GLY F 402 2.99 -28.30 30.36
C GLY F 402 1.60 -28.69 30.83
N SER F 403 1.36 -28.43 32.11
CA SER F 403 0.03 -28.62 32.64
C SER F 403 -1.02 -27.62 32.08
N MET F 404 -2.28 -27.76 32.50
CA MET F 404 -3.32 -26.82 32.10
C MET F 404 -3.39 -25.62 33.04
N SER F 405 -2.23 -25.05 33.41
CA SER F 405 -2.14 -23.89 34.28
C SER F 405 -0.81 -23.15 33.97
N ARG F 406 -0.84 -21.84 34.22
CA ARG F 406 0.15 -20.88 33.77
C ARG F 406 0.07 -20.56 32.24
N SER F 407 0.09 -19.28 31.96
CA SER F 407 0.11 -18.76 30.59
C SER F 407 1.36 -19.09 29.79
N ASP F 408 2.52 -19.20 30.45
CA ASP F 408 3.71 -19.85 29.83
C ASP F 408 3.45 -21.26 29.26
N ARG F 409 2.45 -21.96 29.76
CA ARG F 409 1.98 -23.20 29.16
C ARG F 409 0.74 -22.99 28.36
N VAL F 410 -0.22 -22.32 28.95
CA VAL F 410 -1.57 -22.23 28.35
C VAL F 410 -1.60 -21.41 27.07
N ALA F 411 -0.64 -20.48 26.92
CA ALA F 411 -0.52 -19.77 25.62
C ALA F 411 -0.29 -20.70 24.44
N LYS F 412 0.42 -21.82 24.64
CA LYS F 412 0.58 -22.80 23.54
C LYS F 412 -0.73 -23.51 23.27
N TYR F 413 -1.46 -23.85 24.32
CA TYR F 413 -2.73 -24.54 24.10
C TYR F 413 -3.69 -23.66 23.34
N ASN F 414 -3.71 -22.39 23.74
CA ASN F 414 -4.57 -21.42 23.09
C ASN F 414 -4.22 -21.23 21.60
N GLN F 415 -2.91 -21.15 21.30
CA GLN F 415 -2.49 -21.14 19.96
C GLN F 415 -2.91 -22.37 19.19
N LEU F 416 -2.81 -23.57 19.78
CA LEU F 416 -3.30 -24.77 19.06
C LEU F 416 -4.80 -24.67 18.80
N ILE F 417 -5.54 -24.11 19.75
CA ILE F 417 -6.96 -23.88 19.51
C ILE F 417 -7.16 -22.96 18.34
N ARG F 418 -6.35 -21.89 18.26
CA ARG F 418 -6.55 -20.89 17.14
C ARG F 418 -6.21 -21.50 15.81
N ILE F 419 -5.13 -22.27 15.79
CA ILE F 419 -4.73 -22.99 14.57
C ILE F 419 -5.80 -23.99 14.10
N GLU F 420 -6.25 -24.82 15.00
CA GLU F 420 -7.27 -25.82 14.64
C GLU F 420 -8.58 -25.17 14.13
N GLU F 421 -8.94 -24.05 14.74
CA GLU F 421 -10.10 -23.36 14.32
C GLU F 421 -9.92 -22.93 12.86
N ALA F 422 -8.75 -22.43 12.48
CA ALA F 422 -8.50 -22.10 11.07
C ALA F 422 -8.33 -23.29 10.13
N LEU F 423 -7.61 -24.32 10.50
CA LEU F 423 -7.35 -25.39 9.57
C LEU F 423 -8.46 -26.46 9.50
N GLY F 424 -9.27 -26.60 10.57
CA GLY F 424 -10.19 -27.76 10.71
C GLY F 424 -9.55 -29.11 10.32
N GLU F 425 -10.21 -29.80 9.41
CA GLU F 425 -9.74 -31.14 9.03
C GLU F 425 -8.50 -31.14 8.10
N LYS F 426 -7.99 -29.99 7.65
CA LYS F 426 -6.64 -29.95 7.03
C LYS F 426 -5.52 -30.18 8.08
N ALA F 427 -5.88 -30.11 9.35
CA ALA F 427 -4.95 -30.48 10.45
C ALA F 427 -5.58 -31.53 11.35
N PRO F 428 -5.63 -32.82 10.92
CA PRO F 428 -6.25 -33.83 11.78
C PRO F 428 -5.52 -34.03 13.12
N TYR F 429 -6.29 -34.29 14.17
CA TYR F 429 -5.83 -34.79 15.46
C TYR F 429 -5.93 -36.32 15.38
N ASN F 430 -4.79 -36.98 15.39
CA ASN F 430 -4.77 -38.39 14.98
C ASN F 430 -4.89 -39.27 16.22
N GLY F 431 -4.67 -38.72 17.40
CA GLY F 431 -4.86 -39.50 18.63
C GLY F 431 -3.76 -40.53 18.95
N ARG F 432 -4.18 -41.65 19.54
CA ARG F 432 -3.23 -42.68 19.94
C ARG F 432 -2.22 -43.11 18.86
N LYS F 433 -2.62 -43.15 17.59
CA LYS F 433 -1.73 -43.65 16.53
C LYS F 433 -0.44 -42.91 16.24
N GLU F 434 -0.27 -41.69 16.79
CA GLU F 434 1.03 -40.92 16.74
C GLU F 434 2.06 -41.44 17.71
N ILE F 435 1.62 -42.20 18.70
CA ILE F 435 2.55 -42.65 19.75
C ILE F 435 3.26 -43.94 19.26
N LYS F 436 4.59 -43.91 19.38
CA LYS F 436 5.44 -45.02 18.99
C LYS F 436 5.17 -46.24 19.90
N GLY F 437 4.88 -47.39 19.30
CA GLY F 437 4.46 -48.58 20.03
C GLY F 437 3.00 -49.00 19.91
N GLN F 438 2.09 -48.09 19.54
CA GLN F 438 0.65 -48.46 19.33
C GLN F 438 0.42 -49.05 17.89
N ALA F 439 -0.85 -49.23 17.46
CA ALA F 439 -1.16 -49.63 16.05
C ALA F 439 -2.05 -48.59 15.35
CAA 4NG G . -17.70 38.73 -17.03
CAC 4NG G . -15.85 38.14 -15.68
CAD 4NG G . -16.95 38.71 -14.78
CAE 4NG G . -18.23 38.66 -15.62
NAB 4NG G . -16.43 38.31 -17.03
OAF 4NG G . -15.66 38.19 -18.17
OAG 4NG G . -18.31 39.16 -18.01
OAH 4NG G . -14.65 38.89 -15.57
OAJ 4NG G . -18.47 35.95 -15.99
OAK 4NG G . -20.38 37.48 -16.48
OAL 4NG G . -19.70 36.98 -14.14
PAI 4NG G . -19.25 37.15 -15.53
MG MG H . -16.62 39.20 -19.75
MG MG I . -20.50 38.61 -18.10
C1 GOL J . -23.76 18.58 -27.42
O1 GOL J . -23.41 19.57 -28.36
C2 GOL J . -23.49 19.12 -25.99
O2 GOL J . -22.97 20.48 -25.88
C3 GOL J . -24.79 19.06 -25.18
O3 GOL J . -24.52 19.27 -23.81
CAA 4NG K . -8.07 -9.73 44.20
CAC 4NG K . -6.23 -9.41 42.80
CAD 4NG K . -6.46 -10.91 42.87
CAE 4NG K . -7.85 -11.04 43.48
NAB 4NG K . -7.12 -8.89 43.84
OAF 4NG K . -6.99 -7.64 44.43
OAG 4NG K . -8.97 -9.48 45.00
OAH 4NG K . -4.90 -9.10 43.09
OAJ 4NG K . -10.50 -11.18 42.89
OAK 4NG K . -8.91 -9.93 41.34
OAL 4NG K . -8.95 -12.46 41.41
PAI 4NG K . -9.13 -11.19 42.21
MG MG L . -8.16 -7.09 45.84
MG MG M . -10.77 -10.30 44.93
S SO4 N . -1.68 2.72 2.79
O1 SO4 N . -1.23 3.05 1.42
O2 SO4 N . -3.14 2.71 2.73
O3 SO4 N . -1.27 3.76 3.80
O4 SO4 N . -1.12 1.38 3.20
S SO4 O . 19.57 -2.29 35.20
O1 SO4 O . 19.66 -1.27 36.29
O2 SO4 O . 19.47 -1.61 33.87
O3 SO4 O . 18.31 -3.06 35.50
O4 SO4 O . 20.82 -3.11 35.15
CAA 4NG P . -10.87 42.07 14.79
CAC 4NG P . -11.79 40.31 13.52
CAD 4NG P . -11.19 41.30 12.54
CAE 4NG P . -10.34 42.25 13.38
NAB 4NG P . -11.64 40.97 14.82
OAF 4NG P . -12.23 40.46 16.02
OAG 4NG P . -10.58 42.76 15.77
OAH 4NG P . -13.14 40.12 13.20
OAJ 4NG P . -7.79 42.65 14.19
OAK 4NG P . -8.11 41.82 11.91
OAL 4NG P . -8.56 40.34 13.81
PAI 4NG P . -8.60 41.74 13.29
MG MG Q . -12.07 41.96 17.49
MG MG R . -8.56 43.50 15.79
C1 GOL S . 6.90 31.56 23.62
O1 GOL S . 6.92 31.88 22.21
C2 GOL S . 5.60 31.79 24.40
O2 GOL S . 4.38 31.61 23.67
C3 GOL S . 5.51 30.94 25.64
O3 GOL S . 6.73 31.19 26.32
S SO4 T . 9.99 38.70 -6.74
O1 SO4 T . 10.13 39.57 -7.96
O2 SO4 T . 8.55 38.63 -6.32
O3 SO4 T . 10.49 37.32 -6.87
O4 SO4 T . 10.79 39.35 -5.67
S SO4 U . -31.86 24.04 4.92
O1 SO4 U . -30.69 24.93 4.60
O2 SO4 U . -32.77 23.97 3.72
O3 SO4 U . -31.39 22.67 5.23
O4 SO4 U . -32.58 24.62 6.09
CAA 4NG V . 9.39 -34.42 -28.97
CAC 4NG V . 10.42 -32.42 -28.25
CAD 4NG V . 9.72 -32.16 -29.59
CAE 4NG V . 8.77 -33.32 -29.80
NAB 4NG V . 10.23 -33.86 -28.09
OAF 4NG V . 10.84 -34.50 -27.03
OAG 4NG V . 9.12 -35.62 -29.06
OAH 4NG V . 11.79 -32.07 -28.27
OAJ 4NG V . 6.28 -34.24 -29.53
OAK 4NG V . 6.53 -31.80 -29.85
OAL 4NG V . 7.23 -32.79 -27.74
PAI 4NG V . 7.08 -32.98 -29.21
MG MG W . 10.80 -36.63 -27.62
MG MG X . 7.04 -36.07 -29.40
C1 GOL Y . -5.14 -38.75 -12.28
O1 GOL Y . -6.17 -38.85 -11.29
C2 GOL Y . -5.27 -37.34 -12.91
O2 GOL Y . -4.24 -37.15 -13.89
C3 GOL Y . -6.67 -37.13 -13.49
O3 GOL Y . -6.83 -35.94 -14.25
S SO4 Z . 30.63 -15.59 -20.85
O1 SO4 Z . 31.48 -14.36 -20.86
O2 SO4 Z . 29.53 -15.48 -21.87
O3 SO4 Z . 31.48 -16.77 -21.23
O4 SO4 Z . 30.06 -15.78 -19.48
S SO4 AA . -10.43 -40.45 -20.74
O1 SO4 AA . -11.69 -40.58 -21.54
O2 SO4 AA . -10.22 -39.07 -20.20
O3 SO4 AA . -10.41 -41.42 -19.58
O4 SO4 AA . -9.33 -40.72 -21.72
CAA 4NG BA . 13.89 -5.36 -43.53
CAC 4NG BA . 12.21 -6.25 -42.13
CAD 4NG BA . 13.35 -7.26 -42.17
CAE 4NG BA . 14.53 -6.49 -42.76
NAB 4NG BA . 12.61 -5.21 -43.08
OAF 4NG BA . 11.79 -4.16 -43.49
OAG 4NG BA . 14.43 -4.62 -44.34
OAH 4NG BA . 11.00 -6.84 -42.55
OAJ 4NG BA . 16.28 -6.70 -40.65
OAK 4NG BA . 16.64 -4.87 -42.30
OAL 4NG BA . 14.80 -4.71 -40.75
PAI 4NG BA . 15.63 -5.68 -41.55
MG MG CA . 12.59 -3.32 -45.20
MG MG DA . 16.50 -4.08 -44.11
C1 GOL EA . 20.82 12.32 -31.57
O1 GOL EA . 21.40 11.01 -31.38
C2 GOL EA . 20.11 12.51 -32.90
O2 GOL EA . 19.10 11.52 -33.08
C3 GOL EA . 19.41 13.86 -33.06
O3 GOL EA . 20.23 14.92 -32.56
S SO4 FA . 0.24 0.94 -4.46
O1 SO4 FA . 0.38 1.74 -5.71
O2 SO4 FA . 0.13 1.88 -3.28
O3 SO4 FA . 1.38 0.00 -4.38
O4 SO4 FA . -0.93 0.06 -4.49
S SO4 GA . -12.54 -15.24 -35.23
O1 SO4 GA . -12.78 -14.11 -34.27
O2 SO4 GA . -12.81 -14.83 -36.65
O3 SO4 GA . -11.10 -15.71 -35.09
O4 SO4 GA . -13.53 -16.33 -34.92
S SO4 HA . 28.68 9.53 -35.81
O1 SO4 HA . 28.23 10.67 -36.62
O2 SO4 HA . 30.02 9.80 -35.22
O3 SO4 HA . 28.71 8.31 -36.65
O4 SO4 HA . 27.67 9.38 -34.72
CAA 4NG IA . 13.00 -31.29 31.02
CAC 4NG IA . 10.94 -30.36 30.40
CAD 4NG IA . 11.34 -29.72 31.73
CAE 4NG IA . 12.84 -30.02 31.86
NAB 4NG IA . 11.92 -31.43 30.22
OAF 4NG IA . 11.80 -32.47 29.31
OAG 4NG IA . 13.98 -32.04 31.03
OAH 4NG IA . 9.63 -30.87 30.47
OAJ 4NG IA . 15.46 -29.21 31.21
OAK 4NG IA . 13.77 -27.46 31.75
OAL 4NG IA . 13.56 -28.81 29.70
PAI 4NG IA . 13.98 -28.81 31.13
MG MG JA . 13.18 -34.02 29.91
MG MG KA . 15.74 -31.58 31.45
C1 GOL LA . 27.39 -25.33 15.21
O1 GOL LA . 26.70 -24.23 15.88
C2 GOL LA . 26.65 -26.69 15.11
O2 GOL LA . 25.26 -26.60 15.40
C3 GOL LA . 26.70 -27.35 13.75
O3 GOL LA . 28.06 -27.50 13.34
S SO4 MA . 1.31 -3.99 1.39
O1 SO4 MA . 2.00 -2.70 1.68
O2 SO4 MA . 1.29 -4.13 -0.09
O3 SO4 MA . 1.99 -5.13 2.07
O4 SO4 MA . -0.01 -3.92 1.95
S SO4 NA . -15.17 -29.46 23.05
O1 SO4 NA . -16.56 -29.05 23.43
O2 SO4 NA . -14.92 -29.08 21.63
O3 SO4 NA . -14.19 -28.79 23.98
O4 SO4 NA . -15.08 -30.94 23.12
S SO4 OA . 32.71 -25.33 22.12
O1 SO4 OA . 33.47 -24.37 22.94
O2 SO4 OA . 31.48 -24.59 21.72
O3 SO4 OA . 32.28 -26.49 22.93
O4 SO4 OA . 33.60 -25.77 20.97
#